data_3IP3
#
_entry.id   3IP3
#
_cell.length_a   118.009
_cell.length_b   94.181
_cell.length_c   142.852
_cell.angle_alpha   90.00
_cell.angle_beta   91.91
_cell.angle_gamma   90.00
#
_symmetry.space_group_name_H-M   'P 1 21 1'
#
loop_
_entity.id
_entity.type
_entity.pdbx_description
1 polymer 'Oxidoreductase, putative'
2 non-polymer 'SULFATE ION'
3 water water
#
_entity_poly.entity_id   1
_entity_poly.type   'polypeptide(L)'
_entity_poly.pdbx_seq_one_letter_code
;(MSE)SLKICVIGSSGHFRYALEGLDEECSITGIAPGVPEEDLSKLEKAISE(MSE)NIKPKKYNNWWE(MSE)LEKEKP
DILVINTVFSLNGKILLEALERKIHAFVEKPIATTFEDLEKIRSVYQKVRNEVFFTA(MSE)FGIRYRPHFLTAKKLVSE
GAVGEIRLVNTQKSYKLGQRPDFYKKRETYGGTIPWVGIHAIDWIHWITGKKFLSVYATHSRLHNSGHGELETTALCHFT
LENEVFASLSIDYLRPQGAPTHDDDR(MSE)RIVGTRGIVEVINERVFLTDEKGHREVPLVEKGQIFEDFLREIRGQGKC
(MSE)VTPEDSILTTEIALKARLSADTGQIVLIEGHHHHHH
;
_entity_poly.pdbx_strand_id   A,B,C,D,E,F,G,H
#
loop_
_chem_comp.id
_chem_comp.type
_chem_comp.name
_chem_comp.formula
SO4 non-polymer 'SULFATE ION' 'O4 S -2'
#
# COMPACT_ATOMS: atom_id res chain seq x y z
N SER A 2 -17.39 18.92 -51.58
CA SER A 2 -16.05 19.05 -50.96
C SER A 2 -16.09 20.08 -49.83
N LEU A 3 -14.93 20.55 -49.37
CA LEU A 3 -14.87 21.54 -48.27
C LEU A 3 -13.94 22.67 -48.60
N LYS A 4 -14.38 23.89 -48.29
CA LYS A 4 -13.59 25.09 -48.59
C LYS A 4 -12.93 25.61 -47.31
N ILE A 5 -11.61 25.83 -47.38
CA ILE A 5 -10.81 26.22 -46.23
C ILE A 5 -10.16 27.56 -46.52
N CYS A 6 -10.35 28.52 -45.63
CA CYS A 6 -9.55 29.74 -45.63
C CYS A 6 -8.58 29.78 -44.45
N VAL A 7 -7.42 30.40 -44.67
CA VAL A 7 -6.39 30.54 -43.65
C VAL A 7 -6.19 32.01 -43.35
N ILE A 8 -6.13 32.34 -42.08
CA ILE A 8 -5.80 33.68 -41.64
C ILE A 8 -4.50 33.59 -40.84
N GLY A 9 -3.47 34.32 -41.28
CA GLY A 9 -2.20 34.34 -40.57
C GLY A 9 -1.19 33.31 -41.06
N SER A 10 0.06 33.51 -40.63
CA SER A 10 1.19 32.68 -41.00
C SER A 10 2.12 32.57 -39.79
N SER A 11 1.63 32.96 -38.62
CA SER A 11 2.46 33.05 -37.43
C SER A 11 2.26 31.88 -36.47
N GLY A 12 1.69 30.77 -36.94
CA GLY A 12 1.42 29.65 -36.06
C GLY A 12 1.66 28.33 -36.73
N HIS A 13 1.03 27.26 -36.25
CA HIS A 13 1.26 25.94 -36.83
C HIS A 13 0.29 25.53 -37.96
N PHE A 14 0.21 26.40 -38.98
CA PHE A 14 -0.65 26.19 -40.14
C PHE A 14 -0.40 24.82 -40.77
N ARG A 15 0.82 24.29 -40.64
CA ARG A 15 1.18 23.00 -41.23
C ARG A 15 0.43 21.81 -40.68
N TYR A 16 -0.07 21.91 -39.45
CA TYR A 16 -1.01 20.90 -38.98
C TYR A 16 -2.17 20.75 -39.97
N ALA A 17 -2.77 21.87 -40.36
CA ALA A 17 -3.84 21.89 -41.37
C ALA A 17 -3.35 21.36 -42.72
N LEU A 18 -2.31 21.95 -43.31
CA LEU A 18 -1.80 21.49 -44.62
C LEU A 18 -1.55 20.00 -44.69
N GLU A 19 -0.98 19.43 -43.62
CA GLU A 19 -0.57 18.05 -43.63
C GLU A 19 -1.74 17.12 -43.39
N GLY A 20 -2.91 17.68 -43.12
CA GLY A 20 -4.13 16.89 -42.92
C GLY A 20 -5.10 16.94 -44.10
N LEU A 21 -4.73 17.66 -45.15
CA LEU A 21 -5.58 17.78 -46.33
C LEU A 21 -5.74 16.45 -47.05
N ASP A 22 -6.84 16.35 -47.79
CA ASP A 22 -7.16 15.22 -48.66
C ASP A 22 -7.74 15.81 -49.96
N GLU A 23 -8.24 14.97 -50.87
CA GLU A 23 -8.79 15.48 -52.15
C GLU A 23 -10.08 16.26 -52.00
N GLU A 24 -10.87 15.94 -50.98
CA GLU A 24 -12.12 16.65 -50.73
C GLU A 24 -11.95 17.98 -49.98
N CYS A 25 -10.71 18.49 -49.93
CA CYS A 25 -10.41 19.79 -49.33
C CYS A 25 -9.82 20.70 -50.34
N SER A 26 -9.98 21.99 -50.12
CA SER A 26 -9.25 22.97 -50.92
C SER A 26 -9.08 24.27 -50.16
N ILE A 27 -7.84 24.74 -50.13
CA ILE A 27 -7.57 26.06 -49.63
C ILE A 27 -7.86 26.99 -50.78
N THR A 28 -8.86 27.84 -50.61
CA THR A 28 -9.28 28.73 -51.66
C THR A 28 -8.79 30.12 -51.33
N GLY A 29 -8.79 30.47 -50.03
CA GLY A 29 -8.40 31.80 -49.59
C GLY A 29 -7.36 31.83 -48.47
N ILE A 30 -6.51 32.87 -48.50
CA ILE A 30 -5.60 33.20 -47.41
C ILE A 30 -5.64 34.71 -47.21
N ALA A 31 -5.34 35.15 -45.98
CA ALA A 31 -5.31 36.57 -45.60
C ALA A 31 -4.42 36.78 -44.38
N PRO A 32 -3.71 37.93 -44.32
CA PRO A 32 -3.02 38.24 -43.07
C PRO A 32 -4.02 38.53 -41.98
N GLY A 33 -3.63 38.30 -40.73
CA GLY A 33 -4.46 38.66 -39.59
C GLY A 33 -4.36 40.14 -39.30
N VAL A 34 -3.18 40.72 -39.57
CA VAL A 34 -2.93 42.16 -39.50
C VAL A 34 -2.19 42.67 -40.73
N PRO A 35 -2.44 43.94 -41.13
CA PRO A 35 -1.80 44.59 -42.27
C PRO A 35 -0.39 44.07 -42.60
N GLU A 36 0.54 44.21 -41.68
CA GLU A 36 1.95 43.96 -41.94
C GLU A 36 2.45 42.53 -41.65
N GLU A 37 1.55 41.64 -41.22
CA GLU A 37 1.93 40.25 -40.90
C GLU A 37 2.67 39.59 -42.06
N ASP A 38 3.83 39.03 -41.75
CA ASP A 38 4.61 38.32 -42.76
C ASP A 38 3.97 36.97 -43.09
N LEU A 39 3.63 36.76 -44.36
CA LEU A 39 2.97 35.51 -44.78
C LEU A 39 3.86 34.57 -45.56
N SER A 40 5.16 34.82 -45.54
CA SER A 40 6.12 34.04 -46.36
C SER A 40 6.01 32.56 -46.07
N LYS A 41 6.07 32.20 -44.78
CA LYS A 41 6.07 30.80 -44.38
C LYS A 41 4.93 30.05 -45.06
N LEU A 42 3.71 30.55 -44.86
CA LEU A 42 2.49 29.99 -45.44
C LEU A 42 2.54 29.93 -46.97
N GLU A 43 2.99 31.03 -47.59
CA GLU A 43 3.08 31.12 -49.05
C GLU A 43 4.09 30.13 -49.67
N LYS A 44 5.25 30.00 -49.03
CA LYS A 44 6.25 29.00 -49.41
C LYS A 44 5.63 27.59 -49.40
N ALA A 45 4.85 27.31 -48.37
CA ALA A 45 4.29 25.99 -48.16
C ALA A 45 3.16 25.65 -49.15
N ILE A 46 2.24 26.57 -49.37
CA ILE A 46 1.13 26.30 -50.30
C ILE A 46 1.64 26.13 -51.74
N SER A 47 2.49 27.04 -52.20
CA SER A 47 3.07 26.94 -53.54
C SER A 47 3.81 25.61 -53.75
N GLU A 48 4.63 25.21 -52.79
CA GLU A 48 5.32 23.90 -52.84
C GLU A 48 4.34 22.72 -52.92
N MSE A 49 3.05 23.01 -52.78
CA MSE A 49 2.02 21.95 -52.74
C MSE A 49 1.13 21.91 -53.99
O MSE A 49 0.31 21.00 -54.13
CB MSE A 49 1.16 22.10 -51.48
CG MSE A 49 1.88 21.71 -50.18
SE MSE A 49 0.68 21.62 -48.63
CE MSE A 49 -0.40 20.07 -49.13
N ASN A 50 1.31 22.87 -54.88
CA ASN A 50 0.39 23.08 -56.02
C ASN A 50 -1.01 23.47 -55.59
N ILE A 51 -1.09 24.63 -54.95
CA ILE A 51 -2.34 25.20 -54.48
C ILE A 51 -2.29 26.69 -54.81
N LYS A 52 -3.27 27.15 -55.60
CA LYS A 52 -3.34 28.55 -55.96
C LYS A 52 -4.56 29.19 -55.33
N PRO A 53 -4.40 29.77 -54.12
CA PRO A 53 -5.50 30.42 -53.45
C PRO A 53 -5.47 31.93 -53.65
N LYS A 54 -6.64 32.54 -53.63
CA LYS A 54 -6.77 33.98 -53.76
C LYS A 54 -6.34 34.63 -52.44
N LYS A 55 -5.38 35.55 -52.50
CA LYS A 55 -4.91 36.22 -51.31
C LYS A 55 -5.65 37.54 -51.11
N TYR A 56 -6.12 37.79 -49.89
CA TYR A 56 -6.93 38.97 -49.60
C TYR A 56 -6.20 39.99 -48.75
N ASN A 57 -6.65 41.23 -48.84
CA ASN A 57 -6.00 42.31 -48.14
C ASN A 57 -6.34 42.24 -46.66
N ASN A 58 -7.58 41.90 -46.37
CA ASN A 58 -7.99 41.59 -45.02
C ASN A 58 -8.90 40.36 -44.95
N TRP A 59 -8.99 39.77 -43.77
CA TRP A 59 -9.70 38.50 -43.61
C TRP A 59 -11.20 38.64 -43.69
N TRP A 60 -11.72 39.77 -43.22
CA TRP A 60 -13.17 39.97 -43.18
C TRP A 60 -13.78 40.07 -44.57
N GLU A 61 -13.05 40.64 -45.53
CA GLU A 61 -13.45 40.60 -46.94
C GLU A 61 -13.30 39.20 -47.54
N MSE A 62 -12.29 38.46 -47.09
CA MSE A 62 -12.10 37.07 -47.53
C MSE A 62 -13.28 36.18 -47.09
O MSE A 62 -13.72 35.29 -47.82
CB MSE A 62 -10.80 36.49 -46.99
CG MSE A 62 -10.51 35.05 -47.41
SE MSE A 62 -8.96 34.34 -46.50
CE MSE A 62 -9.66 34.53 -44.70
N LEU A 63 -13.76 36.45 -45.88
CA LEU A 63 -14.93 35.75 -45.35
C LEU A 63 -16.18 36.07 -46.17
N GLU A 64 -16.38 37.37 -46.44
CA GLU A 64 -17.46 37.86 -47.29
C GLU A 64 -17.45 37.16 -48.65
N LYS A 65 -16.30 37.10 -49.30
CA LYS A 65 -16.20 36.55 -50.65
C LYS A 65 -16.19 35.03 -50.71
N GLU A 66 -15.28 34.40 -49.98
CA GLU A 66 -15.00 32.97 -50.19
C GLU A 66 -15.93 32.02 -49.44
N LYS A 67 -16.66 32.54 -48.46
CA LYS A 67 -17.67 31.75 -47.72
C LYS A 67 -17.14 30.38 -47.28
N PRO A 68 -16.01 30.37 -46.52
CA PRO A 68 -15.34 29.11 -46.26
C PRO A 68 -16.14 28.21 -45.30
N ASP A 69 -15.91 26.91 -45.40
CA ASP A 69 -16.47 25.97 -44.43
C ASP A 69 -15.62 25.89 -43.17
N ILE A 70 -14.30 26.01 -43.34
CA ILE A 70 -13.33 25.87 -42.25
C ILE A 70 -12.36 27.06 -42.28
N LEU A 71 -12.26 27.73 -41.15
CA LEU A 71 -11.27 28.77 -40.97
C LEU A 71 -10.09 28.26 -40.13
N VAL A 72 -8.89 28.45 -40.65
CA VAL A 72 -7.64 28.06 -39.97
C VAL A 72 -7.05 29.38 -39.50
N ILE A 73 -6.99 29.54 -38.18
CA ILE A 73 -6.63 30.79 -37.54
C ILE A 73 -5.27 30.67 -36.80
N ASN A 74 -4.27 31.39 -37.33
CA ASN A 74 -2.92 31.43 -36.76
C ASN A 74 -2.20 32.73 -37.12
N THR A 75 -2.60 33.80 -36.46
CA THR A 75 -1.99 35.11 -36.63
C THR A 75 -1.33 35.59 -35.31
N VAL A 76 -1.16 36.90 -35.12
CA VAL A 76 -0.66 37.44 -33.88
C VAL A 76 -1.49 36.79 -32.73
N PHE A 77 -0.79 36.33 -31.70
CA PHE A 77 -1.39 35.43 -30.70
C PHE A 77 -2.56 36.07 -29.99
N SER A 78 -2.46 37.33 -29.54
CA SER A 78 -3.60 38.04 -28.92
C SER A 78 -4.83 38.17 -29.81
N LEU A 79 -4.60 38.02 -31.11
CA LEU A 79 -5.64 38.24 -32.09
C LEU A 79 -6.43 36.98 -32.41
N ASN A 80 -5.78 35.82 -32.27
CA ASN A 80 -6.41 34.54 -32.59
C ASN A 80 -7.81 34.37 -31.99
N GLY A 81 -7.94 34.82 -30.74
CA GLY A 81 -9.19 34.72 -30.00
C GLY A 81 -10.26 35.71 -30.45
N LYS A 82 -9.83 36.89 -30.88
CA LYS A 82 -10.74 37.90 -31.41
C LYS A 82 -11.29 37.40 -32.73
N ILE A 83 -10.42 36.85 -33.58
CA ILE A 83 -10.87 36.31 -34.85
C ILE A 83 -11.75 35.08 -34.66
N LEU A 84 -11.41 34.25 -33.68
CA LEU A 84 -12.20 33.05 -33.42
C LEU A 84 -13.62 33.45 -33.02
N LEU A 85 -13.73 34.47 -32.18
CA LEU A 85 -15.01 35.00 -31.75
C LEU A 85 -15.90 35.31 -32.96
N GLU A 86 -15.31 36.03 -33.91
CA GLU A 86 -15.96 36.36 -35.18
C GLU A 86 -16.38 35.13 -35.95
N ALA A 87 -15.47 34.16 -36.11
CA ALA A 87 -15.76 32.91 -36.84
C ALA A 87 -16.98 32.18 -36.26
N LEU A 88 -17.04 32.09 -34.93
CA LEU A 88 -18.13 31.40 -34.25
C LEU A 88 -19.44 32.16 -34.45
N GLU A 89 -19.40 33.49 -34.32
CA GLU A 89 -20.61 34.29 -34.53
C GLU A 89 -21.15 34.10 -35.94
N ARG A 90 -20.25 34.04 -36.92
CA ARG A 90 -20.63 33.74 -38.30
C ARG A 90 -20.90 32.26 -38.56
N LYS A 91 -20.78 31.45 -37.50
CA LYS A 91 -20.94 29.99 -37.58
C LYS A 91 -20.02 29.32 -38.62
N ILE A 92 -18.78 29.78 -38.71
CA ILE A 92 -17.76 29.08 -39.49
C ILE A 92 -16.93 28.16 -38.57
N HIS A 93 -16.80 26.87 -38.93
CA HIS A 93 -15.93 25.94 -38.18
C HIS A 93 -14.51 26.47 -38.15
N ALA A 94 -13.87 26.44 -36.98
CA ALA A 94 -12.52 27.01 -36.84
C ALA A 94 -11.49 26.06 -36.22
N PHE A 95 -10.32 26.02 -36.85
CA PHE A 95 -9.13 25.33 -36.34
C PHE A 95 -8.17 26.45 -35.94
N VAL A 96 -7.99 26.64 -34.64
CA VAL A 96 -7.34 27.84 -34.14
C VAL A 96 -6.05 27.53 -33.35
N GLU A 97 -5.05 28.39 -33.50
CA GLU A 97 -3.81 28.22 -32.76
C GLU A 97 -4.08 28.42 -31.24
N LYS A 98 -3.26 27.77 -30.40
CA LYS A 98 -3.27 28.00 -28.95
C LYS A 98 -2.35 29.16 -28.59
N PRO A 99 -2.62 29.85 -27.48
CA PRO A 99 -3.83 29.68 -26.65
C PRO A 99 -5.01 30.29 -27.41
N ILE A 100 -6.24 29.88 -27.13
CA ILE A 100 -7.35 30.43 -27.93
C ILE A 100 -7.73 31.84 -27.47
N ALA A 101 -7.08 32.33 -26.42
CA ALA A 101 -7.30 33.68 -25.89
C ALA A 101 -6.11 34.05 -25.02
N THR A 102 -5.70 35.33 -25.06
CA THR A 102 -4.61 35.83 -24.22
C THR A 102 -5.11 36.67 -23.05
N THR A 103 -6.43 36.85 -22.93
CA THR A 103 -7.01 37.55 -21.78
C THR A 103 -8.27 36.80 -21.28
N PHE A 104 -8.58 36.95 -19.99
CA PHE A 104 -9.80 36.36 -19.44
C PHE A 104 -11.06 36.90 -20.13
N GLU A 105 -10.98 38.18 -20.51
CA GLU A 105 -12.10 38.87 -21.16
C GLU A 105 -12.41 38.25 -22.50
N ASP A 106 -11.39 38.05 -23.35
CA ASP A 106 -11.61 37.35 -24.64
C ASP A 106 -12.09 35.92 -24.43
N LEU A 107 -11.48 35.21 -23.47
CA LEU A 107 -11.87 33.81 -23.21
C LEU A 107 -13.35 33.71 -22.87
N GLU A 108 -13.79 34.56 -21.95
CA GLU A 108 -15.19 34.61 -21.52
C GLU A 108 -16.16 34.94 -22.68
N LYS A 109 -15.80 35.86 -23.58
CA LYS A 109 -16.60 36.08 -24.78
C LYS A 109 -16.77 34.78 -25.57
N ILE A 110 -15.66 34.07 -25.82
CA ILE A 110 -15.71 32.80 -26.56
C ILE A 110 -16.61 31.77 -25.87
N ARG A 111 -16.51 31.65 -24.56
CA ARG A 111 -17.37 30.73 -23.80
C ARG A 111 -18.86 31.10 -24.02
N SER A 112 -19.20 32.37 -23.84
CA SER A 112 -20.57 32.88 -24.04
C SER A 112 -21.12 32.58 -25.42
N VAL A 113 -20.36 32.98 -26.44
CA VAL A 113 -20.78 32.83 -27.82
C VAL A 113 -20.85 31.35 -28.19
N TYR A 114 -19.90 30.57 -27.68
CA TYR A 114 -19.85 29.17 -28.05
C TYR A 114 -21.05 28.37 -27.52
N GLN A 115 -21.48 28.67 -26.29
CA GLN A 115 -22.69 28.03 -25.75
C GLN A 115 -23.92 28.30 -26.62
N LYS A 116 -23.96 29.49 -27.25
CA LYS A 116 -25.01 29.85 -28.21
C LYS A 116 -25.06 28.98 -29.46
N VAL A 117 -23.91 28.76 -30.08
CA VAL A 117 -23.87 28.22 -31.45
C VAL A 117 -23.34 26.79 -31.57
N ARG A 118 -23.13 26.13 -30.41
CA ARG A 118 -22.45 24.83 -30.36
C ARG A 118 -23.10 23.66 -31.10
N ASN A 119 -24.41 23.74 -31.33
CA ASN A 119 -25.09 22.70 -32.11
C ASN A 119 -24.88 22.86 -33.61
N GLU A 120 -24.43 24.03 -34.03
CA GLU A 120 -24.25 24.30 -35.47
C GLU A 120 -22.79 24.39 -35.89
N VAL A 121 -21.92 24.86 -34.98
CA VAL A 121 -20.53 25.15 -35.35
C VAL A 121 -19.50 24.52 -34.39
N PHE A 122 -18.42 23.97 -34.95
CA PHE A 122 -17.34 23.31 -34.21
C PHE A 122 -16.03 24.10 -34.29
N PHE A 123 -15.34 24.25 -33.17
CA PHE A 123 -13.96 24.75 -33.19
C PHE A 123 -13.09 23.89 -32.29
N THR A 124 -11.79 23.87 -32.57
CA THR A 124 -10.83 23.38 -31.60
C THR A 124 -9.42 23.98 -31.79
N ALA A 125 -8.54 23.76 -30.81
CA ALA A 125 -7.23 24.40 -30.83
C ALA A 125 -6.17 23.45 -31.36
N MSE A 126 -5.03 24.00 -31.76
CA MSE A 126 -3.99 23.28 -32.46
C MSE A 126 -3.08 22.43 -31.52
O MSE A 126 -1.84 22.56 -31.52
CB MSE A 126 -3.12 24.25 -33.28
CG MSE A 126 -3.67 24.67 -34.65
SE MSE A 126 -2.61 25.87 -35.53
CE MSE A 126 -3.76 26.17 -36.86
N PHE A 127 -3.71 21.54 -30.76
CA PHE A 127 -2.98 20.63 -29.86
C PHE A 127 -2.50 19.36 -30.59
N GLY A 128 -1.65 19.55 -31.61
CA GLY A 128 -1.21 18.47 -32.48
C GLY A 128 -0.23 17.48 -31.89
N ILE A 129 0.46 17.87 -30.81
CA ILE A 129 1.47 16.99 -30.22
C ILE A 129 0.84 15.71 -29.64
N ARG A 130 -0.40 15.80 -29.19
CA ARG A 130 -1.14 14.62 -28.74
C ARG A 130 -1.10 13.47 -29.74
N TYR A 131 -1.12 13.80 -31.04
CA TYR A 131 -1.24 12.81 -32.12
C TYR A 131 0.07 12.14 -32.50
N ARG A 132 1.16 12.55 -31.88
CA ARG A 132 2.43 11.88 -32.13
C ARG A 132 2.39 10.51 -31.45
N PRO A 133 3.05 9.49 -32.05
CA PRO A 133 2.97 8.09 -31.55
C PRO A 133 3.33 7.89 -30.07
N HIS A 134 4.32 8.63 -29.58
CA HIS A 134 4.72 8.50 -28.19
C HIS A 134 3.69 9.06 -27.22
N PHE A 135 2.99 10.14 -27.58
CA PHE A 135 1.89 10.63 -26.70
C PHE A 135 0.65 9.77 -26.77
N LEU A 136 0.32 9.28 -27.96
CA LEU A 136 -0.79 8.36 -28.10
C LEU A 136 -0.59 7.07 -27.30
N THR A 137 0.65 6.58 -27.30
CA THR A 137 0.99 5.34 -26.59
C THR A 137 0.90 5.53 -25.07
N ALA A 138 1.47 6.62 -24.58
CA ALA A 138 1.40 6.96 -23.15
C ALA A 138 -0.06 7.04 -22.72
N LYS A 139 -0.88 7.70 -23.54
CA LYS A 139 -2.30 7.88 -23.22
C LYS A 139 -3.04 6.53 -23.13
N LYS A 140 -2.81 5.66 -24.11
CA LYS A 140 -3.41 4.32 -24.12
C LYS A 140 -2.98 3.52 -22.89
N LEU A 141 -1.67 3.50 -22.61
CA LEU A 141 -1.13 2.77 -21.44
C LEU A 141 -1.78 3.22 -20.14
N VAL A 142 -1.83 4.54 -19.92
CA VAL A 142 -2.39 5.05 -18.66
C VAL A 142 -3.88 4.74 -18.59
N SER A 143 -4.56 4.99 -19.70
CA SER A 143 -6.01 4.83 -19.77
C SER A 143 -6.42 3.35 -19.57
N GLU A 144 -5.58 2.43 -20.04
CA GLU A 144 -5.77 0.98 -19.81
C GLU A 144 -5.45 0.48 -18.40
N GLY A 145 -4.75 1.26 -17.59
CA GLY A 145 -4.46 0.83 -16.23
C GLY A 145 -3.03 0.43 -15.95
N ALA A 146 -2.10 0.69 -16.87
CA ALA A 146 -0.66 0.34 -16.67
C ALA A 146 0.01 0.97 -15.45
N VAL A 147 -0.50 2.10 -14.93
CA VAL A 147 0.10 2.71 -13.74
C VAL A 147 -0.80 2.63 -12.51
N GLY A 148 -1.96 2.01 -12.66
CA GLY A 148 -2.98 2.05 -11.61
C GLY A 148 -3.51 3.47 -11.49
N GLU A 149 -3.69 3.92 -10.26
CA GLU A 149 -4.21 5.23 -9.99
C GLU A 149 -3.08 6.27 -10.04
N ILE A 150 -3.27 7.33 -10.81
CA ILE A 150 -2.25 8.38 -10.95
C ILE A 150 -2.11 9.17 -9.64
N ARG A 151 -0.87 9.44 -9.25
CA ARG A 151 -0.58 10.24 -8.05
C ARG A 151 0.24 11.51 -8.37
N LEU A 152 1.04 11.45 -9.43
CA LEU A 152 2.01 12.49 -9.64
C LEU A 152 2.34 12.56 -11.11
N VAL A 153 2.43 13.77 -11.64
CA VAL A 153 2.76 14.00 -13.07
C VAL A 153 3.84 15.07 -13.18
N ASN A 154 4.91 14.77 -13.94
CA ASN A 154 5.94 15.76 -14.30
C ASN A 154 5.90 15.98 -15.81
N THR A 155 6.07 17.23 -16.25
CA THR A 155 6.09 17.58 -17.66
C THR A 155 7.17 18.60 -17.89
N GLN A 156 7.71 18.57 -19.10
CA GLN A 156 8.77 19.46 -19.51
C GLN A 156 8.49 19.96 -20.92
N LYS A 157 8.68 21.27 -21.12
CA LYS A 157 8.80 21.87 -22.45
C LYS A 157 10.13 22.61 -22.48
N SER A 158 10.89 22.36 -23.54
CA SER A 158 12.15 23.06 -23.76
C SER A 158 12.28 23.27 -25.29
N TYR A 159 12.27 24.52 -25.73
CA TYR A 159 12.29 24.86 -27.18
C TYR A 159 13.51 25.71 -27.49
N LYS A 160 14.00 25.59 -28.73
CA LYS A 160 14.93 26.61 -29.26
C LYS A 160 14.17 27.91 -29.43
N LEU A 161 14.81 29.01 -29.06
CA LEU A 161 14.19 30.30 -29.18
C LEU A 161 14.49 30.91 -30.57
N GLY A 162 15.67 31.49 -30.70
CA GLY A 162 16.13 32.06 -31.97
C GLY A 162 15.40 33.33 -32.35
N GLN A 163 15.32 33.59 -33.64
CA GLN A 163 14.71 34.82 -34.14
C GLN A 163 13.20 34.60 -34.32
N ARG A 164 12.41 35.56 -33.86
CA ARG A 164 10.97 35.40 -33.85
C ARG A 164 10.34 36.69 -34.30
N PRO A 165 9.09 36.62 -34.80
CA PRO A 165 8.36 37.86 -35.10
C PRO A 165 8.37 38.82 -33.92
N ASP A 166 8.33 40.10 -34.24
CA ASP A 166 8.41 41.15 -33.26
C ASP A 166 7.23 41.14 -32.29
N PHE A 167 6.08 40.61 -32.72
CA PHE A 167 4.94 40.55 -31.81
C PHE A 167 5.20 39.66 -30.54
N TYR A 168 6.24 38.81 -30.60
CA TYR A 168 6.70 38.02 -29.42
C TYR A 168 7.24 38.87 -28.28
N LYS A 169 7.70 40.08 -28.62
CA LYS A 169 8.45 40.93 -27.73
C LYS A 169 7.57 41.72 -26.77
N LYS A 170 6.28 41.80 -27.06
CA LYS A 170 5.37 42.50 -26.17
C LYS A 170 4.34 41.53 -25.62
N ARG A 171 4.11 41.62 -24.31
CA ARG A 171 3.13 40.77 -23.63
C ARG A 171 1.74 40.88 -24.26
N GLU A 172 1.32 42.12 -24.56
CA GLU A 172 -0.01 42.40 -25.15
C GLU A 172 -0.29 41.60 -26.42
N THR A 173 0.73 41.39 -27.25
CA THR A 173 0.50 40.62 -28.49
C THR A 173 0.95 39.16 -28.36
N TYR A 174 1.96 38.93 -27.53
CA TYR A 174 2.51 37.58 -27.33
C TYR A 174 1.62 36.70 -26.43
N GLY A 175 1.19 37.23 -25.28
CA GLY A 175 0.42 36.45 -24.32
C GLY A 175 1.23 35.75 -23.23
N GLY A 176 2.56 35.68 -23.39
CA GLY A 176 3.38 35.04 -22.38
C GLY A 176 3.78 33.63 -22.75
N THR A 177 4.93 33.19 -22.22
CA THR A 177 5.47 31.86 -22.52
C THR A 177 4.68 30.74 -21.83
N ILE A 178 4.11 31.00 -20.65
CA ILE A 178 3.21 29.99 -20.03
C ILE A 178 2.03 29.62 -20.96
N PRO A 179 1.27 30.62 -21.48
CA PRO A 179 0.18 30.19 -22.37
C PRO A 179 0.63 29.76 -23.79
N TRP A 180 1.79 30.20 -24.26
CA TRP A 180 2.26 29.83 -25.62
C TRP A 180 3.00 28.46 -25.64
N VAL A 181 3.99 28.32 -24.76
CA VAL A 181 4.75 27.09 -24.71
C VAL A 181 4.12 26.09 -23.74
N GLY A 182 3.76 26.58 -22.56
CA GLY A 182 3.34 25.72 -21.45
C GLY A 182 2.03 25.02 -21.70
N ILE A 183 1.18 25.64 -22.51
CA ILE A 183 -0.16 25.12 -22.69
C ILE A 183 -0.17 23.71 -23.28
N HIS A 184 0.85 23.37 -24.07
CA HIS A 184 0.96 22.01 -24.58
C HIS A 184 0.91 21.00 -23.41
N ALA A 185 1.65 21.29 -22.34
CA ALA A 185 1.81 20.34 -21.24
C ALA A 185 0.58 20.39 -20.35
N ILE A 186 -0.02 21.57 -20.23
CA ILE A 186 -1.29 21.70 -19.53
C ILE A 186 -2.32 20.76 -20.14
N ASP A 187 -2.40 20.81 -21.48
CA ASP A 187 -3.27 19.90 -22.20
C ASP A 187 -2.89 18.42 -21.96
N TRP A 188 -1.60 18.09 -21.99
CA TRP A 188 -1.20 16.69 -21.71
C TRP A 188 -1.70 16.24 -20.32
N ILE A 189 -1.53 17.12 -19.33
CA ILE A 189 -1.93 16.78 -17.97
C ILE A 189 -3.45 16.53 -17.92
N HIS A 190 -4.22 17.44 -18.50
CA HIS A 190 -5.68 17.35 -18.53
C HIS A 190 -6.15 16.05 -19.21
N TRP A 191 -5.64 15.82 -20.42
CA TRP A 191 -5.95 14.65 -21.21
C TRP A 191 -5.57 13.33 -20.54
N ILE A 192 -4.34 13.24 -20.05
CA ILE A 192 -3.85 11.99 -19.45
C ILE A 192 -4.50 11.67 -18.08
N THR A 193 -4.71 12.67 -17.23
CA THR A 193 -5.30 12.42 -15.90
C THR A 193 -6.83 12.40 -15.89
N GLY A 194 -7.45 13.11 -16.82
CA GLY A 194 -8.90 13.27 -16.78
C GLY A 194 -9.36 13.89 -15.48
N LYS A 195 -8.48 14.59 -14.76
CA LYS A 195 -8.90 15.23 -13.51
C LYS A 195 -8.97 16.74 -13.61
N LYS A 196 -9.85 17.36 -12.81
CA LYS A 196 -9.93 18.80 -12.70
C LYS A 196 -8.73 19.38 -11.98
N PHE A 197 -8.28 20.54 -12.47
CA PHE A 197 -7.25 21.36 -11.82
C PHE A 197 -7.92 22.15 -10.72
N LEU A 198 -7.36 22.20 -9.53
CA LEU A 198 -7.96 22.98 -8.44
C LEU A 198 -7.21 24.26 -8.14
N SER A 199 -5.89 24.24 -8.36
CA SER A 199 -5.05 25.41 -8.11
C SER A 199 -3.67 25.34 -8.79
N VAL A 200 -3.08 26.50 -9.00
CA VAL A 200 -1.78 26.60 -9.63
C VAL A 200 -0.98 27.66 -8.88
N TYR A 201 0.30 27.35 -8.69
CA TYR A 201 1.27 28.32 -8.27
C TYR A 201 2.36 28.25 -9.36
N ALA A 202 2.74 29.42 -9.86
CA ALA A 202 3.70 29.45 -10.97
C ALA A 202 4.56 30.69 -10.89
N THR A 203 5.76 30.60 -11.44
CA THR A 203 6.66 31.73 -11.53
C THR A 203 7.19 31.76 -13.00
N HIS A 204 7.66 32.92 -13.45
CA HIS A 204 8.36 33.01 -14.75
C HIS A 204 9.38 34.15 -14.73
N SER A 205 10.31 34.12 -15.69
CA SER A 205 11.36 35.12 -15.70
C SER A 205 11.72 35.47 -17.13
N ARG A 206 12.04 36.73 -17.35
CA ARG A 206 12.49 37.16 -18.68
C ARG A 206 13.98 37.49 -18.73
N LEU A 207 14.69 37.27 -17.62
CA LEU A 207 16.15 37.45 -17.62
C LEU A 207 16.82 36.62 -18.71
N HIS A 208 17.84 37.22 -19.34
CA HIS A 208 18.60 36.62 -20.45
C HIS A 208 17.70 36.08 -21.53
N ASN A 209 16.84 36.92 -22.06
CA ASN A 209 15.94 36.50 -23.14
C ASN A 209 16.45 36.85 -24.55
N SER A 210 17.77 37.09 -24.66
CA SER A 210 18.41 37.32 -25.97
C SER A 210 17.69 38.41 -26.77
N GLY A 211 17.45 39.54 -26.10
CA GLY A 211 16.77 40.68 -26.70
C GLY A 211 15.37 40.43 -27.21
N HIS A 212 14.63 39.53 -26.56
CA HIS A 212 13.25 39.30 -26.96
C HIS A 212 12.23 40.12 -26.13
N GLY A 213 12.66 41.24 -25.59
CA GLY A 213 11.76 42.19 -24.91
C GLY A 213 11.07 41.63 -23.68
N GLU A 214 9.74 41.55 -23.70
CA GLU A 214 8.98 41.07 -22.52
C GLU A 214 8.79 39.53 -22.46
N LEU A 215 9.30 38.82 -23.45
CA LEU A 215 9.17 37.37 -23.51
C LEU A 215 9.93 36.67 -22.35
N GLU A 216 9.21 35.80 -21.62
CA GLU A 216 9.79 34.99 -20.54
C GLU A 216 10.58 33.79 -21.11
N THR A 217 11.81 33.60 -20.63
CA THR A 217 12.63 32.49 -21.11
C THR A 217 12.39 31.26 -20.27
N THR A 218 12.04 31.44 -18.99
CA THR A 218 11.81 30.29 -18.10
C THR A 218 10.49 30.42 -17.32
N ALA A 219 9.87 29.27 -17.05
CA ALA A 219 8.71 29.24 -16.20
C ALA A 219 8.62 27.91 -15.48
N LEU A 220 8.02 27.96 -14.29
CA LEU A 220 7.75 26.77 -13.49
C LEU A 220 6.33 26.81 -12.92
N CYS A 221 5.56 25.74 -13.14
CA CYS A 221 4.17 25.69 -12.70
C CYS A 221 3.97 24.49 -11.82
N HIS A 222 3.19 24.69 -10.78
CA HIS A 222 2.90 23.66 -9.80
C HIS A 222 1.40 23.59 -9.70
N PHE A 223 0.82 22.49 -10.16
CA PHE A 223 -0.64 22.35 -10.18
C PHE A 223 -1.10 21.37 -9.09
N THR A 224 -2.21 21.68 -8.44
CA THR A 224 -2.90 20.67 -7.63
C THR A 224 -4.17 20.32 -8.38
N LEU A 225 -4.36 19.02 -8.55
CA LEU A 225 -5.55 18.44 -9.14
C LEU A 225 -6.35 17.67 -8.08
N GLU A 226 -7.52 17.19 -8.49
CA GLU A 226 -8.40 16.41 -7.65
C GLU A 226 -7.66 15.22 -7.10
N ASN A 227 -8.10 14.81 -5.92
CA ASN A 227 -7.59 13.62 -5.29
C ASN A 227 -6.11 13.76 -4.93
N GLU A 228 -5.69 14.98 -4.63
CA GLU A 228 -4.33 15.27 -4.15
C GLU A 228 -3.26 14.78 -5.15
N VAL A 229 -3.62 14.83 -6.42
CA VAL A 229 -2.66 14.60 -7.50
C VAL A 229 -1.91 15.90 -7.80
N PHE A 230 -0.58 15.85 -7.84
CA PHE A 230 0.21 17.04 -8.14
C PHE A 230 0.83 16.91 -9.54
N ALA A 231 0.93 18.04 -10.26
CA ALA A 231 1.62 18.02 -11.55
C ALA A 231 2.58 19.18 -11.66
N SER A 232 3.80 18.89 -12.09
CA SER A 232 4.78 19.95 -12.30
C SER A 232 4.98 20.20 -13.82
N LEU A 233 5.37 21.41 -14.14
CA LEU A 233 5.54 21.81 -15.53
C LEU A 233 6.71 22.74 -15.51
N SER A 234 7.82 22.27 -16.08
CA SER A 234 9.02 23.03 -16.24
C SER A 234 9.08 23.54 -17.69
N ILE A 235 9.26 24.86 -17.85
CA ILE A 235 9.18 25.46 -19.19
C ILE A 235 10.41 26.30 -19.47
N ASP A 236 11.06 26.07 -20.62
CA ASP A 236 12.16 26.93 -20.99
C ASP A 236 12.23 27.20 -22.50
N TYR A 237 12.70 28.38 -22.87
CA TYR A 237 13.10 28.69 -24.22
C TYR A 237 14.64 28.66 -24.31
N LEU A 238 15.28 27.69 -23.66
CA LEU A 238 16.73 27.70 -23.51
C LEU A 238 17.32 26.42 -24.05
N ARG A 239 16.61 25.73 -24.94
CA ARG A 239 17.25 24.64 -25.63
C ARG A 239 18.36 25.28 -26.53
N PRO A 240 19.63 24.89 -26.33
CA PRO A 240 20.75 25.52 -27.06
C PRO A 240 20.57 25.38 -28.57
N GLN A 241 20.84 26.46 -29.31
CA GLN A 241 20.88 26.45 -30.80
C GLN A 241 21.65 25.28 -31.36
N GLY A 242 22.70 24.86 -30.67
CA GLY A 242 23.50 23.73 -31.12
C GLY A 242 22.91 22.35 -30.88
N ALA A 243 21.75 22.28 -30.23
CA ALA A 243 21.00 21.03 -30.03
C ALA A 243 20.54 20.40 -31.37
N PRO A 244 20.37 19.07 -31.40
CA PRO A 244 20.09 18.42 -32.68
C PRO A 244 18.64 18.56 -33.13
N THR A 245 17.73 18.82 -32.18
CA THR A 245 16.31 18.99 -32.49
C THR A 245 15.82 20.31 -31.84
N HIS A 246 14.67 20.80 -32.28
CA HIS A 246 14.17 22.08 -31.77
C HIS A 246 13.50 21.94 -30.39
N ASP A 247 13.23 20.70 -29.95
CA ASP A 247 12.32 20.45 -28.82
C ASP A 247 12.77 19.27 -27.94
N ASP A 248 12.35 19.31 -26.66
CA ASP A 248 12.63 18.22 -25.74
C ASP A 248 11.42 18.13 -24.80
N ASP A 249 10.36 17.55 -25.34
CA ASP A 249 9.12 17.25 -24.63
C ASP A 249 9.33 16.06 -23.73
N ARG A 250 8.90 16.16 -22.47
CA ARG A 250 8.90 15.00 -21.54
C ARG A 250 7.70 14.98 -20.65
N MSE A 251 7.34 13.76 -20.26
CA MSE A 251 6.23 13.52 -19.37
C MSE A 251 6.51 12.29 -18.58
O MSE A 251 6.95 11.31 -19.14
CB MSE A 251 4.92 13.31 -20.14
CG MSE A 251 3.72 13.38 -19.23
SE MSE A 251 2.07 13.28 -20.20
CE MSE A 251 0.96 13.96 -18.79
N ARG A 252 6.23 12.35 -17.28
CA ARG A 252 6.42 11.20 -16.40
C ARG A 252 5.13 11.10 -15.58
N ILE A 253 4.50 9.94 -15.64
CA ILE A 253 3.25 9.71 -14.94
C ILE A 253 3.48 8.64 -13.89
N VAL A 254 3.38 9.04 -12.63
CA VAL A 254 3.62 8.15 -11.51
C VAL A 254 2.28 7.75 -10.93
N GLY A 255 2.01 6.44 -10.92
CA GLY A 255 0.79 5.88 -10.33
C GLY A 255 1.05 4.89 -9.18
N THR A 256 -0.03 4.35 -8.62
CA THR A 256 0.07 3.41 -7.50
C THR A 256 0.70 2.06 -7.92
N ARG A 257 0.67 1.73 -9.20
CA ARG A 257 1.21 0.43 -9.63
C ARG A 257 2.31 0.56 -10.67
N GLY A 258 2.57 1.76 -11.18
CA GLY A 258 3.63 1.87 -12.18
C GLY A 258 3.95 3.28 -12.57
N ILE A 259 4.92 3.43 -13.46
CA ILE A 259 5.39 4.70 -13.95
C ILE A 259 5.52 4.61 -15.48
N VAL A 260 4.88 5.54 -16.19
CA VAL A 260 5.02 5.64 -17.63
C VAL A 260 5.82 6.91 -17.87
N GLU A 261 6.84 6.81 -18.70
CA GLU A 261 7.61 8.00 -19.08
C GLU A 261 7.67 8.18 -20.58
N VAL A 262 7.47 9.42 -21.03
CA VAL A 262 7.70 9.83 -22.40
C VAL A 262 8.95 10.67 -22.43
N ILE A 263 9.94 10.25 -23.20
CA ILE A 263 11.21 10.97 -23.29
C ILE A 263 11.89 10.64 -24.61
N ASN A 264 12.46 11.66 -25.26
CA ASN A 264 13.09 11.47 -26.53
C ASN A 264 12.24 10.69 -27.52
N GLU A 265 10.94 11.04 -27.54
CA GLU A 265 9.94 10.46 -28.44
C GLU A 265 9.74 8.97 -28.27
N ARG A 266 10.14 8.46 -27.12
CA ARG A 266 9.95 7.06 -26.78
C ARG A 266 9.19 6.92 -25.47
N VAL A 267 8.68 5.72 -25.24
CA VAL A 267 7.87 5.42 -24.09
C VAL A 267 8.43 4.23 -23.33
N PHE A 268 8.53 4.40 -22.02
CA PHE A 268 9.04 3.40 -21.10
C PHE A 268 8.01 3.15 -20.03
N LEU A 269 7.91 1.90 -19.60
CA LEU A 269 6.98 1.52 -18.55
C LEU A 269 7.77 0.79 -17.48
N THR A 270 7.45 1.11 -16.21
CA THR A 270 8.06 0.45 -15.07
C THR A 270 6.95 0.01 -14.13
N ASP A 271 6.89 -1.30 -13.88
CA ASP A 271 5.93 -1.87 -12.93
C ASP A 271 6.52 -3.10 -12.23
N GLU A 272 5.67 -3.89 -11.57
CA GLU A 272 6.03 -5.19 -10.98
C GLU A 272 6.95 -6.08 -11.81
N LYS A 273 6.85 -5.99 -13.14
CA LYS A 273 7.59 -6.85 -14.05
C LYS A 273 8.92 -6.25 -14.48
N GLY A 274 9.23 -5.05 -14.00
CA GLY A 274 10.47 -4.43 -14.36
C GLY A 274 10.25 -3.22 -15.23
N HIS A 275 11.34 -2.75 -15.79
CA HIS A 275 11.39 -1.61 -16.67
C HIS A 275 11.59 -2.14 -18.11
N ARG A 276 10.84 -1.59 -19.06
CA ARG A 276 11.12 -1.80 -20.49
C ARG A 276 10.60 -0.66 -21.37
N GLU A 277 11.16 -0.56 -22.57
CA GLU A 277 10.65 0.30 -23.62
C GLU A 277 9.40 -0.32 -24.22
N VAL A 278 8.45 0.52 -24.63
CA VAL A 278 7.16 0.07 -25.16
C VAL A 278 7.08 0.43 -26.64
N PRO A 279 6.67 -0.54 -27.50
CA PRO A 279 6.45 -0.21 -28.92
C PRO A 279 5.32 0.78 -29.07
N LEU A 280 5.44 1.66 -30.04
CA LEU A 280 4.53 2.77 -30.22
C LEU A 280 3.39 2.42 -31.15
N VAL A 281 2.20 2.99 -30.88
CA VAL A 281 1.06 2.88 -31.78
C VAL A 281 1.34 3.78 -32.97
N GLU A 282 0.52 3.63 -34.00
CA GLU A 282 0.61 4.44 -35.22
C GLU A 282 0.26 5.90 -34.93
N LYS A 283 0.93 6.83 -35.61
CA LYS A 283 0.59 8.25 -35.46
C LYS A 283 -0.89 8.54 -35.81
N GLY A 284 -1.41 9.61 -35.23
CA GLY A 284 -2.64 10.24 -35.70
C GLY A 284 -2.22 11.51 -36.40
N GLN A 285 -3.18 12.39 -36.72
CA GLN A 285 -2.88 13.67 -37.36
C GLN A 285 -4.04 14.54 -36.98
N ILE A 286 -3.77 15.68 -36.34
CA ILE A 286 -4.84 16.50 -35.78
C ILE A 286 -5.89 17.02 -36.80
N PHE A 287 -5.45 17.43 -37.99
CA PHE A 287 -6.39 18.02 -38.95
C PHE A 287 -7.30 16.96 -39.57
N GLU A 288 -6.74 15.79 -39.86
CA GLU A 288 -7.56 14.64 -40.25
C GLU A 288 -8.65 14.38 -39.22
N ASP A 289 -8.27 14.39 -37.95
CA ASP A 289 -9.23 14.18 -36.86
C ASP A 289 -10.30 15.28 -36.88
N PHE A 290 -9.87 16.52 -37.11
CA PHE A 290 -10.77 17.67 -37.18
C PHE A 290 -11.78 17.47 -38.31
N LEU A 291 -11.27 16.98 -39.45
CA LEU A 291 -12.06 16.78 -40.68
C LEU A 291 -13.11 15.69 -40.50
N ARG A 292 -12.76 14.59 -39.85
CA ARG A 292 -13.76 13.56 -39.55
C ARG A 292 -14.90 14.13 -38.73
N GLU A 293 -14.58 15.06 -37.84
CA GLU A 293 -15.59 15.67 -36.96
C GLU A 293 -16.58 16.52 -37.77
N ILE A 294 -16.05 17.38 -38.65
CA ILE A 294 -16.86 18.22 -39.51
C ILE A 294 -17.72 17.36 -40.47
N ARG A 295 -17.19 16.22 -40.90
CA ARG A 295 -17.89 15.36 -41.86
C ARG A 295 -18.84 14.33 -41.22
N GLY A 296 -19.00 14.43 -39.90
CA GLY A 296 -19.77 13.44 -39.16
C GLY A 296 -19.22 12.02 -39.17
N GLN A 297 -17.93 11.87 -39.49
CA GLN A 297 -17.29 10.55 -39.49
C GLN A 297 -16.69 10.09 -38.15
N GLY A 298 -16.66 10.96 -37.15
CA GLY A 298 -16.09 10.61 -35.85
C GLY A 298 -15.98 11.84 -34.99
N LYS A 299 -15.53 11.65 -33.76
CA LYS A 299 -15.35 12.78 -32.87
C LYS A 299 -13.87 13.18 -32.79
N CYS A 300 -13.61 14.48 -32.79
CA CYS A 300 -12.26 14.98 -32.67
C CYS A 300 -11.85 14.86 -31.19
N MSE A 301 -10.72 14.22 -30.93
CA MSE A 301 -10.34 14.00 -29.53
C MSE A 301 -9.93 15.27 -28.78
O MSE A 301 -10.08 15.33 -27.59
CB MSE A 301 -9.32 12.89 -29.38
CG MSE A 301 -7.95 13.27 -29.79
SE MSE A 301 -6.64 12.28 -28.71
CE MSE A 301 -5.13 12.51 -29.92
N VAL A 302 -9.42 16.29 -29.48
CA VAL A 302 -9.26 17.62 -28.87
C VAL A 302 -10.57 18.39 -28.98
N THR A 303 -11.26 18.54 -27.86
CA THR A 303 -12.62 19.07 -27.91
C THR A 303 -12.64 20.60 -27.70
N PRO A 304 -13.74 21.26 -28.12
CA PRO A 304 -13.92 22.68 -27.86
C PRO A 304 -13.80 22.97 -26.37
N GLU A 305 -14.35 22.08 -25.54
CA GLU A 305 -14.32 22.22 -24.08
C GLU A 305 -12.90 22.10 -23.53
N ASP A 306 -12.16 21.11 -24.01
CA ASP A 306 -10.71 20.99 -23.70
C ASP A 306 -10.05 22.32 -24.03
N SER A 307 -10.35 22.83 -25.22
CA SER A 307 -9.69 24.02 -25.74
C SER A 307 -9.93 25.23 -24.87
N ILE A 308 -11.16 25.39 -24.39
CA ILE A 308 -11.46 26.48 -23.46
C ILE A 308 -10.78 26.25 -22.12
N LEU A 309 -10.96 25.06 -21.56
CA LEU A 309 -10.39 24.74 -20.25
C LEU A 309 -8.85 24.91 -20.19
N THR A 310 -8.13 24.43 -21.19
CA THR A 310 -6.66 24.54 -21.10
C THR A 310 -6.15 25.98 -21.24
N THR A 311 -6.84 26.79 -22.03
CA THR A 311 -6.53 28.21 -22.08
C THR A 311 -6.90 28.87 -20.75
N GLU A 312 -8.04 28.51 -20.16
CA GLU A 312 -8.35 29.02 -18.82
C GLU A 312 -7.22 28.71 -17.82
N ILE A 313 -6.80 27.45 -17.75
CA ILE A 313 -5.69 27.07 -16.85
C ILE A 313 -4.41 27.84 -17.17
N ALA A 314 -4.08 27.97 -18.46
CA ALA A 314 -2.86 28.66 -18.83
C ALA A 314 -2.92 30.13 -18.37
N LEU A 315 -4.03 30.81 -18.62
CA LEU A 315 -4.18 32.21 -18.15
C LEU A 315 -4.11 32.35 -16.64
N LYS A 316 -4.65 31.34 -15.95
CA LYS A 316 -4.54 31.28 -14.49
C LYS A 316 -3.10 31.10 -13.99
N ALA A 317 -2.36 30.23 -14.66
CA ALA A 317 -0.97 30.03 -14.28
C ALA A 317 -0.19 31.33 -14.55
N ARG A 318 -0.48 32.00 -15.66
CA ARG A 318 0.21 33.28 -15.97
C ARG A 318 -0.14 34.36 -14.94
N LEU A 319 -1.42 34.41 -14.54
CA LEU A 319 -1.87 35.24 -13.42
C LEU A 319 -1.08 34.98 -12.15
N SER A 320 -0.92 33.70 -11.80
CA SER A 320 -0.12 33.38 -10.60
C SER A 320 1.30 33.93 -10.72
N ALA A 321 1.93 33.64 -11.86
CA ALA A 321 3.28 34.08 -12.13
C ALA A 321 3.46 35.62 -12.19
N ASP A 322 2.42 36.33 -12.61
CA ASP A 322 2.48 37.84 -12.61
C ASP A 322 2.20 38.45 -11.25
N THR A 323 1.64 37.68 -10.31
CA THR A 323 1.24 38.24 -8.99
C THR A 323 1.96 37.65 -7.79
N GLY A 324 2.57 36.47 -7.95
CA GLY A 324 3.20 35.79 -6.82
C GLY A 324 2.23 35.01 -5.94
N GLN A 325 0.98 34.87 -6.38
CA GLN A 325 -0.08 34.32 -5.53
C GLN A 325 -0.48 32.92 -6.03
N ILE A 326 -0.83 32.04 -5.09
CA ILE A 326 -1.55 30.83 -5.47
C ILE A 326 -2.89 31.25 -6.05
N VAL A 327 -3.25 30.65 -7.18
CA VAL A 327 -4.46 30.97 -7.89
C VAL A 327 -5.40 29.77 -7.90
N LEU A 328 -6.64 29.99 -7.46
CA LEU A 328 -7.63 28.90 -7.45
C LEU A 328 -8.26 28.77 -8.81
N ILE A 329 -8.46 27.53 -9.25
CA ILE A 329 -9.11 27.27 -10.52
C ILE A 329 -10.46 26.60 -10.27
N SER B 2 45.36 8.36 16.97
CA SER B 2 44.27 7.75 16.16
C SER B 2 42.93 8.42 16.49
N LEU B 3 41.82 7.90 15.93
CA LEU B 3 40.50 8.46 16.27
C LEU B 3 39.55 7.38 16.77
N LYS B 4 38.92 7.64 17.92
CA LYS B 4 37.94 6.70 18.47
C LYS B 4 36.53 7.11 18.04
N ILE B 5 35.79 6.18 17.46
CA ILE B 5 34.50 6.48 16.91
C ILE B 5 33.48 5.62 17.59
N CYS B 6 32.36 6.21 17.99
CA CYS B 6 31.21 5.46 18.44
C CYS B 6 30.05 5.74 17.49
N VAL B 7 29.09 4.84 17.54
CA VAL B 7 27.95 4.87 16.65
C VAL B 7 26.71 4.69 17.48
N ILE B 8 25.70 5.52 17.23
CA ILE B 8 24.40 5.39 17.87
C ILE B 8 23.38 5.16 16.79
N GLY B 9 22.67 4.05 16.85
CA GLY B 9 21.59 3.80 15.94
C GLY B 9 22.00 2.96 14.75
N SER B 10 20.99 2.36 14.12
CA SER B 10 21.20 1.57 12.91
C SER B 10 20.09 1.89 11.91
N SER B 11 19.54 3.09 11.99
CA SER B 11 18.32 3.42 11.27
C SER B 11 18.61 4.35 10.09
N GLY B 12 19.88 4.61 9.83
CA GLY B 12 20.26 5.38 8.67
C GLY B 12 21.49 4.87 7.94
N HIS B 13 22.19 5.78 7.27
CA HIS B 13 23.27 5.40 6.35
C HIS B 13 24.62 5.32 6.99
N PHE B 14 24.70 4.56 8.09
CA PHE B 14 25.94 4.35 8.81
C PHE B 14 26.99 3.75 7.90
N ARG B 15 26.56 3.17 6.78
CA ARG B 15 27.53 2.62 5.83
C ARG B 15 28.46 3.65 5.29
N TYR B 16 27.99 4.89 5.13
CA TYR B 16 28.89 5.96 4.72
C TYR B 16 30.11 6.08 5.60
N ALA B 17 29.93 5.85 6.90
CA ALA B 17 31.04 5.90 7.84
C ALA B 17 31.93 4.66 7.74
N LEU B 18 31.32 3.47 7.72
CA LEU B 18 32.11 2.22 7.67
C LEU B 18 32.98 2.14 6.42
N GLU B 19 32.48 2.66 5.31
CA GLU B 19 33.21 2.58 4.05
C GLU B 19 34.31 3.62 3.95
N GLY B 20 34.41 4.50 4.96
CA GLY B 20 35.42 5.56 4.94
C GLY B 20 36.50 5.45 6.01
N LEU B 21 36.41 4.39 6.79
CA LEU B 21 37.36 4.12 7.86
C LEU B 21 38.73 3.85 7.29
N ASP B 22 39.75 4.32 7.99
CA ASP B 22 41.10 3.93 7.68
C ASP B 22 41.75 3.27 8.90
N GLU B 23 43.07 3.10 8.82
CA GLU B 23 43.89 2.44 9.84
C GLU B 23 44.07 3.29 11.10
N GLU B 24 43.89 4.60 10.98
CA GLU B 24 43.94 5.50 12.15
C GLU B 24 42.55 5.79 12.76
N CYS B 25 41.55 4.96 12.45
CA CYS B 25 40.23 4.99 13.11
C CYS B 25 39.94 3.65 13.70
N SER B 26 39.17 3.64 14.79
CA SER B 26 38.55 2.42 15.27
C SER B 26 37.19 2.70 15.88
N ILE B 27 36.25 1.79 15.65
CA ILE B 27 34.95 1.89 16.24
C ILE B 27 35.00 1.11 17.56
N THR B 28 34.89 1.85 18.66
CA THR B 28 35.06 1.29 20.00
C THR B 28 33.74 1.01 20.70
N GLY B 29 32.64 1.64 20.26
CA GLY B 29 31.34 1.37 20.85
C GLY B 29 30.15 1.62 19.96
N ILE B 30 29.07 0.90 20.22
CA ILE B 30 27.84 1.10 19.49
C ILE B 30 26.72 1.00 20.49
N ALA B 31 25.60 1.64 20.15
CA ALA B 31 24.46 1.69 21.03
C ALA B 31 23.21 2.04 20.22
N PRO B 32 22.04 1.59 20.69
CA PRO B 32 20.78 2.04 20.09
C PRO B 32 20.44 3.44 20.62
N GLY B 33 19.63 4.19 19.88
CA GLY B 33 19.23 5.52 20.33
C GLY B 33 18.07 5.37 21.28
N VAL B 34 17.21 4.41 20.99
CA VAL B 34 16.08 4.03 21.84
C VAL B 34 16.20 2.53 22.13
N PRO B 35 15.68 2.09 23.31
CA PRO B 35 15.84 0.69 23.76
C PRO B 35 15.50 -0.37 22.71
N GLU B 36 14.36 -0.22 22.05
CA GLU B 36 13.90 -1.23 21.09
C GLU B 36 14.38 -1.02 19.63
N GLU B 37 15.41 -0.21 19.43
CA GLU B 37 15.86 0.04 18.04
C GLU B 37 16.57 -1.18 17.49
N ASP B 38 16.21 -1.53 16.27
CA ASP B 38 16.76 -2.69 15.64
C ASP B 38 18.16 -2.36 15.12
N LEU B 39 19.17 -2.98 15.74
CA LEU B 39 20.57 -2.79 15.37
C LEU B 39 21.13 -3.83 14.39
N SER B 40 20.25 -4.65 13.80
CA SER B 40 20.65 -5.76 12.89
C SER B 40 21.64 -5.34 11.82
N LYS B 41 21.25 -4.34 11.04
CA LYS B 41 22.01 -3.93 9.86
C LYS B 41 23.39 -3.49 10.28
N LEU B 42 23.46 -2.65 11.30
CA LEU B 42 24.74 -2.22 11.83
C LEU B 42 25.58 -3.40 12.32
N GLU B 43 24.99 -4.25 13.17
CA GLU B 43 25.73 -5.36 13.76
C GLU B 43 26.26 -6.36 12.72
N LYS B 44 25.44 -6.73 11.74
CA LYS B 44 25.93 -7.55 10.62
C LYS B 44 27.11 -6.91 9.86
N ALA B 45 26.95 -5.63 9.49
CA ALA B 45 28.01 -4.88 8.77
C ALA B 45 29.33 -4.86 9.53
N ILE B 46 29.23 -4.69 10.85
CA ILE B 46 30.39 -4.67 11.74
C ILE B 46 31.20 -5.98 11.78
N SER B 47 30.51 -7.11 11.96
CA SER B 47 31.19 -8.40 12.01
C SER B 47 31.94 -8.66 10.71
N GLU B 48 31.26 -8.46 9.59
CA GLU B 48 31.85 -8.58 8.27
C GLU B 48 33.16 -7.81 8.01
N MSE B 49 33.56 -6.94 8.95
CA MSE B 49 34.81 -6.20 8.79
C MSE B 49 35.85 -6.49 9.88
O MSE B 49 36.85 -5.78 9.98
CB MSE B 49 34.57 -4.69 8.72
CG MSE B 49 33.54 -4.23 7.70
SE MSE B 49 33.29 -2.29 7.83
CE MSE B 49 35.08 -1.68 7.36
N ASN B 50 35.59 -7.51 10.69
CA ASN B 50 36.54 -7.94 11.75
C ASN B 50 36.73 -6.96 12.91
N ILE B 51 35.83 -5.98 13.08
CA ILE B 51 35.97 -5.07 14.24
C ILE B 51 35.02 -5.45 15.37
N LYS B 52 35.51 -5.28 16.60
CA LYS B 52 34.82 -5.72 17.80
C LYS B 52 34.54 -4.55 18.72
N PRO B 53 33.41 -3.86 18.51
CA PRO B 53 33.13 -2.76 19.42
C PRO B 53 32.35 -3.26 20.62
N LYS B 54 32.46 -2.55 21.73
CA LYS B 54 31.64 -2.83 22.90
C LYS B 54 30.20 -2.41 22.61
N LYS B 55 29.25 -3.29 22.85
CA LYS B 55 27.85 -2.87 22.79
C LYS B 55 27.33 -2.31 24.13
N TYR B 56 26.78 -1.10 24.10
CA TYR B 56 26.13 -0.51 25.27
C TYR B 56 24.62 -0.51 25.10
N ASN B 57 23.91 -0.59 26.21
CA ASN B 57 22.46 -0.39 26.21
C ASN B 57 22.11 1.07 26.20
N ASN B 58 22.95 1.86 26.83
CA ASN B 58 22.67 3.26 27.08
C ASN B 58 23.73 4.07 26.36
N TRP B 59 23.29 4.84 25.37
CA TRP B 59 24.20 5.65 24.57
C TRP B 59 24.90 6.72 25.41
N TRP B 60 24.18 7.31 26.37
CA TRP B 60 24.73 8.37 27.25
C TRP B 60 25.91 7.82 28.05
N GLU B 61 25.68 6.64 28.63
CA GLU B 61 26.71 5.90 29.33
C GLU B 61 27.89 5.58 28.41
N MSE B 62 27.62 5.21 27.16
CA MSE B 62 28.69 4.99 26.17
C MSE B 62 29.54 6.24 25.98
O MSE B 62 30.76 6.16 25.95
CB MSE B 62 28.13 4.50 24.84
CG MSE B 62 29.19 4.15 23.80
SE MSE B 62 28.44 3.69 22.06
CE MSE B 62 27.43 5.34 21.79
N LEU B 63 28.88 7.38 25.85
CA LEU B 63 29.60 8.65 25.74
C LEU B 63 30.55 8.90 26.93
N GLU B 64 30.04 8.68 28.15
CA GLU B 64 30.84 8.91 29.35
C GLU B 64 32.01 7.90 29.44
N LYS B 65 31.75 6.63 29.13
CA LYS B 65 32.81 5.63 29.20
C LYS B 65 33.79 5.63 28.03
N GLU B 66 33.30 5.72 26.79
CA GLU B 66 34.19 5.59 25.63
C GLU B 66 34.91 6.89 25.31
N LYS B 67 34.33 8.03 25.67
CA LYS B 67 34.91 9.34 25.33
C LYS B 67 35.35 9.46 23.84
N PRO B 68 34.43 9.15 22.90
CA PRO B 68 34.86 9.11 21.50
C PRO B 68 35.28 10.47 21.01
N ASP B 69 36.14 10.48 19.99
CA ASP B 69 36.49 11.70 19.27
C ASP B 69 35.40 12.02 18.25
N ILE B 70 34.73 10.98 17.75
CA ILE B 70 33.75 11.12 16.68
C ILE B 70 32.54 10.29 16.99
N LEU B 71 31.36 10.87 16.73
CA LEU B 71 30.12 10.14 16.90
C LEU B 71 29.32 10.09 15.59
N VAL B 72 28.89 8.88 15.22
CA VAL B 72 28.08 8.65 14.04
C VAL B 72 26.67 8.47 14.54
N ILE B 73 25.77 9.35 14.10
CA ILE B 73 24.43 9.41 14.67
C ILE B 73 23.38 9.08 13.61
N ASN B 74 22.65 8.00 13.81
CA ASN B 74 21.65 7.55 12.86
C ASN B 74 20.60 6.67 13.53
N THR B 75 19.71 7.32 14.26
CA THR B 75 18.73 6.64 15.07
C THR B 75 17.37 7.16 14.65
N VAL B 76 16.32 6.93 15.44
CA VAL B 76 14.99 7.54 15.18
C VAL B 76 15.20 8.99 14.70
N PHE B 77 14.57 9.37 13.58
CA PHE B 77 14.88 10.65 12.90
C PHE B 77 14.70 11.86 13.81
N SER B 78 13.60 11.92 14.58
CA SER B 78 13.41 13.06 15.49
C SER B 78 14.50 13.17 16.58
N LEU B 79 15.09 12.02 16.93
CA LEU B 79 16.08 11.97 17.98
C LEU B 79 17.53 12.34 17.53
N ASN B 80 17.82 12.21 16.23
CA ASN B 80 19.13 12.52 15.70
C ASN B 80 19.56 13.91 16.13
N GLY B 81 18.65 14.86 16.01
CA GLY B 81 18.97 16.25 16.33
C GLY B 81 19.27 16.48 17.79
N LYS B 82 18.56 15.78 18.66
CA LYS B 82 18.76 15.88 20.12
C LYS B 82 20.08 15.25 20.52
N ILE B 83 20.39 14.11 19.92
CA ILE B 83 21.73 13.55 20.16
C ILE B 83 22.83 14.44 19.54
N LEU B 84 22.61 15.00 18.36
CA LEU B 84 23.60 15.92 17.82
C LEU B 84 23.89 17.05 18.83
N LEU B 85 22.84 17.60 19.43
CA LEU B 85 23.02 18.74 20.35
C LEU B 85 23.90 18.31 21.50
N GLU B 86 23.65 17.13 22.06
CA GLU B 86 24.48 16.56 23.11
C GLU B 86 25.93 16.45 22.67
N ALA B 87 26.14 15.89 21.46
CA ALA B 87 27.50 15.71 20.96
C ALA B 87 28.21 17.06 20.88
N LEU B 88 27.49 18.08 20.41
CA LEU B 88 28.09 19.41 20.26
C LEU B 88 28.50 20.04 21.59
N GLU B 89 27.63 19.86 22.60
CA GLU B 89 27.93 20.36 23.93
C GLU B 89 29.12 19.62 24.53
N ARG B 90 29.27 18.33 24.23
CA ARG B 90 30.44 17.60 24.72
C ARG B 90 31.65 17.81 23.81
N LYS B 91 31.49 18.59 22.76
CA LYS B 91 32.57 18.79 21.78
C LYS B 91 33.09 17.46 21.16
N ILE B 92 32.16 16.55 20.91
CA ILE B 92 32.46 15.35 20.14
C ILE B 92 32.07 15.64 18.67
N HIS B 93 33.03 15.57 17.75
CA HIS B 93 32.71 15.73 16.31
C HIS B 93 31.61 14.77 15.90
N ALA B 94 30.63 15.26 15.13
CA ALA B 94 29.48 14.41 14.82
C ALA B 94 29.19 14.29 13.32
N PHE B 95 28.87 13.05 12.90
CA PHE B 95 28.51 12.73 11.53
C PHE B 95 27.08 12.23 11.63
N VAL B 96 26.14 13.05 11.21
CA VAL B 96 24.73 12.86 11.60
C VAL B 96 23.84 12.65 10.39
N GLU B 97 22.91 11.71 10.48
CA GLU B 97 21.95 11.47 9.39
C GLU B 97 21.08 12.72 9.22
N LYS B 98 20.59 12.98 8.00
CA LYS B 98 19.64 14.06 7.74
C LYS B 98 18.19 13.61 7.94
N PRO B 99 17.28 14.56 8.15
CA PRO B 99 17.55 15.98 8.47
C PRO B 99 18.22 16.05 9.83
N ILE B 100 18.97 17.10 10.11
CA ILE B 100 19.65 17.16 11.41
C ILE B 100 18.69 17.58 12.55
N ALA B 101 17.44 17.91 12.19
CA ALA B 101 16.38 18.21 13.17
C ALA B 101 15.05 18.03 12.49
N THR B 102 14.02 17.66 13.24
CA THR B 102 12.65 17.56 12.70
C THR B 102 11.69 18.69 13.16
N THR B 103 12.18 19.60 14.00
CA THR B 103 11.36 20.73 14.40
C THR B 103 12.21 21.96 14.34
N PHE B 104 11.58 23.10 14.08
CA PHE B 104 12.32 24.36 14.11
C PHE B 104 13.05 24.58 15.44
N GLU B 105 12.40 24.25 16.55
CA GLU B 105 13.01 24.46 17.88
C GLU B 105 14.31 23.66 18.05
N ASP B 106 14.29 22.39 17.67
CA ASP B 106 15.53 21.59 17.69
C ASP B 106 16.65 22.14 16.81
N LEU B 107 16.29 22.68 15.65
CA LEU B 107 17.25 23.25 14.70
C LEU B 107 17.86 24.51 15.27
N GLU B 108 16.99 25.37 15.82
CA GLU B 108 17.51 26.62 16.36
C GLU B 108 18.49 26.35 17.51
N LYS B 109 18.25 25.33 18.32
CA LYS B 109 19.19 24.96 19.38
C LYS B 109 20.54 24.52 18.82
N ILE B 110 20.47 23.65 17.80
CA ILE B 110 21.70 23.18 17.14
C ILE B 110 22.48 24.36 16.58
N ARG B 111 21.81 25.24 15.85
CA ARG B 111 22.51 26.39 15.23
C ARG B 111 23.12 27.36 16.29
N SER B 112 22.33 27.69 17.32
CA SER B 112 22.78 28.59 18.41
C SER B 112 23.95 28.03 19.13
N VAL B 113 23.83 26.78 19.56
CA VAL B 113 24.89 26.13 20.31
C VAL B 113 26.15 25.98 19.44
N TYR B 114 25.97 25.58 18.18
CA TYR B 114 27.13 25.36 17.31
C TYR B 114 27.94 26.64 17.14
N GLN B 115 27.25 27.76 16.92
CA GLN B 115 27.91 29.05 16.82
C GLN B 115 28.87 29.34 17.99
N LYS B 116 28.51 28.90 19.20
CA LYS B 116 29.38 29.06 20.39
C LYS B 116 30.54 28.07 20.49
N VAL B 117 30.40 26.89 19.89
CA VAL B 117 31.44 25.86 20.05
C VAL B 117 32.19 25.52 18.74
N ARG B 118 31.95 26.29 17.68
CA ARG B 118 32.41 25.92 16.33
C ARG B 118 33.95 25.93 16.17
N ASN B 119 34.66 26.63 17.03
CA ASN B 119 36.10 26.58 17.00
C ASN B 119 36.68 25.28 17.57
N GLU B 120 35.85 24.48 18.21
CA GLU B 120 36.35 23.29 18.87
C GLU B 120 35.76 21.97 18.38
N VAL B 121 34.64 22.03 17.66
CA VAL B 121 33.95 20.78 17.27
C VAL B 121 33.35 20.97 15.89
N PHE B 122 33.47 19.94 15.06
CA PHE B 122 32.94 20.00 13.70
C PHE B 122 31.75 19.03 13.66
N PHE B 123 30.77 19.30 12.80
CA PHE B 123 29.77 18.27 12.51
C PHE B 123 29.33 18.44 11.07
N THR B 124 28.76 17.38 10.50
CA THR B 124 28.10 17.53 9.23
C THR B 124 27.10 16.42 8.97
N ALA B 125 26.16 16.64 8.05
CA ALA B 125 25.14 15.62 7.81
C ALA B 125 25.60 14.66 6.68
N MSE B 126 24.92 13.52 6.59
CA MSE B 126 25.29 12.41 5.70
C MSE B 126 24.77 12.66 4.25
O MSE B 126 23.95 11.91 3.72
CB MSE B 126 24.67 11.11 6.23
CG MSE B 126 25.24 10.59 7.53
SE MSE B 126 24.58 8.95 8.03
CE MSE B 126 25.68 8.65 9.36
N PHE B 127 25.24 13.75 3.63
CA PHE B 127 24.88 14.02 2.25
C PHE B 127 25.84 13.30 1.27
N GLY B 128 25.83 11.98 1.34
CA GLY B 128 26.76 11.13 0.59
C GLY B 128 26.53 11.09 -0.91
N ILE B 129 25.29 11.37 -1.35
CA ILE B 129 25.02 11.27 -2.77
C ILE B 129 25.91 12.24 -3.59
N ARG B 130 26.23 13.42 -3.01
CA ARG B 130 27.12 14.40 -3.68
C ARG B 130 28.41 13.76 -4.25
N TYR B 131 28.85 12.70 -3.59
CA TYR B 131 30.19 12.13 -3.80
C TYR B 131 30.20 11.03 -4.89
N ARG B 132 29.03 10.66 -5.35
CA ARG B 132 28.90 9.75 -6.49
C ARG B 132 29.40 10.43 -7.80
N PRO B 133 30.08 9.65 -8.65
CA PRO B 133 30.69 10.22 -9.88
C PRO B 133 29.76 11.13 -10.68
N HIS B 134 28.53 10.73 -10.86
CA HIS B 134 27.60 11.56 -11.67
C HIS B 134 27.29 12.93 -11.04
N PHE B 135 27.19 12.99 -9.71
CA PHE B 135 26.99 14.33 -9.08
C PHE B 135 28.23 15.19 -9.06
N LEU B 136 29.38 14.59 -8.78
CA LEU B 136 30.64 15.34 -8.85
C LEU B 136 30.84 15.93 -10.28
N THR B 137 30.49 15.15 -11.30
CA THR B 137 30.70 15.59 -12.69
C THR B 137 29.78 16.75 -12.99
N ALA B 138 28.50 16.58 -12.69
CA ALA B 138 27.55 17.69 -12.80
C ALA B 138 28.10 18.96 -12.14
N LYS B 139 28.64 18.82 -10.94
CA LYS B 139 29.15 20.01 -10.25
C LYS B 139 30.36 20.59 -10.96
N LYS B 140 31.25 19.69 -11.38
CA LYS B 140 32.43 20.11 -12.16
C LYS B 140 32.05 20.88 -13.41
N LEU B 141 31.12 20.37 -14.19
CA LEU B 141 30.73 21.08 -15.43
C LEU B 141 30.19 22.48 -15.13
N VAL B 142 29.27 22.55 -14.16
CA VAL B 142 28.60 23.78 -13.82
C VAL B 142 29.65 24.80 -13.42
N SER B 143 30.59 24.38 -12.58
CA SER B 143 31.65 25.24 -12.03
C SER B 143 32.58 25.74 -13.11
N GLU B 144 32.81 24.94 -14.14
CA GLU B 144 33.69 25.37 -15.21
C GLU B 144 32.95 26.08 -16.35
N GLY B 145 31.71 26.53 -16.10
CA GLY B 145 30.96 27.27 -17.11
C GLY B 145 30.23 26.51 -18.22
N ALA B 146 30.04 25.20 -18.09
CA ALA B 146 29.41 24.41 -19.17
C ALA B 146 27.95 24.79 -19.51
N VAL B 147 27.21 25.34 -18.55
CA VAL B 147 25.83 25.76 -18.80
C VAL B 147 25.71 27.26 -18.79
N GLY B 148 26.82 27.95 -18.57
CA GLY B 148 26.79 29.42 -18.45
C GLY B 148 26.09 29.77 -17.13
N GLU B 149 25.18 30.73 -17.16
CA GLU B 149 24.48 31.15 -15.95
C GLU B 149 23.22 30.31 -15.75
N ILE B 150 23.06 29.75 -14.56
CA ILE B 150 21.95 28.87 -14.27
C ILE B 150 20.64 29.66 -14.22
N ARG B 151 19.61 29.12 -14.87
CA ARG B 151 18.31 29.74 -14.92
C ARG B 151 17.23 28.87 -14.25
N LEU B 152 17.38 27.54 -14.33
CA LEU B 152 16.30 26.65 -13.93
C LEU B 152 16.86 25.31 -13.54
N VAL B 153 16.35 24.72 -12.46
CA VAL B 153 16.80 23.42 -12.00
C VAL B 153 15.60 22.53 -11.73
N ASN B 154 15.63 21.30 -12.24
CA ASN B 154 14.63 20.31 -11.92
C ASN B 154 15.32 19.15 -11.18
N THR B 155 14.66 18.59 -10.17
CA THR B 155 15.24 17.48 -9.43
C THR B 155 14.17 16.47 -9.16
N GLN B 156 14.59 15.21 -9.04
CA GLN B 156 13.64 14.18 -8.80
C GLN B 156 14.22 13.23 -7.80
N LYS B 157 13.39 12.83 -6.83
CA LYS B 157 13.71 11.72 -5.96
C LYS B 157 12.60 10.73 -6.11
N SER B 158 12.96 9.47 -6.31
CA SER B 158 11.98 8.41 -6.37
C SER B 158 12.60 7.15 -5.77
N TYR B 159 12.07 6.75 -4.61
CA TYR B 159 12.54 5.61 -3.82
C TYR B 159 11.48 4.51 -3.70
N LYS B 160 11.95 3.27 -3.60
CA LYS B 160 11.13 2.15 -3.15
C LYS B 160 10.82 2.35 -1.67
N LEU B 161 9.54 2.23 -1.32
CA LEU B 161 9.11 2.38 0.05
C LEU B 161 9.30 1.06 0.82
N GLY B 162 8.38 0.10 0.65
CA GLY B 162 8.49 -1.19 1.31
C GLY B 162 8.32 -1.13 2.82
N GLN B 163 8.78 -2.16 3.50
CA GLN B 163 8.68 -2.23 4.95
C GLN B 163 9.69 -1.30 5.61
N ARG B 164 9.21 -0.48 6.55
CA ARG B 164 10.10 0.40 7.31
C ARG B 164 9.83 0.31 8.83
N PRO B 165 10.84 0.68 9.68
CA PRO B 165 10.56 0.77 11.14
C PRO B 165 9.29 1.60 11.46
N ASP B 166 8.60 1.24 12.54
CA ASP B 166 7.35 1.92 12.96
C ASP B 166 7.44 3.45 13.09
N PHE B 167 8.62 3.95 13.49
CA PHE B 167 8.78 5.41 13.72
C PHE B 167 8.57 6.27 12.46
N TYR B 168 8.63 5.64 11.28
CA TYR B 168 8.26 6.31 10.00
C TYR B 168 6.78 6.74 9.94
N LYS B 169 5.93 6.07 10.73
CA LYS B 169 4.47 6.27 10.68
C LYS B 169 3.90 7.41 11.54
N LYS B 170 4.72 8.01 12.42
CA LYS B 170 4.28 9.21 13.13
C LYS B 170 5.11 10.40 12.67
N ARG B 171 4.44 11.49 12.27
CA ARG B 171 5.13 12.72 11.92
C ARG B 171 6.12 13.12 13.02
N GLU B 172 5.71 12.92 14.28
CA GLU B 172 6.48 13.39 15.44
C GLU B 172 7.88 12.78 15.49
N THR B 173 8.01 11.51 15.11
CA THR B 173 9.33 10.85 15.08
C THR B 173 9.97 10.80 13.67
N TYR B 174 9.13 10.81 12.63
CA TYR B 174 9.59 10.69 11.24
C TYR B 174 10.07 12.02 10.70
N GLY B 175 9.30 13.09 10.95
CA GLY B 175 9.67 14.42 10.47
C GLY B 175 9.16 14.76 9.07
N GLY B 176 8.57 13.80 8.35
CA GLY B 176 7.98 14.08 7.04
C GLY B 176 8.86 13.66 5.88
N THR B 177 8.25 13.43 4.72
CA THR B 177 8.95 12.92 3.55
C THR B 177 9.78 13.99 2.85
N ILE B 178 9.32 15.25 2.90
CA ILE B 178 10.10 16.34 2.30
C ILE B 178 11.45 16.45 3.02
N PRO B 179 11.45 16.49 4.39
CA PRO B 179 12.77 16.51 5.03
C PRO B 179 13.60 15.22 4.93
N TRP B 180 12.96 14.05 4.89
CA TRP B 180 13.68 12.80 4.84
C TRP B 180 14.23 12.50 3.44
N VAL B 181 13.33 12.46 2.46
CA VAL B 181 13.70 12.10 1.12
C VAL B 181 14.14 13.33 0.32
N GLY B 182 13.34 14.39 0.40
CA GLY B 182 13.57 15.54 -0.46
C GLY B 182 14.81 16.33 -0.12
N ILE B 183 15.33 16.17 1.09
CA ILE B 183 16.43 17.02 1.47
C ILE B 183 17.72 16.74 0.66
N HIS B 184 17.92 15.51 0.22
CA HIS B 184 19.05 15.22 -0.70
C HIS B 184 19.06 16.18 -1.88
N ALA B 185 17.88 16.41 -2.48
CA ALA B 185 17.75 17.23 -3.69
C ALA B 185 17.84 18.69 -3.33
N ILE B 186 17.37 19.08 -2.14
CA ILE B 186 17.50 20.48 -1.72
C ILE B 186 18.99 20.80 -1.61
N ASP B 187 19.75 19.85 -1.05
CA ASP B 187 21.17 20.02 -0.97
C ASP B 187 21.83 20.05 -2.37
N TRP B 188 21.36 19.21 -3.31
CA TRP B 188 21.92 19.32 -4.70
C TRP B 188 21.75 20.74 -5.25
N ILE B 189 20.54 21.28 -5.13
CA ILE B 189 20.20 22.62 -5.61
C ILE B 189 21.09 23.68 -4.99
N HIS B 190 21.15 23.68 -3.67
CA HIS B 190 21.98 24.64 -2.96
C HIS B 190 23.45 24.49 -3.39
N TRP B 191 23.94 23.26 -3.42
CA TRP B 191 25.35 23.00 -3.78
C TRP B 191 25.67 23.39 -5.24
N ILE B 192 24.83 22.97 -6.18
CA ILE B 192 25.09 23.23 -7.59
C ILE B 192 24.90 24.70 -7.99
N THR B 193 23.88 25.38 -7.43
CA THR B 193 23.64 26.79 -7.79
C THR B 193 24.49 27.75 -7.01
N GLY B 194 24.80 27.43 -5.75
CA GLY B 194 25.43 28.38 -4.85
C GLY B 194 24.54 29.60 -4.58
N LYS B 195 23.23 29.46 -4.79
CA LYS B 195 22.32 30.59 -4.65
C LYS B 195 21.42 30.48 -3.44
N LYS B 196 20.98 31.63 -2.92
CA LYS B 196 20.12 31.64 -1.73
C LYS B 196 18.70 31.28 -2.11
N PHE B 197 18.02 30.58 -1.24
CA PHE B 197 16.60 30.29 -1.46
C PHE B 197 15.72 31.44 -0.92
N LEU B 198 14.81 31.97 -1.75
CA LEU B 198 13.91 33.04 -1.28
C LEU B 198 12.61 32.52 -0.66
N SER B 199 11.95 31.58 -1.34
CA SER B 199 10.67 31.08 -0.89
C SER B 199 10.42 29.68 -1.39
N VAL B 200 9.41 29.06 -0.78
CA VAL B 200 9.01 27.73 -1.16
C VAL B 200 7.50 27.64 -1.17
N TYR B 201 7.01 26.92 -2.15
CA TYR B 201 5.65 26.46 -2.14
C TYR B 201 5.70 24.97 -2.38
N ALA B 202 5.04 24.21 -1.51
CA ALA B 202 5.10 22.73 -1.57
C ALA B 202 3.77 22.14 -1.23
N THR B 203 3.55 20.95 -1.75
CA THR B 203 2.39 20.15 -1.43
C THR B 203 2.87 18.73 -1.19
N HIS B 204 2.12 17.97 -0.40
CA HIS B 204 2.38 16.56 -0.19
C HIS B 204 1.09 15.80 0.06
N SER B 205 1.13 14.50 -0.19
CA SER B 205 -0.03 13.67 0.06
C SER B 205 0.38 12.38 0.78
N ARG B 206 -0.42 12.01 1.79
CA ARG B 206 -0.27 10.68 2.44
C ARG B 206 -1.30 9.65 1.95
N LEU B 207 -2.03 9.99 0.89
CA LEU B 207 -2.94 9.01 0.24
C LEU B 207 -2.17 7.83 -0.38
N HIS B 208 -2.71 6.60 -0.22
CA HIS B 208 -2.11 5.37 -0.76
C HIS B 208 -0.67 5.19 -0.26
N ASN B 209 -0.51 5.25 1.05
CA ASN B 209 0.83 5.07 1.61
C ASN B 209 1.11 3.66 2.13
N SER B 210 0.26 2.70 1.77
CA SER B 210 0.49 1.29 2.13
C SER B 210 0.57 1.07 3.64
N GLY B 211 -0.41 1.58 4.38
CA GLY B 211 -0.41 1.51 5.85
C GLY B 211 0.80 2.13 6.55
N HIS B 212 1.36 3.21 6.01
CA HIS B 212 2.51 3.88 6.65
C HIS B 212 2.11 5.12 7.50
N GLY B 213 0.84 5.14 7.93
CA GLY B 213 0.36 6.14 8.91
C GLY B 213 0.40 7.55 8.35
N GLU B 214 1.21 8.40 8.96
CA GLU B 214 1.33 9.82 8.54
C GLU B 214 2.38 10.09 7.44
N LEU B 215 3.11 9.05 7.04
CA LEU B 215 4.12 9.15 5.99
C LEU B 215 3.52 9.64 4.64
N GLU B 216 4.14 10.65 4.05
CA GLU B 216 3.74 11.15 2.70
C GLU B 216 4.39 10.33 1.56
N THR B 217 3.59 9.88 0.59
CA THR B 217 4.14 9.09 -0.52
C THR B 217 4.47 9.96 -1.71
N THR B 218 3.91 11.18 -1.75
CA THR B 218 4.21 12.10 -2.83
C THR B 218 4.34 13.51 -2.32
N ALA B 219 5.22 14.27 -2.98
CA ALA B 219 5.41 15.67 -2.66
C ALA B 219 5.98 16.35 -3.90
N LEU B 220 5.69 17.63 -3.98
CA LEU B 220 6.16 18.48 -5.06
C LEU B 220 6.47 19.84 -4.44
N CYS B 221 7.69 20.33 -4.67
CA CYS B 221 8.13 21.61 -4.16
C CYS B 221 8.54 22.49 -5.29
N HIS B 222 8.27 23.78 -5.12
CA HIS B 222 8.68 24.82 -6.03
C HIS B 222 9.52 25.81 -5.22
N PHE B 223 10.78 26.02 -5.60
CA PHE B 223 11.60 27.00 -4.89
C PHE B 223 11.90 28.21 -5.75
N THR B 224 11.84 29.40 -5.16
CA THR B 224 12.38 30.61 -5.83
C THR B 224 13.73 30.95 -5.23
N LEU B 225 14.78 31.06 -6.06
CA LEU B 225 16.12 31.40 -5.57
C LEU B 225 16.48 32.80 -6.05
N GLU B 226 17.66 33.27 -5.64
CA GLU B 226 18.24 34.52 -6.14
C GLU B 226 18.24 34.61 -7.65
N ASN B 227 18.18 35.84 -8.17
CA ASN B 227 18.37 36.08 -9.60
C ASN B 227 17.27 35.36 -10.42
N GLU B 228 16.06 35.27 -9.85
CA GLU B 228 14.88 34.64 -10.49
C GLU B 228 15.13 33.24 -11.08
N VAL B 229 15.97 32.48 -10.39
CA VAL B 229 16.22 31.08 -10.69
C VAL B 229 15.15 30.26 -9.94
N PHE B 230 14.48 29.38 -10.66
CA PHE B 230 13.48 28.48 -10.07
C PHE B 230 13.99 27.06 -10.03
N ALA B 231 13.54 26.32 -9.01
CA ALA B 231 13.86 24.91 -8.92
C ALA B 231 12.67 24.11 -8.54
N SER B 232 12.47 22.99 -9.22
CA SER B 232 11.38 22.08 -8.85
C SER B 232 11.95 20.84 -8.20
N LEU B 233 11.15 20.25 -7.33
CA LEU B 233 11.56 19.04 -6.67
C LEU B 233 10.38 18.11 -6.59
N SER B 234 10.48 17.02 -7.32
CA SER B 234 9.40 16.03 -7.40
C SER B 234 9.82 14.86 -6.56
N ILE B 235 8.98 14.45 -5.63
CA ILE B 235 9.36 13.42 -4.65
C ILE B 235 8.29 12.37 -4.66
N ASP B 236 8.70 11.12 -4.77
CA ASP B 236 7.74 10.05 -4.51
C ASP B 236 8.39 8.87 -3.82
N TYR B 237 7.57 8.17 -3.07
CA TYR B 237 7.95 6.91 -2.48
C TYR B 237 7.22 5.82 -3.28
N LEU B 238 7.14 6.01 -4.59
CA LEU B 238 6.36 5.16 -5.47
C LEU B 238 7.20 4.49 -6.58
N ARG B 239 8.51 4.35 -6.37
CA ARG B 239 9.29 3.55 -7.30
C ARG B 239 8.77 2.11 -7.17
N PRO B 240 8.21 1.54 -8.27
CA PRO B 240 7.60 0.19 -8.15
C PRO B 240 8.58 -0.86 -7.65
N GLN B 241 8.09 -1.83 -6.88
CA GLN B 241 8.94 -2.90 -6.38
C GLN B 241 9.73 -3.59 -7.49
N GLY B 242 9.16 -3.68 -8.69
CA GLY B 242 9.81 -4.27 -9.86
C GLY B 242 10.91 -3.50 -10.59
N ALA B 243 11.14 -2.22 -10.23
CA ALA B 243 12.22 -1.44 -10.84
C ALA B 243 13.60 -2.05 -10.48
N PRO B 244 14.61 -1.87 -11.35
CA PRO B 244 15.92 -2.54 -11.15
C PRO B 244 16.74 -2.10 -9.93
N THR B 245 16.50 -0.87 -9.45
CA THR B 245 17.26 -0.26 -8.34
C THR B 245 16.30 0.34 -7.32
N HIS B 246 16.83 0.70 -6.17
CA HIS B 246 16.01 1.30 -5.13
C HIS B 246 15.71 2.78 -5.43
N ASP B 247 16.52 3.41 -6.28
CA ASP B 247 16.44 4.87 -6.45
C ASP B 247 16.40 5.32 -7.92
N ASP B 248 15.76 6.45 -8.17
CA ASP B 248 15.83 7.10 -9.48
C ASP B 248 16.13 8.60 -9.25
N ASP B 249 17.39 8.93 -8.95
CA ASP B 249 17.80 10.32 -8.72
C ASP B 249 17.97 11.01 -10.07
N ARG B 250 17.39 12.21 -10.25
CA ARG B 250 17.60 12.98 -11.48
C ARG B 250 17.73 14.44 -11.19
N MSE B 251 18.58 15.09 -11.98
CA MSE B 251 18.75 16.54 -11.91
C MSE B 251 18.97 17.09 -13.31
O MSE B 251 19.78 16.55 -14.05
CB MSE B 251 19.96 16.91 -11.06
CG MSE B 251 20.06 18.37 -10.76
SE MSE B 251 21.49 18.75 -9.50
CE MSE B 251 20.97 20.55 -8.97
N ARG B 252 18.31 18.19 -13.62
CA ARG B 252 18.49 18.90 -14.86
C ARG B 252 18.74 20.35 -14.52
N ILE B 253 19.78 20.88 -15.11
CA ILE B 253 20.25 22.20 -14.82
C ILE B 253 20.23 22.94 -16.15
N VAL B 254 19.40 23.98 -16.22
CA VAL B 254 19.24 24.74 -17.44
C VAL B 254 19.92 26.11 -17.29
N GLY B 255 20.90 26.38 -18.17
CA GLY B 255 21.57 27.67 -18.15
C GLY B 255 21.52 28.45 -19.45
N THR B 256 22.22 29.59 -19.51
CA THR B 256 22.18 30.46 -20.67
C THR B 256 22.97 29.86 -21.86
N ARG B 257 23.89 28.95 -21.58
CA ARG B 257 24.76 28.34 -22.60
C ARG B 257 24.36 26.89 -22.89
N GLY B 258 23.97 26.16 -21.86
CA GLY B 258 23.63 24.78 -22.07
C GLY B 258 22.84 24.17 -20.96
N ILE B 259 22.70 22.86 -21.05
CA ILE B 259 21.88 22.09 -20.14
C ILE B 259 22.66 20.83 -19.77
N VAL B 260 22.85 20.64 -18.47
CA VAL B 260 23.37 19.40 -17.92
C VAL B 260 22.26 18.59 -17.29
N GLU B 261 22.28 17.29 -17.57
CA GLU B 261 21.35 16.35 -16.99
C GLU B 261 22.05 15.18 -16.35
N VAL B 262 21.62 14.87 -15.14
CA VAL B 262 21.99 13.69 -14.41
C VAL B 262 20.82 12.77 -14.43
N ILE B 263 21.00 11.56 -14.97
CA ILE B 263 19.91 10.62 -15.07
C ILE B 263 20.51 9.22 -15.17
N ASN B 264 19.93 8.28 -14.45
CA ASN B 264 20.43 6.92 -14.52
C ASN B 264 21.90 6.81 -14.16
N GLU B 265 22.37 7.65 -13.25
CA GLU B 265 23.78 7.63 -12.84
C GLU B 265 24.74 8.05 -13.98
N ARG B 266 24.21 8.75 -14.98
CA ARG B 266 25.00 9.21 -16.11
C ARG B 266 24.77 10.70 -16.28
N VAL B 267 25.71 11.37 -16.96
CA VAL B 267 25.64 12.81 -17.16
C VAL B 267 25.63 13.12 -18.66
N PHE B 268 24.76 14.06 -19.07
CA PHE B 268 24.61 14.47 -20.46
C PHE B 268 24.69 15.96 -20.48
N LEU B 269 25.21 16.50 -21.56
CA LEU B 269 25.40 17.92 -21.74
C LEU B 269 24.94 18.31 -23.12
N THR B 270 24.12 19.38 -23.18
CA THR B 270 23.69 19.97 -24.44
C THR B 270 24.14 21.42 -24.48
N ASP B 271 24.84 21.80 -25.54
CA ASP B 271 25.39 23.15 -25.65
C ASP B 271 25.57 23.55 -27.14
N GLU B 272 26.41 24.53 -27.42
CA GLU B 272 26.58 25.05 -28.78
C GLU B 272 27.21 23.94 -29.70
N LYS B 273 27.77 22.93 -29.07
CA LYS B 273 28.45 21.84 -29.77
C LYS B 273 27.53 20.69 -30.15
N GLY B 274 26.37 20.59 -29.51
CA GLY B 274 25.46 19.46 -29.72
C GLY B 274 25.07 18.83 -28.39
N HIS B 275 24.57 17.60 -28.44
CA HIS B 275 24.22 16.84 -27.26
C HIS B 275 25.15 15.64 -27.16
N ARG B 276 25.67 15.36 -25.96
CA ARG B 276 26.55 14.22 -25.76
C ARG B 276 26.48 13.77 -24.31
N GLU B 277 26.74 12.49 -24.10
CA GLU B 277 27.08 11.94 -22.81
C GLU B 277 28.52 12.36 -22.46
N VAL B 278 28.74 12.63 -21.19
CA VAL B 278 30.00 13.15 -20.68
C VAL B 278 30.68 12.06 -19.84
N PRO B 279 32.01 11.89 -19.98
CA PRO B 279 32.66 10.93 -19.09
C PRO B 279 32.65 11.43 -17.63
N LEU B 280 32.67 10.51 -16.68
CA LEU B 280 32.50 10.85 -15.26
C LEU B 280 33.83 10.95 -14.53
N VAL B 281 33.96 11.95 -13.66
CA VAL B 281 35.09 11.98 -12.72
C VAL B 281 35.05 10.79 -11.75
N GLU B 282 36.16 10.65 -11.02
CA GLU B 282 36.33 9.58 -10.05
C GLU B 282 35.41 9.88 -8.82
N LYS B 283 34.83 8.85 -8.21
CA LYS B 283 34.01 9.00 -7.01
C LYS B 283 34.79 9.60 -5.81
N GLY B 284 34.08 10.26 -4.91
CA GLY B 284 34.69 10.70 -3.64
C GLY B 284 34.13 9.78 -2.58
N GLN B 285 34.35 10.10 -1.31
CA GLN B 285 33.73 9.34 -0.24
C GLN B 285 33.51 10.32 0.94
N ILE B 286 32.26 10.47 1.38
CA ILE B 286 31.90 11.49 2.41
C ILE B 286 32.66 11.42 3.75
N PHE B 287 32.81 10.23 4.31
CA PHE B 287 33.49 10.09 5.58
C PHE B 287 35.00 10.35 5.45
N GLU B 288 35.60 9.94 4.33
CA GLU B 288 37.02 10.22 4.11
C GLU B 288 37.23 11.75 4.10
N ASP B 289 36.32 12.45 3.46
CA ASP B 289 36.33 13.92 3.42
C ASP B 289 36.11 14.48 4.87
N PHE B 290 35.20 13.86 5.61
CA PHE B 290 34.91 14.26 7.00
C PHE B 290 36.19 14.12 7.83
N LEU B 291 36.81 12.95 7.77
CA LEU B 291 38.08 12.67 8.44
C LEU B 291 39.19 13.64 8.08
N ARG B 292 39.35 13.98 6.81
CA ARG B 292 40.34 15.02 6.45
C ARG B 292 40.10 16.34 7.18
N GLU B 293 38.83 16.69 7.35
CA GLU B 293 38.45 17.91 8.06
C GLU B 293 38.88 17.82 9.53
N ILE B 294 38.55 16.72 10.20
CA ILE B 294 38.97 16.50 11.58
C ILE B 294 40.52 16.53 11.73
N ARG B 295 41.24 15.90 10.80
CA ARG B 295 42.71 15.84 10.88
C ARG B 295 43.41 17.10 10.39
N GLY B 296 42.65 18.10 9.92
CA GLY B 296 43.27 19.34 9.40
C GLY B 296 43.94 19.20 8.03
N GLN B 297 43.59 18.13 7.31
CA GLN B 297 44.20 17.79 6.01
C GLN B 297 43.44 18.39 4.83
N GLY B 298 42.27 18.96 5.09
CA GLY B 298 41.42 19.47 4.02
C GLY B 298 40.13 19.98 4.59
N LYS B 299 39.26 20.51 3.73
CA LYS B 299 37.92 20.99 4.11
C LYS B 299 36.89 20.03 3.57
N CYS B 300 35.98 19.58 4.44
CA CYS B 300 34.84 18.75 4.00
C CYS B 300 33.91 19.65 3.19
N MSE B 301 33.55 19.19 2.00
CA MSE B 301 32.73 20.04 1.12
C MSE B 301 31.26 20.19 1.62
O MSE B 301 30.62 21.14 1.27
CB MSE B 301 32.79 19.57 -0.33
CG MSE B 301 32.07 18.28 -0.59
SE MSE B 301 31.50 18.26 -2.47
CE MSE B 301 31.08 16.38 -2.59
N VAL B 302 30.77 19.22 2.39
CA VAL B 302 29.47 19.33 3.04
C VAL B 302 29.76 19.99 4.41
N THR B 303 29.41 21.26 4.52
CA THR B 303 29.80 22.06 5.69
C THR B 303 28.70 22.02 6.75
N PRO B 304 29.03 22.41 8.00
CA PRO B 304 27.95 22.44 8.99
C PRO B 304 26.88 23.46 8.59
N GLU B 305 27.31 24.56 7.95
CA GLU B 305 26.38 25.59 7.54
C GLU B 305 25.43 25.06 6.48
N ASP B 306 25.93 24.25 5.54
CA ASP B 306 25.09 23.57 4.52
C ASP B 306 24.10 22.67 5.21
N SER B 307 24.57 21.93 6.21
CA SER B 307 23.74 20.95 6.92
C SER B 307 22.62 21.66 7.70
N ILE B 308 22.93 22.77 8.36
CA ILE B 308 21.86 23.58 9.00
C ILE B 308 20.88 24.16 7.96
N LEU B 309 21.41 24.81 6.92
CA LEU B 309 20.58 25.48 5.93
C LEU B 309 19.64 24.57 5.17
N THR B 310 20.09 23.36 4.82
CA THR B 310 19.24 22.49 4.01
C THR B 310 18.15 21.87 4.86
N THR B 311 18.45 21.60 6.12
CA THR B 311 17.42 21.17 7.07
C THR B 311 16.36 22.29 7.25
N GLU B 312 16.83 23.52 7.39
CA GLU B 312 15.92 24.72 7.51
C GLU B 312 14.96 24.77 6.33
N ILE B 313 15.53 24.67 5.12
CA ILE B 313 14.73 24.65 3.89
C ILE B 313 13.75 23.49 3.88
N ALA B 314 14.19 22.32 4.30
CA ALA B 314 13.29 21.17 4.30
C ALA B 314 12.10 21.40 5.24
N LEU B 315 12.38 21.93 6.44
CA LEU B 315 11.31 22.23 7.45
C LEU B 315 10.37 23.34 6.95
N LYS B 316 10.91 24.37 6.30
CA LYS B 316 10.08 25.37 5.62
C LYS B 316 9.19 24.81 4.49
N ALA B 317 9.74 23.92 3.66
CA ALA B 317 8.95 23.20 2.62
C ALA B 317 7.86 22.35 3.25
N ARG B 318 8.21 21.65 4.32
CA ARG B 318 7.19 20.87 5.02
C ARG B 318 6.08 21.77 5.63
N LEU B 319 6.47 22.91 6.20
CA LEU B 319 5.53 23.89 6.73
C LEU B 319 4.58 24.40 5.63
N SER B 320 5.15 24.76 4.48
CA SER B 320 4.36 25.13 3.33
C SER B 320 3.32 24.05 2.97
N ALA B 321 3.77 22.81 2.89
CA ALA B 321 2.90 21.71 2.53
C ALA B 321 1.81 21.45 3.58
N ASP B 322 2.14 21.66 4.84
CA ASP B 322 1.16 21.44 5.91
C ASP B 322 0.11 22.55 5.98
N THR B 323 0.46 23.76 5.54
CA THR B 323 -0.42 24.91 5.71
C THR B 323 -1.04 25.45 4.41
N GLY B 324 -0.57 24.96 3.25
CA GLY B 324 -1.08 25.42 1.96
C GLY B 324 -0.69 26.87 1.67
N GLN B 325 0.33 27.37 2.35
CA GLN B 325 0.87 28.71 2.08
C GLN B 325 2.31 28.70 1.56
N ILE B 326 2.61 29.67 0.70
CA ILE B 326 3.96 30.01 0.34
C ILE B 326 4.71 30.41 1.62
N VAL B 327 5.90 29.86 1.80
CA VAL B 327 6.70 30.16 2.98
C VAL B 327 8.00 30.85 2.54
N LEU B 328 8.32 31.95 3.21
CA LEU B 328 9.57 32.69 3.00
C LEU B 328 10.67 31.98 3.74
N ILE B 329 11.85 31.95 3.14
CA ILE B 329 13.04 31.32 3.71
C ILE B 329 14.06 32.40 4.04
N GLU B 330 14.43 33.18 3.04
CA GLU B 330 15.29 34.35 3.20
C GLU B 330 14.73 35.35 4.24
N GLY B 331 15.64 36.00 4.98
CA GLY B 331 15.27 36.95 6.03
C GLY B 331 14.75 36.30 7.30
N HIS B 332 14.76 34.96 7.32
CA HIS B 332 14.14 34.16 8.39
C HIS B 332 15.14 33.09 8.82
N SER C 2 25.67 -81.75 19.34
CA SER C 2 24.72 -82.14 18.25
C SER C 2 24.70 -81.07 17.12
N LEU C 3 24.41 -79.82 17.49
CA LEU C 3 24.36 -78.71 16.49
C LEU C 3 25.70 -78.03 16.24
N LYS C 4 26.10 -77.96 14.98
CA LYS C 4 27.31 -77.26 14.56
C LYS C 4 26.97 -75.81 14.19
N ILE C 5 27.80 -74.88 14.66
CA ILE C 5 27.62 -73.45 14.39
C ILE C 5 28.85 -72.88 13.71
N CYS C 6 28.63 -72.17 12.61
CA CYS C 6 29.65 -71.32 12.06
C CYS C 6 29.29 -69.85 12.24
N VAL C 7 30.30 -68.99 12.34
CA VAL C 7 30.07 -67.55 12.51
C VAL C 7 30.73 -66.83 11.35
N ILE C 8 30.00 -65.92 10.71
CA ILE C 8 30.60 -65.00 9.74
C ILE C 8 30.56 -63.58 10.27
N GLY C 9 31.75 -62.98 10.37
CA GLY C 9 31.91 -61.58 10.72
C GLY C 9 32.09 -61.36 12.21
N SER C 10 32.49 -60.14 12.54
CA SER C 10 32.70 -59.74 13.92
C SER C 10 32.25 -58.30 14.12
N SER C 11 31.32 -57.84 13.27
CA SER C 11 30.87 -56.44 13.28
C SER C 11 29.49 -56.25 13.88
N GLY C 12 28.98 -57.29 14.54
CA GLY C 12 27.68 -57.20 15.20
C GLY C 12 27.70 -57.83 16.56
N HIS C 13 26.50 -58.07 17.09
CA HIS C 13 26.37 -58.57 18.46
C HIS C 13 26.46 -60.10 18.48
N PHE C 14 27.58 -60.61 17.98
CA PHE C 14 27.87 -62.06 18.01
C PHE C 14 27.70 -62.61 19.45
N ARG C 15 27.92 -61.76 20.46
CA ARG C 15 27.82 -62.22 21.84
C ARG C 15 26.46 -62.78 22.17
N TYR C 16 25.44 -62.34 21.44
CA TYR C 16 24.09 -62.86 21.62
C TYR C 16 24.06 -64.39 21.45
N ALA C 17 24.74 -64.87 20.42
CA ALA C 17 24.93 -66.30 20.17
C ALA C 17 25.75 -66.98 21.29
N LEU C 18 26.94 -66.45 21.53
CA LEU C 18 27.88 -67.04 22.50
C LEU C 18 27.31 -67.22 23.92
N GLU C 19 26.53 -66.27 24.40
CA GLU C 19 25.95 -66.34 25.75
C GLU C 19 24.76 -67.29 25.85
N GLY C 20 24.36 -67.85 24.72
CA GLY C 20 23.23 -68.76 24.67
C GLY C 20 23.63 -70.19 24.31
N LEU C 21 24.93 -70.41 24.16
CA LEU C 21 25.49 -71.71 23.83
C LEU C 21 25.27 -72.73 24.94
N ASP C 22 25.24 -74.00 24.57
CA ASP C 22 25.21 -75.10 25.54
C ASP C 22 26.08 -76.26 25.05
N GLU C 23 26.19 -77.29 25.89
CA GLU C 23 26.99 -78.50 25.58
C GLU C 23 26.52 -79.24 24.33
N GLU C 24 25.23 -79.10 24.01
CA GLU C 24 24.65 -79.76 22.83
C GLU C 24 24.83 -78.98 21.51
N CYS C 25 25.62 -77.90 21.55
CA CYS C 25 26.07 -77.27 20.31
C CYS C 25 27.54 -76.89 20.37
N SER C 26 28.15 -76.71 19.21
CA SER C 26 29.53 -76.25 19.17
C SER C 26 29.87 -75.42 17.93
N ILE C 27 30.77 -74.46 18.11
CA ILE C 27 31.25 -73.60 17.02
C ILE C 27 32.51 -74.17 16.40
N THR C 28 32.38 -74.57 15.15
CA THR C 28 33.40 -75.34 14.49
C THR C 28 34.10 -74.52 13.42
N GLY C 29 33.63 -73.29 13.20
CA GLY C 29 34.18 -72.49 12.10
C GLY C 29 33.87 -71.01 12.22
N ILE C 30 34.84 -70.17 11.86
CA ILE C 30 34.67 -68.72 11.82
C ILE C 30 35.38 -68.18 10.61
N ALA C 31 34.80 -67.14 10.01
CA ALA C 31 35.35 -66.50 8.82
C ALA C 31 34.97 -65.02 8.80
N PRO C 32 35.77 -64.18 8.10
CA PRO C 32 35.27 -62.82 7.96
C PRO C 32 34.25 -62.78 6.83
N GLY C 33 33.51 -61.67 6.74
CA GLY C 33 32.59 -61.43 5.61
C GLY C 33 33.34 -60.78 4.47
N VAL C 34 34.29 -59.92 4.80
CA VAL C 34 35.21 -59.37 3.82
C VAL C 34 36.66 -59.51 4.34
N PRO C 35 37.63 -59.66 3.42
CA PRO C 35 39.03 -59.92 3.75
C PRO C 35 39.60 -59.05 4.89
N GLU C 36 39.24 -57.77 4.88
CA GLU C 36 39.82 -56.80 5.81
C GLU C 36 39.08 -56.72 7.13
N GLU C 37 37.94 -57.39 7.24
CA GLU C 37 37.13 -57.24 8.44
C GLU C 37 37.89 -57.58 9.72
N ASP C 38 37.75 -56.73 10.74
CA ASP C 38 38.43 -56.90 12.03
C ASP C 38 37.72 -58.00 12.83
N LEU C 39 38.35 -59.17 12.96
CA LEU C 39 37.76 -60.30 13.73
C LEU C 39 38.20 -60.38 15.19
N SER C 40 39.00 -59.42 15.64
CA SER C 40 39.59 -59.49 16.97
C SER C 40 38.59 -59.57 18.12
N LYS C 41 37.45 -58.88 18.05
CA LYS C 41 36.46 -59.05 19.13
C LYS C 41 35.89 -60.46 19.18
N LEU C 42 35.59 -61.04 18.02
CA LEU C 42 35.07 -62.41 17.97
C LEU C 42 36.11 -63.41 18.46
N GLU C 43 37.31 -63.35 17.88
CA GLU C 43 38.42 -64.23 18.26
C GLU C 43 38.71 -64.14 19.74
N LYS C 44 38.66 -62.93 20.31
CA LYS C 44 38.85 -62.79 21.75
C LYS C 44 37.78 -63.51 22.56
N ALA C 45 36.51 -63.23 22.29
CA ALA C 45 35.44 -63.85 23.08
C ALA C 45 35.42 -65.38 22.95
N ILE C 46 35.75 -65.93 21.79
CA ILE C 46 35.76 -67.39 21.69
C ILE C 46 36.96 -68.05 22.42
N SER C 47 38.13 -67.41 22.35
CA SER C 47 39.30 -67.82 23.14
C SER C 47 38.99 -67.85 24.63
N GLU C 48 38.26 -66.84 25.11
CA GLU C 48 37.89 -66.77 26.51
C GLU C 48 36.98 -67.91 26.96
N MSE C 49 36.40 -68.62 26.01
CA MSE C 49 35.47 -69.72 26.33
C MSE C 49 36.18 -71.04 26.08
O MSE C 49 35.60 -72.11 26.27
CB MSE C 49 34.21 -69.61 25.46
CG MSE C 49 33.46 -68.31 25.62
SE MSE C 49 31.91 -68.20 24.46
CE MSE C 49 30.61 -68.92 25.71
N ASN C 50 37.44 -70.95 25.68
CA ASN C 50 38.32 -72.08 25.44
C ASN C 50 37.90 -72.97 24.29
N ILE C 51 37.04 -72.45 23.42
CA ILE C 51 36.70 -73.15 22.18
C ILE C 51 37.66 -72.73 21.07
N LYS C 52 37.95 -73.65 20.17
CA LYS C 52 39.04 -73.52 19.21
C LYS C 52 38.55 -73.82 17.79
N PRO C 53 37.70 -72.95 17.22
CA PRO C 53 37.17 -73.26 15.90
C PRO C 53 38.19 -72.95 14.81
N LYS C 54 38.00 -73.52 13.63
CA LYS C 54 38.91 -73.28 12.54
C LYS C 54 38.60 -71.97 11.84
N LYS C 55 39.62 -71.15 11.65
CA LYS C 55 39.44 -69.89 10.97
C LYS C 55 39.57 -70.15 9.48
N TYR C 56 38.65 -69.60 8.70
CA TYR C 56 38.74 -69.69 7.25
C TYR C 56 38.87 -68.31 6.68
N ASN C 57 39.49 -68.22 5.52
CA ASN C 57 39.61 -66.97 4.80
C ASN C 57 38.38 -66.66 3.97
N ASN C 58 37.75 -67.73 3.50
CA ASN C 58 36.68 -67.67 2.53
C ASN C 58 35.43 -68.28 3.14
N TRP C 59 34.40 -67.46 3.33
CA TRP C 59 33.19 -67.95 3.96
C TRP C 59 32.41 -68.98 3.13
N TRP C 60 32.50 -68.95 1.79
CA TRP C 60 31.84 -70.00 0.98
C TRP C 60 32.45 -71.34 1.41
N GLU C 61 33.78 -71.40 1.34
CA GLU C 61 34.54 -72.63 1.62
C GLU C 61 34.22 -73.17 3.00
N MSE C 62 34.06 -72.28 3.98
CA MSE C 62 33.70 -72.69 5.32
C MSE C 62 32.36 -73.41 5.28
O MSE C 62 32.20 -74.49 5.86
CB MSE C 62 33.66 -71.50 6.29
CG MSE C 62 33.31 -71.90 7.71
SE MSE C 62 33.05 -70.38 8.85
CE MSE C 62 31.45 -69.62 8.01
N LEU C 63 31.39 -72.81 4.58
CA LEU C 63 30.10 -73.43 4.39
C LEU C 63 30.25 -74.79 3.70
N GLU C 64 31.02 -74.82 2.62
CA GLU C 64 31.25 -76.02 1.82
C GLU C 64 31.78 -77.20 2.64
N LYS C 65 32.71 -76.92 3.55
CA LYS C 65 33.39 -77.97 4.32
C LYS C 65 32.81 -78.25 5.71
N GLU C 66 32.29 -77.21 6.38
CA GLU C 66 31.80 -77.37 7.76
C GLU C 66 30.35 -77.86 7.90
N LYS C 67 29.51 -77.62 6.89
CA LYS C 67 28.08 -77.99 6.89
C LYS C 67 27.38 -77.63 8.18
N PRO C 68 27.41 -76.34 8.55
CA PRO C 68 26.76 -75.98 9.81
C PRO C 68 25.26 -76.22 9.77
N ASP C 69 24.68 -76.49 10.94
CA ASP C 69 23.23 -76.51 11.09
C ASP C 69 22.69 -75.09 11.36
N ILE C 70 23.54 -74.25 11.94
CA ILE C 70 23.22 -72.85 12.25
C ILE C 70 24.34 -71.94 11.76
N LEU C 71 23.96 -70.80 11.17
CA LEU C 71 24.90 -69.78 10.76
C LEU C 71 24.65 -68.46 11.49
N VAL C 72 25.75 -67.90 12.03
CA VAL C 72 25.68 -66.61 12.72
C VAL C 72 26.25 -65.56 11.78
N ILE C 73 25.40 -64.63 11.38
CA ILE C 73 25.82 -63.62 10.40
C ILE C 73 25.88 -62.24 11.06
N ASN C 74 27.06 -61.64 11.06
CA ASN C 74 27.25 -60.30 11.63
C ASN C 74 28.46 -59.66 11.06
N THR C 75 28.40 -59.37 9.78
CA THR C 75 29.50 -58.76 9.08
C THR C 75 29.09 -57.32 8.65
N VAL C 76 29.75 -56.79 7.61
CA VAL C 76 29.39 -55.52 6.97
C VAL C 76 27.86 -55.44 6.76
N PHE C 77 27.21 -54.40 7.30
CA PHE C 77 25.73 -54.38 7.34
C PHE C 77 25.03 -54.72 6.03
N SER C 78 25.47 -54.11 4.92
CA SER C 78 24.86 -54.38 3.61
C SER C 78 25.07 -55.82 3.10
N LEU C 79 26.10 -56.49 3.61
CA LEU C 79 26.40 -57.87 3.20
C LEU C 79 25.58 -58.86 4.00
N ASN C 80 25.08 -58.45 5.17
CA ASN C 80 24.34 -59.36 6.05
C ASN C 80 23.14 -60.01 5.36
N GLY C 81 22.41 -59.22 4.59
CA GLY C 81 21.22 -59.70 3.91
C GLY C 81 21.56 -60.65 2.77
N LYS C 82 22.68 -60.38 2.09
CA LYS C 82 23.13 -61.21 0.97
C LYS C 82 23.55 -62.60 1.45
N ILE C 83 24.30 -62.64 2.56
CA ILE C 83 24.71 -63.90 3.17
C ILE C 83 23.51 -64.60 3.80
N LEU C 84 22.54 -63.84 4.32
CA LEU C 84 21.33 -64.48 4.79
C LEU C 84 20.66 -65.21 3.61
N LEU C 85 20.68 -64.58 2.43
CA LEU C 85 20.07 -65.13 1.22
C LEU C 85 20.66 -66.52 0.92
N GLU C 86 21.98 -66.57 0.78
CA GLU C 86 22.74 -67.83 0.70
C GLU C 86 22.38 -68.89 1.73
N ALA C 87 22.41 -68.53 3.01
CA ALA C 87 22.12 -69.48 4.08
C ALA C 87 20.77 -70.13 3.88
N LEU C 88 19.80 -69.29 3.53
CA LEU C 88 18.41 -69.72 3.31
C LEU C 88 18.32 -70.65 2.10
N GLU C 89 19.00 -70.27 1.02
CA GLU C 89 19.07 -71.14 -0.15
C GLU C 89 19.60 -72.53 0.24
N ARG C 90 20.69 -72.57 1.00
CA ARG C 90 21.24 -73.85 1.45
C ARG C 90 20.49 -74.49 2.61
N LYS C 91 19.35 -73.90 2.99
CA LYS C 91 18.52 -74.42 4.10
C LYS C 91 19.26 -74.53 5.42
N ILE C 92 20.23 -73.64 5.64
CA ILE C 92 20.95 -73.52 6.92
C ILE C 92 20.22 -72.53 7.82
N HIS C 93 19.83 -72.96 9.03
CA HIS C 93 19.25 -72.00 9.98
C HIS C 93 20.19 -70.80 10.18
N ALA C 94 19.65 -69.60 10.29
CA ALA C 94 20.46 -68.40 10.41
C ALA C 94 20.02 -67.46 11.52
N PHE C 95 20.99 -66.94 12.25
CA PHE C 95 20.78 -65.95 13.27
C PHE C 95 21.56 -64.74 12.74
N VAL C 96 20.81 -63.70 12.31
CA VAL C 96 21.42 -62.58 11.54
C VAL C 96 21.29 -61.22 12.21
N GLU C 97 22.33 -60.41 12.10
CA GLU C 97 22.30 -59.04 12.62
C GLU C 97 21.25 -58.17 11.89
N LYS C 98 20.55 -57.31 12.65
CA LYS C 98 19.63 -56.30 12.10
C LYS C 98 20.42 -55.12 11.46
N PRO C 99 19.88 -54.48 10.41
CA PRO C 99 18.70 -54.85 9.65
C PRO C 99 19.05 -56.05 8.76
N ILE C 100 18.05 -56.86 8.42
CA ILE C 100 18.29 -58.10 7.64
C ILE C 100 18.57 -57.84 6.17
N ALA C 101 18.41 -56.60 5.73
CA ALA C 101 18.80 -56.12 4.38
C ALA C 101 18.93 -54.60 4.41
N THR C 102 19.71 -54.03 3.49
CA THR C 102 19.86 -52.59 3.47
C THR C 102 19.26 -51.95 2.24
N THR C 103 18.60 -52.76 1.40
CA THR C 103 17.88 -52.31 0.21
C THR C 103 16.60 -53.11 0.07
N PHE C 104 15.59 -52.55 -0.60
CA PHE C 104 14.33 -53.28 -0.85
C PHE C 104 14.55 -54.49 -1.73
N GLU C 105 15.49 -54.38 -2.66
CA GLU C 105 15.89 -55.47 -3.53
C GLU C 105 16.26 -56.71 -2.72
N ASP C 106 17.25 -56.54 -1.84
CA ASP C 106 17.76 -57.65 -1.02
C ASP C 106 16.70 -58.16 -0.08
N LEU C 107 15.86 -57.25 0.43
CA LEU C 107 14.78 -57.69 1.28
C LEU C 107 13.81 -58.56 0.47
N GLU C 108 13.57 -58.18 -0.78
CA GLU C 108 12.60 -58.86 -1.63
C GLU C 108 13.02 -60.32 -1.90
N LYS C 109 14.25 -60.50 -2.35
CA LYS C 109 14.84 -61.83 -2.49
C LYS C 109 14.71 -62.67 -1.21
N ILE C 110 14.91 -62.07 -0.05
CA ILE C 110 14.80 -62.81 1.23
C ILE C 110 13.38 -63.29 1.49
N ARG C 111 12.39 -62.40 1.32
CA ARG C 111 10.99 -62.75 1.52
C ARG C 111 10.56 -63.83 0.53
N SER C 112 11.04 -63.71 -0.70
CA SER C 112 10.77 -64.67 -1.76
C SER C 112 11.27 -66.09 -1.40
N VAL C 113 12.58 -66.21 -1.17
CA VAL C 113 13.20 -67.50 -0.88
C VAL C 113 12.64 -68.10 0.42
N TYR C 114 12.45 -67.26 1.43
CA TYR C 114 11.95 -67.76 2.69
C TYR C 114 10.53 -68.37 2.61
N GLN C 115 9.72 -67.92 1.64
CA GLN C 115 8.38 -68.50 1.49
C GLN C 115 8.45 -69.97 1.03
N LYS C 116 9.37 -70.25 0.09
CA LYS C 116 9.67 -71.61 -0.38
C LYS C 116 10.16 -72.54 0.74
N VAL C 117 11.14 -72.07 1.50
CA VAL C 117 11.83 -72.92 2.46
C VAL C 117 11.26 -72.84 3.88
N ARG C 118 10.22 -72.01 4.06
CA ARG C 118 9.65 -71.72 5.39
C ARG C 118 9.47 -72.92 6.33
N ASN C 119 9.26 -74.10 5.76
CA ASN C 119 8.86 -75.24 6.58
C ASN C 119 10.01 -76.13 7.07
N GLU C 120 11.19 -75.95 6.47
CA GLU C 120 12.38 -76.68 6.91
C GLU C 120 13.33 -75.81 7.76
N VAL C 121 13.59 -74.58 7.28
CA VAL C 121 14.60 -73.69 7.88
C VAL C 121 14.03 -72.47 8.59
N PHE C 122 14.60 -72.17 9.76
CA PHE C 122 14.29 -71.01 10.56
C PHE C 122 15.37 -69.93 10.37
N PHE C 123 14.97 -68.67 10.45
CA PHE C 123 15.93 -67.61 10.66
C PHE C 123 15.27 -66.54 11.52
N THR C 124 16.09 -65.76 12.20
CA THR C 124 15.60 -64.58 12.88
C THR C 124 16.76 -63.63 13.11
N ALA C 125 16.44 -62.37 13.42
CA ALA C 125 17.47 -61.33 13.57
C ALA C 125 17.79 -61.02 15.03
N MSE C 126 18.96 -60.43 15.28
CA MSE C 126 19.49 -60.26 16.65
C MSE C 126 18.76 -59.23 17.54
O MSE C 126 19.38 -58.29 18.03
CB MSE C 126 20.99 -59.94 16.62
CG MSE C 126 21.90 -61.09 16.15
SE MSE C 126 23.65 -60.62 15.95
CE MSE C 126 24.19 -61.93 14.86
N PHE C 127 17.46 -59.41 17.77
CA PHE C 127 16.74 -58.49 18.66
C PHE C 127 16.80 -58.91 20.15
N GLY C 128 18.00 -58.88 20.72
CA GLY C 128 18.24 -59.39 22.09
C GLY C 128 17.76 -58.49 23.20
N ILE C 129 17.59 -57.21 22.91
CA ILE C 129 17.13 -56.25 23.91
C ILE C 129 15.76 -56.65 24.48
N ARG C 130 14.92 -57.29 23.67
CA ARG C 130 13.61 -57.80 24.15
C ARG C 130 13.71 -58.62 25.43
N TYR C 131 14.82 -59.37 25.54
CA TYR C 131 15.02 -60.42 26.54
C TYR C 131 15.54 -59.91 27.88
N ARG C 132 15.82 -58.62 27.93
CA ARG C 132 16.26 -57.98 29.16
C ARG C 132 15.08 -57.82 30.14
N PRO C 133 15.35 -57.96 31.44
CA PRO C 133 14.33 -57.86 32.48
C PRO C 133 13.34 -56.69 32.26
N HIS C 134 13.83 -55.48 32.04
CA HIS C 134 12.95 -54.32 31.92
C HIS C 134 11.97 -54.41 30.74
N PHE C 135 12.42 -54.97 29.61
CA PHE C 135 11.57 -55.10 28.42
C PHE C 135 10.59 -56.25 28.50
N LEU C 136 11.05 -57.40 28.98
CA LEU C 136 10.15 -58.51 29.29
C LEU C 136 9.05 -58.07 30.26
N THR C 137 9.42 -57.32 31.28
CA THR C 137 8.47 -56.84 32.27
C THR C 137 7.41 -55.98 31.61
N ALA C 138 7.85 -55.03 30.77
CA ALA C 138 6.94 -54.09 30.09
C ALA C 138 5.94 -54.84 29.24
N LYS C 139 6.42 -55.80 28.46
CA LYS C 139 5.56 -56.62 27.63
C LYS C 139 4.52 -57.40 28.46
N LYS C 140 4.96 -57.93 29.61
CA LYS C 140 4.09 -58.73 30.47
C LYS C 140 2.96 -57.86 31.05
N LEU C 141 3.31 -56.70 31.57
CA LEU C 141 2.33 -55.73 32.07
C LEU C 141 1.29 -55.38 30.99
N VAL C 142 1.77 -55.06 29.79
CA VAL C 142 0.90 -54.67 28.68
C VAL C 142 -0.09 -55.79 28.41
N SER C 143 0.45 -56.99 28.21
CA SER C 143 -0.31 -58.20 27.91
C SER C 143 -1.35 -58.55 28.96
N GLU C 144 -1.09 -58.18 30.21
CA GLU C 144 -2.02 -58.44 31.28
C GLU C 144 -3.00 -57.29 31.55
N GLY C 145 -2.95 -56.26 30.68
CA GLY C 145 -3.94 -55.19 30.68
C GLY C 145 -3.70 -54.00 31.61
N ALA C 146 -2.47 -53.86 32.09
CA ALA C 146 -2.14 -52.82 33.08
C ALA C 146 -2.30 -51.40 32.55
N VAL C 147 -2.16 -51.20 31.23
CA VAL C 147 -2.36 -49.86 30.63
C VAL C 147 -3.70 -49.75 29.89
N GLY C 148 -4.43 -50.87 29.85
CA GLY C 148 -5.65 -50.97 29.08
C GLY C 148 -5.32 -51.05 27.60
N GLU C 149 -6.06 -50.31 26.78
CA GLU C 149 -5.73 -50.22 25.36
C GLU C 149 -4.68 -49.11 25.09
N ILE C 150 -3.71 -49.47 24.25
CA ILE C 150 -2.60 -48.59 23.90
C ILE C 150 -3.07 -47.49 22.94
N ARG C 151 -2.70 -46.25 23.23
CA ARG C 151 -3.01 -45.08 22.38
C ARG C 151 -1.76 -44.43 21.78
N LEU C 152 -0.64 -44.51 22.49
CA LEU C 152 0.51 -43.70 22.17
C LEU C 152 1.76 -44.38 22.72
N VAL C 153 2.81 -44.47 21.89
CA VAL C 153 4.11 -44.99 22.30
C VAL C 153 5.24 -43.98 22.00
N ASN C 154 6.07 -43.68 23.00
CA ASN C 154 7.30 -42.93 22.76
C ASN C 154 8.49 -43.82 22.95
N THR C 155 9.44 -43.74 22.02
CA THR C 155 10.66 -44.50 22.13
C THR C 155 11.87 -43.62 21.87
N GLN C 156 12.98 -43.96 22.53
CA GLN C 156 14.22 -43.21 22.42
C GLN C 156 15.39 -44.17 22.25
N LYS C 157 16.24 -43.89 21.25
CA LYS C 157 17.53 -44.53 21.11
C LYS C 157 18.59 -43.44 21.19
N SER C 158 19.54 -43.65 22.11
CA SER C 158 20.68 -42.75 22.27
C SER C 158 21.97 -43.54 22.52
N TYR C 159 22.87 -43.54 21.54
CA TYR C 159 24.13 -44.24 21.64
C TYR C 159 25.35 -43.28 21.67
N LYS C 160 26.41 -43.72 22.34
CA LYS C 160 27.73 -43.13 22.16
C LYS C 160 28.23 -43.53 20.77
N LEU C 161 28.75 -42.58 20.03
CA LEU C 161 29.25 -42.85 18.70
C LEU C 161 30.69 -43.39 18.74
N GLY C 162 31.65 -42.52 19.01
CA GLY C 162 33.07 -42.89 19.05
C GLY C 162 33.56 -43.46 17.73
N GLN C 163 34.71 -44.14 17.78
CA GLN C 163 35.28 -44.78 16.58
C GLN C 163 34.45 -45.98 16.12
N ARG C 164 34.31 -46.10 14.80
CA ARG C 164 33.54 -47.17 14.18
C ARG C 164 34.30 -47.65 12.94
N PRO C 165 34.07 -48.92 12.53
CA PRO C 165 34.70 -49.38 11.29
C PRO C 165 34.37 -48.46 10.12
N ASP C 166 35.29 -48.34 9.18
CA ASP C 166 35.14 -47.43 8.04
C ASP C 166 33.87 -47.68 7.22
N PHE C 167 33.35 -48.91 7.24
CA PHE C 167 32.15 -49.22 6.44
C PHE C 167 30.87 -48.51 6.93
N TYR C 168 30.93 -47.92 8.13
CA TYR C 168 29.83 -47.10 8.70
C TYR C 168 29.64 -45.80 7.93
N LYS C 169 30.67 -45.42 7.17
CA LYS C 169 30.77 -44.06 6.64
C LYS C 169 30.14 -43.86 5.26
N LYS C 170 29.80 -44.97 4.61
CA LYS C 170 29.10 -44.93 3.33
C LYS C 170 27.74 -45.56 3.50
N ARG C 171 26.70 -44.88 3.02
CA ARG C 171 25.35 -45.44 2.97
C ARG C 171 25.31 -46.87 2.42
N GLU C 172 26.01 -47.10 1.30
CA GLU C 172 25.96 -48.39 0.58
C GLU C 172 26.33 -49.57 1.48
N THR C 173 27.29 -49.36 2.36
CA THR C 173 27.75 -50.41 3.28
C THR C 173 27.04 -50.32 4.64
N TYR C 174 26.80 -49.08 5.08
CA TYR C 174 26.17 -48.83 6.39
C TYR C 174 24.66 -49.12 6.45
N GLY C 175 23.91 -48.68 5.45
CA GLY C 175 22.45 -48.85 5.45
C GLY C 175 21.68 -47.71 6.12
N GLY C 176 22.37 -46.85 6.88
CA GLY C 176 21.74 -45.73 7.55
C GLY C 176 21.49 -45.92 9.05
N THR C 177 21.42 -44.81 9.77
CA THR C 177 21.21 -44.84 11.20
C THR C 177 19.80 -45.27 11.62
N ILE C 178 18.79 -44.90 10.83
CA ILE C 178 17.43 -45.36 11.08
C ILE C 178 17.34 -46.90 11.06
N PRO C 179 17.83 -47.55 9.98
CA PRO C 179 17.82 -49.01 10.04
C PRO C 179 18.76 -49.65 11.06
N TRP C 180 19.90 -48.99 11.39
CA TRP C 180 20.87 -49.59 12.33
C TRP C 180 20.48 -49.41 13.82
N VAL C 181 20.34 -48.17 14.24
CA VAL C 181 20.00 -47.85 15.62
C VAL C 181 18.49 -47.92 15.83
N GLY C 182 17.72 -47.34 14.91
CA GLY C 182 16.27 -47.21 15.07
C GLY C 182 15.49 -48.51 15.04
N ILE C 183 16.01 -49.51 14.34
CA ILE C 183 15.27 -50.75 14.17
C ILE C 183 14.95 -51.42 15.52
N HIS C 184 15.84 -51.26 16.52
CA HIS C 184 15.58 -51.80 17.85
C HIS C 184 14.23 -51.35 18.37
N ALA C 185 13.98 -50.05 18.30
CA ALA C 185 12.74 -49.45 18.80
C ALA C 185 11.52 -49.75 17.90
N ILE C 186 11.77 -49.92 16.60
CA ILE C 186 10.69 -50.26 15.70
C ILE C 186 10.20 -51.65 16.13
N ASP C 187 11.15 -52.53 16.44
CA ASP C 187 10.81 -53.82 16.99
C ASP C 187 10.05 -53.69 18.31
N TRP C 188 10.53 -52.87 19.25
CA TRP C 188 9.79 -52.71 20.51
C TRP C 188 8.32 -52.36 20.31
N ILE C 189 8.07 -51.41 19.40
CA ILE C 189 6.72 -50.94 19.13
C ILE C 189 5.88 -52.04 18.50
N HIS C 190 6.42 -52.69 17.47
CA HIS C 190 5.73 -53.83 16.84
C HIS C 190 5.35 -54.92 17.87
N TRP C 191 6.35 -55.30 18.68
CA TRP C 191 6.22 -56.34 19.68
C TRP C 191 5.24 -55.97 20.81
N ILE C 192 5.40 -54.79 21.38
CA ILE C 192 4.53 -54.33 22.47
C ILE C 192 3.07 -54.02 22.03
N THR C 193 2.89 -53.39 20.88
CA THR C 193 1.54 -53.00 20.45
C THR C 193 0.80 -54.15 19.77
N GLY C 194 1.53 -55.01 19.07
CA GLY C 194 0.92 -56.08 18.28
C GLY C 194 0.11 -55.52 17.11
N LYS C 195 0.34 -54.26 16.77
CA LYS C 195 -0.39 -53.60 15.71
C LYS C 195 0.44 -53.37 14.44
N LYS C 196 -0.24 -53.29 13.31
CA LYS C 196 0.42 -53.04 12.03
C LYS C 196 0.71 -51.56 11.84
N PHE C 197 1.75 -51.29 11.07
CA PHE C 197 2.25 -49.96 10.80
C PHE C 197 1.64 -49.50 9.47
N LEU C 198 0.93 -48.36 9.49
CA LEU C 198 0.28 -47.87 8.28
C LEU C 198 1.21 -46.93 7.51
N SER C 199 1.85 -46.00 8.21
CA SER C 199 2.69 -45.01 7.54
C SER C 199 3.81 -44.43 8.41
N VAL C 200 4.81 -43.85 7.77
CA VAL C 200 5.87 -43.25 8.52
C VAL C 200 6.21 -41.91 7.93
N TYR C 201 6.45 -40.95 8.82
CA TYR C 201 7.12 -39.73 8.42
C TYR C 201 8.41 -39.60 9.23
N ALA C 202 9.54 -39.46 8.53
CA ALA C 202 10.81 -39.43 9.22
C ALA C 202 11.74 -38.39 8.62
N THR C 203 12.65 -37.92 9.46
CA THR C 203 13.73 -37.08 9.00
C THR C 203 15.01 -37.56 9.69
N HIS C 204 16.15 -37.24 9.09
CA HIS C 204 17.45 -37.47 9.69
C HIS C 204 18.44 -36.39 9.26
N SER C 205 19.53 -36.27 10.01
CA SER C 205 20.57 -35.29 9.71
C SER C 205 21.96 -35.89 9.90
N ARG C 206 22.86 -35.62 8.95
CA ARG C 206 24.25 -36.06 9.06
C ARG C 206 25.24 -34.95 9.44
N LEU C 207 24.69 -33.81 9.87
CA LEU C 207 25.49 -32.68 10.34
C LEU C 207 26.19 -33.04 11.64
N HIS C 208 27.43 -32.57 11.77
CA HIS C 208 28.26 -32.83 12.96
C HIS C 208 28.38 -34.31 13.27
N ASN C 209 28.78 -35.11 12.27
CA ASN C 209 28.93 -36.55 12.49
C ASN C 209 30.38 -36.98 12.76
N SER C 210 31.23 -35.99 13.03
CA SER C 210 32.63 -36.21 13.45
C SER C 210 33.42 -37.13 12.51
N GLY C 211 33.44 -36.76 11.23
CA GLY C 211 34.24 -37.46 10.24
C GLY C 211 33.61 -38.76 9.80
N HIS C 212 32.37 -39.01 10.20
CA HIS C 212 31.71 -40.29 9.86
C HIS C 212 31.01 -40.32 8.50
N GLY C 213 31.39 -39.38 7.64
CA GLY C 213 30.98 -39.39 6.23
C GLY C 213 29.48 -39.22 6.05
N GLU C 214 28.84 -40.27 5.53
CA GLU C 214 27.41 -40.27 5.25
C GLU C 214 26.52 -40.72 6.42
N LEU C 215 27.10 -41.03 7.56
CA LEU C 215 26.33 -41.51 8.75
C LEU C 215 25.45 -40.43 9.39
N GLU C 216 24.19 -40.75 9.67
CA GLU C 216 23.26 -39.76 10.27
C GLU C 216 23.45 -39.75 11.78
N THR C 217 23.59 -38.57 12.37
CA THR C 217 23.77 -38.43 13.83
C THR C 217 22.46 -38.30 14.61
N THR C 218 21.40 -37.93 13.91
CA THR C 218 20.09 -37.69 14.53
C THR C 218 19.01 -38.08 13.57
N ALA C 219 17.86 -38.43 14.13
CA ALA C 219 16.72 -38.83 13.34
C ALA C 219 15.49 -38.84 14.23
N LEU C 220 14.34 -38.61 13.60
CA LEU C 220 13.08 -38.59 14.30
C LEU C 220 12.05 -39.20 13.38
N CYS C 221 11.30 -40.19 13.88
CA CYS C 221 10.28 -40.86 13.10
C CYS C 221 8.95 -40.75 13.78
N HIS C 222 7.92 -40.46 12.99
CA HIS C 222 6.54 -40.48 13.44
C HIS C 222 5.86 -41.68 12.73
N PHE C 223 5.32 -42.61 13.49
CA PHE C 223 4.58 -43.75 12.91
C PHE C 223 3.10 -43.67 13.20
N THR C 224 2.30 -43.94 12.17
CA THR C 224 0.87 -44.18 12.37
C THR C 224 0.58 -45.70 12.33
N LEU C 225 -0.03 -46.22 13.39
CA LEU C 225 -0.41 -47.64 13.49
C LEU C 225 -1.94 -47.83 13.43
N GLU C 226 -2.42 -49.08 13.30
CA GLU C 226 -3.89 -49.35 13.35
C GLU C 226 -4.53 -48.68 14.56
N ASN C 227 -5.85 -48.42 14.47
CA ASN C 227 -6.63 -47.89 15.59
C ASN C 227 -6.17 -46.48 16.02
N GLU C 228 -5.60 -45.74 15.08
CA GLU C 228 -5.09 -44.38 15.31
C GLU C 228 -4.14 -44.32 16.49
N VAL C 229 -3.25 -45.31 16.55
CA VAL C 229 -2.17 -45.37 17.55
C VAL C 229 -0.96 -44.73 16.93
N PHE C 230 -0.36 -43.77 17.62
CA PHE C 230 0.84 -43.12 17.12
C PHE C 230 2.06 -43.55 17.93
N ALA C 231 3.20 -43.64 17.24
CA ALA C 231 4.48 -44.01 17.83
C ALA C 231 5.57 -43.03 17.38
N SER C 232 6.29 -42.46 18.35
CA SER C 232 7.44 -41.58 18.08
C SER C 232 8.72 -42.32 18.38
N LEU C 233 9.77 -41.97 17.65
CA LEU C 233 11.05 -42.60 17.78
C LEU C 233 12.10 -41.51 17.59
N SER C 234 12.73 -41.14 18.71
CA SER C 234 13.85 -40.21 18.70
C SER C 234 15.17 -40.99 18.70
N ILE C 235 16.05 -40.74 17.72
CA ILE C 235 17.29 -41.49 17.58
C ILE C 235 18.43 -40.51 17.54
N ASP C 236 19.45 -40.73 18.37
CA ASP C 236 20.68 -39.98 18.20
C ASP C 236 21.94 -40.81 18.45
N TYR C 237 23.01 -40.38 17.80
CA TYR C 237 24.36 -40.83 18.12
C TYR C 237 25.11 -39.73 18.88
N LEU C 238 24.44 -39.08 19.82
CA LEU C 238 25.00 -37.90 20.48
C LEU C 238 25.06 -38.05 22.00
N ARG C 239 24.95 -39.29 22.48
CA ARG C 239 25.22 -39.57 23.88
C ARG C 239 26.69 -39.21 24.12
N PRO C 240 26.94 -38.14 24.91
CA PRO C 240 28.32 -37.62 25.05
C PRO C 240 29.28 -38.69 25.59
N GLN C 241 30.52 -38.69 25.11
CA GLN C 241 31.53 -39.69 25.56
C GLN C 241 31.62 -39.83 27.09
N GLY C 242 31.47 -38.70 27.81
CA GLY C 242 31.47 -38.69 29.27
C GLY C 242 30.28 -39.28 30.02
N ALA C 243 29.31 -39.84 29.30
CA ALA C 243 28.12 -40.42 29.95
C ALA C 243 28.43 -41.75 30.63
N PRO C 244 27.69 -42.09 31.72
CA PRO C 244 27.78 -43.31 32.53
C PRO C 244 27.81 -44.64 31.77
N THR C 245 26.95 -44.78 30.76
CA THR C 245 26.85 -46.02 29.97
C THR C 245 26.79 -45.70 28.47
N HIS C 246 26.80 -46.73 27.63
CA HIS C 246 26.88 -46.50 26.19
C HIS C 246 25.52 -46.18 25.55
N ASP C 247 24.44 -46.43 26.28
CA ASP C 247 23.08 -46.33 25.76
C ASP C 247 22.13 -45.62 26.72
N ASP C 248 21.04 -45.08 26.18
CA ASP C 248 19.95 -44.53 26.99
C ASP C 248 18.68 -44.87 26.20
N ASP C 249 18.26 -46.13 26.31
CA ASP C 249 17.05 -46.66 25.69
C ASP C 249 15.84 -46.25 26.54
N ARG C 250 14.75 -45.82 25.90
CA ARG C 250 13.51 -45.47 26.61
C ARG C 250 12.27 -45.87 25.84
N MSE C 251 11.22 -46.15 26.60
CA MSE C 251 9.93 -46.42 26.03
C MSE C 251 8.87 -45.97 27.01
O MSE C 251 9.00 -46.16 28.21
CB MSE C 251 9.78 -47.89 25.72
CG MSE C 251 8.56 -48.19 24.91
SE MSE C 251 8.51 -50.07 24.47
CE MSE C 251 7.33 -49.99 22.93
N ARG C 252 7.85 -45.30 26.49
CA ARG C 252 6.73 -44.90 27.29
C ARG C 252 5.48 -45.32 26.54
N ILE C 253 4.65 -46.12 27.21
CA ILE C 253 3.45 -46.67 26.63
C ILE C 253 2.24 -46.03 27.33
N VAL C 254 1.46 -45.28 26.56
CA VAL C 254 0.30 -44.56 27.09
C VAL C 254 -0.96 -45.28 26.68
N GLY C 255 -1.74 -45.74 27.66
CA GLY C 255 -2.96 -46.47 27.38
C GLY C 255 -4.17 -45.80 27.98
N THR C 256 -5.34 -46.40 27.72
CA THR C 256 -6.63 -45.96 28.29
C THR C 256 -6.70 -46.02 29.82
N ARG C 257 -5.99 -46.96 30.43
CA ARG C 257 -6.10 -47.16 31.88
C ARG C 257 -4.83 -46.81 32.66
N GLY C 258 -3.68 -46.80 31.98
CA GLY C 258 -2.45 -46.44 32.65
C GLY C 258 -1.28 -46.17 31.72
N ILE C 259 -0.13 -45.88 32.32
CA ILE C 259 1.10 -45.65 31.58
C ILE C 259 2.24 -46.50 32.13
N VAL C 260 2.87 -47.28 31.24
CA VAL C 260 4.11 -47.98 31.58
C VAL C 260 5.31 -47.23 31.01
N GLU C 261 6.31 -47.00 31.86
CA GLU C 261 7.56 -46.44 31.38
C GLU C 261 8.76 -47.36 31.59
N VAL C 262 9.63 -47.39 30.58
CA VAL C 262 10.93 -48.08 30.65
C VAL C 262 12.05 -47.03 30.56
N ILE C 263 12.71 -46.80 31.69
CA ILE C 263 13.79 -45.82 31.75
C ILE C 263 14.87 -46.30 32.71
N ASN C 264 16.14 -46.17 32.30
CA ASN C 264 17.25 -46.54 33.16
C ASN C 264 17.24 -48.01 33.51
N GLU C 265 16.82 -48.85 32.55
CA GLU C 265 16.62 -50.29 32.73
C GLU C 265 15.67 -50.65 33.91
N ARG C 266 14.79 -49.71 34.24
CA ARG C 266 13.77 -49.94 35.25
C ARG C 266 12.38 -49.65 34.68
N VAL C 267 11.35 -50.26 35.28
CA VAL C 267 9.97 -50.15 34.81
C VAL C 267 9.06 -49.49 35.85
N PHE C 268 8.20 -48.59 35.37
CA PHE C 268 7.31 -47.84 36.25
C PHE C 268 5.88 -47.87 35.71
N LEU C 269 4.92 -47.90 36.62
CA LEU C 269 3.52 -47.95 36.25
C LEU C 269 2.68 -46.94 37.03
N THR C 270 1.87 -46.21 36.29
CA THR C 270 0.91 -45.28 36.84
C THR C 270 -0.43 -45.72 36.31
N ASP C 271 -1.42 -45.76 37.20
CA ASP C 271 -2.76 -46.19 36.79
C ASP C 271 -3.78 -45.54 37.71
N GLU C 272 -5.02 -46.04 37.68
CA GLU C 272 -6.12 -45.51 38.52
C GLU C 272 -5.74 -45.56 40.00
N LYS C 273 -4.96 -46.56 40.36
CA LYS C 273 -4.61 -46.81 41.76
C LYS C 273 -3.48 -45.92 42.25
N GLY C 274 -2.39 -45.84 41.50
CA GLY C 274 -1.26 -44.97 41.86
C GLY C 274 -0.06 -45.14 40.93
N HIS C 275 1.10 -44.68 41.40
CA HIS C 275 2.38 -44.74 40.68
C HIS C 275 3.40 -45.57 41.45
N ARG C 276 4.11 -46.45 40.75
CA ARG C 276 5.13 -47.27 41.43
C ARG C 276 6.15 -47.87 40.48
N GLU C 277 7.32 -48.21 41.02
CA GLU C 277 8.27 -49.04 40.30
C GLU C 277 7.80 -50.49 40.31
N VAL C 278 7.85 -51.15 39.16
CA VAL C 278 7.49 -52.56 39.06
C VAL C 278 8.75 -53.40 39.23
N PRO C 279 8.70 -54.44 40.10
CA PRO C 279 9.83 -55.38 40.14
C PRO C 279 9.93 -56.11 38.82
N LEU C 280 11.15 -56.37 38.37
CA LEU C 280 11.38 -56.91 37.06
C LEU C 280 11.23 -58.44 37.04
N VAL C 281 10.83 -58.99 35.90
CA VAL C 281 10.79 -60.44 35.77
C VAL C 281 12.15 -61.06 35.44
N GLU C 282 12.14 -62.38 35.39
CA GLU C 282 13.25 -63.20 34.95
C GLU C 282 13.75 -62.81 33.56
N LYS C 283 15.04 -62.48 33.44
CA LYS C 283 15.63 -62.26 32.11
C LYS C 283 15.47 -63.51 31.23
N GLY C 284 15.72 -63.34 29.93
CA GLY C 284 15.66 -64.45 28.97
C GLY C 284 16.92 -64.34 28.16
N GLN C 285 17.05 -65.11 27.08
CA GLN C 285 18.26 -65.05 26.28
C GLN C 285 17.95 -65.42 24.85
N ILE C 286 18.17 -64.48 23.93
CA ILE C 286 17.71 -64.67 22.55
C ILE C 286 18.16 -65.98 21.90
N PHE C 287 19.40 -66.37 22.13
CA PHE C 287 19.92 -67.54 21.43
C PHE C 287 19.44 -68.86 22.05
N GLU C 288 19.17 -68.84 23.35
CA GLU C 288 18.48 -69.95 24.03
C GLU C 288 17.05 -70.17 23.48
N ASP C 289 16.35 -69.06 23.21
CA ASP C 289 15.02 -69.10 22.56
C ASP C 289 15.15 -69.66 21.15
N PHE C 290 16.20 -69.25 20.45
CA PHE C 290 16.48 -69.67 19.09
C PHE C 290 16.73 -71.19 19.02
N LEU C 291 17.45 -71.73 20.01
CA LEU C 291 17.79 -73.15 20.02
C LEU C 291 16.57 -74.00 20.37
N ARG C 292 15.78 -73.52 21.33
CA ARG C 292 14.51 -74.16 21.62
C ARG C 292 13.66 -74.30 20.36
N GLU C 293 13.65 -73.25 19.53
CA GLU C 293 12.95 -73.31 18.24
C GLU C 293 13.56 -74.40 17.35
N ILE C 294 14.88 -74.41 17.21
CA ILE C 294 15.57 -75.35 16.32
C ILE C 294 15.34 -76.79 16.76
N ARG C 295 15.22 -76.99 18.07
CA ARG C 295 15.06 -78.31 18.66
C ARG C 295 13.60 -78.63 19.00
N GLY C 296 12.67 -78.00 18.30
CA GLY C 296 11.23 -78.18 18.54
C GLY C 296 10.83 -78.14 20.00
N GLN C 297 11.64 -77.53 20.85
CA GLN C 297 11.32 -77.41 22.26
C GLN C 297 10.42 -76.20 22.55
N GLY C 298 10.23 -75.35 21.54
CA GLY C 298 9.43 -74.14 21.71
C GLY C 298 9.51 -73.20 20.53
N LYS C 299 8.88 -72.04 20.70
CA LYS C 299 8.82 -71.04 19.64
C LYS C 299 9.65 -69.83 20.03
N CYS C 300 10.55 -69.44 19.15
CA CYS C 300 11.33 -68.21 19.36
C CYS C 300 10.44 -66.96 19.19
N MSE C 301 10.30 -66.16 20.24
CA MSE C 301 9.42 -64.98 20.21
C MSE C 301 9.81 -63.91 19.19
O MSE C 301 8.99 -63.04 18.88
CB MSE C 301 9.28 -64.34 21.59
CG MSE C 301 10.40 -63.39 21.94
SE MSE C 301 9.73 -62.28 23.34
CE MSE C 301 11.39 -61.82 24.26
N VAL C 302 11.05 -63.95 18.70
CA VAL C 302 11.40 -63.15 17.54
C VAL C 302 11.24 -64.02 16.29
N THR C 303 10.08 -63.88 15.65
CA THR C 303 9.75 -64.66 14.46
C THR C 303 10.52 -64.15 13.23
N PRO C 304 10.67 -65.00 12.20
CA PRO C 304 11.27 -64.50 10.95
C PRO C 304 10.36 -63.44 10.28
N GLU C 305 9.05 -63.55 10.53
CA GLU C 305 8.07 -62.57 10.07
C GLU C 305 8.36 -61.22 10.71
N ASP C 306 8.45 -61.20 12.05
CA ASP C 306 8.93 -60.01 12.78
C ASP C 306 10.16 -59.42 12.08
N SER C 307 11.15 -60.27 11.82
CA SER C 307 12.45 -59.83 11.31
C SER C 307 12.35 -59.21 9.91
N ILE C 308 11.50 -59.77 9.06
CA ILE C 308 11.23 -59.20 7.74
C ILE C 308 10.53 -57.83 7.87
N LEU C 309 9.47 -57.81 8.66
CA LEU C 309 8.62 -56.65 8.81
C LEU C 309 9.34 -55.43 9.42
N THR C 310 10.08 -55.64 10.51
CA THR C 310 10.78 -54.53 11.14
C THR C 310 11.85 -53.95 10.25
N THR C 311 12.50 -54.82 9.47
CA THR C 311 13.45 -54.33 8.47
C THR C 311 12.72 -53.53 7.37
N GLU C 312 11.55 -54.01 6.95
CA GLU C 312 10.80 -53.28 5.93
C GLU C 312 10.42 -51.88 6.41
N ILE C 313 9.88 -51.81 7.62
CA ILE C 313 9.51 -50.55 8.25
C ILE C 313 10.71 -49.61 8.38
N ALA C 314 11.85 -50.13 8.83
CA ALA C 314 13.06 -49.31 8.92
C ALA C 314 13.48 -48.72 7.58
N LEU C 315 13.48 -49.55 6.52
CA LEU C 315 13.82 -49.05 5.15
C LEU C 315 12.81 -48.00 4.65
N LYS C 316 11.52 -48.22 4.93
CA LYS C 316 10.44 -47.28 4.61
C LYS C 316 10.67 -45.96 5.33
N ALA C 317 11.02 -46.05 6.63
CA ALA C 317 11.33 -44.86 7.42
C ALA C 317 12.54 -44.13 6.85
N ARG C 318 13.55 -44.89 6.44
CA ARG C 318 14.74 -44.28 5.85
C ARG C 318 14.38 -43.61 4.50
N LEU C 319 13.54 -44.27 3.70
CA LEU C 319 13.08 -43.65 2.43
C LEU C 319 12.37 -42.31 2.68
N SER C 320 11.49 -42.30 3.67
CA SER C 320 10.81 -41.06 4.09
C SER C 320 11.79 -39.94 4.37
N ALA C 321 12.78 -40.25 5.20
CA ALA C 321 13.77 -39.26 5.60
C ALA C 321 14.63 -38.86 4.40
N ASP C 322 14.88 -39.80 3.50
CA ASP C 322 15.64 -39.47 2.29
C ASP C 322 14.86 -38.57 1.32
N THR C 323 13.56 -38.71 1.23
CA THR C 323 12.82 -38.04 0.17
C THR C 323 12.03 -36.85 0.66
N GLY C 324 11.86 -36.72 1.98
CA GLY C 324 11.07 -35.64 2.55
C GLY C 324 9.57 -35.92 2.47
N GLN C 325 9.18 -37.17 2.22
CA GLN C 325 7.77 -37.49 2.05
C GLN C 325 7.28 -38.51 3.06
N ILE C 326 5.99 -38.46 3.33
CA ILE C 326 5.29 -39.49 4.08
C ILE C 326 5.28 -40.77 3.24
N VAL C 327 5.56 -41.90 3.87
CA VAL C 327 5.68 -43.14 3.11
C VAL C 327 4.69 -44.12 3.70
N LEU C 328 3.97 -44.81 2.82
CA LEU C 328 3.01 -45.79 3.27
C LEU C 328 3.69 -47.12 3.51
N ILE C 329 3.37 -47.74 4.62
CA ILE C 329 3.92 -49.06 4.94
C ILE C 329 2.96 -50.17 4.47
N GLU C 330 1.70 -50.11 4.92
CA GLU C 330 0.69 -51.14 4.58
C GLU C 330 0.31 -51.16 3.11
N GLY C 331 -0.24 -52.29 2.66
CA GLY C 331 -0.54 -52.51 1.25
C GLY C 331 0.73 -52.49 0.43
N SER D 2 -1.11 3.29 39.62
CA SER D 2 -2.25 2.42 40.05
C SER D 2 -2.97 1.90 38.81
N LEU D 3 -3.14 0.58 38.74
CA LEU D 3 -3.66 -0.06 37.55
C LEU D 3 -4.95 -0.81 37.83
N LYS D 4 -5.99 -0.49 37.05
CA LYS D 4 -7.28 -1.16 37.19
C LYS D 4 -7.39 -2.37 36.26
N ILE D 5 -7.66 -3.52 36.86
CA ILE D 5 -7.75 -4.78 36.10
C ILE D 5 -9.18 -5.31 36.09
N CYS D 6 -9.66 -5.68 34.90
CA CYS D 6 -10.89 -6.46 34.77
C CYS D 6 -10.60 -7.85 34.24
N VAL D 7 -11.46 -8.80 34.61
CA VAL D 7 -11.29 -10.20 34.21
C VAL D 7 -12.52 -10.65 33.42
N ILE D 8 -12.28 -11.22 32.24
CA ILE D 8 -13.36 -11.85 31.49
C ILE D 8 -13.16 -13.34 31.46
N GLY D 9 -14.13 -14.06 32.02
CA GLY D 9 -14.10 -15.51 32.03
C GLY D 9 -13.49 -16.11 33.29
N SER D 10 -13.68 -17.42 33.41
CA SER D 10 -13.15 -18.20 34.51
C SER D 10 -12.79 -19.59 34.03
N SER D 11 -12.43 -19.70 32.75
CA SER D 11 -12.23 -21.00 32.10
C SER D 11 -10.77 -21.27 31.76
N GLY D 12 -9.89 -20.41 32.24
CA GLY D 12 -8.46 -20.52 31.96
C GLY D 12 -7.62 -20.24 33.20
N HIS D 13 -6.36 -19.91 32.99
CA HIS D 13 -5.43 -19.88 34.12
C HIS D 13 -5.39 -18.49 34.73
N PHE D 14 -6.55 -17.99 35.15
CA PHE D 14 -6.62 -16.65 35.72
C PHE D 14 -5.68 -16.52 36.94
N ARG D 15 -5.42 -17.64 37.61
CA ARG D 15 -4.53 -17.64 38.78
C ARG D 15 -3.14 -17.04 38.50
N TYR D 16 -2.66 -17.14 37.26
CA TYR D 16 -1.43 -16.46 36.86
C TYR D 16 -1.52 -14.96 37.15
N ALA D 17 -2.70 -14.37 36.90
CA ALA D 17 -2.89 -12.97 37.20
C ALA D 17 -3.00 -12.72 38.71
N LEU D 18 -3.86 -13.48 39.39
CA LEU D 18 -4.10 -13.30 40.82
C LEU D 18 -2.80 -13.35 41.62
N GLU D 19 -1.99 -14.38 41.38
CA GLU D 19 -0.72 -14.59 42.06
C GLU D 19 0.40 -13.62 41.66
N GLY D 20 0.12 -12.69 40.74
CA GLY D 20 1.12 -11.74 40.31
C GLY D 20 0.77 -10.33 40.71
N LEU D 21 -0.35 -10.20 41.43
CA LEU D 21 -0.88 -8.90 41.84
C LEU D 21 0.00 -8.24 42.90
N ASP D 22 0.07 -6.92 42.85
CA ASP D 22 0.81 -6.17 43.85
C ASP D 22 -0.06 -5.07 44.42
N GLU D 23 0.62 -4.09 45.04
CA GLU D 23 0.04 -2.97 45.76
C GLU D 23 -0.77 -2.05 44.87
N GLU D 24 -0.20 -1.75 43.70
CA GLU D 24 -0.74 -0.80 42.74
C GLU D 24 -1.67 -1.45 41.71
N CYS D 25 -2.25 -2.61 42.05
CA CYS D 25 -3.27 -3.27 41.23
C CYS D 25 -4.57 -3.35 41.97
N SER D 26 -5.65 -3.27 41.21
CA SER D 26 -6.95 -3.65 41.73
C SER D 26 -7.78 -4.30 40.65
N ILE D 27 -8.42 -5.40 41.01
CA ILE D 27 -9.42 -6.02 40.17
C ILE D 27 -10.76 -5.38 40.48
N THR D 28 -11.20 -4.47 39.61
CA THR D 28 -12.44 -3.72 39.77
C THR D 28 -13.68 -4.39 39.14
N GLY D 29 -13.46 -5.31 38.19
CA GLY D 29 -14.58 -5.93 37.47
C GLY D 29 -14.38 -7.37 37.09
N ILE D 30 -15.46 -8.15 37.12
CA ILE D 30 -15.47 -9.48 36.54
C ILE D 30 -16.72 -9.65 35.70
N ALA D 31 -16.63 -10.48 34.66
CA ALA D 31 -17.76 -10.76 33.76
C ALA D 31 -17.53 -12.09 33.06
N PRO D 32 -18.63 -12.85 32.79
CA PRO D 32 -18.43 -14.03 31.94
C PRO D 32 -18.14 -13.55 30.52
N GLY D 33 -17.56 -14.39 29.69
CA GLY D 33 -17.39 -14.05 28.28
C GLY D 33 -18.57 -14.50 27.44
N VAL D 34 -19.24 -15.57 27.86
CA VAL D 34 -20.44 -16.07 27.19
C VAL D 34 -21.57 -16.17 28.19
N PRO D 35 -22.83 -16.08 27.71
CA PRO D 35 -24.00 -16.12 28.61
C PRO D 35 -23.89 -17.10 29.79
N GLU D 36 -23.70 -18.38 29.52
CA GLU D 36 -23.88 -19.36 30.58
C GLU D 36 -22.61 -19.68 31.40
N GLU D 37 -21.50 -18.99 31.13
CA GLU D 37 -20.18 -19.37 31.71
C GLU D 37 -20.16 -19.49 33.24
N ASP D 38 -19.69 -20.64 33.70
CA ASP D 38 -19.53 -20.87 35.13
C ASP D 38 -18.34 -20.07 35.69
N LEU D 39 -18.63 -19.04 36.49
CA LEU D 39 -17.59 -18.19 37.09
C LEU D 39 -17.13 -18.62 38.49
N SER D 40 -17.55 -19.82 38.93
CA SER D 40 -17.30 -20.30 40.29
C SER D 40 -15.85 -20.26 40.73
N LYS D 41 -14.96 -20.88 39.95
CA LYS D 41 -13.55 -20.93 40.32
C LYS D 41 -12.99 -19.53 40.55
N LEU D 42 -13.34 -18.59 39.69
CA LEU D 42 -12.81 -17.23 39.82
C LEU D 42 -13.41 -16.50 41.02
N GLU D 43 -14.71 -16.66 41.23
CA GLU D 43 -15.37 -16.04 42.38
C GLU D 43 -14.80 -16.58 43.70
N LYS D 44 -14.58 -17.88 43.78
CA LYS D 44 -13.98 -18.48 44.97
C LYS D 44 -12.58 -17.94 45.24
N ALA D 45 -11.78 -17.83 44.19
CA ALA D 45 -10.41 -17.33 44.29
C ALA D 45 -10.35 -15.88 44.79
N ILE D 46 -11.27 -15.04 44.34
CA ILE D 46 -11.25 -13.62 44.75
C ILE D 46 -11.79 -13.35 46.16
N SER D 47 -12.78 -14.13 46.61
CA SER D 47 -13.31 -13.90 47.95
C SER D 47 -12.20 -14.17 48.95
N GLU D 48 -11.53 -15.31 48.76
CA GLU D 48 -10.39 -15.75 49.59
C GLU D 48 -9.19 -14.80 49.66
N MSE D 49 -9.10 -13.86 48.72
CA MSE D 49 -8.06 -12.83 48.80
C MSE D 49 -8.63 -11.50 49.32
O MSE D 49 -7.96 -10.46 49.26
CB MSE D 49 -7.37 -12.63 47.44
CG MSE D 49 -6.63 -13.86 46.90
SE MSE D 49 -6.13 -13.62 45.03
CE MSE D 49 -4.70 -12.30 45.23
N ASN D 50 -9.86 -11.55 49.84
CA ASN D 50 -10.59 -10.38 50.37
C ASN D 50 -10.71 -9.25 49.33
N ILE D 51 -10.79 -9.65 48.07
CA ILE D 51 -10.95 -8.70 46.98
C ILE D 51 -12.39 -8.82 46.44
N LYS D 52 -13.04 -7.67 46.28
CA LYS D 52 -14.48 -7.60 46.06
C LYS D 52 -14.80 -6.71 44.84
N PRO D 53 -14.71 -7.28 43.62
CA PRO D 53 -14.94 -6.49 42.43
C PRO D 53 -16.42 -6.44 42.06
N LYS D 54 -16.80 -5.50 41.19
CA LYS D 54 -18.16 -5.45 40.67
C LYS D 54 -18.35 -6.55 39.61
N LYS D 55 -19.43 -7.30 39.74
CA LYS D 55 -19.74 -8.36 38.80
C LYS D 55 -20.72 -7.90 37.72
N TYR D 56 -20.34 -8.07 36.46
CA TYR D 56 -21.14 -7.64 35.32
C TYR D 56 -21.66 -8.84 34.54
N ASN D 57 -22.91 -8.75 34.14
CA ASN D 57 -23.50 -9.71 33.24
C ASN D 57 -22.91 -9.62 31.83
N ASN D 58 -22.62 -8.39 31.43
CA ASN D 58 -22.23 -8.05 30.08
C ASN D 58 -20.78 -7.53 30.08
N TRP D 59 -19.86 -8.31 29.50
CA TRP D 59 -18.47 -7.89 29.47
C TRP D 59 -18.23 -6.52 28.79
N TRP D 60 -19.01 -6.23 27.77
CA TRP D 60 -18.91 -4.96 27.04
C TRP D 60 -19.21 -3.78 27.97
N GLU D 61 -20.22 -3.97 28.80
CA GLU D 61 -20.70 -2.92 29.65
C GLU D 61 -19.66 -2.68 30.71
N MSE D 62 -19.07 -3.77 31.21
CA MSE D 62 -17.96 -3.72 32.14
C MSE D 62 -16.78 -2.89 31.60
O MSE D 62 -16.19 -2.10 32.34
CB MSE D 62 -17.50 -5.14 32.51
CG MSE D 62 -16.38 -5.19 33.56
SE MSE D 62 -15.56 -6.89 33.77
CE MSE D 62 -14.82 -7.10 31.95
N LEU D 63 -16.45 -3.06 30.32
CA LEU D 63 -15.43 -2.23 29.65
C LEU D 63 -15.78 -0.76 29.67
N GLU D 64 -16.98 -0.43 29.20
CA GLU D 64 -17.46 0.94 29.12
C GLU D 64 -17.52 1.63 30.48
N LYS D 65 -17.93 0.92 31.52
CA LYS D 65 -18.08 1.53 32.86
C LYS D 65 -16.82 1.53 33.73
N GLU D 66 -16.04 0.45 33.68
CA GLU D 66 -14.87 0.31 34.55
C GLU D 66 -13.56 0.86 33.96
N LYS D 67 -13.54 1.09 32.64
CA LYS D 67 -12.35 1.66 31.97
C LYS D 67 -11.01 1.00 32.38
N PRO D 68 -10.91 -0.34 32.31
CA PRO D 68 -9.72 -0.98 32.89
C PRO D 68 -8.45 -0.65 32.10
N ASP D 69 -7.32 -0.69 32.78
CA ASP D 69 -5.99 -0.54 32.17
C ASP D 69 -5.56 -1.87 31.51
N ILE D 70 -5.95 -2.97 32.15
CA ILE D 70 -5.57 -4.32 31.77
C ILE D 70 -6.82 -5.20 31.77
N LEU D 71 -6.90 -6.08 30.77
CA LEU D 71 -7.93 -7.09 30.70
C LEU D 71 -7.29 -8.47 30.75
N VAL D 72 -7.77 -9.30 31.67
CA VAL D 72 -7.39 -10.69 31.74
C VAL D 72 -8.49 -11.45 31.01
N ILE D 73 -8.12 -12.13 29.92
CA ILE D 73 -9.09 -12.79 29.06
C ILE D 73 -8.92 -14.29 29.15
N ASN D 74 -9.90 -14.97 29.75
CA ASN D 74 -9.87 -16.43 29.87
C ASN D 74 -11.26 -17.05 29.89
N THR D 75 -11.90 -17.04 28.71
CA THR D 75 -13.27 -17.52 28.58
C THR D 75 -13.27 -18.74 27.63
N VAL D 76 -14.41 -19.06 27.03
CA VAL D 76 -14.44 -20.13 26.02
C VAL D 76 -13.27 -19.89 25.04
N PHE D 77 -12.55 -20.95 24.72
CA PHE D 77 -11.25 -20.80 24.05
C PHE D 77 -11.35 -20.04 22.71
N SER D 78 -12.32 -20.40 21.86
CA SER D 78 -12.52 -19.71 20.57
C SER D 78 -12.78 -18.21 20.72
N LEU D 79 -13.48 -17.85 21.79
CA LEU D 79 -13.80 -16.47 22.08
C LEU D 79 -12.61 -15.64 22.58
N ASN D 80 -11.58 -16.28 23.13
CA ASN D 80 -10.47 -15.53 23.70
C ASN D 80 -9.87 -14.56 22.69
N GLY D 81 -9.56 -15.07 21.50
CA GLY D 81 -9.01 -14.24 20.45
C GLY D 81 -9.94 -13.14 19.96
N LYS D 82 -11.24 -13.44 19.91
CA LYS D 82 -12.24 -12.46 19.48
C LYS D 82 -12.32 -11.30 20.47
N ILE D 83 -12.26 -11.58 21.77
CA ILE D 83 -12.29 -10.51 22.75
C ILE D 83 -10.95 -9.78 22.76
N LEU D 84 -9.86 -10.53 22.55
CA LEU D 84 -8.54 -9.90 22.46
C LEU D 84 -8.53 -8.82 21.38
N LEU D 85 -9.06 -9.16 20.20
CA LEU D 85 -9.13 -8.24 19.08
C LEU D 85 -9.82 -6.95 19.54
N GLU D 86 -10.96 -7.11 20.23
CA GLU D 86 -11.71 -5.97 20.69
CA GLU D 86 -11.69 -5.94 20.70
C GLU D 86 -10.92 -5.13 21.70
N ALA D 87 -10.15 -5.81 22.55
CA ALA D 87 -9.34 -5.09 23.55
C ALA D 87 -8.23 -4.26 22.89
N LEU D 88 -7.67 -4.80 21.80
CA LEU D 88 -6.55 -4.19 21.11
C LEU D 88 -7.04 -2.97 20.33
N GLU D 89 -8.18 -3.11 19.67
CA GLU D 89 -8.79 -1.97 18.99
C GLU D 89 -9.06 -0.81 19.95
N ARG D 90 -9.34 -1.12 21.22
CA ARG D 90 -9.60 -0.09 22.22
C ARG D 90 -8.39 0.30 23.02
N LYS D 91 -7.23 -0.25 22.65
CA LYS D 91 -5.97 0.07 23.32
C LYS D 91 -5.92 -0.28 24.80
N ILE D 92 -6.61 -1.36 25.15
CA ILE D 92 -6.57 -1.91 26.50
C ILE D 92 -5.53 -3.03 26.52
N HIS D 93 -4.55 -2.95 27.41
CA HIS D 93 -3.56 -4.03 27.56
C HIS D 93 -4.28 -5.35 27.88
N ALA D 94 -3.76 -6.46 27.39
CA ALA D 94 -4.44 -7.73 27.60
C ALA D 94 -3.49 -8.86 27.94
N PHE D 95 -3.88 -9.64 28.94
CA PHE D 95 -3.20 -10.86 29.34
C PHE D 95 -4.18 -11.97 28.97
N VAL D 96 -3.88 -12.73 27.93
CA VAL D 96 -4.91 -13.60 27.32
C VAL D 96 -4.51 -15.06 27.39
N GLU D 97 -5.46 -15.93 27.71
CA GLU D 97 -5.23 -17.37 27.65
C GLU D 97 -4.81 -17.82 26.24
N LYS D 98 -3.96 -18.84 26.18
CA LYS D 98 -3.52 -19.45 24.93
C LYS D 98 -4.55 -20.52 24.54
N PRO D 99 -4.67 -20.84 23.24
CA PRO D 99 -4.10 -20.16 22.07
C PRO D 99 -4.82 -18.83 21.90
N ILE D 100 -4.15 -17.84 21.30
CA ILE D 100 -4.74 -16.52 21.19
C ILE D 100 -5.78 -16.47 20.09
N ALA D 101 -5.90 -17.56 19.33
CA ALA D 101 -6.93 -17.66 18.31
C ALA D 101 -7.14 -19.11 18.00
N THR D 102 -8.37 -19.48 17.62
CA THR D 102 -8.61 -20.89 17.26
C THR D 102 -8.82 -21.10 15.75
N THR D 103 -8.70 -20.00 15.00
CA THR D 103 -8.82 -20.06 13.52
C THR D 103 -7.77 -19.13 12.96
N PHE D 104 -7.32 -19.41 11.74
CA PHE D 104 -6.37 -18.52 11.04
C PHE D 104 -6.95 -17.13 10.85
N GLU D 105 -8.24 -17.06 10.53
CA GLU D 105 -8.86 -15.75 10.29
C GLU D 105 -8.89 -14.90 11.56
N ASP D 106 -9.23 -15.50 12.72
CA ASP D 106 -9.10 -14.72 13.98
C ASP D 106 -7.67 -14.28 14.21
N LEU D 107 -6.71 -15.16 13.88
CA LEU D 107 -5.30 -14.85 14.11
C LEU D 107 -4.84 -13.69 13.22
N GLU D 108 -5.25 -13.74 11.95
CA GLU D 108 -4.93 -12.68 11.03
C GLU D 108 -5.52 -11.33 11.46
N LYS D 109 -6.75 -11.31 11.97
CA LYS D 109 -7.31 -10.04 12.49
C LYS D 109 -6.47 -9.47 13.64
N ILE D 110 -6.01 -10.32 14.54
CA ILE D 110 -5.15 -9.90 15.63
C ILE D 110 -3.83 -9.36 15.05
N ARG D 111 -3.22 -10.12 14.14
CA ARG D 111 -1.93 -9.74 13.57
C ARG D 111 -2.06 -8.36 12.90
N SER D 112 -3.14 -8.16 12.15
CA SER D 112 -3.37 -6.92 11.41
C SER D 112 -3.66 -5.70 12.32
N VAL D 113 -4.51 -5.86 13.33
CA VAL D 113 -4.78 -4.79 14.30
C VAL D 113 -3.57 -4.50 15.21
N TYR D 114 -2.85 -5.54 15.64
CA TYR D 114 -1.71 -5.34 16.50
C TYR D 114 -0.58 -4.56 15.82
N GLN D 115 -0.38 -4.75 14.51
CA GLN D 115 0.68 -4.02 13.85
C GLN D 115 0.38 -2.51 13.78
N LYS D 116 -0.90 -2.15 13.85
CA LYS D 116 -1.36 -0.76 13.95
C LYS D 116 -1.16 -0.12 15.33
N VAL D 117 -1.52 -0.84 16.38
CA VAL D 117 -1.57 -0.25 17.75
C VAL D 117 -0.39 -0.62 18.65
N ARG D 118 0.57 -1.38 18.12
CA ARG D 118 1.62 -2.01 18.95
C ARG D 118 2.54 -1.07 19.72
N ASN D 119 2.54 0.21 19.38
CA ASN D 119 3.36 1.16 20.12
C ASN D 119 2.59 1.78 21.29
N GLU D 120 1.31 1.45 21.39
CA GLU D 120 0.48 2.04 22.43
C GLU D 120 -0.16 1.02 23.36
N VAL D 121 -0.15 -0.25 22.98
CA VAL D 121 -0.80 -1.28 23.79
C VAL D 121 0.02 -2.56 23.77
N PHE D 122 0.07 -3.25 24.90
CA PHE D 122 0.79 -4.50 25.02
C PHE D 122 -0.21 -5.64 25.24
N PHE D 123 0.10 -6.81 24.70
CA PHE D 123 -0.63 -8.02 25.09
C PHE D 123 0.34 -9.17 25.08
N THR D 124 0.01 -10.20 25.85
CA THR D 124 0.72 -11.45 25.72
C THR D 124 -0.13 -12.57 26.26
N ALA D 125 0.23 -13.80 25.88
CA ALA D 125 -0.54 -14.96 26.23
C ALA D 125 -0.01 -15.60 27.51
N MSE D 126 -0.83 -16.43 28.13
CA MSE D 126 -0.53 -17.03 29.45
C MSE D 126 0.47 -18.19 29.44
O MSE D 126 0.13 -19.28 29.92
CB MSE D 126 -1.84 -17.48 30.13
CG MSE D 126 -2.81 -16.34 30.54
SE MSE D 126 -4.32 -16.98 31.33
CE MSE D 126 -4.98 -15.41 31.86
N PHE D 127 1.67 -17.97 28.93
CA PHE D 127 2.70 -19.02 28.96
C PHE D 127 3.48 -19.02 30.31
N GLY D 128 2.74 -19.32 31.37
CA GLY D 128 3.27 -19.31 32.73
C GLY D 128 4.31 -20.36 33.06
N ILE D 129 4.29 -21.49 32.35
CA ILE D 129 5.18 -22.60 32.66
C ILE D 129 6.67 -22.26 32.48
N ARG D 130 6.96 -21.27 31.62
CA ARG D 130 8.32 -20.81 31.33
C ARG D 130 9.04 -20.34 32.60
N TYR D 131 8.24 -19.81 33.53
CA TYR D 131 8.72 -19.12 34.72
C TYR D 131 8.92 -20.09 35.88
N ARG D 132 8.71 -21.37 35.67
CA ARG D 132 8.95 -22.35 36.71
C ARG D 132 10.44 -22.69 36.77
N PRO D 133 10.96 -22.92 38.01
CA PRO D 133 12.42 -23.03 38.19
C PRO D 133 13.07 -24.00 37.24
N HIS D 134 12.44 -25.15 37.01
CA HIS D 134 13.02 -26.14 36.13
C HIS D 134 13.16 -25.63 34.69
N PHE D 135 12.20 -24.83 34.22
CA PHE D 135 12.29 -24.29 32.85
C PHE D 135 13.24 -23.10 32.73
N LEU D 136 13.22 -22.21 33.70
CA LEU D 136 14.17 -21.11 33.72
C LEU D 136 15.62 -21.64 33.74
N THR D 137 15.83 -22.73 34.48
CA THR D 137 17.14 -23.38 34.58
C THR D 137 17.58 -23.99 33.23
N ALA D 138 16.68 -24.73 32.57
CA ALA D 138 17.02 -25.32 31.27
C ALA D 138 17.38 -24.23 30.28
N LYS D 139 16.65 -23.13 30.33
CA LYS D 139 16.93 -21.98 29.48
C LYS D 139 18.36 -21.44 29.69
N LYS D 140 18.66 -21.08 30.93
CA LYS D 140 19.97 -20.58 31.33
C LYS D 140 21.09 -21.53 30.86
N LEU D 141 20.96 -22.81 31.16
CA LEU D 141 21.94 -23.81 30.76
C LEU D 141 22.20 -23.80 29.26
N VAL D 142 21.12 -23.88 28.48
CA VAL D 142 21.25 -23.86 27.04
C VAL D 142 21.86 -22.55 26.59
N SER D 143 21.37 -21.44 27.17
CA SER D 143 21.89 -20.09 26.86
C SER D 143 23.40 -19.95 27.03
N GLU D 144 23.94 -20.64 28.03
CA GLU D 144 25.36 -20.53 28.38
C GLU D 144 26.22 -21.64 27.75
N GLY D 145 25.62 -22.45 26.89
CA GLY D 145 26.41 -23.36 26.07
C GLY D 145 26.48 -24.79 26.55
N ALA D 146 25.78 -25.09 27.65
CA ALA D 146 25.79 -26.44 28.24
C ALA D 146 25.61 -27.63 27.26
N VAL D 147 24.88 -27.44 26.17
CA VAL D 147 24.70 -28.56 25.24
C VAL D 147 25.39 -28.29 23.93
N GLY D 148 26.02 -27.12 23.84
CA GLY D 148 26.66 -26.69 22.62
C GLY D 148 25.56 -26.34 21.64
N GLU D 149 25.73 -26.77 20.40
CA GLU D 149 24.76 -26.52 19.35
C GLU D 149 23.63 -27.58 19.37
N ILE D 150 22.39 -27.13 19.56
CA ILE D 150 21.19 -27.97 19.58
C ILE D 150 21.00 -28.74 18.28
N ARG D 151 20.67 -30.03 18.39
CA ARG D 151 20.47 -30.86 17.23
C ARG D 151 19.08 -31.49 17.21
N LEU D 152 18.55 -31.75 18.40
CA LEU D 152 17.33 -32.51 18.57
C LEU D 152 16.65 -32.16 19.91
N VAL D 153 15.32 -32.03 19.87
CA VAL D 153 14.54 -31.67 21.06
C VAL D 153 13.33 -32.58 21.16
N ASN D 154 13.13 -33.18 22.33
CA ASN D 154 11.93 -33.99 22.55
C ASN D 154 11.14 -33.28 23.64
N THR D 155 9.81 -33.23 23.46
CA THR D 155 8.93 -32.60 24.44
C THR D 155 7.70 -33.47 24.68
N GLN D 156 7.13 -33.31 25.86
CA GLN D 156 5.98 -34.09 26.30
C GLN D 156 5.04 -33.22 27.13
N LYS D 157 3.75 -33.32 26.81
CA LYS D 157 2.68 -32.82 27.68
C LYS D 157 1.78 -34.01 28.01
N SER D 158 1.42 -34.13 29.27
CA SER D 158 0.53 -35.18 29.72
C SER D 158 -0.28 -34.63 30.87
N TYR D 159 -1.58 -34.50 30.64
CA TYR D 159 -2.52 -33.98 31.63
C TYR D 159 -3.59 -34.99 32.00
N LYS D 160 -4.15 -34.79 33.20
CA LYS D 160 -5.35 -35.49 33.64
C LYS D 160 -6.54 -34.81 33.02
N LEU D 161 -7.40 -35.59 32.38
CA LEU D 161 -8.57 -35.02 31.73
C LEU D 161 -9.66 -34.67 32.74
N GLY D 162 -10.35 -35.69 33.25
CA GLY D 162 -11.48 -35.49 34.16
C GLY D 162 -12.65 -34.70 33.56
N GLN D 163 -13.45 -34.08 34.43
CA GLN D 163 -14.63 -33.34 33.99
C GLN D 163 -14.29 -31.91 33.56
N ARG D 164 -14.88 -31.47 32.46
CA ARG D 164 -14.55 -30.16 31.87
C ARG D 164 -15.82 -29.44 31.47
N PRO D 165 -15.75 -28.10 31.30
CA PRO D 165 -16.95 -27.44 30.79
C PRO D 165 -17.36 -28.01 29.43
N ASP D 166 -18.62 -27.84 29.09
CA ASP D 166 -19.18 -28.44 27.89
C ASP D 166 -18.46 -27.97 26.61
N PHE D 167 -18.03 -26.71 26.60
CA PHE D 167 -17.39 -26.14 25.40
C PHE D 167 -16.12 -26.89 24.93
N TYR D 168 -15.56 -27.74 25.80
CA TYR D 168 -14.45 -28.62 25.40
C TYR D 168 -14.89 -29.67 24.38
N LYS D 169 -16.20 -29.95 24.34
CA LYS D 169 -16.73 -31.06 23.54
C LYS D 169 -16.88 -30.77 22.04
N LYS D 170 -16.81 -29.50 21.65
CA LYS D 170 -16.97 -29.12 20.24
C LYS D 170 -15.71 -28.41 19.76
N ARG D 171 -15.19 -28.85 18.61
CA ARG D 171 -14.01 -28.24 18.01
C ARG D 171 -14.16 -26.73 17.84
N GLU D 172 -15.35 -26.34 17.42
CA GLU D 172 -15.75 -24.96 17.23
C GLU D 172 -15.39 -24.06 18.43
N THR D 173 -15.57 -24.56 19.65
CA THR D 173 -15.39 -23.71 20.85
C THR D 173 -14.09 -24.07 21.60
N TYR D 174 -13.65 -25.31 21.43
CA TYR D 174 -12.47 -25.84 22.11
C TYR D 174 -11.15 -25.47 21.41
N GLY D 175 -11.15 -25.57 20.08
CA GLY D 175 -9.97 -25.26 19.26
C GLY D 175 -9.04 -26.44 19.02
N GLY D 176 -9.25 -27.54 19.76
CA GLY D 176 -8.42 -28.74 19.63
C GLY D 176 -7.34 -28.89 20.71
N THR D 177 -6.90 -30.12 20.94
CA THR D 177 -5.89 -30.44 21.96
C THR D 177 -4.47 -29.97 21.57
N ILE D 178 -4.14 -30.03 20.27
CA ILE D 178 -2.85 -29.49 19.82
C ILE D 178 -2.68 -28.00 20.21
N PRO D 179 -3.63 -27.13 19.84
CA PRO D 179 -3.49 -25.73 20.30
C PRO D 179 -3.77 -25.49 21.80
N TRP D 180 -4.61 -26.32 22.44
CA TRP D 180 -4.87 -26.10 23.88
C TRP D 180 -3.70 -26.59 24.77
N VAL D 181 -3.30 -27.84 24.57
CA VAL D 181 -2.31 -28.48 25.45
C VAL D 181 -0.93 -28.36 24.81
N GLY D 182 -0.85 -28.66 23.52
CA GLY D 182 0.42 -28.73 22.85
C GLY D 182 1.17 -27.41 22.71
N ILE D 183 0.43 -26.31 22.72
CA ILE D 183 1.06 -25.00 22.50
C ILE D 183 2.11 -24.58 23.57
N HIS D 184 1.91 -24.98 24.83
CA HIS D 184 2.96 -24.82 25.85
C HIS D 184 4.32 -25.29 25.35
N ALA D 185 4.37 -26.49 24.79
CA ALA D 185 5.60 -27.12 24.36
C ALA D 185 6.15 -26.49 23.06
N ILE D 186 5.26 -26.00 22.20
CA ILE D 186 5.69 -25.28 20.99
C ILE D 186 6.45 -24.02 21.39
N ASP D 187 5.93 -23.34 22.40
CA ASP D 187 6.60 -22.21 23.03
C ASP D 187 7.97 -22.59 23.65
N TRP D 188 8.03 -23.68 24.42
CA TRP D 188 9.34 -24.14 24.96
C TRP D 188 10.38 -24.30 23.83
N ILE D 189 9.95 -24.90 22.72
CA ILE D 189 10.86 -25.19 21.60
C ILE D 189 11.32 -23.87 20.98
N HIS D 190 10.37 -22.96 20.74
CA HIS D 190 10.66 -21.65 20.18
C HIS D 190 11.62 -20.86 21.08
N TRP D 191 11.28 -20.76 22.36
CA TRP D 191 12.06 -20.04 23.37
C TRP D 191 13.46 -20.66 23.58
N ILE D 192 13.54 -21.97 23.84
CA ILE D 192 14.84 -22.59 24.08
C ILE D 192 15.75 -22.64 22.85
N THR D 193 15.20 -22.85 21.66
CA THR D 193 16.07 -23.01 20.51
C THR D 193 16.37 -21.69 19.81
N GLY D 194 15.43 -20.73 19.89
CA GLY D 194 15.50 -19.50 19.12
C GLY D 194 15.54 -19.76 17.62
N LYS D 195 15.15 -20.94 17.18
CA LYS D 195 15.14 -21.18 15.74
C LYS D 195 13.76 -21.04 15.12
N LYS D 196 13.72 -20.76 13.83
CA LYS D 196 12.44 -20.72 13.13
C LYS D 196 11.95 -22.14 12.87
N PHE D 197 10.64 -22.30 12.87
CA PHE D 197 10.01 -23.55 12.48
C PHE D 197 9.85 -23.50 10.96
N LEU D 198 10.18 -24.60 10.29
CA LEU D 198 10.02 -24.69 8.84
C LEU D 198 8.81 -25.51 8.41
N SER D 199 8.50 -26.58 9.16
CA SER D 199 7.38 -27.46 8.82
C SER D 199 6.95 -28.32 9.98
N VAL D 200 5.75 -28.86 9.85
CA VAL D 200 5.18 -29.71 10.86
C VAL D 200 4.42 -30.81 10.17
N TYR D 201 4.54 -32.01 10.72
CA TYR D 201 3.66 -33.12 10.43
C TYR D 201 3.12 -33.54 11.78
N ALA D 202 1.79 -33.62 11.88
CA ALA D 202 1.14 -33.96 13.14
C ALA D 202 -0.04 -34.94 12.93
N THR D 203 -0.38 -35.68 13.99
CA THR D 203 -1.56 -36.52 13.99
C THR D 203 -2.27 -36.38 15.32
N HIS D 204 -3.56 -36.65 15.36
CA HIS D 204 -4.26 -36.66 16.63
C HIS D 204 -5.41 -37.66 16.60
N SER D 205 -5.91 -38.03 17.76
CA SER D 205 -7.00 -38.99 17.84
C SER D 205 -7.95 -38.62 18.96
N ARG D 206 -9.24 -38.69 18.65
CA ARG D 206 -10.27 -38.53 19.68
C ARG D 206 -10.86 -39.84 20.24
N LEU D 207 -10.36 -40.99 19.78
CA LEU D 207 -10.80 -42.30 20.31
C LEU D 207 -10.55 -42.47 21.81
N HIS D 208 -11.53 -43.11 22.48
CA HIS D 208 -11.52 -43.35 23.93
C HIS D 208 -11.32 -42.05 24.70
N ASN D 209 -12.18 -41.07 24.47
CA ASN D 209 -12.04 -39.78 25.15
C ASN D 209 -13.01 -39.60 26.30
N SER D 210 -13.56 -40.71 26.80
CA SER D 210 -14.45 -40.72 27.96
C SER D 210 -15.58 -39.72 27.82
N GLY D 211 -16.31 -39.80 26.71
CA GLY D 211 -17.46 -38.92 26.53
C GLY D 211 -17.11 -37.43 26.47
N HIS D 212 -15.92 -37.10 25.97
CA HIS D 212 -15.54 -35.69 25.79
C HIS D 212 -15.76 -35.18 24.37
N GLY D 213 -16.63 -35.88 23.62
CA GLY D 213 -17.15 -35.41 22.35
C GLY D 213 -16.04 -35.34 21.32
N GLU D 214 -15.79 -34.15 20.77
CA GLU D 214 -14.79 -34.01 19.72
C GLU D 214 -13.33 -33.79 20.20
N LEU D 215 -13.14 -33.70 21.51
CA LEU D 215 -11.81 -33.50 22.08
C LEU D 215 -10.85 -34.65 21.76
N GLU D 216 -9.64 -34.30 21.30
CA GLU D 216 -8.57 -35.26 20.99
C GLU D 216 -7.81 -35.66 22.26
N THR D 217 -7.67 -36.97 22.49
CA THR D 217 -6.98 -37.43 23.70
C THR D 217 -5.50 -37.59 23.47
N THR D 218 -5.11 -37.83 22.23
CA THR D 218 -3.71 -38.00 21.89
C THR D 218 -3.33 -37.19 20.66
N ALA D 219 -2.08 -36.76 20.64
CA ALA D 219 -1.51 -36.09 19.48
C ALA D 219 0.00 -36.28 19.45
N LEU D 220 0.53 -36.37 18.25
CA LEU D 220 1.95 -36.46 18.05
C LEU D 220 2.38 -35.49 16.92
N CYS D 221 3.28 -34.56 17.24
CA CYS D 221 3.83 -33.60 16.27
C CYS D 221 5.34 -33.77 16.05
N HIS D 222 5.72 -33.68 14.78
CA HIS D 222 7.09 -33.73 14.32
C HIS D 222 7.41 -32.37 13.65
N PHE D 223 8.37 -31.62 14.22
CA PHE D 223 8.74 -30.31 13.68
C PHE D 223 10.11 -30.35 13.03
N THR D 224 10.25 -29.68 11.88
CA THR D 224 11.58 -29.40 11.33
C THR D 224 11.87 -27.92 11.54
N LEU D 225 13.03 -27.65 12.11
CA LEU D 225 13.48 -26.31 12.37
C LEU D 225 14.74 -25.99 11.54
N GLU D 226 15.20 -24.73 11.60
CA GLU D 226 16.42 -24.32 10.94
C GLU D 226 17.59 -25.20 11.36
N ASN D 227 18.55 -25.37 10.43
CA ASN D 227 19.81 -26.07 10.66
C ASN D 227 19.58 -27.56 10.92
N GLU D 228 18.53 -28.08 10.27
CA GLU D 228 18.16 -29.51 10.32
C GLU D 228 17.96 -29.97 11.76
N VAL D 229 17.55 -29.06 12.63
CA VAL D 229 17.12 -29.41 13.97
C VAL D 229 15.68 -29.98 13.93
N PHE D 230 15.50 -31.12 14.59
CA PHE D 230 14.18 -31.74 14.67
C PHE D 230 13.63 -31.66 16.07
N ALA D 231 12.31 -31.55 16.17
CA ALA D 231 11.67 -31.47 17.48
C ALA D 231 10.39 -32.30 17.52
N SER D 232 10.30 -33.18 18.52
CA SER D 232 9.09 -33.98 18.72
C SER D 232 8.23 -33.44 19.85
N LEU D 233 6.93 -33.68 19.74
CA LEU D 233 6.00 -33.29 20.77
C LEU D 233 4.93 -34.35 20.87
N SER D 234 4.90 -34.97 22.05
CA SER D 234 3.95 -36.02 22.37
C SER D 234 2.96 -35.43 23.36
N ILE D 235 1.68 -35.52 23.02
CA ILE D 235 0.63 -34.88 23.80
C ILE D 235 -0.39 -35.95 24.14
N ASP D 236 -0.82 -35.98 25.39
CA ASP D 236 -1.94 -36.83 25.78
C ASP D 236 -2.72 -36.22 26.94
N TYR D 237 -4.00 -36.59 26.99
CA TYR D 237 -4.88 -36.25 28.09
C TYR D 237 -5.17 -37.54 28.87
N LEU D 238 -4.15 -38.41 28.95
CA LEU D 238 -4.30 -39.72 29.53
C LEU D 238 -3.46 -39.90 30.82
N ARG D 239 -3.07 -38.80 31.45
CA ARG D 239 -2.47 -38.90 32.77
C ARG D 239 -3.53 -39.53 33.73
N PRO D 240 -3.23 -40.72 34.28
CA PRO D 240 -4.19 -41.47 35.10
C PRO D 240 -4.45 -40.77 36.43
N GLN D 241 -5.55 -41.10 37.08
CA GLN D 241 -5.95 -40.40 38.31
C GLN D 241 -4.97 -40.62 39.50
N GLY D 242 -4.28 -41.75 39.49
CA GLY D 242 -3.34 -42.09 40.53
C GLY D 242 -1.96 -41.48 40.36
N ALA D 243 -1.80 -40.57 39.39
CA ALA D 243 -0.56 -39.83 39.25
C ALA D 243 -0.52 -38.84 40.39
N PRO D 244 0.70 -38.56 40.93
CA PRO D 244 0.76 -37.64 42.08
C PRO D 244 0.37 -36.20 41.74
N THR D 245 0.42 -35.83 40.45
CA THR D 245 0.15 -34.45 40.02
C THR D 245 -0.76 -34.44 38.78
N HIS D 246 -1.27 -33.26 38.44
CA HIS D 246 -2.15 -33.14 37.27
C HIS D 246 -1.37 -33.15 35.94
N ASP D 247 -0.04 -33.01 36.01
CA ASP D 247 0.79 -32.79 34.79
C ASP D 247 2.07 -33.62 34.76
N ASP D 248 2.55 -33.91 33.55
CA ASP D 248 3.85 -34.53 33.40
C ASP D 248 4.60 -33.89 32.21
N ASP D 249 5.12 -32.68 32.47
CA ASP D 249 5.91 -31.92 31.50
C ASP D 249 7.34 -32.47 31.37
N ARG D 250 7.74 -32.79 30.15
CA ARG D 250 9.13 -33.20 29.90
C ARG D 250 9.75 -32.49 28.71
N MSE D 251 11.06 -32.30 28.79
CA MSE D 251 11.85 -31.77 27.68
C MSE D 251 13.25 -32.34 27.73
O MSE D 251 13.86 -32.38 28.81
CB MSE D 251 11.87 -30.24 27.70
CG MSE D 251 12.51 -29.60 26.45
SE MSE D 251 12.34 -27.66 26.53
CE MSE D 251 12.90 -27.23 24.71
N ARG D 252 13.74 -32.77 26.58
CA ARG D 252 15.10 -33.23 26.41
C ARG D 252 15.68 -32.43 25.26
N ILE D 253 16.84 -31.81 25.50
CA ILE D 253 17.54 -30.98 24.53
C ILE D 253 18.89 -31.61 24.26
N VAL D 254 19.07 -32.07 23.03
CA VAL D 254 20.26 -32.81 22.64
C VAL D 254 21.10 -31.93 21.73
N GLY D 255 22.32 -31.66 22.17
CA GLY D 255 23.27 -30.82 21.43
C GLY D 255 24.59 -31.53 21.10
N THR D 256 25.49 -30.82 20.44
CA THR D 256 26.77 -31.39 20.02
C THR D 256 27.69 -31.65 21.23
N ARG D 257 27.49 -30.89 22.30
CA ARG D 257 28.35 -30.98 23.48
C ARG D 257 27.73 -31.80 24.59
N GLY D 258 26.41 -31.72 24.76
CA GLY D 258 25.74 -32.27 25.93
C GLY D 258 24.24 -32.42 25.78
N ILE D 259 23.60 -32.83 26.86
CA ILE D 259 22.15 -33.10 26.87
C ILE D 259 21.56 -32.60 28.18
N VAL D 260 20.54 -31.74 28.03
CA VAL D 260 19.77 -31.24 29.16
C VAL D 260 18.37 -31.87 29.17
N GLU D 261 17.96 -32.32 30.35
CA GLU D 261 16.66 -32.94 30.51
C GLU D 261 15.86 -32.34 31.67
N VAL D 262 14.66 -31.89 31.33
CA VAL D 262 13.68 -31.44 32.28
C VAL D 262 12.66 -32.56 32.40
N ILE D 263 12.53 -33.10 33.62
CA ILE D 263 11.68 -34.23 33.94
C ILE D 263 11.35 -34.18 35.45
N ASN D 264 10.12 -34.54 35.81
CA ASN D 264 9.62 -34.44 37.18
C ASN D 264 10.01 -33.15 37.91
N GLU D 265 9.95 -32.02 37.20
CA GLU D 265 10.22 -30.69 37.76
C GLU D 265 11.68 -30.48 38.18
N ARG D 266 12.55 -31.32 37.66
CA ARG D 266 13.98 -31.27 37.94
C ARG D 266 14.75 -31.22 36.63
N VAL D 267 16.02 -30.81 36.73
CA VAL D 267 16.89 -30.63 35.56
C VAL D 267 18.19 -31.42 35.71
N PHE D 268 18.53 -32.16 34.66
CA PHE D 268 19.75 -32.95 34.60
C PHE D 268 20.59 -32.57 33.40
N LEU D 269 21.90 -32.72 33.52
CA LEU D 269 22.84 -32.38 32.47
C LEU D 269 23.82 -33.52 32.27
N THR D 270 24.03 -33.91 31.02
CA THR D 270 25.04 -34.91 30.69
C THR D 270 26.00 -34.26 29.71
N ASP D 271 27.30 -34.33 30.04
CA ASP D 271 28.38 -33.78 29.20
C ASP D 271 29.73 -34.49 29.42
N GLU D 272 30.82 -33.77 29.14
CA GLU D 272 32.21 -34.23 29.37
C GLU D 272 32.37 -34.85 30.77
N LYS D 273 31.76 -34.21 31.75
CA LYS D 273 31.98 -34.50 33.14
C LYS D 273 31.04 -35.56 33.71
N GLY D 274 30.12 -36.06 32.88
CA GLY D 274 29.16 -37.07 33.31
C GLY D 274 27.73 -36.58 33.44
N HIS D 275 26.89 -37.42 34.03
CA HIS D 275 25.47 -37.15 34.25
C HIS D 275 25.29 -36.66 35.69
N ARG D 276 24.50 -35.59 35.86
CA ARG D 276 24.27 -34.97 37.18
C ARG D 276 22.98 -34.15 37.22
N GLU D 277 22.32 -34.12 38.38
CA GLU D 277 21.21 -33.19 38.59
C GLU D 277 21.76 -31.78 38.76
N VAL D 278 20.93 -30.79 38.44
CA VAL D 278 21.35 -29.38 38.44
C VAL D 278 20.47 -28.63 39.44
N PRO D 279 21.06 -27.77 40.29
CA PRO D 279 20.27 -26.93 41.19
C PRO D 279 19.48 -25.91 40.38
N LEU D 280 18.29 -25.56 40.87
CA LEU D 280 17.31 -24.75 40.13
C LEU D 280 17.43 -23.26 40.47
N VAL D 281 17.49 -22.39 39.46
CA VAL D 281 17.38 -20.94 39.71
C VAL D 281 16.05 -20.60 40.35
N GLU D 282 15.90 -19.34 40.72
CA GLU D 282 14.72 -18.86 41.41
C GLU D 282 13.54 -18.77 40.42
N LYS D 283 12.34 -19.16 40.86
CA LYS D 283 11.14 -18.99 40.02
C LYS D 283 10.96 -17.54 39.55
N GLY D 284 10.31 -17.36 38.40
CA GLY D 284 9.77 -16.04 38.03
C GLY D 284 8.27 -16.12 38.26
N GLN D 285 7.54 -15.11 37.76
CA GLN D 285 6.07 -15.13 37.82
C GLN D 285 5.55 -14.34 36.62
N ILE D 286 4.68 -14.96 35.83
CA ILE D 286 4.30 -14.37 34.54
C ILE D 286 3.63 -13.00 34.64
N PHE D 287 2.67 -12.87 35.54
CA PHE D 287 1.95 -11.62 35.64
C PHE D 287 2.84 -10.50 36.21
N GLU D 288 3.70 -10.84 37.16
CA GLU D 288 4.69 -9.87 37.66
C GLU D 288 5.52 -9.32 36.49
N ASP D 289 5.97 -10.23 35.62
CA ASP D 289 6.71 -9.87 34.42
C ASP D 289 5.87 -8.96 33.52
N PHE D 290 4.63 -9.38 33.25
CA PHE D 290 3.66 -8.57 32.51
C PHE D 290 3.60 -7.14 33.10
N LEU D 291 3.36 -7.03 34.41
CA LEU D 291 3.20 -5.71 35.06
C LEU D 291 4.43 -4.78 34.94
N ARG D 292 5.63 -5.35 34.90
CA ARG D 292 6.83 -4.56 34.70
C ARG D 292 6.86 -3.99 33.27
N GLU D 293 6.38 -4.76 32.31
CA GLU D 293 6.31 -4.31 30.92
C GLU D 293 5.38 -3.11 30.83
N ILE D 294 4.20 -3.24 31.44
CA ILE D 294 3.20 -2.17 31.44
C ILE D 294 3.79 -0.90 32.07
N ARG D 295 4.53 -1.07 33.16
CA ARG D 295 5.05 0.08 33.91
C ARG D 295 6.41 0.61 33.42
N GLY D 296 6.91 0.06 32.32
CA GLY D 296 8.24 0.42 31.81
C GLY D 296 9.40 0.01 32.72
N GLN D 297 9.17 -0.89 33.65
CA GLN D 297 10.21 -1.35 34.57
C GLN D 297 11.13 -2.42 33.95
N GLY D 298 10.60 -3.20 33.02
CA GLY D 298 11.39 -4.19 32.28
C GLY D 298 10.68 -4.67 31.02
N LYS D 299 11.22 -5.70 30.39
CA LYS D 299 10.57 -6.30 29.22
C LYS D 299 10.04 -7.68 29.56
N CYS D 300 8.76 -7.94 29.29
CA CYS D 300 8.17 -9.25 29.56
C CYS D 300 8.77 -10.26 28.59
N MSE D 301 9.30 -11.37 29.10
CA MSE D 301 9.99 -12.32 28.21
C MSE D 301 9.06 -13.10 27.25
O MSE D 301 9.53 -13.59 26.23
CB MSE D 301 10.92 -13.28 28.98
CG MSE D 301 10.20 -14.28 29.83
SE MSE D 301 11.24 -15.90 29.98
CE MSE D 301 10.31 -16.71 31.48
N VAL D 302 7.78 -13.23 27.57
CA VAL D 302 6.81 -13.79 26.62
C VAL D 302 6.31 -12.61 25.83
N THR D 303 6.73 -12.52 24.56
CA THR D 303 6.43 -11.31 23.79
C THR D 303 5.11 -11.46 23.02
N PRO D 304 4.52 -10.34 22.59
CA PRO D 304 3.35 -10.40 21.72
C PRO D 304 3.66 -11.24 20.48
N GLU D 305 4.85 -11.02 19.87
CA GLU D 305 5.31 -11.76 18.69
C GLU D 305 5.44 -13.24 18.99
N ASP D 306 5.90 -13.57 20.19
CA ASP D 306 5.95 -14.97 20.62
C ASP D 306 4.51 -15.52 20.61
N SER D 307 3.59 -14.70 21.09
CA SER D 307 2.21 -15.14 21.32
C SER D 307 1.52 -15.37 19.96
N ILE D 308 1.74 -14.47 19.01
CA ILE D 308 1.26 -14.67 17.64
C ILE D 308 1.89 -15.90 16.97
N LEU D 309 3.20 -16.04 17.08
CA LEU D 309 3.89 -17.09 16.35
C LEU D 309 3.53 -18.47 16.87
N THR D 310 3.57 -18.66 18.19
CA THR D 310 3.26 -20.00 18.73
C THR D 310 1.83 -20.42 18.41
N THR D 311 0.90 -19.48 18.41
CA THR D 311 -0.47 -19.82 18.02
C THR D 311 -0.53 -20.21 16.53
N GLU D 312 0.18 -19.45 15.69
CA GLU D 312 0.27 -19.77 14.26
C GLU D 312 0.79 -21.18 14.03
N ILE D 313 1.86 -21.55 14.77
CA ILE D 313 2.42 -22.88 14.64
C ILE D 313 1.40 -23.94 15.12
N ALA D 314 0.74 -23.64 16.23
CA ALA D 314 -0.22 -24.61 16.77
C ALA D 314 -1.37 -24.87 15.77
N LEU D 315 -1.86 -23.80 15.14
CA LEU D 315 -2.91 -23.90 14.12
C LEU D 315 -2.45 -24.69 12.89
N LYS D 316 -1.20 -24.49 12.49
CA LYS D 316 -0.57 -25.24 11.42
C LYS D 316 -0.42 -26.72 11.76
N ALA D 317 -0.13 -27.02 13.03
CA ALA D 317 -0.01 -28.43 13.43
C ALA D 317 -1.39 -29.08 13.44
N ARG D 318 -2.38 -28.36 13.95
CA ARG D 318 -3.75 -28.84 13.89
C ARG D 318 -4.19 -29.09 12.44
N LEU D 319 -3.86 -28.17 11.56
CA LEU D 319 -4.20 -28.32 10.13
C LEU D 319 -3.60 -29.61 9.56
N SER D 320 -2.34 -29.90 9.94
CA SER D 320 -1.65 -31.11 9.51
C SER D 320 -2.38 -32.33 10.02
N ALA D 321 -2.78 -32.31 11.29
CA ALA D 321 -3.45 -33.43 11.92
C ALA D 321 -4.83 -33.67 11.30
N ASP D 322 -5.48 -32.59 10.87
CA ASP D 322 -6.82 -32.66 10.24
C ASP D 322 -6.80 -33.08 8.77
N THR D 323 -5.64 -33.04 8.13
CA THR D 323 -5.57 -33.31 6.68
C THR D 323 -4.60 -34.42 6.33
N GLY D 324 -3.72 -34.79 7.26
CA GLY D 324 -2.69 -35.79 6.98
C GLY D 324 -1.55 -35.27 6.11
N GLN D 325 -1.48 -33.95 5.92
CA GLN D 325 -0.43 -33.36 5.10
C GLN D 325 0.70 -32.75 5.94
N ILE D 326 1.88 -32.71 5.35
CA ILE D 326 2.99 -31.95 5.92
C ILE D 326 2.63 -30.49 5.65
N VAL D 327 2.75 -29.65 6.65
CA VAL D 327 2.37 -28.24 6.52
C VAL D 327 3.59 -27.33 6.64
N LEU D 328 3.78 -26.45 5.65
CA LEU D 328 4.92 -25.52 5.69
C LEU D 328 4.63 -24.35 6.61
N ILE D 329 5.64 -23.90 7.34
CA ILE D 329 5.48 -22.80 8.30
C ILE D 329 6.23 -21.55 7.88
N SER E 2 -26.44 -83.90 -6.52
CA SER E 2 -26.86 -83.28 -5.24
C SER E 2 -25.71 -82.50 -4.62
N LEU E 3 -26.03 -81.37 -3.97
CA LEU E 3 -25.04 -80.51 -3.33
C LEU E 3 -25.40 -80.21 -1.88
N LYS E 4 -24.42 -80.39 -1.01
CA LYS E 4 -24.59 -80.23 0.43
C LYS E 4 -24.06 -78.87 0.88
N ILE E 5 -24.92 -78.09 1.53
CA ILE E 5 -24.58 -76.73 1.93
C ILE E 5 -24.58 -76.55 3.43
N CYS E 6 -23.48 -76.03 3.97
CA CYS E 6 -23.44 -75.56 5.35
C CYS E 6 -23.31 -74.03 5.45
N VAL E 7 -24.04 -73.45 6.40
CA VAL E 7 -24.03 -72.03 6.64
C VAL E 7 -23.28 -71.72 7.93
N ILE E 8 -22.27 -70.86 7.83
CA ILE E 8 -21.63 -70.28 9.01
C ILE E 8 -22.01 -68.80 9.13
N GLY E 9 -22.70 -68.49 10.22
CA GLY E 9 -23.05 -67.12 10.56
C GLY E 9 -24.42 -66.71 10.11
N SER E 10 -24.95 -65.70 10.78
CA SER E 10 -26.21 -65.07 10.43
C SER E 10 -26.00 -63.56 10.32
N SER E 11 -24.79 -63.14 9.94
CA SER E 11 -24.38 -61.72 10.02
C SER E 11 -24.21 -61.01 8.67
N GLY E 12 -24.59 -61.68 7.58
CA GLY E 12 -24.49 -61.09 6.25
C GLY E 12 -25.76 -61.30 5.46
N HIS E 13 -25.63 -61.29 4.14
CA HIS E 13 -26.75 -61.47 3.24
C HIS E 13 -26.82 -62.95 2.85
N PHE E 14 -27.23 -63.78 3.81
CA PHE E 14 -27.38 -65.23 3.59
C PHE E 14 -28.52 -65.51 2.62
N ARG E 15 -29.58 -64.70 2.70
CA ARG E 15 -30.76 -64.79 1.83
C ARG E 15 -30.43 -64.87 0.34
N TYR E 16 -29.29 -64.31 -0.05
CA TYR E 16 -28.76 -64.49 -1.40
C TYR E 16 -28.64 -65.98 -1.77
N ALA E 17 -28.11 -66.78 -0.84
CA ALA E 17 -27.99 -68.22 -1.04
C ALA E 17 -29.34 -68.92 -1.00
N LEU E 18 -30.15 -68.57 -0.01
CA LEU E 18 -31.48 -69.19 0.21
C LEU E 18 -32.44 -69.06 -0.98
N GLU E 19 -32.44 -67.90 -1.62
CA GLU E 19 -33.34 -67.65 -2.74
C GLU E 19 -32.73 -68.13 -4.05
N GLY E 20 -31.54 -68.70 -3.98
CA GLY E 20 -30.91 -69.34 -5.13
C GLY E 20 -30.93 -70.86 -5.09
N LEU E 21 -31.60 -71.42 -4.08
CA LEU E 21 -31.69 -72.88 -3.89
C LEU E 21 -32.60 -73.55 -4.90
N ASP E 22 -32.11 -74.65 -5.49
CA ASP E 22 -32.94 -75.52 -6.32
C ASP E 22 -33.26 -76.84 -5.59
N GLU E 23 -33.49 -77.92 -6.35
CA GLU E 23 -33.84 -79.21 -5.79
C GLU E 23 -32.61 -80.04 -5.43
N GLU E 24 -31.55 -79.88 -6.22
CA GLU E 24 -30.26 -80.57 -5.99
C GLU E 24 -29.46 -79.95 -4.84
N CYS E 25 -30.12 -79.15 -4.00
CA CYS E 25 -29.46 -78.44 -2.91
C CYS E 25 -30.20 -78.64 -1.60
N SER E 26 -29.45 -78.83 -0.51
CA SER E 26 -30.05 -78.71 0.82
C SER E 26 -29.06 -78.30 1.93
N ILE E 27 -29.59 -77.52 2.86
CA ILE E 27 -28.86 -77.07 4.03
C ILE E 27 -28.91 -78.16 5.09
N THR E 28 -27.77 -78.79 5.34
CA THR E 28 -27.66 -79.87 6.30
C THR E 28 -27.24 -79.38 7.71
N GLY E 29 -26.57 -78.23 7.77
CA GLY E 29 -26.03 -77.72 9.04
C GLY E 29 -25.75 -76.23 9.10
N ILE E 30 -26.07 -75.63 10.25
CA ILE E 30 -25.82 -74.23 10.52
C ILE E 30 -25.08 -74.06 11.85
N ALA E 31 -24.03 -73.23 11.83
CA ALA E 31 -23.24 -72.96 13.03
C ALA E 31 -22.92 -71.47 13.15
N PRO E 32 -22.84 -70.93 14.39
CA PRO E 32 -22.34 -69.56 14.53
C PRO E 32 -20.84 -69.49 14.21
N GLY E 33 -20.33 -68.28 13.96
CA GLY E 33 -18.90 -68.09 13.68
C GLY E 33 -18.10 -67.93 14.96
N VAL E 34 -18.72 -67.28 15.94
CA VAL E 34 -18.19 -67.15 17.28
C VAL E 34 -19.31 -67.49 18.25
N PRO E 35 -18.95 -68.01 19.44
CA PRO E 35 -19.88 -68.30 20.54
C PRO E 35 -21.18 -67.47 20.55
N GLU E 36 -21.07 -66.18 20.86
CA GLU E 36 -22.25 -65.35 21.12
C GLU E 36 -23.06 -64.87 19.89
N GLU E 37 -22.68 -65.30 18.69
CA GLU E 37 -23.33 -64.82 17.44
C GLU E 37 -24.84 -65.08 17.38
N ASP E 38 -25.59 -63.99 17.25
CA ASP E 38 -27.04 -64.02 17.03
C ASP E 38 -27.32 -64.77 15.72
N LEU E 39 -28.18 -65.79 15.79
CA LEU E 39 -28.54 -66.59 14.62
C LEU E 39 -30.03 -66.56 14.31
N SER E 40 -30.80 -65.83 15.12
CA SER E 40 -32.27 -65.80 15.04
C SER E 40 -32.82 -65.41 13.66
N LYS E 41 -32.07 -64.59 12.92
CA LYS E 41 -32.48 -64.14 11.59
C LYS E 41 -32.39 -65.28 10.57
N LEU E 42 -31.33 -66.08 10.67
CA LEU E 42 -31.14 -67.27 9.84
C LEU E 42 -32.11 -68.38 10.26
N GLU E 43 -32.56 -68.32 11.51
CA GLU E 43 -33.43 -69.34 12.08
C GLU E 43 -34.91 -69.11 11.74
N LYS E 44 -35.35 -67.86 11.74
CA LYS E 44 -36.64 -67.49 11.16
C LYS E 44 -36.68 -67.95 9.71
N ALA E 45 -35.56 -67.77 9.02
CA ALA E 45 -35.47 -67.98 7.57
C ALA E 45 -35.51 -69.44 7.13
N ILE E 46 -34.84 -70.31 7.88
CA ILE E 46 -34.81 -71.74 7.53
C ILE E 46 -36.15 -72.44 7.79
N SER E 47 -36.83 -72.02 8.86
CA SER E 47 -38.13 -72.59 9.24
C SER E 47 -39.26 -72.14 8.31
N GLU E 48 -39.17 -70.89 7.83
CA GLU E 48 -40.09 -70.33 6.86
C GLU E 48 -40.03 -71.07 5.53
N MSE E 49 -38.86 -71.60 5.18
CA MSE E 49 -38.69 -72.39 3.96
C MSE E 49 -38.87 -73.88 4.25
O MSE E 49 -38.61 -74.72 3.39
CB MSE E 49 -37.33 -72.15 3.32
CG MSE E 49 -36.96 -70.68 3.10
SE MSE E 49 -35.39 -70.54 1.99
CE MSE E 49 -36.19 -69.73 0.41
N ASN E 50 -39.31 -74.18 5.47
CA ASN E 50 -39.50 -75.55 5.97
C ASN E 50 -38.33 -76.52 5.70
N ILE E 51 -37.12 -76.00 5.85
CA ILE E 51 -35.92 -76.83 5.84
C ILE E 51 -35.38 -76.97 7.28
N LYS E 52 -35.01 -78.20 7.63
CA LYS E 52 -34.55 -78.49 8.99
C LYS E 52 -33.11 -79.05 8.97
N PRO E 53 -32.14 -78.20 9.37
CA PRO E 53 -30.73 -78.56 9.46
C PRO E 53 -30.25 -78.76 10.90
N LYS E 54 -29.13 -79.44 11.08
CA LYS E 54 -28.56 -79.66 12.42
C LYS E 54 -27.83 -78.40 12.86
N LYS E 55 -28.38 -77.73 13.87
CA LYS E 55 -27.73 -76.55 14.46
C LYS E 55 -26.52 -76.94 15.30
N TYR E 56 -25.32 -76.63 14.81
CA TYR E 56 -24.09 -76.87 15.54
C TYR E 56 -23.77 -75.70 16.46
N ASN E 57 -22.93 -75.95 17.46
CA ASN E 57 -22.42 -74.89 18.33
C ASN E 57 -20.99 -74.55 17.97
N ASN E 58 -20.32 -75.48 17.30
CA ASN E 58 -18.94 -75.30 16.85
C ASN E 58 -18.84 -75.69 15.37
N TRP E 59 -18.23 -74.82 14.56
CA TRP E 59 -18.17 -75.02 13.12
C TRP E 59 -17.01 -75.90 12.63
N TRP E 60 -16.00 -76.13 13.48
CA TRP E 60 -14.96 -77.14 13.20
C TRP E 60 -15.68 -78.47 13.05
N GLU E 61 -16.54 -78.75 14.02
CA GLU E 61 -17.35 -79.98 14.11
C GLU E 61 -18.23 -80.16 12.87
N MSE E 62 -19.07 -79.17 12.59
CA MSE E 62 -19.94 -79.18 11.41
C MSE E 62 -19.16 -79.51 10.13
O MSE E 62 -19.54 -80.41 9.39
CB MSE E 62 -20.64 -77.82 11.28
CG MSE E 62 -21.62 -77.73 10.11
SE MSE E 62 -22.46 -75.98 9.97
CE MSE E 62 -20.85 -74.95 9.63
N LEU E 63 -18.05 -78.81 9.91
CA LEU E 63 -17.22 -79.02 8.73
C LEU E 63 -16.58 -80.40 8.68
N GLU E 64 -16.60 -81.11 9.81
CA GLU E 64 -16.03 -82.45 9.94
C GLU E 64 -17.13 -83.52 9.86
N LYS E 65 -18.26 -83.23 10.50
CA LYS E 65 -19.41 -84.13 10.55
C LYS E 65 -20.24 -84.12 9.28
N GLU E 66 -20.10 -83.06 8.48
CA GLU E 66 -20.96 -82.85 7.32
C GLU E 66 -20.21 -82.88 5.99
N LYS E 67 -18.89 -82.64 6.03
CA LYS E 67 -18.04 -82.60 4.84
C LYS E 67 -18.73 -81.92 3.64
N PRO E 68 -19.21 -80.66 3.82
CA PRO E 68 -20.07 -80.03 2.80
C PRO E 68 -19.37 -79.75 1.48
N ASP E 69 -20.16 -79.66 0.40
CA ASP E 69 -19.64 -79.26 -0.90
C ASP E 69 -19.49 -77.75 -0.98
N ILE E 70 -20.38 -77.05 -0.28
CA ILE E 70 -20.46 -75.60 -0.32
C ILE E 70 -20.67 -75.02 1.07
N LEU E 71 -19.83 -74.04 1.42
CA LEU E 71 -20.00 -73.27 2.63
C LEU E 71 -20.49 -71.85 2.31
N VAL E 72 -21.55 -71.43 2.99
CA VAL E 72 -22.03 -70.05 2.96
C VAL E 72 -21.52 -69.34 4.20
N ILE E 73 -20.55 -68.44 4.01
CA ILE E 73 -19.92 -67.74 5.12
C ILE E 73 -20.41 -66.29 5.23
N ASN E 74 -20.97 -65.98 6.39
CA ASN E 74 -21.49 -64.66 6.72
C ASN E 74 -21.53 -64.45 8.23
N THR E 75 -20.35 -64.38 8.81
CA THR E 75 -20.21 -64.17 10.26
C THR E 75 -19.54 -62.80 10.51
N VAL E 76 -19.08 -62.54 11.75
CA VAL E 76 -18.25 -61.38 12.09
C VAL E 76 -17.31 -61.10 10.91
N PHE E 77 -17.22 -59.82 10.48
CA PHE E 77 -16.69 -59.47 9.15
C PHE E 77 -15.21 -59.80 8.96
N SER E 78 -14.41 -59.51 9.98
CA SER E 78 -12.99 -59.89 10.02
C SER E 78 -12.81 -61.41 9.90
N LEU E 79 -13.70 -62.14 10.55
CA LEU E 79 -13.64 -63.58 10.62
C LEU E 79 -13.96 -64.23 9.26
N ASN E 80 -14.90 -63.65 8.51
CA ASN E 80 -15.31 -64.18 7.19
C ASN E 80 -14.13 -64.60 6.30
N GLY E 81 -13.11 -63.77 6.25
CA GLY E 81 -11.93 -64.03 5.44
C GLY E 81 -11.03 -65.13 5.95
N LYS E 82 -10.98 -65.33 7.27
CA LYS E 82 -10.20 -66.43 7.85
C LYS E 82 -10.92 -67.77 7.63
N ILE E 83 -12.22 -67.80 7.93
CA ILE E 83 -13.07 -68.98 7.66
C ILE E 83 -13.07 -69.37 6.17
N LEU E 84 -12.90 -68.39 5.28
CA LEU E 84 -12.77 -68.65 3.85
C LEU E 84 -11.45 -69.34 3.55
N LEU E 85 -10.39 -68.95 4.25
CA LEU E 85 -9.08 -69.55 4.06
C LEU E 85 -9.13 -71.04 4.42
N GLU E 86 -9.94 -71.37 5.43
CA GLU E 86 -10.15 -72.75 5.88
C GLU E 86 -10.78 -73.59 4.78
N ALA E 87 -11.96 -73.15 4.34
CA ALA E 87 -12.69 -73.82 3.28
C ALA E 87 -11.79 -74.05 2.06
N LEU E 88 -11.05 -73.03 1.66
CA LEU E 88 -10.14 -73.14 0.50
C LEU E 88 -9.08 -74.23 0.69
N GLU E 89 -8.61 -74.39 1.93
CA GLU E 89 -7.68 -75.46 2.27
C GLU E 89 -8.38 -76.82 2.30
N ARG E 90 -9.54 -76.86 2.96
CA ARG E 90 -10.42 -78.04 2.96
C ARG E 90 -11.18 -78.24 1.64
N LYS E 91 -10.75 -77.57 0.57
CA LYS E 91 -11.37 -77.62 -0.78
C LYS E 91 -12.92 -77.60 -0.81
N ILE E 92 -13.51 -76.82 0.11
CA ILE E 92 -14.95 -76.59 0.14
C ILE E 92 -15.30 -75.28 -0.61
N HIS E 93 -16.07 -75.41 -1.68
CA HIS E 93 -16.57 -74.24 -2.40
C HIS E 93 -17.20 -73.27 -1.42
N ALA E 94 -16.81 -72.00 -1.53
CA ALA E 94 -17.32 -70.99 -0.61
C ALA E 94 -17.99 -69.82 -1.31
N PHE E 95 -19.12 -69.43 -0.74
CA PHE E 95 -19.89 -68.25 -1.11
C PHE E 95 -19.83 -67.35 0.12
N VAL E 96 -19.04 -66.30 0.03
CA VAL E 96 -18.63 -65.54 1.23
C VAL E 96 -19.10 -64.08 1.19
N GLU E 97 -19.52 -63.58 2.35
CA GLU E 97 -19.86 -62.17 2.52
C GLU E 97 -18.65 -61.24 2.23
N LYS E 98 -18.91 -60.11 1.57
CA LYS E 98 -17.89 -59.09 1.33
C LYS E 98 -17.76 -58.16 2.55
N PRO E 99 -16.56 -57.58 2.78
CA PRO E 99 -15.32 -57.82 2.05
C PRO E 99 -14.79 -59.21 2.40
N ILE E 100 -13.94 -59.77 1.56
CA ILE E 100 -13.45 -61.14 1.82
C ILE E 100 -12.26 -61.19 2.78
N ALA E 101 -11.80 -60.03 3.22
CA ALA E 101 -10.76 -59.88 4.23
C ALA E 101 -10.85 -58.45 4.73
N THR E 102 -10.51 -58.23 5.99
CA THR E 102 -10.45 -56.88 6.55
C THR E 102 -9.01 -56.38 6.76
N THR E 103 -8.03 -57.15 6.28
CA THR E 103 -6.61 -56.79 6.34
C THR E 103 -5.88 -57.27 5.08
N PHE E 104 -4.85 -56.54 4.67
CA PHE E 104 -4.00 -56.96 3.56
C PHE E 104 -3.35 -58.32 3.81
N GLU E 105 -3.00 -58.58 5.08
CA GLU E 105 -2.40 -59.84 5.48
C GLU E 105 -3.31 -61.02 5.16
N ASP E 106 -4.56 -60.97 5.63
CA ASP E 106 -5.53 -62.05 5.38
C ASP E 106 -5.89 -62.23 3.89
N LEU E 107 -5.95 -61.12 3.16
CA LEU E 107 -6.18 -61.14 1.70
C LEU E 107 -5.02 -61.80 0.96
N GLU E 108 -3.80 -61.51 1.40
CA GLU E 108 -2.59 -62.13 0.86
C GLU E 108 -2.62 -63.65 1.02
N LYS E 109 -3.01 -64.08 2.22
CA LYS E 109 -3.22 -65.49 2.55
C LYS E 109 -4.24 -66.14 1.62
N ILE E 110 -5.32 -65.41 1.33
CA ILE E 110 -6.36 -65.92 0.43
C ILE E 110 -5.85 -65.97 -1.01
N ARG E 111 -5.14 -64.92 -1.45
CA ARG E 111 -4.57 -64.89 -2.81
C ARG E 111 -3.60 -66.04 -3.03
N SER E 112 -2.79 -66.30 -2.01
CA SER E 112 -1.75 -67.32 -2.03
C SER E 112 -2.31 -68.75 -2.07
N VAL E 113 -3.27 -69.02 -1.19
CA VAL E 113 -3.97 -70.31 -1.16
C VAL E 113 -4.80 -70.52 -2.42
N TYR E 114 -5.38 -69.44 -2.96
CA TYR E 114 -6.25 -69.58 -4.12
C TYR E 114 -5.52 -70.00 -5.39
N GLN E 115 -4.33 -69.45 -5.64
CA GLN E 115 -3.53 -69.87 -6.80
C GLN E 115 -3.17 -71.37 -6.74
N LYS E 116 -3.09 -71.90 -5.51
CA LYS E 116 -2.87 -73.34 -5.27
C LYS E 116 -4.06 -74.18 -5.69
N VAL E 117 -5.19 -73.97 -5.01
CA VAL E 117 -6.34 -74.86 -5.08
C VAL E 117 -7.36 -74.47 -6.16
N ARG E 118 -6.93 -73.62 -7.10
CA ARG E 118 -7.88 -72.90 -7.96
C ARG E 118 -8.72 -73.72 -8.95
N ASN E 119 -8.14 -74.80 -9.49
CA ASN E 119 -8.88 -75.68 -10.41
C ASN E 119 -9.89 -76.57 -9.71
N GLU E 120 -9.61 -76.91 -8.47
CA GLU E 120 -10.37 -77.91 -7.72
C GLU E 120 -11.56 -77.30 -6.99
N VAL E 121 -11.36 -76.10 -6.45
CA VAL E 121 -12.40 -75.41 -5.69
C VAL E 121 -12.61 -73.95 -6.14
N PHE E 122 -13.82 -73.45 -5.91
CA PHE E 122 -14.24 -72.15 -6.38
C PHE E 122 -14.80 -71.34 -5.21
N PHE E 123 -14.61 -70.03 -5.26
CA PHE E 123 -15.28 -69.14 -4.32
C PHE E 123 -15.66 -67.84 -5.03
N THR E 124 -16.61 -67.14 -4.45
CA THR E 124 -16.90 -65.78 -4.86
C THR E 124 -17.62 -65.05 -3.71
N ALA E 125 -17.65 -63.72 -3.79
CA ALA E 125 -18.27 -62.88 -2.75
C ALA E 125 -19.74 -62.53 -3.05
N MSE E 126 -20.49 -62.16 -2.01
CA MSE E 126 -21.92 -61.90 -2.13
C MSE E 126 -22.25 -60.54 -2.81
O MSE E 126 -22.91 -59.68 -2.22
CB MSE E 126 -22.61 -61.98 -0.75
CG MSE E 126 -22.59 -63.35 -0.04
SE MSE E 126 -23.49 -63.26 1.52
CE MSE E 126 -23.24 -64.93 2.10
N PHE E 127 -21.78 -60.36 -4.05
CA PHE E 127 -22.10 -59.17 -4.85
C PHE E 127 -23.45 -59.30 -5.56
N GLY E 128 -24.50 -59.40 -4.77
CA GLY E 128 -25.82 -59.74 -5.28
C GLY E 128 -26.54 -58.61 -5.98
N ILE E 129 -26.06 -57.38 -5.76
CA ILE E 129 -26.70 -56.19 -6.34
C ILE E 129 -26.54 -56.14 -7.86
N ARG E 130 -25.44 -56.68 -8.38
CA ARG E 130 -25.23 -56.77 -9.83
C ARG E 130 -26.43 -57.35 -10.58
N TYR E 131 -27.03 -58.39 -10.00
CA TYR E 131 -28.07 -59.19 -10.67
C TYR E 131 -29.47 -58.57 -10.57
N ARG E 132 -29.60 -57.44 -9.89
CA ARG E 132 -30.85 -56.71 -9.96
C ARG E 132 -31.03 -56.10 -11.36
N PRO E 133 -32.29 -56.03 -11.85
CA PRO E 133 -32.59 -55.59 -13.22
C PRO E 133 -31.94 -54.27 -13.63
N HIS E 134 -32.03 -53.26 -12.75
CA HIS E 134 -31.45 -51.93 -13.02
C HIS E 134 -29.94 -51.93 -13.25
N PHE E 135 -29.19 -52.74 -12.51
CA PHE E 135 -27.76 -52.84 -12.79
C PHE E 135 -27.49 -53.70 -14.02
N LEU E 136 -28.22 -54.81 -14.17
CA LEU E 136 -28.11 -55.60 -15.40
C LEU E 136 -28.36 -54.74 -16.65
N THR E 137 -29.35 -53.86 -16.60
CA THR E 137 -29.70 -53.04 -17.76
C THR E 137 -28.62 -52.00 -18.06
N ALA E 138 -28.18 -51.28 -17.03
CA ALA E 138 -27.06 -50.34 -17.20
C ALA E 138 -25.81 -51.03 -17.79
N LYS E 139 -25.51 -52.22 -17.30
CA LYS E 139 -24.40 -53.02 -17.86
C LYS E 139 -24.63 -53.35 -19.34
N LYS E 140 -25.86 -53.73 -19.69
CA LYS E 140 -26.22 -53.99 -21.10
C LYS E 140 -26.03 -52.74 -21.97
N LEU E 141 -26.58 -51.60 -21.55
CA LEU E 141 -26.44 -50.36 -22.32
C LEU E 141 -24.98 -49.99 -22.59
N VAL E 142 -24.14 -50.14 -21.56
CA VAL E 142 -22.75 -49.78 -21.73
C VAL E 142 -22.03 -50.70 -22.74
N SER E 143 -22.22 -52.03 -22.64
CA SER E 143 -21.64 -53.00 -23.62
C SER E 143 -22.08 -52.74 -25.04
N GLU E 144 -23.34 -52.36 -25.21
CA GLU E 144 -23.88 -52.05 -26.53
C GLU E 144 -23.44 -50.67 -27.02
N GLY E 145 -22.67 -49.96 -26.19
CA GLY E 145 -22.11 -48.67 -26.61
C GLY E 145 -23.01 -47.46 -26.42
N ALA E 146 -23.94 -47.53 -25.47
CA ALA E 146 -24.86 -46.42 -25.28
C ALA E 146 -24.19 -45.12 -24.83
N VAL E 147 -23.00 -45.19 -24.25
CA VAL E 147 -22.33 -43.97 -23.81
C VAL E 147 -21.05 -43.69 -24.57
N GLY E 148 -20.79 -44.46 -25.63
CA GLY E 148 -19.54 -44.32 -26.36
C GLY E 148 -18.43 -44.74 -25.42
N GLU E 149 -17.38 -43.95 -25.30
CA GLU E 149 -16.30 -44.25 -24.36
C GLU E 149 -16.54 -43.60 -22.97
N ILE E 150 -16.48 -44.40 -21.90
CA ILE E 150 -16.72 -43.90 -20.54
C ILE E 150 -15.64 -42.90 -20.08
N ARG E 151 -16.06 -41.73 -19.60
CA ARG E 151 -15.13 -40.70 -19.13
C ARG E 151 -15.17 -40.44 -17.62
N LEU E 152 -16.31 -40.70 -16.99
CA LEU E 152 -16.58 -40.25 -15.64
C LEU E 152 -17.69 -41.12 -15.09
N VAL E 153 -17.53 -41.55 -13.84
CA VAL E 153 -18.55 -42.38 -13.18
C VAL E 153 -18.78 -41.87 -11.75
N ASN E 154 -20.05 -41.66 -11.40
CA ASN E 154 -20.42 -41.30 -10.04
C ASN E 154 -21.16 -42.45 -9.41
N THR E 155 -20.86 -42.76 -8.15
CA THR E 155 -21.59 -43.77 -7.43
C THR E 155 -21.94 -43.28 -6.05
N GLN E 156 -23.07 -43.80 -5.55
CA GLN E 156 -23.57 -43.41 -4.25
C GLN E 156 -24.01 -44.67 -3.52
N LYS E 157 -23.62 -44.77 -2.25
CA LYS E 157 -24.19 -45.75 -1.32
C LYS E 157 -24.72 -45.03 -0.09
N SER E 158 -25.99 -45.27 0.25
CA SER E 158 -26.61 -44.66 1.41
C SER E 158 -27.55 -45.65 2.08
N TYR E 159 -27.25 -46.03 3.33
CA TYR E 159 -28.05 -47.02 4.07
C TYR E 159 -28.59 -46.48 5.39
N LYS E 160 -29.75 -47.02 5.82
CA LYS E 160 -30.20 -46.88 7.20
C LYS E 160 -29.24 -47.62 8.12
N LEU E 161 -28.89 -47.01 9.25
CA LEU E 161 -28.02 -47.67 10.21
C LEU E 161 -28.84 -48.46 11.24
N GLY E 162 -29.48 -47.76 12.19
CA GLY E 162 -30.23 -48.40 13.29
C GLY E 162 -29.40 -49.26 14.22
N GLN E 163 -30.06 -50.15 14.94
CA GLN E 163 -29.41 -51.09 15.87
C GLN E 163 -28.57 -52.11 15.12
N ARG E 164 -27.32 -52.28 15.52
CA ARG E 164 -26.46 -53.31 14.92
C ARG E 164 -25.81 -54.25 15.95
N PRO E 165 -25.35 -55.45 15.51
CA PRO E 165 -24.50 -56.27 16.37
C PRO E 165 -23.30 -55.50 16.93
N ASP E 166 -22.86 -55.88 18.12
CA ASP E 166 -21.76 -55.21 18.81
C ASP E 166 -20.43 -55.17 18.06
N PHE E 167 -20.19 -56.16 17.20
CA PHE E 167 -18.92 -56.24 16.49
C PHE E 167 -18.71 -55.12 15.44
N TYR E 168 -19.80 -54.43 15.11
CA TYR E 168 -19.76 -53.24 14.24
C TYR E 168 -18.99 -52.10 14.90
N LYS E 169 -19.01 -52.08 16.23
CA LYS E 169 -18.50 -50.99 17.04
C LYS E 169 -16.97 -50.87 17.12
N LYS E 170 -16.26 -51.91 16.70
CA LYS E 170 -14.80 -51.93 16.74
C LYS E 170 -14.24 -52.23 15.37
N ARG E 171 -13.32 -51.39 14.91
CA ARG E 171 -12.70 -51.53 13.61
C ARG E 171 -12.12 -52.92 13.41
N GLU E 172 -11.59 -53.48 14.49
CA GLU E 172 -10.87 -54.75 14.45
C GLU E 172 -11.75 -55.90 13.89
N THR E 173 -13.03 -55.90 14.23
CA THR E 173 -13.96 -56.93 13.76
C THR E 173 -14.86 -56.41 12.62
N TYR E 174 -15.14 -55.10 12.63
CA TYR E 174 -16.02 -54.46 11.66
C TYR E 174 -15.39 -54.30 10.28
N GLY E 175 -14.11 -53.92 10.24
CA GLY E 175 -13.42 -53.73 8.95
C GLY E 175 -13.55 -52.32 8.35
N GLY E 176 -14.52 -51.54 8.81
CA GLY E 176 -14.68 -50.17 8.31
C GLY E 176 -15.83 -50.06 7.31
N THR E 177 -16.48 -48.90 7.33
CA THR E 177 -17.60 -48.61 6.45
C THR E 177 -17.21 -48.59 4.96
N ILE E 178 -15.97 -48.22 4.64
CA ILE E 178 -15.55 -48.23 3.24
C ILE E 178 -15.56 -49.65 2.66
N PRO E 179 -14.94 -50.63 3.37
CA PRO E 179 -15.04 -51.99 2.83
C PRO E 179 -16.40 -52.63 2.99
N TRP E 180 -17.16 -52.28 4.01
CA TRP E 180 -18.44 -52.93 4.24
C TRP E 180 -19.54 -52.42 3.30
N VAL E 181 -19.72 -51.09 3.26
CA VAL E 181 -20.73 -50.46 2.42
C VAL E 181 -20.16 -50.19 1.02
N GLY E 182 -19.05 -49.46 0.97
CA GLY E 182 -18.51 -48.97 -0.27
C GLY E 182 -18.09 -49.99 -1.29
N ILE E 183 -17.81 -51.22 -0.84
CA ILE E 183 -17.30 -52.23 -1.77
C ILE E 183 -18.31 -52.56 -2.90
N HIS E 184 -19.60 -52.54 -2.57
CA HIS E 184 -20.66 -52.70 -3.60
C HIS E 184 -20.39 -51.84 -4.85
N ALA E 185 -20.09 -50.55 -4.64
CA ALA E 185 -19.86 -49.58 -5.71
C ALA E 185 -18.51 -49.73 -6.39
N ILE E 186 -17.51 -50.18 -5.61
CA ILE E 186 -16.21 -50.45 -6.18
C ILE E 186 -16.39 -51.55 -7.22
N ASP E 187 -17.16 -52.58 -6.85
CA ASP E 187 -17.51 -53.64 -7.78
C ASP E 187 -18.24 -53.11 -9.04
N TRP E 188 -19.27 -52.27 -8.85
CA TRP E 188 -19.99 -51.69 -10.01
C TRP E 188 -19.02 -51.05 -10.99
N ILE E 189 -18.11 -50.24 -10.44
CA ILE E 189 -17.19 -49.47 -11.25
C ILE E 189 -16.27 -50.40 -12.05
N HIS E 190 -15.72 -51.39 -11.37
CA HIS E 190 -14.82 -52.36 -11.97
C HIS E 190 -15.54 -53.11 -13.10
N TRP E 191 -16.73 -53.61 -12.80
CA TRP E 191 -17.59 -54.35 -13.72
C TRP E 191 -18.04 -53.55 -14.93
N ILE E 192 -18.55 -52.34 -14.70
CA ILE E 192 -19.10 -51.54 -15.78
C ILE E 192 -18.04 -50.95 -16.68
N THR E 193 -16.92 -50.50 -16.12
CA THR E 193 -15.87 -49.90 -16.94
C THR E 193 -14.87 -50.87 -17.53
N GLY E 194 -14.68 -52.01 -16.88
CA GLY E 194 -13.59 -52.92 -17.28
C GLY E 194 -12.19 -52.31 -17.30
N LYS E 195 -12.00 -51.22 -16.55
CA LYS E 195 -10.70 -50.55 -16.49
C LYS E 195 -10.02 -50.82 -15.15
N LYS E 196 -8.69 -50.80 -15.15
CA LYS E 196 -7.93 -50.98 -13.92
C LYS E 196 -7.92 -49.65 -13.14
N PHE E 197 -8.01 -49.75 -11.81
CA PHE E 197 -7.81 -48.62 -10.90
C PHE E 197 -6.33 -48.29 -10.75
N LEU E 198 -5.95 -47.02 -10.87
CA LEU E 198 -4.55 -46.59 -10.75
C LEU E 198 -4.25 -46.00 -9.36
N SER E 199 -5.22 -45.29 -8.79
CA SER E 199 -5.04 -44.64 -7.47
C SER E 199 -6.35 -44.28 -6.82
N VAL E 200 -6.29 -44.11 -5.50
CA VAL E 200 -7.45 -43.71 -4.74
C VAL E 200 -7.03 -42.64 -3.74
N TYR E 201 -7.87 -41.63 -3.60
CA TYR E 201 -7.83 -40.77 -2.43
C TYR E 201 -9.18 -40.88 -1.76
N ALA E 202 -9.20 -41.02 -0.45
CA ALA E 202 -10.45 -41.24 0.24
C ALA E 202 -10.43 -40.65 1.63
N THR E 203 -11.62 -40.35 2.16
CA THR E 203 -11.73 -39.84 3.51
C THR E 203 -12.95 -40.49 4.11
N HIS E 204 -12.99 -40.54 5.45
CA HIS E 204 -14.13 -41.08 6.18
C HIS E 204 -14.18 -40.41 7.54
N SER E 205 -15.35 -40.42 8.14
CA SER E 205 -15.53 -39.81 9.43
C SER E 205 -16.47 -40.67 10.29
N ARG E 206 -16.26 -40.65 11.60
CA ARG E 206 -17.12 -41.38 12.52
C ARG E 206 -17.83 -40.45 13.49
N LEU E 207 -17.76 -39.15 13.23
CA LEU E 207 -18.53 -38.17 13.99
C LEU E 207 -20.02 -38.43 13.89
N HIS E 208 -20.72 -38.19 14.99
CA HIS E 208 -22.19 -38.32 15.08
C HIS E 208 -22.69 -39.71 14.67
N ASN E 209 -22.04 -40.75 15.20
CA ASN E 209 -22.37 -42.11 14.79
C ASN E 209 -23.40 -42.90 15.64
N SER E 210 -24.22 -42.20 16.43
CA SER E 210 -25.29 -42.82 17.26
C SER E 210 -24.77 -43.97 18.12
N GLY E 211 -23.71 -43.72 18.88
CA GLY E 211 -23.11 -44.71 19.76
C GLY E 211 -22.67 -45.99 19.06
N HIS E 212 -22.26 -45.90 17.80
CA HIS E 212 -21.73 -47.09 17.11
C HIS E 212 -20.20 -47.23 17.19
N GLY E 213 -19.61 -46.57 18.19
CA GLY E 213 -18.17 -46.71 18.49
C GLY E 213 -17.25 -46.21 17.41
N GLU E 214 -16.50 -47.14 16.82
CA GLU E 214 -15.52 -46.84 15.79
C GLU E 214 -16.07 -46.84 14.35
N LEU E 215 -17.36 -47.15 14.18
CA LEU E 215 -17.98 -47.19 12.85
C LEU E 215 -18.05 -45.81 12.17
N GLU E 216 -17.65 -45.75 10.89
CA GLU E 216 -17.76 -44.50 10.13
C GLU E 216 -19.14 -44.31 9.49
N THR E 217 -19.76 -43.17 9.78
CA THR E 217 -21.03 -42.84 9.17
C THR E 217 -20.89 -42.24 7.78
N THR E 218 -19.70 -41.76 7.41
CA THR E 218 -19.53 -41.14 6.08
C THR E 218 -18.17 -41.40 5.50
N ALA E 219 -18.09 -41.36 4.16
CA ALA E 219 -16.86 -41.57 3.42
C ALA E 219 -17.01 -41.10 1.98
N LEU E 220 -15.90 -40.60 1.43
CA LEU E 220 -15.84 -40.16 0.05
C LEU E 220 -14.56 -40.67 -0.58
N CYS E 221 -14.68 -41.35 -1.73
CA CYS E 221 -13.54 -41.94 -2.41
C CYS E 221 -13.48 -41.35 -3.79
N HIS E 222 -12.25 -41.11 -4.26
CA HIS E 222 -12.01 -40.51 -5.54
C HIS E 222 -11.01 -41.45 -6.19
N PHE E 223 -11.42 -42.06 -7.31
CA PHE E 223 -10.60 -43.03 -8.04
C PHE E 223 -10.11 -42.52 -9.35
N THR E 224 -8.85 -42.78 -9.65
CA THR E 224 -8.37 -42.62 -11.01
C THR E 224 -8.23 -44.00 -11.63
N LEU E 225 -8.81 -44.15 -12.82
CA LEU E 225 -8.68 -45.37 -13.60
C LEU E 225 -7.82 -45.08 -14.81
N GLU E 226 -7.55 -46.11 -15.60
CA GLU E 226 -6.86 -45.97 -16.90
C GLU E 226 -7.51 -44.95 -17.83
N ASN E 227 -6.69 -44.38 -18.72
CA ASN E 227 -7.20 -43.46 -19.74
C ASN E 227 -7.92 -42.22 -19.13
N GLU E 228 -7.43 -41.79 -17.96
CA GLU E 228 -7.84 -40.57 -17.30
C GLU E 228 -9.32 -40.55 -17.01
N VAL E 229 -9.86 -41.74 -16.72
CA VAL E 229 -11.22 -41.93 -16.25
C VAL E 229 -11.28 -41.74 -14.73
N PHE E 230 -12.21 -40.92 -14.25
CA PHE E 230 -12.33 -40.70 -12.82
C PHE E 230 -13.64 -41.26 -12.36
N ALA E 231 -13.66 -41.80 -11.14
CA ALA E 231 -14.87 -42.33 -10.53
C ALA E 231 -14.97 -41.84 -9.10
N SER E 232 -16.15 -41.38 -8.72
CA SER E 232 -16.39 -40.96 -7.34
C SER E 232 -17.33 -41.92 -6.63
N LEU E 233 -17.16 -42.00 -5.33
CA LEU E 233 -18.01 -42.82 -4.51
C LEU E 233 -18.31 -42.07 -3.22
N SER E 234 -19.59 -41.77 -3.02
CA SER E 234 -20.04 -41.13 -1.81
C SER E 234 -20.75 -42.20 -0.99
N ILE E 235 -20.38 -42.35 0.28
CA ILE E 235 -20.90 -43.43 1.15
C ILE E 235 -21.45 -42.81 2.41
N ASP E 236 -22.66 -43.19 2.82
CA ASP E 236 -23.13 -42.77 4.13
C ASP E 236 -24.02 -43.80 4.82
N TYR E 237 -23.95 -43.83 6.15
CA TYR E 237 -24.91 -44.55 6.95
C TYR E 237 -25.96 -43.60 7.54
N LEU E 238 -26.34 -42.59 6.76
CA LEU E 238 -27.22 -41.54 7.29
C LEU E 238 -28.59 -41.47 6.62
N ARG E 239 -28.97 -42.52 5.89
CA ARG E 239 -30.33 -42.59 5.35
C ARG E 239 -31.33 -42.55 6.53
N PRO E 240 -32.17 -41.49 6.63
CA PRO E 240 -33.05 -41.30 7.80
C PRO E 240 -34.04 -42.46 8.02
N GLN E 241 -34.38 -42.65 9.30
CA GLN E 241 -35.28 -43.73 9.70
C GLN E 241 -36.62 -43.62 8.99
N GLY E 242 -37.11 -42.40 8.83
CA GLY E 242 -38.34 -42.14 8.10
C GLY E 242 -38.35 -42.47 6.61
N ALA E 243 -37.17 -42.68 5.99
CA ALA E 243 -37.09 -42.97 4.55
C ALA E 243 -37.90 -44.22 4.16
N PRO E 244 -38.47 -44.27 2.94
CA PRO E 244 -39.39 -45.38 2.61
C PRO E 244 -38.70 -46.74 2.39
N THR E 245 -37.40 -46.74 2.10
CA THR E 245 -36.60 -47.96 1.91
C THR E 245 -35.28 -47.89 2.68
N HIS E 246 -34.60 -49.02 2.81
CA HIS E 246 -33.35 -49.06 3.60
C HIS E 246 -32.12 -48.56 2.81
N ASP E 247 -32.27 -48.33 1.51
CA ASP E 247 -31.15 -48.05 0.62
C ASP E 247 -31.44 -46.99 -0.44
N ASP E 248 -30.36 -46.41 -0.98
CA ASP E 248 -30.45 -45.42 -2.03
C ASP E 248 -29.17 -45.53 -2.84
N ASP E 249 -29.13 -46.55 -3.72
CA ASP E 249 -27.96 -46.83 -4.57
C ASP E 249 -28.07 -45.99 -5.86
N ARG E 250 -26.96 -45.40 -6.32
CA ARG E 250 -26.98 -44.62 -7.55
C ARG E 250 -25.70 -44.78 -8.32
N MSE E 251 -25.81 -44.70 -9.64
CA MSE E 251 -24.64 -44.71 -10.49
C MSE E 251 -24.93 -43.88 -11.73
O MSE E 251 -25.98 -44.07 -12.36
CB MSE E 251 -24.29 -46.14 -10.91
CG MSE E 251 -23.03 -46.23 -11.73
SE MSE E 251 -22.65 -48.12 -12.05
CE MSE E 251 -20.83 -48.00 -12.59
N ARG E 252 -24.01 -43.02 -12.08
CA ARG E 252 -24.14 -42.23 -13.27
C ARG E 252 -22.89 -42.51 -14.06
N ILE E 253 -23.06 -42.83 -15.33
CA ILE E 253 -21.96 -43.20 -16.21
C ILE E 253 -21.93 -42.23 -17.35
N VAL E 254 -20.86 -41.44 -17.42
CA VAL E 254 -20.80 -40.38 -18.38
C VAL E 254 -19.78 -40.75 -19.44
N GLY E 255 -20.23 -40.84 -20.68
CA GLY E 255 -19.37 -41.21 -21.78
C GLY E 255 -19.31 -40.14 -22.84
N THR E 256 -18.51 -40.39 -23.88
CA THR E 256 -18.35 -39.43 -24.99
C THR E 256 -19.62 -39.32 -25.84
N ARG E 257 -20.48 -40.32 -25.77
CA ARG E 257 -21.68 -40.36 -26.63
C ARG E 257 -23.00 -40.37 -25.88
N GLY E 258 -22.97 -40.52 -24.56
CA GLY E 258 -24.23 -40.58 -23.83
C GLY E 258 -24.00 -40.70 -22.36
N ILE E 259 -25.09 -40.68 -21.61
CA ILE E 259 -25.04 -40.83 -20.18
C ILE E 259 -26.07 -41.88 -19.78
N VAL E 260 -25.63 -42.84 -18.99
CA VAL E 260 -26.51 -43.83 -18.40
C VAL E 260 -26.55 -43.63 -16.89
N GLU E 261 -27.75 -43.67 -16.34
CA GLU E 261 -27.93 -43.44 -14.93
C GLU E 261 -28.86 -44.43 -14.25
N VAL E 262 -28.38 -45.03 -13.15
CA VAL E 262 -29.19 -45.89 -12.28
C VAL E 262 -29.60 -45.08 -11.07
N ILE E 263 -30.91 -44.89 -10.88
CA ILE E 263 -31.41 -44.19 -9.71
C ILE E 263 -32.81 -44.70 -9.38
N ASN E 264 -33.05 -44.92 -8.09
CA ASN E 264 -34.35 -45.38 -7.63
C ASN E 264 -34.76 -46.70 -8.25
N GLU E 265 -33.79 -47.59 -8.46
CA GLU E 265 -34.06 -48.90 -9.06
C GLU E 265 -34.56 -48.78 -10.51
N ARG E 266 -34.28 -47.64 -11.14
CA ARG E 266 -34.67 -47.36 -12.52
C ARG E 266 -33.46 -46.88 -13.31
N VAL E 267 -33.57 -46.91 -14.64
CA VAL E 267 -32.45 -46.60 -15.55
C VAL E 267 -32.86 -45.53 -16.55
N PHE E 268 -31.98 -44.55 -16.73
CA PHE E 268 -32.26 -43.43 -17.61
C PHE E 268 -31.13 -43.29 -18.59
N LEU E 269 -31.46 -42.96 -19.83
CA LEU E 269 -30.42 -42.80 -20.84
C LEU E 269 -30.54 -41.43 -21.41
N THR E 270 -29.40 -40.74 -21.56
CA THR E 270 -29.36 -39.44 -22.18
C THR E 270 -28.41 -39.52 -23.37
N ASP E 271 -28.94 -39.27 -24.55
CA ASP E 271 -28.11 -39.25 -25.74
C ASP E 271 -28.73 -38.35 -26.77
N GLU E 272 -28.37 -38.54 -28.03
CA GLU E 272 -28.77 -37.66 -29.12
C GLU E 272 -30.27 -37.67 -29.36
N LYS E 273 -30.97 -38.69 -28.86
CA LYS E 273 -32.44 -38.75 -28.98
C LYS E 273 -33.13 -38.11 -27.78
N GLY E 274 -32.35 -37.78 -26.75
CA GLY E 274 -32.91 -37.12 -25.57
C GLY E 274 -32.72 -37.93 -24.31
N HIS E 275 -33.51 -37.57 -23.29
CA HIS E 275 -33.36 -38.11 -21.96
C HIS E 275 -34.61 -38.86 -21.62
N ARG E 276 -34.50 -40.15 -21.31
CA ARG E 276 -35.71 -40.96 -21.05
C ARG E 276 -35.40 -42.18 -20.27
N GLU E 277 -36.43 -42.70 -19.62
CA GLU E 277 -36.33 -43.95 -18.91
C GLU E 277 -36.31 -45.13 -19.88
N VAL E 278 -35.60 -46.18 -19.52
CA VAL E 278 -35.43 -47.36 -20.34
C VAL E 278 -36.07 -48.56 -19.60
N PRO E 279 -36.76 -49.46 -20.36
CA PRO E 279 -37.30 -50.66 -19.69
C PRO E 279 -36.16 -51.56 -19.21
N LEU E 280 -36.39 -52.33 -18.16
CA LEU E 280 -35.33 -53.12 -17.53
C LEU E 280 -35.40 -54.58 -17.93
N VAL E 281 -34.25 -55.15 -18.25
CA VAL E 281 -34.15 -56.60 -18.46
C VAL E 281 -34.57 -57.41 -17.25
N GLU E 282 -34.72 -58.71 -17.48
CA GLU E 282 -35.04 -59.68 -16.46
C GLU E 282 -33.90 -59.79 -15.45
N LYS E 283 -34.28 -59.92 -14.19
CA LYS E 283 -33.35 -60.13 -13.09
C LYS E 283 -32.50 -61.40 -13.25
N GLY E 284 -31.37 -61.43 -12.57
CA GLY E 284 -30.56 -62.62 -12.41
C GLY E 284 -30.65 -63.05 -10.96
N GLN E 285 -29.87 -64.05 -10.57
CA GLN E 285 -29.78 -64.42 -9.17
C GLN E 285 -28.36 -64.92 -8.90
N ILE E 286 -27.70 -64.32 -7.91
CA ILE E 286 -26.27 -64.60 -7.68
C ILE E 286 -25.97 -66.07 -7.35
N PHE E 287 -26.78 -66.67 -6.47
CA PHE E 287 -26.52 -68.03 -6.09
C PHE E 287 -26.85 -69.05 -7.19
N GLU E 288 -27.88 -68.76 -7.98
CA GLU E 288 -28.16 -69.57 -9.17
C GLU E 288 -26.95 -69.53 -10.10
N ASP E 289 -26.38 -68.33 -10.25
CA ASP E 289 -25.22 -68.11 -11.11
C ASP E 289 -23.97 -68.80 -10.52
N PHE E 290 -23.97 -68.95 -9.20
CA PHE E 290 -22.88 -69.62 -8.47
C PHE E 290 -22.97 -71.14 -8.67
N LEU E 291 -24.16 -71.70 -8.42
CA LEU E 291 -24.44 -73.13 -8.61
C LEU E 291 -24.09 -73.63 -9.99
N ARG E 292 -24.51 -72.89 -11.02
CA ARG E 292 -24.17 -73.21 -12.42
C ARG E 292 -22.66 -73.38 -12.61
N GLU E 293 -21.89 -72.52 -11.94
CA GLU E 293 -20.43 -72.54 -12.02
C GLU E 293 -19.85 -73.87 -11.55
N ILE E 294 -20.31 -74.31 -10.37
CA ILE E 294 -19.87 -75.53 -9.72
C ILE E 294 -20.21 -76.77 -10.56
N ARG E 295 -21.37 -76.71 -11.24
CA ARG E 295 -21.88 -77.80 -12.08
C ARG E 295 -21.41 -77.73 -13.54
N GLY E 296 -20.36 -76.94 -13.80
CA GLY E 296 -19.81 -76.81 -15.15
C GLY E 296 -20.77 -76.32 -16.23
N GLN E 297 -21.95 -75.85 -15.82
CA GLN E 297 -22.97 -75.32 -16.74
C GLN E 297 -22.67 -73.92 -17.28
N GLY E 298 -21.64 -73.27 -16.75
CA GLY E 298 -21.29 -71.91 -17.15
C GLY E 298 -20.69 -71.07 -16.03
N LYS E 299 -20.09 -69.94 -16.42
CA LYS E 299 -19.34 -69.07 -15.51
C LYS E 299 -20.21 -68.12 -14.71
N CYS E 300 -20.02 -68.12 -13.38
CA CYS E 300 -20.54 -67.06 -12.52
C CYS E 300 -19.92 -65.73 -12.95
N MSE E 301 -20.76 -64.70 -13.04
CA MSE E 301 -20.33 -63.38 -13.53
C MSE E 301 -19.37 -62.67 -12.55
O MSE E 301 -18.45 -61.96 -12.98
CB MSE E 301 -21.57 -62.56 -13.83
CG MSE E 301 -21.34 -61.18 -14.38
SE MSE E 301 -22.97 -60.17 -14.16
CE MSE E 301 -23.55 -60.56 -12.38
N VAL E 302 -19.58 -62.86 -11.25
CA VAL E 302 -18.64 -62.41 -10.22
C VAL E 302 -17.49 -63.42 -10.06
N THR E 303 -16.35 -63.13 -10.67
CA THR E 303 -15.20 -64.02 -10.60
C THR E 303 -14.46 -63.95 -9.24
N PRO E 304 -13.74 -65.03 -8.88
CA PRO E 304 -12.90 -64.98 -7.69
C PRO E 304 -11.84 -63.88 -7.83
N GLU E 305 -11.37 -63.63 -9.06
CA GLU E 305 -10.51 -62.48 -9.37
C GLU E 305 -11.17 -61.17 -8.94
N ASP E 306 -12.42 -60.97 -9.38
CA ASP E 306 -13.21 -59.80 -9.00
C ASP E 306 -13.28 -59.68 -7.47
N SER E 307 -13.60 -60.79 -6.79
CA SER E 307 -13.79 -60.78 -5.34
C SER E 307 -12.50 -60.40 -4.60
N ILE E 308 -11.36 -60.74 -5.21
CA ILE E 308 -10.07 -60.44 -4.60
C ILE E 308 -9.69 -58.99 -4.86
N LEU E 309 -9.73 -58.59 -6.13
CA LEU E 309 -9.37 -57.23 -6.55
C LEU E 309 -10.21 -56.15 -5.83
N THR E 310 -11.53 -56.33 -5.81
CA THR E 310 -12.39 -55.32 -5.23
C THR E 310 -12.17 -55.20 -3.71
N THR E 311 -11.90 -56.32 -3.04
CA THR E 311 -11.50 -56.26 -1.63
C THR E 311 -10.15 -55.52 -1.49
N GLU E 312 -9.23 -55.74 -2.43
CA GLU E 312 -7.96 -55.00 -2.42
C GLU E 312 -8.17 -53.49 -2.52
N ILE E 313 -8.98 -53.07 -3.49
CA ILE E 313 -9.26 -51.66 -3.69
C ILE E 313 -9.98 -51.07 -2.47
N ALA E 314 -10.88 -51.84 -1.88
CA ALA E 314 -11.59 -51.38 -0.68
C ALA E 314 -10.63 -51.15 0.49
N LEU E 315 -9.60 -51.99 0.59
CA LEU E 315 -8.62 -51.86 1.66
C LEU E 315 -7.63 -50.74 1.32
N LYS E 316 -7.33 -50.60 0.03
CA LYS E 316 -6.50 -49.50 -0.46
C LYS E 316 -7.15 -48.15 -0.17
N ALA E 317 -8.47 -48.06 -0.31
CA ALA E 317 -9.19 -46.82 -0.09
C ALA E 317 -9.30 -46.54 1.39
N ARG E 318 -9.50 -47.60 2.19
CA ARG E 318 -9.49 -47.47 3.66
C ARG E 318 -8.15 -46.94 4.18
N LEU E 319 -7.07 -47.49 3.65
CA LEU E 319 -5.74 -47.01 3.96
C LEU E 319 -5.56 -45.51 3.64
N SER E 320 -6.00 -45.08 2.45
CA SER E 320 -5.99 -43.66 2.10
C SER E 320 -6.67 -42.85 3.18
N ALA E 321 -7.83 -43.35 3.61
CA ALA E 321 -8.70 -42.63 4.51
C ALA E 321 -8.15 -42.61 5.94
N ASP E 322 -7.38 -43.63 6.30
CA ASP E 322 -6.74 -43.69 7.63
C ASP E 322 -5.42 -42.90 7.69
N THR E 323 -4.82 -42.58 6.53
CA THR E 323 -3.51 -41.89 6.50
C THR E 323 -3.56 -40.49 5.86
N GLY E 324 -4.64 -40.19 5.13
CA GLY E 324 -4.77 -38.92 4.40
C GLY E 324 -3.87 -38.81 3.18
N GLN E 325 -3.36 -39.95 2.71
CA GLN E 325 -2.48 -40.01 1.54
C GLN E 325 -3.20 -40.57 0.29
N ILE E 326 -2.82 -40.07 -0.86
CA ILE E 326 -3.12 -40.70 -2.12
C ILE E 326 -2.48 -42.09 -2.13
N VAL E 327 -3.27 -43.14 -2.32
CA VAL E 327 -2.73 -44.50 -2.34
C VAL E 327 -2.71 -45.04 -3.76
N LEU E 328 -1.55 -45.51 -4.22
CA LEU E 328 -1.38 -46.03 -5.57
C LEU E 328 -1.81 -47.50 -5.65
N ILE E 329 -2.45 -47.84 -6.76
CA ILE E 329 -2.95 -49.21 -7.00
C ILE E 329 -2.35 -49.74 -8.28
N SER F 2 -30.52 8.20 -10.87
CA SER F 2 -30.39 7.29 -12.04
C SER F 2 -28.98 6.64 -12.04
N LEU F 3 -28.88 5.37 -12.41
CA LEU F 3 -27.59 4.70 -12.40
C LEU F 3 -27.21 4.37 -13.82
N LYS F 4 -26.01 4.79 -14.20
CA LYS F 4 -25.47 4.58 -15.53
C LYS F 4 -24.65 3.30 -15.54
N ILE F 5 -24.94 2.43 -16.51
CA ILE F 5 -24.28 1.14 -16.58
C ILE F 5 -23.59 1.02 -17.94
N CYS F 6 -22.35 0.56 -17.92
CA CYS F 6 -21.72 0.11 -19.14
C CYS F 6 -21.42 -1.38 -19.06
N VAL F 7 -21.23 -1.98 -20.24
CA VAL F 7 -20.95 -3.41 -20.36
C VAL F 7 -19.70 -3.65 -21.18
N ILE F 8 -18.74 -4.37 -20.62
CA ILE F 8 -17.58 -4.82 -21.40
C ILE F 8 -17.67 -6.31 -21.65
N GLY F 9 -17.71 -6.66 -22.93
CA GLY F 9 -17.75 -8.05 -23.32
C GLY F 9 -19.17 -8.55 -23.61
N SER F 10 -19.21 -9.72 -24.23
CA SER F 10 -20.42 -10.45 -24.55
C SER F 10 -20.19 -11.95 -24.36
N SER F 11 -19.16 -12.31 -23.59
CA SER F 11 -18.72 -13.69 -23.49
C SER F 11 -19.10 -14.34 -22.15
N GLY F 12 -19.98 -13.72 -21.38
CA GLY F 12 -20.44 -14.30 -20.14
C GLY F 12 -21.93 -14.10 -19.95
N HIS F 13 -22.40 -14.20 -18.72
CA HIS F 13 -23.84 -14.20 -18.49
C HIS F 13 -24.38 -12.82 -18.26
N PHE F 14 -24.18 -11.94 -19.24
CA PHE F 14 -24.64 -10.55 -19.18
C PHE F 14 -26.15 -10.45 -18.96
N ARG F 15 -26.88 -11.49 -19.35
CA ARG F 15 -28.34 -11.55 -19.11
C ARG F 15 -28.76 -11.40 -17.65
N TYR F 16 -27.87 -11.80 -16.74
CA TYR F 16 -28.14 -11.56 -15.32
C TYR F 16 -28.36 -10.06 -15.02
N ALA F 17 -27.58 -9.18 -15.66
CA ALA F 17 -27.79 -7.72 -15.53
C ALA F 17 -29.02 -7.19 -16.29
N LEU F 18 -29.22 -7.62 -17.53
CA LEU F 18 -30.35 -7.15 -18.34
C LEU F 18 -31.68 -7.49 -17.68
N GLU F 19 -31.77 -8.68 -17.09
CA GLU F 19 -33.00 -9.14 -16.47
C GLU F 19 -33.21 -8.56 -15.10
N GLY F 20 -32.26 -7.76 -14.62
CA GLY F 20 -32.45 -7.11 -13.32
C GLY F 20 -32.61 -5.61 -13.38
N LEU F 21 -32.66 -5.04 -14.59
CA LEU F 21 -32.71 -3.59 -14.74
C LEU F 21 -34.03 -3.01 -14.19
N ASP F 22 -33.99 -1.75 -13.80
CA ASP F 22 -35.21 -1.03 -13.43
C ASP F 22 -35.23 0.35 -14.05
N GLU F 23 -36.34 1.03 -13.80
CA GLU F 23 -36.60 2.40 -14.24
C GLU F 23 -35.46 3.40 -13.99
N GLU F 24 -34.71 3.20 -12.91
CA GLU F 24 -33.61 4.08 -12.55
C GLU F 24 -32.25 3.58 -13.02
N CYS F 25 -32.22 2.67 -13.98
CA CYS F 25 -30.97 2.19 -14.61
C CYS F 25 -31.02 2.47 -16.06
N SER F 26 -29.88 2.80 -16.65
CA SER F 26 -29.79 2.72 -18.10
C SER F 26 -28.42 2.25 -18.50
N ILE F 27 -28.38 1.43 -19.53
CA ILE F 27 -27.13 1.03 -20.12
C ILE F 27 -26.73 2.08 -21.14
N THR F 28 -25.70 2.86 -20.84
CA THR F 28 -25.33 3.96 -21.72
C THR F 28 -24.21 3.61 -22.72
N GLY F 29 -23.49 2.52 -22.47
CA GLY F 29 -22.40 2.11 -23.34
C GLY F 29 -22.04 0.65 -23.33
N ILE F 30 -21.49 0.17 -24.45
CA ILE F 30 -20.99 -1.19 -24.59
C ILE F 30 -19.67 -1.18 -25.37
N ALA F 31 -18.81 -2.17 -25.10
CA ALA F 31 -17.52 -2.29 -25.78
C ALA F 31 -17.08 -3.75 -25.74
N PRO F 32 -16.25 -4.16 -26.71
CA PRO F 32 -15.63 -5.47 -26.51
C PRO F 32 -14.43 -5.35 -25.55
N GLY F 33 -14.02 -6.46 -24.97
CA GLY F 33 -12.83 -6.45 -24.12
C GLY F 33 -11.56 -6.58 -24.94
N VAL F 34 -11.67 -7.30 -26.06
CA VAL F 34 -10.60 -7.43 -27.05
C VAL F 34 -11.15 -7.06 -28.43
N PRO F 35 -10.28 -6.54 -29.34
CA PRO F 35 -10.83 -6.09 -30.62
C PRO F 35 -11.63 -7.16 -31.36
N GLU F 36 -11.25 -8.43 -31.23
CA GLU F 36 -11.86 -9.51 -31.99
C GLU F 36 -13.06 -10.18 -31.30
N GLU F 37 -13.36 -9.79 -30.06
CA GLU F 37 -14.44 -10.43 -29.32
C GLU F 37 -15.77 -10.28 -30.06
N ASP F 38 -16.46 -11.40 -30.23
CA ASP F 38 -17.78 -11.41 -30.84
C ASP F 38 -18.83 -10.81 -29.89
N LEU F 39 -19.48 -9.74 -30.31
CA LEU F 39 -20.48 -9.07 -29.51
C LEU F 39 -21.95 -9.35 -29.88
N SER F 40 -22.19 -10.22 -30.87
CA SER F 40 -23.56 -10.52 -31.37
C SER F 40 -24.62 -10.72 -30.30
N LYS F 41 -24.36 -11.64 -29.37
CA LYS F 41 -25.34 -12.01 -28.35
C LYS F 41 -25.79 -10.79 -27.55
N LEU F 42 -24.83 -10.01 -27.05
CA LEU F 42 -25.17 -8.81 -26.31
C LEU F 42 -26.00 -7.84 -27.14
N GLU F 43 -25.57 -7.58 -28.37
CA GLU F 43 -26.28 -6.67 -29.26
C GLU F 43 -27.67 -7.20 -29.61
N LYS F 44 -27.78 -8.49 -29.87
CA LYS F 44 -29.09 -9.11 -30.04
C LYS F 44 -30.05 -8.77 -28.90
N ALA F 45 -29.60 -8.95 -27.66
CA ALA F 45 -30.47 -8.82 -26.49
C ALA F 45 -30.85 -7.37 -26.21
N ILE F 46 -29.88 -6.47 -26.40
CA ILE F 46 -30.14 -5.06 -26.11
C ILE F 46 -31.19 -4.47 -27.08
N SER F 47 -31.07 -4.79 -28.37
CA SER F 47 -32.05 -4.28 -29.35
C SER F 47 -33.45 -4.82 -29.08
N GLU F 48 -33.57 -6.13 -28.88
CA GLU F 48 -34.82 -6.75 -28.43
C GLU F 48 -35.42 -6.12 -27.18
N MSE F 49 -34.64 -5.32 -26.46
CA MSE F 49 -35.15 -4.64 -25.28
C MSE F 49 -35.42 -3.18 -25.54
O MSE F 49 -35.91 -2.46 -24.68
CB MSE F 49 -34.19 -4.78 -24.10
CG MSE F 49 -34.20 -6.13 -23.42
SE MSE F 49 -32.81 -6.16 -22.07
CE MSE F 49 -33.72 -5.17 -20.66
N ASN F 50 -35.06 -2.74 -26.74
CA ASN F 50 -35.20 -1.34 -27.16
C ASN F 50 -34.28 -0.34 -26.48
N ILE F 51 -33.19 -0.80 -25.86
CA ILE F 51 -32.21 0.16 -25.33
C ILE F 51 -31.13 0.35 -26.38
N LYS F 52 -30.68 1.59 -26.56
CA LYS F 52 -29.71 1.90 -27.61
C LYS F 52 -28.47 2.61 -27.06
N PRO F 53 -27.53 1.84 -26.50
CA PRO F 53 -26.33 2.47 -25.93
C PRO F 53 -25.30 2.76 -27.01
N LYS F 54 -24.38 3.66 -26.72
CA LYS F 54 -23.29 3.95 -27.65
C LYS F 54 -22.29 2.79 -27.62
N LYS F 55 -21.88 2.35 -28.81
CA LYS F 55 -20.89 1.30 -28.94
C LYS F 55 -19.51 1.92 -29.17
N TYR F 56 -18.56 1.54 -28.33
CA TYR F 56 -17.18 1.97 -28.43
C TYR F 56 -16.31 0.83 -28.89
N ASN F 57 -15.24 1.14 -29.64
CA ASN F 57 -14.20 0.15 -29.94
C ASN F 57 -13.28 -0.14 -28.76
N ASN F 58 -13.01 0.87 -27.94
CA ASN F 58 -12.04 0.72 -26.86
C ASN F 58 -12.72 0.84 -25.52
N TRP F 59 -12.68 -0.22 -24.71
CA TRP F 59 -13.35 -0.16 -23.40
C TRP F 59 -12.83 0.99 -22.54
N TRP F 60 -11.52 1.24 -22.62
CA TRP F 60 -10.90 2.30 -21.83
C TRP F 60 -11.45 3.68 -22.22
N GLU F 61 -11.72 3.90 -23.50
CA GLU F 61 -12.34 5.17 -23.95
C GLU F 61 -13.79 5.31 -23.47
N MSE F 62 -14.53 4.20 -23.51
CA MSE F 62 -15.90 4.20 -22.97
C MSE F 62 -15.95 4.64 -21.50
O MSE F 62 -16.82 5.43 -21.10
CB MSE F 62 -16.53 2.82 -23.16
CG MSE F 62 -17.94 2.69 -22.60
SE MSE F 62 -18.59 0.87 -22.79
CE MSE F 62 -17.45 0.04 -21.45
N LEU F 63 -15.03 4.13 -20.69
CA LEU F 63 -15.04 4.48 -19.26
C LEU F 63 -14.81 5.97 -19.05
N GLU F 64 -13.82 6.49 -19.77
CA GLU F 64 -13.46 7.89 -19.69
C GLU F 64 -14.63 8.76 -20.17
N LYS F 65 -15.31 8.33 -21.24
CA LYS F 65 -16.43 9.12 -21.76
C LYS F 65 -17.78 8.92 -21.10
N GLU F 66 -18.08 7.70 -20.69
CA GLU F 66 -19.38 7.45 -20.08
C GLU F 66 -19.39 7.62 -18.57
N LYS F 67 -18.23 7.43 -17.92
CA LYS F 67 -18.16 7.49 -16.44
C LYS F 67 -19.31 6.69 -15.80
N PRO F 68 -19.37 5.37 -16.05
CA PRO F 68 -20.51 4.64 -15.48
C PRO F 68 -20.45 4.55 -13.95
N ASP F 69 -21.60 4.38 -13.30
CA ASP F 69 -21.63 4.07 -11.87
C ASP F 69 -21.37 2.58 -11.66
N ILE F 70 -21.70 1.79 -12.69
CA ILE F 70 -21.61 0.33 -12.63
C ILE F 70 -21.09 -0.21 -13.95
N LEU F 71 -20.17 -1.16 -13.83
CA LEU F 71 -19.59 -1.82 -14.97
C LEU F 71 -19.90 -3.32 -14.94
N VAL F 72 -20.48 -3.83 -16.02
CA VAL F 72 -20.74 -5.25 -16.16
C VAL F 72 -19.60 -5.83 -16.97
N ILE F 73 -18.85 -6.74 -16.37
CA ILE F 73 -17.63 -7.20 -16.98
C ILE F 73 -17.79 -8.67 -17.35
N ASN F 74 -17.80 -8.99 -18.64
CA ASN F 74 -17.88 -10.39 -19.08
C ASN F 74 -17.24 -10.61 -20.43
N THR F 75 -15.91 -10.67 -20.43
CA THR F 75 -15.12 -10.69 -21.64
C THR F 75 -14.27 -11.96 -21.63
N VAL F 76 -13.12 -11.94 -22.32
CA VAL F 76 -12.17 -13.09 -22.23
C VAL F 76 -11.90 -13.43 -20.75
N PHE F 77 -12.01 -14.69 -20.32
CA PHE F 77 -12.07 -14.98 -18.88
C PHE F 77 -10.86 -14.43 -18.06
N SER F 78 -9.64 -14.67 -18.54
CA SER F 78 -8.44 -14.15 -17.89
C SER F 78 -8.44 -12.63 -17.79
N LEU F 79 -9.17 -11.99 -18.70
CA LEU F 79 -9.22 -10.54 -18.75
C LEU F 79 -10.19 -9.98 -17.71
N ASN F 80 -11.21 -10.75 -17.35
CA ASN F 80 -12.22 -10.28 -16.38
C ASN F 80 -11.59 -9.70 -15.09
N GLY F 81 -10.66 -10.41 -14.48
CA GLY F 81 -9.95 -9.92 -13.29
C GLY F 81 -9.13 -8.63 -13.47
N LYS F 82 -8.52 -8.46 -14.64
CA LYS F 82 -7.68 -7.30 -14.91
C LYS F 82 -8.55 -6.06 -15.08
N ILE F 83 -9.67 -6.21 -15.79
CA ILE F 83 -10.64 -5.14 -15.90
C ILE F 83 -11.35 -4.85 -14.55
N LEU F 84 -11.68 -5.89 -13.78
CA LEU F 84 -12.20 -5.67 -12.45
C LEU F 84 -11.23 -4.84 -11.61
N LEU F 85 -9.95 -5.22 -11.62
CA LEU F 85 -8.91 -4.43 -10.96
C LEU F 85 -8.99 -2.96 -11.35
N GLU F 86 -9.07 -2.70 -12.66
CA GLU F 86 -9.28 -1.36 -13.20
C GLU F 86 -10.52 -0.65 -12.67
N ALA F 87 -11.63 -1.36 -12.59
CA ALA F 87 -12.88 -0.78 -12.10
C ALA F 87 -12.73 -0.37 -10.62
N LEU F 88 -12.15 -1.24 -9.81
CA LEU F 88 -11.93 -0.94 -8.40
C LEU F 88 -11.04 0.30 -8.17
N GLU F 89 -9.91 0.35 -8.87
CA GLU F 89 -9.01 1.52 -8.88
C GLU F 89 -9.74 2.78 -9.27
N ARG F 90 -10.62 2.71 -10.27
CA ARG F 90 -11.40 3.88 -10.67
C ARG F 90 -12.68 4.07 -9.85
N LYS F 91 -12.87 3.25 -8.83
CA LYS F 91 -14.04 3.37 -7.95
C LYS F 91 -15.32 3.16 -8.72
N ILE F 92 -15.34 2.19 -9.64
CA ILE F 92 -16.56 1.91 -10.34
C ILE F 92 -17.07 0.58 -9.84
N HIS F 93 -18.34 0.56 -9.44
CA HIS F 93 -18.94 -0.68 -8.98
C HIS F 93 -18.91 -1.70 -10.11
N ALA F 94 -18.68 -2.95 -9.78
CA ALA F 94 -18.46 -3.92 -10.86
C ALA F 94 -19.23 -5.21 -10.61
N PHE F 95 -19.87 -5.70 -11.67
CA PHE F 95 -20.63 -6.95 -11.65
C PHE F 95 -19.90 -7.80 -12.66
N VAL F 96 -19.18 -8.79 -12.15
CA VAL F 96 -18.11 -9.41 -12.95
C VAL F 96 -18.32 -10.91 -13.12
N GLU F 97 -18.15 -11.40 -14.33
CA GLU F 97 -18.19 -12.86 -14.56
C GLU F 97 -17.17 -13.61 -13.68
N LYS F 98 -17.52 -14.83 -13.28
CA LYS F 98 -16.63 -15.73 -12.53
C LYS F 98 -15.80 -16.56 -13.54
N PRO F 99 -14.64 -17.08 -13.13
CA PRO F 99 -13.89 -16.75 -11.89
C PRO F 99 -13.38 -15.31 -11.97
N ILE F 100 -13.18 -14.66 -10.82
CA ILE F 100 -12.81 -13.25 -10.88
C ILE F 100 -11.31 -13.03 -11.19
N ALA F 101 -10.57 -14.13 -11.25
CA ALA F 101 -9.14 -14.12 -11.58
C ALA F 101 -8.85 -15.51 -12.12
N THR F 102 -7.96 -15.60 -13.10
CA THR F 102 -7.45 -16.91 -13.56
C THR F 102 -6.03 -17.23 -13.08
N THR F 103 -5.41 -16.31 -12.34
CA THR F 103 -4.12 -16.61 -11.68
C THR F 103 -4.13 -16.10 -10.22
N PHE F 104 -3.32 -16.70 -9.35
CA PHE F 104 -3.20 -16.21 -7.96
C PHE F 104 -2.72 -14.77 -7.90
N GLU F 105 -1.81 -14.43 -8.81
CA GLU F 105 -1.30 -13.06 -8.95
C GLU F 105 -2.40 -12.01 -9.19
N ASP F 106 -3.25 -12.25 -10.19
CA ASP F 106 -4.38 -11.35 -10.38
C ASP F 106 -5.32 -11.37 -9.17
N LEU F 107 -5.59 -12.55 -8.58
CA LEU F 107 -6.48 -12.57 -7.43
C LEU F 107 -5.92 -11.73 -6.26
N GLU F 108 -4.60 -11.80 -6.05
CA GLU F 108 -3.96 -11.04 -4.98
C GLU F 108 -4.09 -9.51 -5.17
N LYS F 109 -3.96 -9.04 -6.39
CA LYS F 109 -4.12 -7.63 -6.70
C LYS F 109 -5.54 -7.14 -6.42
N ILE F 110 -6.53 -8.00 -6.72
CA ILE F 110 -7.93 -7.68 -6.41
C ILE F 110 -8.16 -7.60 -4.90
N ARG F 111 -7.60 -8.54 -4.17
CA ARG F 111 -7.80 -8.63 -2.72
C ARG F 111 -7.20 -7.39 -2.05
N SER F 112 -6.06 -6.95 -2.57
CA SER F 112 -5.37 -5.82 -1.97
C SER F 112 -6.02 -4.48 -2.32
N VAL F 113 -6.31 -4.27 -3.60
CA VAL F 113 -7.01 -3.04 -3.97
C VAL F 113 -8.41 -2.98 -3.33
N TYR F 114 -9.16 -4.10 -3.30
CA TYR F 114 -10.49 -4.10 -2.68
C TYR F 114 -10.45 -3.66 -1.21
N GLN F 115 -9.48 -4.17 -0.46
CA GLN F 115 -9.35 -3.85 0.97
C GLN F 115 -9.30 -2.31 1.17
N LYS F 116 -8.64 -1.64 0.23
CA LYS F 116 -8.42 -0.20 0.26
C LYS F 116 -9.63 0.64 -0.16
N VAL F 117 -10.48 0.12 -1.04
CA VAL F 117 -11.59 0.89 -1.58
C VAL F 117 -12.95 0.40 -1.08
N ARG F 118 -12.96 -0.61 -0.20
CA ARG F 118 -14.20 -1.31 0.13
C ARG F 118 -15.27 -0.49 0.82
N ASN F 119 -14.90 0.67 1.34
CA ASN F 119 -15.93 1.54 1.93
C ASN F 119 -16.64 2.37 0.89
N GLU F 120 -16.06 2.44 -0.31
CA GLU F 120 -16.60 3.31 -1.34
C GLU F 120 -17.08 2.62 -2.61
N VAL F 121 -16.70 1.36 -2.79
CA VAL F 121 -17.05 0.69 -4.04
C VAL F 121 -17.29 -0.76 -3.77
N PHE F 122 -18.28 -1.29 -4.47
CA PHE F 122 -18.71 -2.65 -4.29
C PHE F 122 -18.43 -3.44 -5.58
N PHE F 123 -18.17 -4.72 -5.45
CA PHE F 123 -18.19 -5.60 -6.61
C PHE F 123 -18.69 -6.96 -6.13
N THR F 124 -19.18 -7.75 -7.06
CA THR F 124 -19.47 -9.12 -6.80
C THR F 124 -19.51 -9.86 -8.11
N ALA F 125 -19.50 -11.19 -8.05
CA ALA F 125 -19.40 -12.01 -9.23
C ALA F 125 -20.78 -12.57 -9.57
N MSE F 126 -20.91 -13.06 -10.79
CA MSE F 126 -22.20 -13.45 -11.37
C MSE F 126 -22.64 -14.82 -10.87
O MSE F 126 -22.85 -15.73 -11.68
CB MSE F 126 -22.12 -13.43 -12.89
CG MSE F 126 -22.09 -12.01 -13.55
SE MSE F 126 -21.94 -12.11 -15.36
CE MSE F 126 -21.76 -10.40 -15.80
N PHE F 127 -22.74 -15.00 -9.55
CA PHE F 127 -23.26 -16.28 -9.03
C PHE F 127 -24.79 -16.36 -9.01
N GLY F 128 -25.39 -16.19 -10.18
CA GLY F 128 -26.84 -16.07 -10.31
C GLY F 128 -27.63 -17.34 -10.04
N ILE F 129 -27.00 -18.51 -10.13
CA ILE F 129 -27.69 -19.76 -9.87
C ILE F 129 -28.24 -19.83 -8.43
N ARG F 130 -27.61 -19.12 -7.49
CA ARG F 130 -28.07 -19.08 -6.09
C ARG F 130 -29.54 -18.71 -5.99
N TYR F 131 -29.95 -17.81 -6.91
CA TYR F 131 -31.24 -17.09 -6.85
C TYR F 131 -32.43 -17.81 -7.49
N ARG F 132 -32.13 -18.91 -8.14
CA ARG F 132 -33.16 -19.78 -8.65
C ARG F 132 -33.91 -20.43 -7.48
N PRO F 133 -35.23 -20.59 -7.61
CA PRO F 133 -36.08 -21.15 -6.55
C PRO F 133 -35.52 -22.43 -5.91
N HIS F 134 -35.06 -23.40 -6.70
CA HIS F 134 -34.57 -24.65 -6.12
C HIS F 134 -33.36 -24.48 -5.22
N PHE F 135 -32.47 -23.56 -5.58
CA PHE F 135 -31.31 -23.32 -4.71
C PHE F 135 -31.66 -22.46 -3.49
N LEU F 136 -32.54 -21.48 -3.65
CA LEU F 136 -33.05 -20.72 -2.49
C LEU F 136 -33.74 -21.65 -1.51
N THR F 137 -34.53 -22.59 -2.03
CA THR F 137 -35.25 -23.53 -1.19
C THR F 137 -34.31 -24.45 -0.42
N ALA F 138 -33.29 -24.99 -1.10
CA ALA F 138 -32.27 -25.80 -0.44
C ALA F 138 -31.57 -25.04 0.67
N LYS F 139 -31.16 -23.81 0.38
CA LYS F 139 -30.49 -22.99 1.38
C LYS F 139 -31.40 -22.77 2.60
N LYS F 140 -32.66 -22.41 2.34
CA LYS F 140 -33.63 -22.18 3.43
C LYS F 140 -33.78 -23.43 4.31
N LEU F 141 -34.10 -24.56 3.68
CA LEU F 141 -34.19 -25.82 4.39
C LEU F 141 -32.99 -26.11 5.28
N VAL F 142 -31.81 -26.20 4.66
CA VAL F 142 -30.59 -26.54 5.38
C VAL F 142 -30.33 -25.52 6.48
N SER F 143 -30.53 -24.25 6.16
CA SER F 143 -30.25 -23.16 7.05
C SER F 143 -31.10 -23.24 8.32
N GLU F 144 -32.31 -23.76 8.16
CA GLU F 144 -33.27 -23.82 9.26
C GLU F 144 -33.34 -25.19 9.98
N GLY F 145 -32.27 -25.98 9.83
CA GLY F 145 -32.12 -27.22 10.60
C GLY F 145 -32.72 -28.49 10.01
N ALA F 146 -33.21 -28.42 8.78
CA ALA F 146 -33.88 -29.57 8.15
C ALA F 146 -33.02 -30.85 7.97
N VAL F 147 -31.70 -30.70 7.84
CA VAL F 147 -30.83 -31.87 7.80
C VAL F 147 -30.06 -32.05 9.10
N GLY F 148 -30.32 -31.20 10.09
CA GLY F 148 -29.51 -31.19 11.33
C GLY F 148 -28.13 -30.68 11.00
N GLU F 149 -27.11 -31.30 11.57
CA GLU F 149 -25.73 -30.96 11.27
C GLU F 149 -25.28 -31.59 9.93
N ILE F 150 -24.71 -30.78 9.03
CA ILE F 150 -24.24 -31.29 7.74
C ILE F 150 -23.05 -32.24 7.90
N ARG F 151 -23.05 -33.35 7.18
CA ARG F 151 -21.96 -34.31 7.22
C ARG F 151 -21.32 -34.52 5.86
N LEU F 152 -22.11 -34.44 4.80
CA LEU F 152 -21.64 -34.85 3.50
C LEU F 152 -22.38 -34.08 2.42
N VAL F 153 -21.66 -33.64 1.41
CA VAL F 153 -22.26 -32.88 0.31
C VAL F 153 -21.75 -33.42 -1.02
N ASN F 154 -22.68 -33.70 -1.95
CA ASN F 154 -22.35 -34.05 -3.34
C ASN F 154 -22.88 -32.94 -4.26
N THR F 155 -22.07 -32.52 -5.21
CA THR F 155 -22.53 -31.56 -6.20
C THR F 155 -22.17 -32.02 -7.58
N GLN F 156 -22.95 -31.58 -8.55
CA GLN F 156 -22.74 -31.99 -9.93
C GLN F 156 -22.95 -30.81 -10.85
N LYS F 157 -22.02 -30.64 -11.79
CA LYS F 157 -22.16 -29.69 -12.88
C LYS F 157 -22.00 -30.51 -14.16
N SER F 158 -22.92 -30.29 -15.11
CA SER F 158 -22.88 -30.94 -16.40
C SER F 158 -23.47 -30.03 -17.46
N TYR F 159 -22.62 -29.55 -18.35
CA TYR F 159 -23.04 -28.63 -19.41
C TYR F 159 -22.83 -29.20 -20.81
N LYS F 160 -23.66 -28.72 -21.73
CA LYS F 160 -23.38 -28.87 -23.16
C LYS F 160 -22.23 -27.95 -23.50
N LEU F 161 -21.26 -28.53 -24.19
CA LEU F 161 -20.13 -27.79 -24.73
C LEU F 161 -20.49 -27.02 -26.01
N GLY F 162 -20.56 -27.70 -27.16
CA GLY F 162 -20.87 -27.04 -28.44
C GLY F 162 -19.66 -26.23 -28.90
N GLN F 163 -19.86 -25.32 -29.85
CA GLN F 163 -18.79 -24.43 -30.30
C GLN F 163 -18.64 -23.24 -29.33
N ARG F 164 -17.41 -22.92 -28.95
CA ARG F 164 -17.15 -21.79 -28.06
C ARG F 164 -16.14 -20.86 -28.71
N PRO F 165 -16.09 -19.59 -28.27
CA PRO F 165 -15.00 -18.70 -28.73
C PRO F 165 -13.62 -19.34 -28.56
N ASP F 166 -12.68 -18.93 -29.41
CA ASP F 166 -11.36 -19.54 -29.43
C ASP F 166 -10.60 -19.36 -28.13
N PHE F 167 -10.92 -18.31 -27.35
CA PHE F 167 -10.19 -18.12 -26.09
C PHE F 167 -10.37 -19.28 -25.08
N TYR F 168 -11.43 -20.08 -25.25
CA TYR F 168 -11.61 -21.28 -24.43
C TYR F 168 -10.48 -22.30 -24.62
N LYS F 169 -9.75 -22.19 -25.74
CA LYS F 169 -8.81 -23.26 -26.12
C LYS F 169 -7.43 -23.18 -25.50
N LYS F 170 -7.08 -22.01 -24.95
CA LYS F 170 -5.82 -21.85 -24.22
C LYS F 170 -6.06 -21.59 -22.73
N ARG F 171 -5.40 -22.37 -21.89
CA ARG F 171 -5.43 -22.15 -20.44
C ARG F 171 -5.21 -20.70 -20.06
N GLU F 172 -4.26 -20.05 -20.74
CA GLU F 172 -3.88 -18.67 -20.45
C GLU F 172 -5.04 -17.69 -20.48
N THR F 173 -6.00 -17.91 -21.39
CA THR F 173 -7.17 -17.06 -21.53
C THR F 173 -8.46 -17.68 -20.98
N TYR F 174 -8.54 -19.01 -20.99
CA TYR F 174 -9.71 -19.74 -20.51
C TYR F 174 -9.70 -19.87 -18.98
N GLY F 175 -8.55 -20.24 -18.42
CA GLY F 175 -8.43 -20.36 -16.98
C GLY F 175 -8.74 -21.75 -16.47
N GLY F 176 -9.34 -22.60 -17.32
CA GLY F 176 -9.59 -23.98 -16.93
C GLY F 176 -11.04 -24.25 -16.56
N THR F 177 -11.44 -25.51 -16.68
CA THR F 177 -12.83 -25.90 -16.50
C THR F 177 -13.22 -25.94 -15.02
N ILE F 178 -12.27 -26.31 -14.15
CA ILE F 178 -12.56 -26.26 -12.71
C ILE F 178 -12.96 -24.83 -12.27
N PRO F 179 -12.21 -23.78 -12.70
CA PRO F 179 -12.68 -22.47 -12.26
C PRO F 179 -13.84 -21.89 -13.06
N TRP F 180 -13.96 -22.21 -14.35
CA TRP F 180 -15.08 -21.69 -15.15
C TRP F 180 -16.42 -22.38 -14.82
N VAL F 181 -16.45 -23.72 -14.79
CA VAL F 181 -17.70 -24.47 -14.58
C VAL F 181 -17.84 -24.89 -13.12
N GLY F 182 -16.77 -25.39 -12.52
CA GLY F 182 -16.84 -25.93 -11.17
C GLY F 182 -17.11 -24.87 -10.11
N ILE F 183 -16.73 -23.64 -10.38
CA ILE F 183 -16.80 -22.61 -9.36
C ILE F 183 -18.25 -22.39 -8.88
N HIS F 184 -19.24 -22.69 -9.73
CA HIS F 184 -20.65 -22.58 -9.32
C HIS F 184 -20.94 -23.45 -8.10
N ALA F 185 -20.46 -24.70 -8.13
CA ALA F 185 -20.72 -25.67 -7.08
C ALA F 185 -19.88 -25.37 -5.84
N ILE F 186 -18.67 -24.89 -6.06
CA ILE F 186 -17.81 -24.45 -4.96
C ILE F 186 -18.55 -23.39 -4.17
N ASP F 187 -19.20 -22.47 -4.89
CA ASP F 187 -19.99 -21.42 -4.25
C ASP F 187 -21.19 -22.01 -3.51
N TRP F 188 -21.89 -22.98 -4.12
CA TRP F 188 -23.00 -23.68 -3.43
C TRP F 188 -22.56 -24.30 -2.12
N ILE F 189 -21.41 -25.00 -2.14
CA ILE F 189 -20.86 -25.62 -0.94
C ILE F 189 -20.52 -24.57 0.11
N HIS F 190 -19.76 -23.55 -0.27
CA HIS F 190 -19.46 -22.46 0.66
C HIS F 190 -20.76 -21.86 1.27
N TRP F 191 -21.64 -21.41 0.38
CA TRP F 191 -22.90 -20.80 0.78
C TRP F 191 -23.79 -21.69 1.66
N ILE F 192 -23.99 -22.93 1.25
CA ILE F 192 -24.89 -23.81 2.00
C ILE F 192 -24.31 -24.38 3.31
N THR F 193 -23.02 -24.71 3.31
CA THR F 193 -22.45 -25.28 4.51
C THR F 193 -22.04 -24.23 5.55
N GLY F 194 -21.65 -23.05 5.08
CA GLY F 194 -21.09 -22.03 5.96
C GLY F 194 -19.76 -22.46 6.56
N LYS F 195 -19.11 -23.47 5.96
CA LYS F 195 -17.89 -24.02 6.57
C LYS F 195 -16.66 -23.68 5.78
N LYS F 196 -15.52 -23.60 6.47
CA LYS F 196 -14.25 -23.36 5.82
C LYS F 196 -13.72 -24.61 5.14
N PHE F 197 -13.14 -24.44 3.96
CA PHE F 197 -12.46 -25.53 3.19
C PHE F 197 -11.04 -25.69 3.73
N LEU F 198 -10.62 -26.91 4.08
CA LEU F 198 -9.24 -27.10 4.55
C LEU F 198 -8.33 -27.51 3.41
N SER F 199 -8.84 -28.39 2.54
CA SER F 199 -8.04 -29.00 1.50
C SER F 199 -8.83 -29.52 0.31
N VAL F 200 -8.12 -29.75 -0.79
CA VAL F 200 -8.72 -30.23 -2.02
C VAL F 200 -7.75 -31.19 -2.71
N TYR F 201 -8.32 -32.28 -3.19
CA TYR F 201 -7.70 -33.16 -4.15
C TYR F 201 -8.61 -33.17 -5.36
N ALA F 202 -8.04 -32.89 -6.52
CA ALA F 202 -8.83 -32.81 -7.72
C ALA F 202 -8.06 -33.44 -8.88
N THR F 203 -8.80 -33.93 -9.88
CA THR F 203 -8.18 -34.39 -11.14
C THR F 203 -8.98 -33.75 -12.27
N HIS F 204 -8.39 -33.65 -13.47
CA HIS F 204 -9.12 -33.24 -14.64
C HIS F 204 -8.51 -33.86 -15.90
N SER F 205 -9.30 -33.91 -16.98
CA SER F 205 -8.80 -34.52 -18.20
C SER F 205 -9.30 -33.68 -19.35
N ARG F 206 -8.40 -33.35 -20.26
CA ARG F 206 -8.78 -32.71 -21.50
C ARG F 206 -8.90 -33.72 -22.67
N LEU F 207 -8.96 -35.02 -22.36
CA LEU F 207 -9.21 -36.04 -23.40
C LEU F 207 -10.63 -35.95 -23.97
N HIS F 208 -10.73 -36.08 -25.30
CA HIS F 208 -12.02 -36.04 -26.03
C HIS F 208 -12.74 -34.72 -25.79
N ASN F 209 -12.03 -33.62 -26.01
CA ASN F 209 -12.61 -32.32 -25.77
C ASN F 209 -13.12 -31.64 -27.05
N SER F 210 -13.43 -32.45 -28.07
CA SER F 210 -14.07 -31.95 -29.30
C SER F 210 -13.34 -30.79 -29.95
N GLY F 211 -12.01 -30.87 -29.95
CA GLY F 211 -11.19 -29.84 -30.56
C GLY F 211 -11.12 -28.52 -29.80
N HIS F 212 -11.26 -28.57 -28.48
CA HIS F 212 -11.20 -27.34 -27.67
C HIS F 212 -9.83 -27.14 -27.00
N GLY F 213 -8.80 -27.75 -27.58
CA GLY F 213 -7.40 -27.50 -27.19
C GLY F 213 -7.09 -27.90 -25.77
N GLU F 214 -6.77 -26.92 -24.92
CA GLU F 214 -6.39 -27.20 -23.53
C GLU F 214 -7.59 -27.27 -22.57
N LEU F 215 -8.79 -27.09 -23.11
CA LEU F 215 -10.02 -27.17 -22.33
C LEU F 215 -10.28 -28.55 -21.77
N GLU F 216 -10.57 -28.60 -20.46
CA GLU F 216 -10.87 -29.85 -19.77
C GLU F 216 -12.35 -30.24 -19.85
N THR F 217 -12.62 -31.47 -20.27
CA THR F 217 -14.02 -31.93 -20.42
C THR F 217 -14.62 -32.52 -19.17
N THR F 218 -13.76 -33.08 -18.32
CA THR F 218 -14.19 -33.74 -17.09
C THR F 218 -13.24 -33.31 -15.96
N ALA F 219 -13.81 -33.19 -14.76
CA ALA F 219 -13.01 -33.00 -13.56
C ALA F 219 -13.76 -33.56 -12.39
N LEU F 220 -12.99 -33.94 -11.38
CA LEU F 220 -13.54 -34.41 -10.11
C LEU F 220 -12.72 -33.79 -8.96
N CYS F 221 -13.42 -33.27 -7.96
CA CYS F 221 -12.78 -32.61 -6.83
C CYS F 221 -13.29 -33.23 -5.55
N HIS F 222 -12.38 -33.42 -4.61
CA HIS F 222 -12.72 -33.88 -3.29
C HIS F 222 -12.28 -32.79 -2.31
N PHE F 223 -13.24 -32.18 -1.60
CA PHE F 223 -12.93 -31.15 -0.61
C PHE F 223 -13.13 -31.72 0.79
N THR F 224 -12.17 -31.44 1.67
CA THR F 224 -12.35 -31.61 3.12
C THR F 224 -12.65 -30.24 3.76
N LEU F 225 -13.76 -30.18 4.49
CA LEU F 225 -14.16 -28.96 5.15
C LEU F 225 -13.99 -29.12 6.66
N GLU F 226 -14.24 -28.04 7.41
CA GLU F 226 -14.22 -28.08 8.87
C GLU F 226 -15.11 -29.22 9.37
N ASN F 227 -14.78 -29.75 10.56
CA ASN F 227 -15.64 -30.73 11.23
C ASN F 227 -15.81 -32.03 10.43
N GLU F 228 -14.79 -32.38 9.66
CA GLU F 228 -14.77 -33.61 8.88
C GLU F 228 -16.00 -33.70 7.97
N VAL F 229 -16.43 -32.55 7.45
CA VAL F 229 -17.44 -32.52 6.40
C VAL F 229 -16.73 -32.75 5.07
N PHE F 230 -17.20 -33.72 4.28
CA PHE F 230 -16.62 -33.89 2.93
C PHE F 230 -17.57 -33.45 1.82
N ALA F 231 -17.02 -32.90 0.73
CA ALA F 231 -17.81 -32.52 -0.43
C ALA F 231 -17.20 -32.98 -1.75
N SER F 232 -18.03 -33.61 -2.58
CA SER F 232 -17.58 -34.04 -3.88
C SER F 232 -18.11 -33.09 -4.95
N LEU F 233 -17.32 -32.89 -5.99
CA LEU F 233 -17.76 -32.06 -7.09
C LEU F 233 -17.40 -32.77 -8.38
N SER F 234 -18.41 -33.26 -9.07
CA SER F 234 -18.24 -33.89 -10.36
C SER F 234 -18.59 -32.88 -11.44
N ILE F 235 -17.68 -32.73 -12.39
CA ILE F 235 -17.80 -31.72 -13.43
C ILE F 235 -17.61 -32.40 -14.79
N ASP F 236 -18.50 -32.12 -15.73
CA ASP F 236 -18.23 -32.49 -17.11
C ASP F 236 -18.84 -31.50 -18.10
N TYR F 237 -18.20 -31.42 -19.26
CA TYR F 237 -18.78 -30.71 -20.39
C TYR F 237 -19.28 -31.76 -21.36
N LEU F 238 -19.84 -32.84 -20.85
CA LEU F 238 -20.30 -33.94 -21.70
C LEU F 238 -21.82 -34.16 -21.70
N ARG F 239 -22.59 -33.10 -21.40
CA ARG F 239 -24.04 -33.21 -21.51
C ARG F 239 -24.38 -33.32 -23.00
N PRO F 240 -24.97 -34.46 -23.43
CA PRO F 240 -25.21 -34.65 -24.90
C PRO F 240 -26.02 -33.48 -25.49
N GLN F 241 -25.69 -33.11 -26.72
CA GLN F 241 -26.42 -32.08 -27.46
C GLN F 241 -27.92 -32.36 -27.54
N GLY F 242 -28.29 -33.63 -27.61
CA GLY F 242 -29.71 -34.06 -27.57
C GLY F 242 -30.50 -33.84 -26.28
N ALA F 243 -29.81 -33.51 -25.17
CA ALA F 243 -30.49 -33.35 -23.88
C ALA F 243 -31.49 -32.18 -23.89
N PRO F 244 -32.58 -32.28 -23.11
CA PRO F 244 -33.60 -31.24 -23.17
C PRO F 244 -33.21 -29.85 -22.62
N THR F 245 -32.20 -29.77 -21.76
CA THR F 245 -31.73 -28.48 -21.15
C THR F 245 -30.22 -28.38 -21.32
N HIS F 246 -29.66 -27.18 -21.20
CA HIS F 246 -28.20 -27.03 -21.35
C HIS F 246 -27.41 -27.57 -20.14
N ASP F 247 -28.12 -27.83 -19.04
CA ASP F 247 -27.49 -28.07 -17.73
C ASP F 247 -28.15 -29.17 -16.92
N ASP F 248 -27.37 -29.73 -15.99
CA ASP F 248 -27.87 -30.72 -15.08
C ASP F 248 -27.13 -30.49 -13.75
N ASP F 249 -27.64 -29.51 -13.01
CA ASP F 249 -27.07 -29.10 -11.75
C ASP F 249 -27.68 -29.96 -10.67
N ARG F 250 -26.85 -30.52 -9.79
CA ARG F 250 -27.36 -31.31 -8.66
C ARG F 250 -26.61 -31.01 -7.38
N MSE F 251 -27.34 -31.08 -6.27
CA MSE F 251 -26.71 -30.97 -4.97
C MSE F 251 -27.41 -31.86 -3.98
O MSE F 251 -28.64 -31.87 -3.93
CB MSE F 251 -26.71 -29.53 -4.48
CG MSE F 251 -26.11 -29.40 -3.11
SE MSE F 251 -25.90 -27.52 -2.72
CE MSE F 251 -24.30 -27.61 -1.62
N ARG F 252 -26.63 -32.61 -3.22
CA ARG F 252 -27.17 -33.49 -2.21
C ARG F 252 -26.46 -33.21 -0.90
N ILE F 253 -27.26 -32.86 0.10
CA ILE F 253 -26.72 -32.43 1.38
C ILE F 253 -27.19 -33.48 2.39
N VAL F 254 -26.23 -34.22 2.95
CA VAL F 254 -26.56 -35.28 3.89
C VAL F 254 -26.20 -34.80 5.29
N GLY F 255 -27.21 -34.76 6.16
CA GLY F 255 -27.05 -34.29 7.53
C GLY F 255 -27.36 -35.38 8.56
N THR F 256 -27.26 -35.03 9.84
CA THR F 256 -27.51 -35.99 10.93
C THR F 256 -28.99 -36.32 11.08
N ARG F 257 -29.87 -35.42 10.65
CA ARG F 257 -31.32 -35.64 10.85
C ARG F 257 -32.10 -35.68 9.54
N GLY F 258 -31.45 -35.37 8.41
CA GLY F 258 -32.11 -35.37 7.11
C GLY F 258 -31.18 -35.35 5.91
N ILE F 259 -31.77 -35.47 4.72
CA ILE F 259 -31.08 -35.33 3.43
C ILE F 259 -31.96 -34.42 2.58
N VAL F 260 -31.37 -33.32 2.12
CA VAL F 260 -32.01 -32.44 1.15
C VAL F 260 -31.36 -32.65 -0.20
N GLU F 261 -32.17 -32.75 -1.25
CA GLU F 261 -31.61 -32.88 -2.58
C GLU F 261 -32.17 -31.91 -3.60
N VAL F 262 -31.27 -31.39 -4.44
CA VAL F 262 -31.62 -30.57 -5.58
C VAL F 262 -31.32 -31.35 -6.84
N ILE F 263 -32.32 -31.54 -7.67
CA ILE F 263 -32.20 -32.34 -8.88
C ILE F 263 -33.35 -31.92 -9.83
N ASN F 264 -33.03 -31.69 -11.12
CA ASN F 264 -34.07 -31.41 -12.09
C ASN F 264 -34.86 -30.14 -11.66
N GLU F 265 -34.12 -29.16 -11.15
CA GLU F 265 -34.71 -27.89 -10.67
C GLU F 265 -35.83 -28.08 -9.64
N ARG F 266 -35.75 -29.18 -8.91
CA ARG F 266 -36.74 -29.53 -7.91
C ARG F 266 -36.01 -29.87 -6.60
N VAL F 267 -36.71 -29.76 -5.48
CA VAL F 267 -36.08 -29.99 -4.17
C VAL F 267 -36.77 -31.11 -3.39
N PHE F 268 -35.99 -32.03 -2.84
CA PHE F 268 -36.54 -33.15 -2.07
C PHE F 268 -35.96 -33.24 -0.65
N LEU F 269 -36.80 -33.59 0.32
CA LEU F 269 -36.38 -33.73 1.71
C LEU F 269 -36.70 -35.13 2.21
N THR F 270 -35.73 -35.77 2.86
CA THR F 270 -35.96 -37.02 3.54
C THR F 270 -35.55 -36.86 4.99
N ASP F 271 -36.49 -37.16 5.88
CA ASP F 271 -36.22 -37.11 7.32
C ASP F 271 -37.11 -38.10 8.08
N GLU F 272 -37.31 -37.82 9.37
CA GLU F 272 -38.23 -38.54 10.28
C GLU F 272 -39.59 -38.82 9.63
N LYS F 273 -40.21 -37.79 9.10
CA LYS F 273 -41.56 -37.89 8.54
C LYS F 273 -41.63 -38.50 7.15
N GLY F 274 -40.52 -39.02 6.62
CA GLY F 274 -40.54 -39.65 5.28
C GLY F 274 -39.84 -38.87 4.17
N HIS F 275 -40.07 -39.30 2.92
CA HIS F 275 -39.51 -38.68 1.73
C HIS F 275 -40.58 -37.95 0.93
N ARG F 276 -40.34 -36.66 0.67
CA ARG F 276 -41.33 -35.80 -0.01
C ARG F 276 -40.64 -34.74 -0.85
N GLU F 277 -41.32 -34.32 -1.91
CA GLU F 277 -40.91 -33.15 -2.68
C GLU F 277 -41.35 -31.90 -1.93
N VAL F 278 -40.50 -30.88 -1.92
CA VAL F 278 -40.77 -29.64 -1.21
C VAL F 278 -41.24 -28.55 -2.18
N PRO F 279 -42.24 -27.75 -1.79
CA PRO F 279 -42.63 -26.63 -2.63
C PRO F 279 -41.53 -25.57 -2.65
N LEU F 280 -41.38 -24.87 -3.76
CA LEU F 280 -40.24 -23.94 -3.91
C LEU F 280 -40.61 -22.50 -3.50
N VAL F 281 -39.71 -21.81 -2.81
CA VAL F 281 -39.90 -20.38 -2.56
C VAL F 281 -39.82 -19.56 -3.86
N GLU F 282 -40.14 -18.28 -3.76
CA GLU F 282 -40.08 -17.38 -4.90
C GLU F 282 -38.62 -17.11 -5.35
N LYS F 283 -38.42 -17.02 -6.67
CA LYS F 283 -37.13 -16.71 -7.24
C LYS F 283 -36.60 -15.36 -6.74
N GLY F 284 -35.28 -15.20 -6.79
CA GLY F 284 -34.63 -13.91 -6.64
C GLY F 284 -34.07 -13.50 -8.00
N GLN F 285 -33.28 -12.43 -8.03
CA GLN F 285 -32.57 -12.06 -9.25
C GLN F 285 -31.29 -11.36 -8.84
N ILE F 286 -30.14 -11.91 -9.21
CA ILE F 286 -28.85 -11.42 -8.70
C ILE F 286 -28.61 -9.91 -8.91
N PHE F 287 -28.97 -9.38 -10.07
CA PHE F 287 -28.67 -7.96 -10.34
C PHE F 287 -29.61 -7.01 -9.61
N GLU F 288 -30.83 -7.47 -9.34
CA GLU F 288 -31.74 -6.73 -8.45
C GLU F 288 -31.12 -6.59 -7.07
N ASP F 289 -30.52 -7.69 -6.60
CA ASP F 289 -29.86 -7.72 -5.31
C ASP F 289 -28.61 -6.83 -5.31
N PHE F 290 -27.86 -6.87 -6.41
CA PHE F 290 -26.69 -5.98 -6.62
C PHE F 290 -27.12 -4.50 -6.51
N LEU F 291 -28.19 -4.16 -7.23
CA LEU F 291 -28.72 -2.79 -7.24
C LEU F 291 -29.16 -2.35 -5.86
N ARG F 292 -29.87 -3.23 -5.14
CA ARG F 292 -30.24 -2.89 -3.75
C ARG F 292 -29.00 -2.61 -2.89
N GLU F 293 -27.91 -3.35 -3.12
CA GLU F 293 -26.67 -3.07 -2.39
C GLU F 293 -26.12 -1.67 -2.71
N ILE F 294 -26.10 -1.31 -3.98
CA ILE F 294 -25.55 -0.03 -4.43
C ILE F 294 -26.35 1.15 -3.85
N ARG F 295 -27.68 1.01 -3.82
CA ARG F 295 -28.60 2.06 -3.36
C ARG F 295 -28.79 2.11 -1.82
N GLY F 296 -28.07 1.26 -1.09
CA GLY F 296 -28.19 1.18 0.37
C GLY F 296 -29.46 0.54 0.87
N GLN F 297 -30.21 -0.12 -0.02
CA GLN F 297 -31.48 -0.74 0.35
C GLN F 297 -31.39 -2.18 0.87
N GLY F 298 -30.17 -2.66 1.15
CA GLY F 298 -29.99 -4.07 1.59
C GLY F 298 -28.67 -4.65 1.11
N LYS F 299 -28.21 -5.71 1.78
CA LYS F 299 -26.92 -6.31 1.47
C LYS F 299 -27.05 -7.47 0.47
N CYS F 300 -26.29 -7.40 -0.62
CA CYS F 300 -26.29 -8.42 -1.66
C CYS F 300 -25.82 -9.75 -1.04
N MSE F 301 -26.55 -10.83 -1.24
CA MSE F 301 -26.11 -12.05 -0.56
C MSE F 301 -24.82 -12.67 -1.17
O MSE F 301 -24.10 -13.37 -0.50
CB MSE F 301 -27.23 -13.07 -0.44
CG MSE F 301 -27.68 -13.65 -1.72
SE MSE F 301 -28.21 -15.53 -1.43
CE MSE F 301 -29.11 -15.79 -3.12
N VAL F 302 -24.53 -12.37 -2.43
CA VAL F 302 -23.23 -12.79 -2.96
C VAL F 302 -22.25 -11.66 -2.66
N THR F 303 -21.37 -11.88 -1.69
CA THR F 303 -20.49 -10.81 -1.25
C THR F 303 -19.15 -10.78 -2.00
N PRO F 304 -18.49 -9.61 -1.97
CA PRO F 304 -17.13 -9.45 -2.42
C PRO F 304 -16.21 -10.53 -1.81
N GLU F 305 -16.31 -10.75 -0.49
CA GLU F 305 -15.57 -11.83 0.19
C GLU F 305 -15.86 -13.23 -0.36
N ASP F 306 -17.13 -13.55 -0.58
CA ASP F 306 -17.52 -14.83 -1.20
C ASP F 306 -16.80 -14.95 -2.55
N SER F 307 -16.83 -13.87 -3.31
CA SER F 307 -16.34 -13.86 -4.70
C SER F 307 -14.84 -14.09 -4.75
N ILE F 308 -14.13 -13.51 -3.79
CA ILE F 308 -12.69 -13.68 -3.65
C ILE F 308 -12.38 -15.12 -3.23
N LEU F 309 -13.08 -15.60 -2.20
CA LEU F 309 -12.86 -16.93 -1.67
C LEU F 309 -13.15 -18.09 -2.61
N THR F 310 -14.26 -18.03 -3.34
CA THR F 310 -14.61 -19.15 -4.19
C THR F 310 -13.64 -19.24 -5.38
N THR F 311 -13.18 -18.08 -5.84
CA THR F 311 -12.17 -18.02 -6.90
C THR F 311 -10.84 -18.60 -6.36
N GLU F 312 -10.46 -18.18 -5.16
CA GLU F 312 -9.31 -18.79 -4.49
C GLU F 312 -9.40 -20.30 -4.40
N ILE F 313 -10.53 -20.82 -3.93
CA ILE F 313 -10.73 -22.25 -3.86
C ILE F 313 -10.66 -22.91 -5.25
N ALA F 314 -11.28 -22.29 -6.25
CA ALA F 314 -11.23 -22.77 -7.64
C ALA F 314 -9.79 -22.90 -8.18
N LEU F 315 -8.96 -21.89 -7.92
CA LEU F 315 -7.55 -21.94 -8.42
C LEU F 315 -6.75 -22.99 -7.68
N LYS F 316 -7.05 -23.16 -6.40
CA LYS F 316 -6.45 -24.21 -5.59
C LYS F 316 -6.78 -25.61 -6.11
N ALA F 317 -8.07 -25.85 -6.39
CA ALA F 317 -8.50 -27.11 -6.97
C ALA F 317 -7.87 -27.31 -8.36
N ARG F 318 -7.74 -26.24 -9.12
CA ARG F 318 -7.07 -26.34 -10.41
C ARG F 318 -5.59 -26.72 -10.24
N LEU F 319 -4.95 -26.15 -9.20
CA LEU F 319 -3.57 -26.48 -8.87
C LEU F 319 -3.43 -27.95 -8.51
N SER F 320 -4.27 -28.41 -7.60
CA SER F 320 -4.33 -29.83 -7.30
C SER F 320 -4.39 -30.69 -8.60
N ALA F 321 -5.33 -30.36 -9.48
CA ALA F 321 -5.52 -31.16 -10.71
C ALA F 321 -4.33 -31.08 -11.67
N ASP F 322 -3.69 -29.93 -11.73
CA ASP F 322 -2.51 -29.77 -12.59
C ASP F 322 -1.26 -30.50 -12.09
N THR F 323 -1.15 -30.66 -10.78
CA THR F 323 0.09 -31.17 -10.18
C THR F 323 -0.03 -32.57 -9.61
N GLY F 324 -1.24 -33.12 -9.55
CA GLY F 324 -1.46 -34.40 -8.88
C GLY F 324 -1.25 -34.44 -7.37
N GLN F 325 -1.20 -33.29 -6.69
CA GLN F 325 -1.06 -33.28 -5.23
C GLN F 325 -2.30 -32.77 -4.54
N ILE F 326 -2.49 -33.22 -3.31
CA ILE F 326 -3.41 -32.60 -2.39
C ILE F 326 -2.96 -31.17 -2.11
N VAL F 327 -3.88 -30.20 -2.20
CA VAL F 327 -3.55 -28.79 -1.96
C VAL F 327 -4.27 -28.32 -0.69
N LEU F 328 -3.51 -27.69 0.20
CA LEU F 328 -4.09 -27.07 1.42
C LEU F 328 -4.63 -25.71 1.05
N ILE F 329 -5.79 -25.41 1.59
CA ILE F 329 -6.48 -24.18 1.31
C ILE F 329 -6.32 -23.29 2.53
N GLU F 330 -6.72 -23.82 3.69
CA GLU F 330 -6.66 -23.10 4.96
C GLU F 330 -5.21 -22.70 5.28
N GLY F 331 -5.06 -21.57 5.95
CA GLY F 331 -3.76 -21.11 6.37
C GLY F 331 -3.00 -20.51 5.23
N LEU G 3 42.48 64.22 13.45
CA LEU G 3 42.06 62.81 13.15
C LEU G 3 42.33 62.42 11.70
N LYS G 4 42.86 61.21 11.52
CA LYS G 4 43.20 60.68 10.19
C LYS G 4 42.01 59.96 9.53
N ILE G 5 41.79 60.27 8.25
CA ILE G 5 40.65 59.76 7.50
C ILE G 5 41.09 59.11 6.20
N CYS G 6 40.68 57.85 6.02
CA CYS G 6 40.89 57.13 4.76
C CYS G 6 39.57 57.00 3.98
N VAL G 7 39.65 57.20 2.67
CA VAL G 7 38.48 57.09 1.80
C VAL G 7 38.58 55.89 0.85
N ILE G 8 37.61 54.99 0.93
CA ILE G 8 37.53 53.86 0.01
C ILE G 8 36.37 54.04 -0.98
N GLY G 9 36.70 54.06 -2.26
CA GLY G 9 35.70 54.13 -3.32
C GLY G 9 35.26 55.54 -3.69
N SER G 10 34.65 55.66 -4.86
CA SER G 10 34.20 56.94 -5.38
C SER G 10 32.76 56.83 -5.91
N SER G 11 32.04 55.82 -5.43
CA SER G 11 30.75 55.43 -5.99
C SER G 11 29.53 55.92 -5.21
N GLY G 12 29.77 56.51 -4.04
CA GLY G 12 28.70 57.05 -3.22
C GLY G 12 28.83 58.53 -2.98
N HIS G 13 28.29 58.99 -1.85
CA HIS G 13 28.27 60.40 -1.53
C HIS G 13 29.40 60.76 -0.57
N PHE G 14 30.63 60.69 -1.11
CA PHE G 14 31.84 61.08 -0.40
C PHE G 14 31.81 62.57 -0.05
N ARG G 15 31.09 63.35 -0.87
CA ARG G 15 30.95 64.79 -0.66
C ARG G 15 30.38 65.12 0.71
N TYR G 16 29.54 64.24 1.24
CA TYR G 16 28.97 64.43 2.58
C TYR G 16 30.07 64.61 3.63
N ALA G 17 31.13 63.81 3.52
CA ALA G 17 32.27 63.89 4.41
C ALA G 17 33.09 65.16 4.15
N LEU G 18 33.46 65.38 2.88
CA LEU G 18 34.31 66.51 2.47
C LEU G 18 33.77 67.84 2.93
N GLU G 19 32.45 67.98 2.87
CA GLU G 19 31.79 69.26 3.15
C GLU G 19 31.60 69.50 4.64
N GLY G 20 32.13 68.61 5.47
CA GLY G 20 32.03 68.70 6.92
C GLY G 20 33.33 68.61 7.71
N LEU G 21 34.46 68.66 7.01
CA LEU G 21 35.79 68.63 7.63
C LEU G 21 36.14 69.95 8.32
N ASP G 22 36.82 69.87 9.46
CA ASP G 22 37.33 71.07 10.14
C ASP G 22 38.87 71.08 10.15
N GLU G 23 39.46 72.00 10.92
CA GLU G 23 40.92 72.12 10.98
C GLU G 23 41.58 70.95 11.67
N GLU G 24 40.84 70.27 12.54
CA GLU G 24 41.36 69.12 13.29
C GLU G 24 41.25 67.80 12.50
N CYS G 25 40.77 67.90 11.26
CA CYS G 25 40.59 66.74 10.37
C CYS G 25 41.39 66.88 9.09
N SER G 26 42.06 65.80 8.70
CA SER G 26 42.66 65.73 7.37
C SER G 26 42.67 64.30 6.84
N ILE G 27 42.51 64.19 5.53
CA ILE G 27 42.43 62.90 4.84
C ILE G 27 43.83 62.52 4.37
N THR G 28 44.31 61.40 4.90
CA THR G 28 45.68 60.94 4.64
C THR G 28 45.79 59.97 3.47
N GLY G 29 44.76 59.14 3.26
CA GLY G 29 44.79 58.11 2.21
C GLY G 29 43.48 57.82 1.49
N ILE G 30 43.59 57.50 0.19
CA ILE G 30 42.46 57.10 -0.65
C ILE G 30 42.79 55.90 -1.55
N ALA G 31 41.86 54.94 -1.65
CA ALA G 31 42.05 53.71 -2.44
C ALA G 31 40.74 53.24 -3.11
N PRO G 32 40.84 52.52 -4.24
CA PRO G 32 39.63 51.94 -4.82
C PRO G 32 39.19 50.70 -4.04
N GLY G 33 37.93 50.31 -4.19
CA GLY G 33 37.42 49.09 -3.57
C GLY G 33 37.65 47.89 -4.47
N VAL G 34 37.54 48.11 -5.77
CA VAL G 34 37.87 47.11 -6.79
C VAL G 34 38.75 47.77 -7.85
N PRO G 35 39.68 46.99 -8.43
CA PRO G 35 40.65 47.51 -9.42
C PRO G 35 40.03 48.40 -10.51
N GLU G 36 38.94 47.95 -11.14
CA GLU G 36 38.35 48.70 -12.25
C GLU G 36 37.51 49.93 -11.86
N GLU G 37 37.39 50.20 -10.56
CA GLU G 37 36.54 51.30 -10.08
C GLU G 37 37.06 52.66 -10.50
N ASP G 38 36.18 53.42 -11.16
CA ASP G 38 36.44 54.78 -11.63
C ASP G 38 36.45 55.79 -10.47
N LEU G 39 37.56 56.51 -10.32
CA LEU G 39 37.73 57.43 -9.19
C LEU G 39 37.75 58.91 -9.60
N SER G 40 37.21 59.20 -10.80
CA SER G 40 37.18 60.57 -11.36
C SER G 40 36.63 61.59 -10.38
N LYS G 41 35.38 61.38 -9.96
CA LYS G 41 34.66 62.31 -9.09
C LYS G 41 35.43 62.65 -7.80
N LEU G 42 36.03 61.63 -7.19
CA LEU G 42 36.78 61.81 -5.94
C LEU G 42 38.08 62.60 -6.14
N GLU G 43 38.89 62.21 -7.11
CA GLU G 43 40.20 62.83 -7.33
C GLU G 43 40.10 64.26 -7.84
N LYS G 44 39.02 64.56 -8.56
CA LYS G 44 38.73 65.93 -8.98
C LYS G 44 38.27 66.77 -7.80
N ALA G 45 37.83 66.12 -6.72
CA ALA G 45 37.30 66.80 -5.54
C ALA G 45 38.34 67.10 -4.45
N ILE G 46 39.31 66.20 -4.28
CA ILE G 46 40.35 66.37 -3.26
C ILE G 46 41.34 67.48 -3.62
N SER G 47 41.77 67.49 -4.89
CA SER G 47 42.70 68.51 -5.41
C SER G 47 42.04 69.88 -5.61
N GLU G 48 40.72 69.87 -5.83
CA GLU G 48 39.92 71.10 -5.82
C GLU G 48 39.81 71.67 -4.41
N MSE G 49 40.06 70.82 -3.40
CA MSE G 49 40.13 71.25 -2.01
C MSE G 49 41.58 71.29 -1.53
O MSE G 49 41.89 70.85 -0.43
CB MSE G 49 39.28 70.32 -1.13
CG MSE G 49 37.76 70.46 -1.31
SE MSE G 49 36.74 69.77 0.21
CE MSE G 49 37.13 71.16 1.51
N ASN G 50 42.45 71.81 -2.40
CA ASN G 50 43.88 72.08 -2.07
C ASN G 50 44.77 70.92 -1.63
N ILE G 51 44.16 69.85 -1.10
CA ILE G 51 44.90 68.73 -0.52
C ILE G 51 45.27 67.66 -1.56
N LYS G 52 46.37 66.96 -1.31
CA LYS G 52 46.85 65.87 -2.16
C LYS G 52 47.28 64.68 -1.29
N PRO G 53 46.30 63.90 -0.76
CA PRO G 53 46.60 62.80 0.15
C PRO G 53 47.29 61.62 -0.54
N LYS G 54 47.73 60.65 0.25
CA LYS G 54 48.43 59.48 -0.26
C LYS G 54 47.48 58.61 -1.07
N LYS G 55 47.71 58.55 -2.39
CA LYS G 55 46.82 57.81 -3.30
C LYS G 55 47.26 56.34 -3.45
N TYR G 56 46.70 55.48 -2.60
CA TYR G 56 47.05 54.04 -2.56
C TYR G 56 46.48 53.25 -3.74
N ASN G 57 46.79 51.95 -3.78
CA ASN G 57 46.32 51.08 -4.84
C ASN G 57 45.49 49.91 -4.30
N ASN G 58 45.84 49.48 -3.10
CA ASN G 58 45.18 48.37 -2.43
C ASN G 58 44.63 48.86 -1.09
N TRP G 59 43.36 48.55 -0.80
CA TRP G 59 42.70 49.06 0.42
C TRP G 59 43.12 48.36 1.72
N TRP G 60 43.58 47.11 1.61
CA TRP G 60 44.19 46.40 2.74
C TRP G 60 45.39 47.17 3.26
N GLU G 61 46.29 47.50 2.33
CA GLU G 61 47.55 48.19 2.60
C GLU G 61 47.32 49.55 3.23
N MSE G 62 46.36 50.30 2.67
CA MSE G 62 45.99 51.63 3.14
C MSE G 62 45.58 51.61 4.62
O MSE G 62 45.91 52.52 5.38
CB MSE G 62 44.87 52.21 2.29
CG MSE G 62 44.70 53.71 2.45
SE MSE G 62 43.10 54.44 1.58
CE MSE G 62 41.77 53.25 2.37
N LEU G 63 44.85 50.57 5.01
CA LEU G 63 44.45 50.39 6.40
C LEU G 63 45.59 49.82 7.25
N GLU G 64 46.51 49.10 6.61
CA GLU G 64 47.66 48.50 7.31
C GLU G 64 48.71 49.56 7.66
N LYS G 65 48.96 50.48 6.74
CA LYS G 65 49.87 51.59 6.94
C LYS G 65 49.19 52.76 7.66
N GLU G 66 48.43 53.57 6.91
CA GLU G 66 47.83 54.82 7.42
C GLU G 66 47.14 54.70 8.77
N LYS G 67 46.51 53.55 9.02
CA LYS G 67 45.76 53.25 10.26
C LYS G 67 44.86 54.41 10.74
N PRO G 68 43.85 54.82 9.95
CA PRO G 68 43.02 55.99 10.29
C PRO G 68 42.15 55.82 11.54
N ASP G 69 41.55 56.91 11.99
CA ASP G 69 40.62 56.91 13.14
C ASP G 69 39.17 56.91 12.66
N ILE G 70 38.98 57.34 11.41
CA ILE G 70 37.67 57.47 10.76
C ILE G 70 37.81 57.03 9.29
N LEU G 71 36.93 56.11 8.89
CA LEU G 71 36.98 55.51 7.56
C LEU G 71 35.69 55.75 6.77
N VAL G 72 35.81 56.44 5.64
CA VAL G 72 34.70 56.71 4.74
C VAL G 72 34.63 55.63 3.66
N ILE G 73 33.48 54.97 3.56
CA ILE G 73 33.27 53.85 2.63
C ILE G 73 32.17 54.15 1.61
N ASN G 74 32.55 54.28 0.34
CA ASN G 74 31.59 54.51 -0.74
C ASN G 74 32.02 53.92 -2.08
N THR G 75 32.03 52.59 -2.13
CA THR G 75 32.44 51.86 -3.34
C THR G 75 31.26 51.07 -3.92
N VAL G 76 31.53 50.02 -4.69
CA VAL G 76 30.52 49.09 -5.19
C VAL G 76 29.58 48.70 -4.04
N PHE G 77 28.27 48.89 -4.24
CA PHE G 77 27.32 48.88 -3.11
C PHE G 77 27.34 47.61 -2.26
N SER G 78 27.40 46.45 -2.90
CA SER G 78 27.46 45.17 -2.18
C SER G 78 28.76 45.02 -1.37
N LEU G 79 29.78 45.77 -1.76
CA LEU G 79 31.08 45.72 -1.10
C LEU G 79 31.10 46.55 0.18
N ASN G 80 30.39 47.67 0.15
CA ASN G 80 30.36 48.61 1.27
C ASN G 80 30.19 47.96 2.65
N GLY G 81 29.29 46.98 2.73
CA GLY G 81 28.99 46.30 4.00
C GLY G 81 30.10 45.37 4.48
N LYS G 82 30.84 44.82 3.52
CA LYS G 82 31.97 43.93 3.78
C LYS G 82 33.16 44.71 4.34
N ILE G 83 33.48 45.84 3.70
CA ILE G 83 34.49 46.76 4.19
C ILE G 83 34.10 47.33 5.56
N LEU G 84 32.80 47.55 5.77
CA LEU G 84 32.32 47.95 7.09
C LEU G 84 32.57 46.86 8.12
N LEU G 85 32.53 45.60 7.69
CA LEU G 85 32.79 44.49 8.59
C LEU G 85 34.25 44.52 9.06
N GLU G 86 35.16 44.77 8.12
CA GLU G 86 36.57 44.94 8.41
C GLU G 86 36.76 46.04 9.44
N ALA G 87 36.41 47.27 9.04
CA ALA G 87 36.50 48.44 9.90
C ALA G 87 36.06 48.16 11.33
N LEU G 88 34.91 47.51 11.49
CA LEU G 88 34.36 47.23 12.83
C LEU G 88 35.21 46.22 13.62
N GLU G 89 35.82 45.26 12.93
CA GLU G 89 36.71 44.30 13.59
C GLU G 89 38.01 44.99 13.98
N ARG G 90 38.63 45.67 13.01
CA ARG G 90 39.85 46.46 13.25
C ARG G 90 39.57 47.72 14.09
N LYS G 91 38.37 47.77 14.67
CA LYS G 91 37.90 48.85 15.54
C LYS G 91 38.04 50.29 15.02
N ILE G 92 38.00 50.45 13.70
CA ILE G 92 38.05 51.77 13.05
C ILE G 92 36.64 52.37 12.94
N HIS G 93 36.49 53.65 13.31
CA HIS G 93 35.22 54.37 13.10
C HIS G 93 34.87 54.43 11.62
N ALA G 94 33.58 54.39 11.30
CA ALA G 94 33.19 54.29 9.90
C ALA G 94 31.99 55.12 9.46
N PHE G 95 32.15 55.74 8.29
CA PHE G 95 31.09 56.45 7.60
C PHE G 95 30.81 55.70 6.31
N VAL G 96 29.68 54.97 6.27
CA VAL G 96 29.37 54.03 5.18
C VAL G 96 28.14 54.43 4.36
N GLU G 97 28.27 54.36 3.03
CA GLU G 97 27.14 54.59 2.11
C GLU G 97 26.02 53.57 2.34
N LYS G 98 24.78 54.03 2.19
CA LYS G 98 23.60 53.16 2.27
C LYS G 98 23.41 52.43 0.94
N PRO G 99 22.88 51.18 0.98
CA PRO G 99 22.54 50.41 2.16
C PRO G 99 23.80 49.84 2.78
N ILE G 100 23.79 49.68 4.10
CA ILE G 100 24.99 49.17 4.77
C ILE G 100 25.28 47.69 4.48
N ALA G 101 24.34 47.03 3.79
CA ALA G 101 24.46 45.62 3.41
C ALA G 101 23.46 45.32 2.30
N THR G 102 23.84 44.47 1.35
CA THR G 102 22.93 44.10 0.27
C THR G 102 22.33 42.69 0.43
N THR G 103 22.70 42.01 1.51
CA THR G 103 22.13 40.70 1.84
C THR G 103 21.90 40.61 3.34
N PHE G 104 20.89 39.84 3.75
CA PHE G 104 20.63 39.60 5.17
C PHE G 104 21.84 38.97 5.88
N GLU G 105 22.52 38.07 5.17
CA GLU G 105 23.75 37.41 5.65
C GLU G 105 24.71 38.47 6.14
N ASP G 106 25.06 39.39 5.24
CA ASP G 106 25.98 40.48 5.53
C ASP G 106 25.51 41.40 6.65
N LEU G 107 24.21 41.64 6.73
CA LEU G 107 23.68 42.49 7.78
C LEU G 107 23.75 41.80 9.14
N GLU G 108 23.59 40.48 9.13
CA GLU G 108 23.65 39.70 10.37
C GLU G 108 25.06 39.66 10.96
N LYS G 109 26.06 39.67 10.07
CA LYS G 109 27.46 39.79 10.47
C LYS G 109 27.74 41.16 11.09
N ILE G 110 27.15 42.21 10.51
CA ILE G 110 27.36 43.58 11.00
C ILE G 110 26.73 43.78 12.38
N ARG G 111 25.53 43.23 12.59
CA ARG G 111 24.81 43.34 13.86
C ARG G 111 25.54 42.55 14.96
N SER G 112 26.17 41.45 14.55
CA SER G 112 26.95 40.60 15.44
C SER G 112 28.21 41.34 15.89
N VAL G 113 29.10 41.63 14.93
CA VAL G 113 30.36 42.34 15.20
C VAL G 113 30.11 43.60 16.03
N TYR G 114 29.14 44.41 15.62
CA TYR G 114 28.81 45.66 16.32
C TYR G 114 28.30 45.42 17.74
N GLN G 115 27.57 44.34 17.95
CA GLN G 115 27.17 43.92 19.29
C GLN G 115 28.38 43.78 20.23
N LYS G 116 29.49 43.30 19.67
CA LYS G 116 30.76 43.14 20.40
C LYS G 116 31.54 44.44 20.57
N VAL G 117 31.75 45.18 19.48
CA VAL G 117 32.65 46.35 19.48
C VAL G 117 31.96 47.70 19.71
N ARG G 118 30.68 47.68 20.07
CA ARG G 118 29.83 48.89 20.12
C ARG G 118 30.29 49.95 21.13
N ASN G 119 30.54 49.53 22.36
CA ASN G 119 30.83 50.42 23.48
C ASN G 119 32.07 51.31 23.25
N GLU G 120 32.79 51.02 22.17
CA GLU G 120 34.10 51.62 21.92
C GLU G 120 34.32 52.13 20.48
N VAL G 121 33.62 51.57 19.49
CA VAL G 121 33.71 52.08 18.09
C VAL G 121 32.34 52.38 17.43
N PHE G 122 32.29 53.50 16.70
CA PHE G 122 31.03 54.07 16.19
C PHE G 122 31.02 54.21 14.67
N PHE G 123 29.94 53.72 14.06
CA PHE G 123 29.69 53.90 12.62
C PHE G 123 28.29 54.48 12.39
N THR G 124 28.08 55.02 11.19
CA THR G 124 26.74 55.37 10.73
C THR G 124 26.68 55.43 9.20
N ALA G 125 25.46 55.40 8.65
CA ALA G 125 25.26 55.46 7.19
C ALA G 125 24.97 56.87 6.66
N MSE G 126 25.26 57.10 5.38
CA MSE G 126 25.18 58.43 4.76
C MSE G 126 23.77 58.96 4.44
O MSE G 126 23.46 59.27 3.28
CB MSE G 126 26.05 58.47 3.50
CG MSE G 126 27.54 58.23 3.71
SE MSE G 126 28.42 58.27 2.15
CE MSE G 126 30.04 57.70 2.63
N PHE G 127 22.92 59.09 5.45
CA PHE G 127 21.60 59.69 5.29
C PHE G 127 21.68 61.22 5.50
N GLY G 128 22.30 61.88 4.53
CA GLY G 128 22.57 63.32 4.61
C GLY G 128 21.37 64.20 4.30
N ILE G 129 20.39 63.66 3.58
CA ILE G 129 19.19 64.42 3.21
C ILE G 129 18.44 64.90 4.46
N ARG G 130 18.59 64.16 5.55
CA ARG G 130 17.99 64.51 6.84
C ARG G 130 18.38 65.90 7.34
N TYR G 131 19.59 66.34 6.99
CA TYR G 131 20.22 67.56 7.51
C TYR G 131 19.90 68.80 6.68
N ARG G 132 19.10 68.63 5.64
CA ARG G 132 18.66 69.73 4.83
C ARG G 132 17.56 70.49 5.55
N PRO G 133 17.46 71.82 5.31
CA PRO G 133 16.47 72.62 6.03
C PRO G 133 15.07 72.06 5.91
N HIS G 134 14.67 71.66 4.70
CA HIS G 134 13.30 71.16 4.49
C HIS G 134 12.91 69.97 5.40
N PHE G 135 13.81 69.00 5.54
CA PHE G 135 13.51 67.85 6.37
C PHE G 135 13.65 68.17 7.85
N LEU G 136 14.64 68.99 8.18
CA LEU G 136 14.80 69.46 9.55
C LEU G 136 13.56 70.20 10.01
N THR G 137 13.03 71.07 9.14
CA THR G 137 11.84 71.83 9.46
C THR G 137 10.63 70.91 9.62
N ALA G 138 10.45 70.01 8.65
CA ALA G 138 9.37 69.01 8.70
C ALA G 138 9.36 68.25 10.02
N LYS G 139 10.55 67.83 10.44
CA LYS G 139 10.76 67.07 11.66
C LYS G 139 10.42 67.88 12.92
N LYS G 140 10.94 69.10 12.98
CA LYS G 140 10.66 70.04 14.07
C LYS G 140 9.15 70.25 14.22
N LEU G 141 8.47 70.49 13.10
CA LEU G 141 7.02 70.71 13.10
C LEU G 141 6.29 69.54 13.73
N VAL G 142 6.65 68.34 13.29
CA VAL G 142 6.07 67.11 13.82
C VAL G 142 6.41 66.99 15.29
N SER G 143 7.70 67.16 15.62
CA SER G 143 8.23 67.01 16.99
C SER G 143 7.53 67.90 17.99
N GLU G 144 6.97 69.01 17.51
CA GLU G 144 6.26 69.96 18.36
C GLU G 144 4.76 69.65 18.46
N GLY G 145 4.28 68.76 17.61
CA GLY G 145 2.86 68.36 17.66
C GLY G 145 2.01 69.10 16.65
N ALA G 146 2.65 69.62 15.60
CA ALA G 146 1.95 70.36 14.55
C ALA G 146 0.88 69.54 13.82
N VAL G 147 1.06 68.23 13.69
CA VAL G 147 0.04 67.40 13.03
C VAL G 147 -0.82 66.62 14.01
N GLY G 148 -0.49 66.72 15.30
CA GLY G 148 -1.12 65.90 16.33
C GLY G 148 -0.66 64.47 16.12
N GLU G 149 -1.57 63.51 16.27
CA GLU G 149 -1.22 62.09 16.14
C GLU G 149 -1.12 61.68 14.66
N ILE G 150 0.06 61.24 14.24
CA ILE G 150 0.28 60.86 12.83
C ILE G 150 -0.59 59.66 12.45
N ARG G 151 -1.15 59.70 11.25
CA ARG G 151 -2.03 58.63 10.77
C ARG G 151 -1.61 58.02 9.42
N LEU G 152 -0.89 58.81 8.62
CA LEU G 152 -0.59 58.43 7.25
C LEU G 152 0.57 59.24 6.68
N VAL G 153 1.54 58.55 6.06
CA VAL G 153 2.73 59.16 5.45
C VAL G 153 2.90 58.70 4.00
N ASN G 154 3.06 59.65 3.09
CA ASN G 154 3.36 59.35 1.71
C ASN G 154 4.76 59.85 1.45
N THR G 155 5.53 59.08 0.69
CA THR G 155 6.86 59.51 0.29
C THR G 155 7.06 59.24 -1.16
N GLN G 156 8.00 59.98 -1.74
CA GLN G 156 8.37 59.78 -3.12
C GLN G 156 9.85 59.98 -3.32
N LYS G 157 10.42 59.11 -4.14
CA LYS G 157 11.78 59.24 -4.62
C LYS G 157 11.74 59.13 -6.14
N SER G 158 12.37 60.11 -6.79
CA SER G 158 12.38 60.18 -8.23
C SER G 158 13.74 60.77 -8.59
N TYR G 159 14.48 60.05 -9.42
CA TYR G 159 15.82 60.46 -9.79
C TYR G 159 15.98 60.36 -11.29
N LYS G 160 16.87 61.20 -11.84
CA LYS G 160 17.38 60.98 -13.18
C LYS G 160 18.30 59.78 -13.14
N LEU G 161 18.18 58.90 -14.13
CA LEU G 161 19.02 57.73 -14.19
C LEU G 161 20.32 58.04 -14.93
N GLY G 162 20.24 58.09 -16.25
CA GLY G 162 21.38 58.38 -17.11
C GLY G 162 22.38 57.25 -17.08
N GLN G 163 23.59 57.54 -17.54
CA GLN G 163 24.69 56.58 -17.55
C GLN G 163 25.19 56.35 -16.12
N ARG G 164 25.46 55.10 -15.79
CA ARG G 164 25.94 54.70 -14.47
C ARG G 164 27.08 53.73 -14.60
N PRO G 165 27.83 53.52 -13.51
CA PRO G 165 28.84 52.45 -13.52
C PRO G 165 28.23 51.09 -13.84
N ASP G 166 29.05 50.17 -14.33
CA ASP G 166 28.60 48.83 -14.74
C ASP G 166 28.06 47.96 -13.60
N PHE G 167 28.47 48.23 -12.37
CA PHE G 167 28.00 47.45 -11.22
C PHE G 167 26.51 47.67 -10.92
N TYR G 168 25.92 48.69 -11.54
CA TYR G 168 24.48 48.98 -11.43
C TYR G 168 23.60 47.89 -12.07
N LYS G 169 24.15 47.26 -13.12
CA LYS G 169 23.40 46.35 -14.00
C LYS G 169 23.19 44.92 -13.47
N LYS G 170 23.87 44.57 -12.39
CA LYS G 170 23.73 43.24 -11.83
C LYS G 170 23.21 43.40 -10.42
N ARG G 171 22.15 42.67 -10.09
CA ARG G 171 21.60 42.69 -8.73
C ARG G 171 22.69 42.36 -7.72
N GLU G 172 23.55 41.40 -8.09
CA GLU G 172 24.64 40.91 -7.25
C GLU G 172 25.48 42.06 -6.63
N THR G 173 25.84 43.03 -7.46
CA THR G 173 26.68 44.15 -7.06
C THR G 173 25.86 45.38 -6.66
N TYR G 174 24.76 45.60 -7.37
CA TYR G 174 23.88 46.76 -7.19
C TYR G 174 23.00 46.73 -5.93
N GLY G 175 22.41 45.57 -5.64
CA GLY G 175 21.54 45.41 -4.46
C GLY G 175 20.07 45.80 -4.66
N GLY G 176 19.75 46.35 -5.83
CA GLY G 176 18.38 46.73 -6.16
C GLY G 176 18.02 48.17 -5.84
N THR G 177 17.01 48.67 -6.54
CA THR G 177 16.59 50.06 -6.44
C THR G 177 15.89 50.35 -5.10
N ILE G 178 15.13 49.39 -4.58
CA ILE G 178 14.49 49.63 -3.29
C ILE G 178 15.54 49.94 -2.20
N PRO G 179 16.59 49.07 -2.04
CA PRO G 179 17.63 49.44 -1.10
C PRO G 179 18.44 50.69 -1.48
N TRP G 180 18.72 50.91 -2.76
CA TRP G 180 19.60 52.02 -3.12
C TRP G 180 18.92 53.41 -3.09
N VAL G 181 17.74 53.52 -3.69
CA VAL G 181 17.00 54.77 -3.75
C VAL G 181 16.00 54.86 -2.61
N GLY G 182 15.27 53.78 -2.40
CA GLY G 182 14.14 53.81 -1.49
C GLY G 182 14.52 53.98 -0.05
N ILE G 183 15.72 53.53 0.31
CA ILE G 183 16.16 53.56 1.70
C ILE G 183 16.14 54.99 2.30
N HIS G 184 16.34 56.00 1.46
CA HIS G 184 16.26 57.41 1.93
C HIS G 184 14.92 57.67 2.60
N ALA G 185 13.85 57.29 1.91
CA ALA G 185 12.48 57.50 2.41
C ALA G 185 12.14 56.63 3.59
N ILE G 186 12.69 55.41 3.61
CA ILE G 186 12.49 54.52 4.74
C ILE G 186 13.04 55.22 5.97
N ASP G 187 14.22 55.81 5.83
CA ASP G 187 14.80 56.63 6.90
C ASP G 187 13.87 57.76 7.36
N TRP G 188 13.29 58.53 6.42
CA TRP G 188 12.41 59.67 6.77
C TRP G 188 11.24 59.19 7.62
N ILE G 189 10.61 58.11 7.16
CA ILE G 189 9.45 57.55 7.84
C ILE G 189 9.80 57.12 9.25
N HIS G 190 10.92 56.43 9.39
CA HIS G 190 11.39 55.99 10.69
C HIS G 190 11.63 57.18 11.63
N TRP G 191 12.47 58.11 11.17
CA TRP G 191 12.86 59.32 11.90
C TRP G 191 11.67 60.19 12.28
N ILE G 192 10.92 60.64 11.28
CA ILE G 192 9.77 61.53 11.49
C ILE G 192 8.67 60.94 12.36
N THR G 193 8.40 59.65 12.21
CA THR G 193 7.26 59.06 12.94
C THR G 193 7.66 58.44 14.26
N GLY G 194 8.89 57.97 14.36
CA GLY G 194 9.37 57.25 15.55
C GLY G 194 8.55 56.01 15.92
N LYS G 195 7.90 55.40 14.94
CA LYS G 195 7.15 54.17 15.16
C LYS G 195 7.89 52.96 14.62
N LYS G 196 7.53 51.77 15.08
CA LYS G 196 8.16 50.59 14.48
C LYS G 196 7.40 50.15 13.22
N PHE G 197 8.15 49.66 12.23
CA PHE G 197 7.58 49.04 11.05
C PHE G 197 7.10 47.63 11.42
N LEU G 198 5.86 47.30 11.05
CA LEU G 198 5.29 45.97 11.33
C LEU G 198 5.30 45.05 10.12
N SER G 199 5.06 45.59 8.92
CA SER G 199 5.11 44.79 7.71
C SER G 199 5.33 45.67 6.50
N VAL G 200 5.71 45.02 5.40
CA VAL G 200 5.84 45.66 4.10
C VAL G 200 5.30 44.74 3.01
N TYR G 201 4.62 45.38 2.05
CA TYR G 201 4.30 44.78 0.77
C TYR G 201 4.87 45.73 -0.27
N ALA G 202 5.67 45.21 -1.19
CA ALA G 202 6.36 45.99 -2.17
C ALA G 202 6.37 45.28 -3.53
N THR G 203 6.47 46.05 -4.60
CA THR G 203 6.63 45.49 -5.93
C THR G 203 7.68 46.32 -6.65
N HIS G 204 8.31 45.74 -7.66
CA HIS G 204 9.26 46.51 -8.45
C HIS G 204 9.26 45.96 -9.84
N SER G 205 9.82 46.72 -10.77
CA SER G 205 9.84 46.36 -12.15
C SER G 205 11.11 46.91 -12.79
N ARG G 206 11.68 46.13 -13.71
CA ARG G 206 12.86 46.55 -14.47
C ARG G 206 12.58 46.78 -15.96
N LEU G 207 11.31 46.75 -16.36
CA LEU G 207 10.94 47.04 -17.74
C LEU G 207 11.34 48.47 -18.10
N HIS G 208 11.68 48.66 -19.38
CA HIS G 208 12.17 49.95 -19.89
C HIS G 208 13.22 50.55 -18.98
N ASN G 209 14.34 49.86 -18.85
CA ASN G 209 15.40 50.42 -18.02
C ASN G 209 16.57 51.00 -18.82
N SER G 210 16.34 51.30 -20.09
CA SER G 210 17.36 51.91 -20.98
C SER G 210 18.67 51.13 -20.98
N GLY G 211 18.58 49.82 -21.18
CA GLY G 211 19.77 48.95 -21.22
C GLY G 211 20.59 48.95 -19.93
N HIS G 212 19.91 49.08 -18.79
CA HIS G 212 20.58 48.99 -17.49
C HIS G 212 20.48 47.60 -16.81
N GLY G 213 20.36 46.54 -17.62
CA GLY G 213 20.41 45.17 -17.09
C GLY G 213 19.35 44.90 -16.03
N GLU G 214 19.79 44.51 -14.83
CA GLU G 214 18.84 44.08 -13.78
C GLU G 214 18.28 45.22 -12.91
N LEU G 215 18.68 46.45 -13.20
CA LEU G 215 18.27 47.60 -12.39
C LEU G 215 16.76 47.87 -12.55
N GLU G 216 16.06 47.99 -11.42
CA GLU G 216 14.64 48.28 -11.40
C GLU G 216 14.38 49.77 -11.56
N THR G 217 13.51 50.13 -12.52
CA THR G 217 13.15 51.52 -12.76
C THR G 217 12.01 52.04 -11.90
N THR G 218 11.14 51.12 -11.46
CA THR G 218 10.00 51.49 -10.65
C THR G 218 9.84 50.55 -9.49
N ALA G 219 9.28 51.10 -8.42
CA ALA G 219 8.97 50.33 -7.24
C ALA G 219 7.92 51.05 -6.43
N LEU G 220 7.11 50.29 -5.70
CA LEU G 220 6.12 50.85 -4.83
C LEU G 220 6.09 50.02 -3.57
N CYS G 221 6.23 50.67 -2.42
CA CYS G 221 6.15 49.98 -1.12
C CYS G 221 5.01 50.50 -0.30
N HIS G 222 4.40 49.58 0.45
CA HIS G 222 3.32 49.85 1.35
C HIS G 222 3.73 49.31 2.71
N PHE G 223 3.95 50.21 3.67
CA PHE G 223 4.34 49.84 5.03
C PHE G 223 3.20 50.01 6.01
N THR G 224 3.15 49.11 6.98
CA THR G 224 2.30 49.28 8.15
C THR G 224 3.19 49.45 9.37
N LEU G 225 2.96 50.56 10.08
CA LEU G 225 3.69 50.88 11.30
C LEU G 225 2.78 50.65 12.50
N GLU G 226 3.33 50.84 13.70
CA GLU G 226 2.54 50.73 14.93
C GLU G 226 1.38 51.73 14.94
N ASN G 227 0.34 51.40 15.70
CA ASN G 227 -0.82 52.28 15.88
C ASN G 227 -1.64 52.51 14.60
N GLU G 228 -1.64 51.50 13.73
CA GLU G 228 -2.30 51.52 12.42
C GLU G 228 -1.94 52.74 11.57
N VAL G 229 -0.68 53.15 11.62
CA VAL G 229 -0.14 54.15 10.70
C VAL G 229 0.31 53.43 9.42
N PHE G 230 -0.07 53.97 8.27
CA PHE G 230 0.39 53.43 7.00
C PHE G 230 1.30 54.44 6.34
N ALA G 231 2.28 53.93 5.61
CA ALA G 231 3.23 54.76 4.88
C ALA G 231 3.44 54.20 3.48
N SER G 232 3.33 55.04 2.47
CA SER G 232 3.57 54.62 1.10
C SER G 232 4.88 55.20 0.62
N LEU G 233 5.47 54.52 -0.36
CA LEU G 233 6.73 54.95 -0.91
C LEU G 233 6.76 54.61 -2.37
N SER G 234 6.78 55.66 -3.17
CA SER G 234 6.81 55.52 -4.59
C SER G 234 8.22 55.84 -5.03
N ILE G 235 8.79 54.95 -5.83
CA ILE G 235 10.17 55.06 -6.29
C ILE G 235 10.24 54.93 -7.80
N ASP G 236 10.88 55.90 -8.45
CA ASP G 236 11.21 55.75 -9.86
C ASP G 236 12.58 56.30 -10.21
N TYR G 237 13.12 55.74 -11.29
CA TYR G 237 14.33 56.22 -11.89
C TYR G 237 13.95 56.81 -13.23
N LEU G 238 12.79 57.45 -13.28
CA LEU G 238 12.23 57.92 -14.54
C LEU G 238 11.99 59.43 -14.64
N ARG G 239 12.64 60.20 -13.76
CA ARG G 239 12.75 61.65 -13.95
C ARG G 239 13.43 61.92 -15.30
N PRO G 240 12.70 62.57 -16.22
CA PRO G 240 13.26 62.80 -17.57
C PRO G 240 14.50 63.67 -17.51
N GLN G 241 15.46 63.39 -18.38
CA GLN G 241 16.74 64.13 -18.44
C GLN G 241 16.57 65.65 -18.61
N GLY G 242 15.47 66.06 -19.22
CA GLY G 242 15.14 67.46 -19.41
C GLY G 242 14.46 68.11 -18.22
N ALA G 243 14.40 67.40 -17.08
CA ALA G 243 13.84 67.97 -15.84
C ALA G 243 14.84 68.98 -15.22
N PRO G 244 14.34 69.95 -14.45
CA PRO G 244 15.22 71.00 -13.93
C PRO G 244 16.18 70.56 -12.81
N THR G 245 15.75 69.63 -11.94
CA THR G 245 16.63 69.09 -10.89
C THR G 245 16.85 67.59 -11.11
N HIS G 246 17.92 67.05 -10.55
CA HIS G 246 18.21 65.62 -10.68
C HIS G 246 17.23 64.77 -9.85
N ASP G 247 16.59 65.39 -8.86
CA ASP G 247 15.78 64.72 -7.85
C ASP G 247 14.45 65.42 -7.57
N ASP G 248 13.47 64.65 -7.09
CA ASP G 248 12.15 65.17 -6.71
C ASP G 248 11.67 64.42 -5.47
N ASP G 249 12.27 64.75 -4.32
CA ASP G 249 11.90 64.17 -3.03
C ASP G 249 10.63 64.81 -2.50
N ARG G 250 9.69 63.99 -2.02
CA ARG G 250 8.48 64.52 -1.41
C ARG G 250 8.05 63.70 -0.22
N MSE G 251 7.35 64.36 0.69
CA MSE G 251 6.82 63.70 1.87
C MSE G 251 5.55 64.39 2.31
O MSE G 251 5.44 65.61 2.23
CB MSE G 251 7.86 63.70 2.99
CG MSE G 251 7.41 62.99 4.25
SE MSE G 251 8.84 62.75 5.55
CE MSE G 251 7.82 61.69 6.81
N ARG G 252 4.58 63.61 2.77
CA ARG G 252 3.32 64.15 3.24
C ARG G 252 2.96 63.43 4.52
N ILE G 253 2.96 64.16 5.64
CA ILE G 253 2.63 63.61 6.94
C ILE G 253 1.23 64.05 7.33
N VAL G 254 0.32 63.09 7.46
CA VAL G 254 -1.09 63.36 7.69
C VAL G 254 -1.49 62.95 9.11
N GLY G 255 -1.85 63.94 9.92
CA GLY G 255 -2.16 63.72 11.34
C GLY G 255 -3.59 64.06 11.68
N THR G 256 -3.97 63.87 12.95
CA THR G 256 -5.34 64.10 13.42
C THR G 256 -5.67 65.59 13.57
N ARG G 257 -4.65 66.43 13.48
CA ARG G 257 -4.80 67.87 13.74
C ARG G 257 -4.12 68.70 12.66
N GLY G 258 -3.51 68.06 11.68
CA GLY G 258 -2.87 68.77 10.59
C GLY G 258 -2.18 67.92 9.54
N ILE G 259 -1.70 68.59 8.49
CA ILE G 259 -0.96 67.96 7.41
C ILE G 259 0.28 68.80 7.15
N VAL G 260 1.44 68.17 7.31
CA VAL G 260 2.71 68.78 6.90
C VAL G 260 3.16 68.16 5.58
N GLU G 261 3.65 69.00 4.68
CA GLU G 261 4.09 68.52 3.40
C GLU G 261 5.45 69.09 3.04
N VAL G 262 6.33 68.21 2.58
CA VAL G 262 7.63 68.60 2.08
C VAL G 262 7.62 68.33 0.59
N ILE G 263 7.80 69.39 -0.19
CA ILE G 263 7.78 69.31 -1.65
C ILE G 263 8.57 70.48 -2.20
N ASN G 264 9.41 70.17 -3.20
CA ASN G 264 10.29 71.15 -3.81
C ASN G 264 11.15 71.90 -2.80
N GLU G 265 11.75 71.16 -1.87
CA GLU G 265 12.65 71.72 -0.87
C GLU G 265 12.02 72.82 -0.03
N ARG G 266 10.68 72.86 -0.03
CA ARG G 266 9.91 73.81 0.75
C ARG G 266 8.93 73.04 1.61
N VAL G 267 8.51 73.64 2.73
CA VAL G 267 7.59 73.00 3.66
C VAL G 267 6.25 73.72 3.74
N PHE G 268 5.16 72.96 3.88
CA PHE G 268 3.83 73.54 3.96
C PHE G 268 3.04 72.90 5.09
N LEU G 269 2.19 73.69 5.76
CA LEU G 269 1.41 73.20 6.89
C LEU G 269 -0.06 73.57 6.77
N THR G 270 -0.94 72.62 7.09
CA THR G 270 -2.38 72.84 7.08
C THR G 270 -2.97 72.33 8.40
N ASP G 271 -3.81 73.16 9.04
CA ASP G 271 -4.49 72.81 10.30
C ASP G 271 -5.82 73.55 10.45
N GLU G 272 -6.18 73.89 11.69
CA GLU G 272 -7.43 74.64 11.94
C GLU G 272 -7.28 76.12 11.57
N LYS G 273 -6.03 76.57 11.42
CA LYS G 273 -5.72 77.96 11.09
C LYS G 273 -5.24 78.21 9.65
N GLY G 274 -5.87 77.52 8.70
CA GLY G 274 -5.57 77.70 7.27
C GLY G 274 -4.45 76.82 6.71
N HIS G 275 -3.98 77.19 5.52
CA HIS G 275 -2.86 76.53 4.84
C HIS G 275 -1.82 77.59 4.50
N ARG G 276 -0.55 77.28 4.77
CA ARG G 276 0.55 78.22 4.55
C ARG G 276 1.90 77.52 4.46
N GLU G 277 2.84 78.15 3.76
CA GLU G 277 4.24 77.76 3.82
C GLU G 277 4.79 78.01 5.22
N VAL G 278 5.95 77.43 5.51
CA VAL G 278 6.61 77.54 6.81
C VAL G 278 8.05 77.95 6.55
N PRO G 279 8.58 78.88 7.38
CA PRO G 279 9.97 79.25 7.14
C PRO G 279 10.89 78.09 7.54
N LEU G 280 11.87 77.83 6.70
CA LEU G 280 12.82 76.73 6.95
C LEU G 280 13.74 77.06 8.11
N VAL G 281 13.97 76.07 8.98
CA VAL G 281 14.99 76.21 10.04
C VAL G 281 16.38 76.21 9.41
N GLU G 282 17.38 76.46 10.25
CA GLU G 282 18.78 76.43 9.83
C GLU G 282 19.19 74.99 9.49
N LYS G 283 20.05 74.83 8.49
CA LYS G 283 20.50 73.50 8.08
C LYS G 283 21.44 72.88 9.11
N GLY G 284 21.72 71.59 8.92
CA GLY G 284 22.78 70.89 9.64
C GLY G 284 23.73 70.31 8.62
N GLN G 285 24.67 69.47 9.07
CA GLN G 285 25.56 68.76 8.15
C GLN G 285 25.99 67.44 8.76
N ILE G 286 25.86 66.37 7.98
CA ILE G 286 25.95 64.99 8.50
C ILE G 286 27.31 64.64 9.11
N PHE G 287 28.38 64.89 8.36
CA PHE G 287 29.70 64.47 8.82
C PHE G 287 30.19 65.28 10.02
N GLU G 288 29.77 66.55 10.08
CA GLU G 288 30.04 67.42 11.24
C GLU G 288 29.38 66.84 12.50
N ASP G 289 28.17 66.32 12.31
CA ASP G 289 27.41 65.68 13.39
C ASP G 289 28.11 64.38 13.81
N PHE G 290 28.69 63.71 12.82
CA PHE G 290 29.44 62.46 13.01
C PHE G 290 30.73 62.73 13.81
N LEU G 291 31.42 63.81 13.44
CA LEU G 291 32.64 64.24 14.12
C LEU G 291 32.39 64.51 15.61
N ARG G 292 31.35 65.29 15.89
CA ARG G 292 30.93 65.61 17.25
C ARG G 292 30.63 64.37 18.11
N GLU G 293 30.20 63.29 17.47
CA GLU G 293 30.01 62.01 18.17
C GLU G 293 31.37 61.38 18.51
N ILE G 294 32.25 61.36 17.50
CA ILE G 294 33.62 60.83 17.66
C ILE G 294 34.40 61.62 18.72
N ARG G 295 34.11 62.92 18.83
CA ARG G 295 34.75 63.83 19.79
C ARG G 295 33.90 64.07 21.04
N GLY G 296 33.00 63.15 21.35
CA GLY G 296 32.13 63.27 22.53
C GLY G 296 31.49 64.63 22.77
N GLN G 297 31.40 65.46 21.73
CA GLN G 297 30.80 66.80 21.78
C GLN G 297 29.26 66.76 21.70
N GLY G 298 28.72 65.67 21.17
CA GLY G 298 27.28 65.51 20.99
C GLY G 298 26.94 64.21 20.28
N LYS G 299 25.64 63.88 20.24
CA LYS G 299 25.17 62.63 19.65
C LYS G 299 24.76 62.80 18.19
N CYS G 300 25.38 62.03 17.30
CA CYS G 300 24.97 61.99 15.90
C CYS G 300 23.51 61.53 15.80
N MSE G 301 22.70 62.33 15.13
CA MSE G 301 21.26 62.11 15.02
C MSE G 301 20.92 60.80 14.27
O MSE G 301 19.90 60.14 14.56
CB MSE G 301 20.62 63.32 14.36
CG MSE G 301 19.13 63.35 14.29
SE MSE G 301 18.61 64.47 12.79
CE MSE G 301 19.99 64.04 11.53
N VAL G 302 21.75 60.46 13.30
CA VAL G 302 21.66 59.18 12.59
C VAL G 302 22.49 58.11 13.31
N THR G 303 21.83 57.34 14.18
CA THR G 303 22.49 56.34 15.02
C THR G 303 22.92 55.12 14.19
N PRO G 304 23.79 54.25 14.76
CA PRO G 304 24.12 52.97 14.14
C PRO G 304 22.89 52.04 14.16
N GLU G 305 22.06 52.19 15.18
CA GLU G 305 20.81 51.46 15.27
C GLU G 305 19.87 51.85 14.12
N ASP G 306 19.86 53.13 13.76
CA ASP G 306 19.08 53.60 12.62
C ASP G 306 19.63 52.99 11.34
N SER G 307 20.96 53.01 11.20
CA SER G 307 21.62 52.48 9.99
C SER G 307 21.35 50.99 9.73
N ILE G 308 21.31 50.21 10.81
CA ILE G 308 21.04 48.78 10.72
C ILE G 308 19.56 48.54 10.42
N LEU G 309 18.68 49.15 11.21
CA LEU G 309 17.26 48.96 11.06
C LEU G 309 16.73 49.35 9.68
N THR G 310 17.11 50.53 9.18
CA THR G 310 16.64 51.01 7.88
C THR G 310 17.10 50.11 6.73
N THR G 311 18.32 49.58 6.84
CA THR G 311 18.82 48.58 5.91
C THR G 311 17.99 47.29 6.03
N GLU G 312 17.72 46.85 7.25
CA GLU G 312 16.88 45.68 7.45
C GLU G 312 15.56 45.86 6.71
N ILE G 313 14.92 47.00 6.94
CA ILE G 313 13.65 47.31 6.30
C ILE G 313 13.76 47.32 4.77
N ALA G 314 14.80 47.96 4.23
CA ALA G 314 15.02 48.01 2.78
C ALA G 314 15.12 46.58 2.21
N LEU G 315 15.81 45.70 2.96
CA LEU G 315 16.05 44.32 2.52
C LEU G 315 14.78 43.50 2.52
N LYS G 316 13.95 43.71 3.54
CA LYS G 316 12.65 43.05 3.62
C LYS G 316 11.67 43.52 2.56
N ALA G 317 11.75 44.80 2.21
CA ALA G 317 10.89 45.33 1.17
C ALA G 317 11.32 44.74 -0.17
N ARG G 318 12.64 44.59 -0.36
CA ARG G 318 13.16 43.98 -1.58
C ARG G 318 12.78 42.49 -1.68
N LEU G 319 12.80 41.79 -0.55
CA LEU G 319 12.34 40.40 -0.48
C LEU G 319 10.87 40.30 -0.88
N SER G 320 10.04 41.18 -0.32
CA SER G 320 8.63 41.28 -0.68
C SER G 320 8.46 41.43 -2.18
N ALA G 321 9.19 42.38 -2.74
CA ALA G 321 9.08 42.69 -4.17
C ALA G 321 9.58 41.52 -5.05
N ASP G 322 10.60 40.79 -4.61
CA ASP G 322 11.12 39.59 -5.31
C ASP G 322 10.24 38.34 -5.14
N THR G 323 9.34 38.33 -4.14
CA THR G 323 8.50 37.14 -3.90
C THR G 323 7.00 37.33 -4.10
N GLY G 324 6.54 38.58 -4.14
CA GLY G 324 5.11 38.85 -4.15
C GLY G 324 4.40 38.63 -2.82
N GLN G 325 5.16 38.37 -1.75
CA GLN G 325 4.56 38.15 -0.43
C GLN G 325 4.64 39.38 0.50
N ILE G 326 3.67 39.48 1.41
CA ILE G 326 3.75 40.43 2.52
C ILE G 326 4.83 39.92 3.44
N VAL G 327 5.81 40.78 3.79
CA VAL G 327 6.88 40.40 4.69
C VAL G 327 6.70 41.12 6.04
N LEU G 328 6.67 40.35 7.12
CA LEU G 328 6.61 40.90 8.50
C LEU G 328 7.96 41.46 8.91
N ILE G 329 7.95 42.57 9.63
CA ILE G 329 9.22 43.22 10.06
C ILE G 329 9.39 43.21 11.57
N LEU H 3 -38.51 63.80 -21.36
CA LEU H 3 -38.11 62.64 -20.53
C LEU H 3 -38.48 62.82 -19.05
N LYS H 4 -39.08 61.77 -18.47
CA LYS H 4 -39.58 61.81 -17.09
C LYS H 4 -38.58 61.26 -16.07
N ILE H 5 -38.10 62.14 -15.20
CA ILE H 5 -37.08 61.79 -14.21
C ILE H 5 -37.69 61.57 -12.84
N CYS H 6 -37.32 60.47 -12.19
CA CYS H 6 -37.62 60.24 -10.77
C CYS H 6 -36.32 60.14 -9.96
N VAL H 7 -36.24 60.90 -8.88
CA VAL H 7 -35.00 61.02 -8.10
C VAL H 7 -35.14 60.54 -6.66
N ILE H 8 -34.88 59.25 -6.43
CA ILE H 8 -34.96 58.66 -5.10
C ILE H 8 -33.76 59.07 -4.24
N GLY H 9 -34.04 59.49 -3.01
CA GLY H 9 -33.00 59.81 -2.01
C GLY H 9 -32.17 61.06 -2.26
N SER H 10 -31.41 61.45 -1.24
CA SER H 10 -30.47 62.56 -1.33
C SER H 10 -29.24 62.33 -0.44
N SER H 11 -28.62 61.15 -0.61
CA SER H 11 -27.41 60.80 0.11
C SER H 11 -26.18 61.05 -0.75
N GLY H 12 -26.32 60.86 -2.06
CA GLY H 12 -25.23 61.07 -3.01
C GLY H 12 -25.28 62.44 -3.66
N HIS H 13 -24.40 62.66 -4.64
CA HIS H 13 -24.37 63.92 -5.37
C HIS H 13 -25.51 63.95 -6.37
N PHE H 14 -26.67 64.41 -5.90
CA PHE H 14 -27.83 64.73 -6.73
C PHE H 14 -27.47 65.84 -7.71
N ARG H 15 -26.62 66.76 -7.23
CA ARG H 15 -26.09 67.89 -7.98
C ARG H 15 -25.79 67.56 -9.44
N TYR H 16 -25.03 66.49 -9.67
CA TYR H 16 -24.50 66.13 -11.00
C TYR H 16 -25.50 66.19 -12.17
N ALA H 17 -26.74 65.80 -11.90
CA ALA H 17 -27.80 65.87 -12.89
C ALA H 17 -28.21 67.33 -13.15
N LEU H 18 -28.44 68.07 -12.07
CA LEU H 18 -28.99 69.44 -12.12
C LEU H 18 -28.22 70.39 -13.05
N GLU H 19 -26.90 70.40 -12.98
CA GLU H 19 -26.09 71.30 -13.83
C GLU H 19 -25.98 70.81 -15.28
N GLY H 20 -26.79 69.81 -15.64
CA GLY H 20 -26.76 69.22 -16.97
C GLY H 20 -28.11 69.11 -17.67
N LEU H 21 -29.18 69.50 -16.98
CA LEU H 21 -30.56 69.42 -17.48
C LEU H 21 -30.82 70.32 -18.70
N ASP H 22 -31.84 69.96 -19.50
CA ASP H 22 -32.27 70.77 -20.64
C ASP H 22 -33.81 70.73 -20.88
N GLU H 23 -34.22 70.69 -22.15
CA GLU H 23 -35.63 70.78 -22.55
C GLU H 23 -36.48 69.59 -22.12
N GLU H 24 -36.13 68.39 -22.60
CA GLU H 24 -36.81 67.14 -22.23
C GLU H 24 -36.67 66.84 -20.75
N CYS H 25 -36.13 67.80 -19.99
CA CYS H 25 -35.68 67.56 -18.63
C CYS H 25 -36.45 68.30 -17.55
N SER H 26 -37.21 67.54 -16.78
CA SER H 26 -37.77 67.97 -15.50
C SER H 26 -38.29 66.75 -14.76
N ILE H 27 -37.99 66.72 -13.46
CA ILE H 27 -38.40 65.62 -12.58
C ILE H 27 -39.92 65.63 -12.43
N THR H 28 -40.53 64.45 -12.53
CA THR H 28 -41.97 64.30 -12.31
C THR H 28 -42.31 63.59 -10.98
N GLY H 29 -41.28 63.31 -10.18
CA GLY H 29 -41.45 62.65 -8.87
C GLY H 29 -40.18 62.28 -8.11
N ILE H 30 -40.19 62.56 -6.81
CA ILE H 30 -39.09 62.19 -5.90
C ILE H 30 -39.60 61.25 -4.81
N ALA H 31 -38.69 60.72 -3.99
CA ALA H 31 -39.03 59.81 -2.87
C ALA H 31 -37.83 59.58 -1.95
N PRO H 32 -38.07 59.19 -0.68
CA PRO H 32 -36.94 58.71 0.12
C PRO H 32 -36.70 57.20 -0.08
N GLY H 33 -35.45 56.78 0.05
CA GLY H 33 -35.12 55.36 -0.03
C GLY H 33 -35.65 54.61 1.18
N VAL H 34 -35.16 54.99 2.36
CA VAL H 34 -35.72 54.54 3.63
C VAL H 34 -36.72 55.58 4.14
N PRO H 35 -37.77 55.14 4.86
CA PRO H 35 -38.78 56.07 5.40
C PRO H 35 -38.20 57.26 6.16
N GLU H 36 -37.04 57.07 6.79
CA GLU H 36 -36.48 58.05 7.72
C GLU H 36 -35.40 58.97 7.11
N GLU H 37 -35.45 59.16 5.79
CA GLU H 37 -34.36 59.82 5.07
C GLU H 37 -34.55 61.31 4.80
N ASP H 38 -33.68 62.13 5.38
CA ASP H 38 -33.63 63.58 5.16
C ASP H 38 -33.42 63.92 3.67
N LEU H 39 -34.07 64.99 3.21
CA LEU H 39 -33.92 65.46 1.83
C LEU H 39 -33.66 66.98 1.75
N SER H 40 -33.30 67.57 2.88
CA SER H 40 -33.12 69.03 3.01
C SER H 40 -32.21 69.64 1.95
N LYS H 41 -31.11 68.95 1.67
CA LYS H 41 -30.11 69.43 0.71
C LYS H 41 -30.67 69.42 -0.72
N LEU H 42 -31.60 68.52 -0.98
CA LEU H 42 -32.18 68.33 -2.30
C LEU H 42 -33.12 69.46 -2.68
N GLU H 43 -34.23 69.57 -1.94
CA GLU H 43 -35.32 70.50 -2.25
C GLU H 43 -34.87 71.96 -2.33
N LYS H 44 -34.11 72.38 -1.33
CA LYS H 44 -33.62 73.76 -1.23
C LYS H 44 -32.41 73.97 -2.15
N ALA H 45 -32.45 73.30 -3.30
CA ALA H 45 -31.42 73.41 -4.33
C ALA H 45 -32.05 73.22 -5.72
N ILE H 46 -33.05 72.35 -5.79
CA ILE H 46 -33.76 72.06 -7.05
C ILE H 46 -34.79 73.11 -7.43
N SER H 47 -35.51 73.63 -6.43
CA SER H 47 -36.55 74.65 -6.63
C SER H 47 -35.94 76.02 -6.96
N GLU H 48 -34.74 76.28 -6.45
CA GLU H 48 -33.96 77.46 -6.82
C GLU H 48 -33.67 77.44 -8.32
N MSE H 49 -33.75 76.24 -8.89
CA MSE H 49 -33.67 76.04 -10.34
C MSE H 49 -35.00 75.55 -10.91
O MSE H 49 -35.04 74.60 -11.71
CB MSE H 49 -32.53 75.07 -10.70
CG MSE H 49 -31.16 75.71 -10.76
SE MSE H 49 -29.94 74.75 -11.96
CE MSE H 49 -30.89 74.98 -13.64
N ASN H 50 -36.09 76.18 -10.47
CA ASN H 50 -37.47 75.95 -10.98
C ASN H 50 -38.30 74.83 -10.32
N ILE H 51 -38.57 73.78 -11.10
CA ILE H 51 -39.60 72.77 -10.81
C ILE H 51 -39.50 72.05 -9.45
N LYS H 52 -40.66 71.81 -8.84
CA LYS H 52 -40.80 70.97 -7.66
C LYS H 52 -42.01 70.05 -7.86
N PRO H 53 -41.76 68.73 -8.07
CA PRO H 53 -42.82 67.77 -8.40
C PRO H 53 -43.37 66.98 -7.20
N LYS H 54 -44.00 65.84 -7.50
CA LYS H 54 -44.71 65.02 -6.51
C LYS H 54 -43.79 64.25 -5.55
N LYS H 55 -43.74 64.72 -4.30
CA LYS H 55 -43.02 64.01 -3.24
C LYS H 55 -43.77 62.75 -2.81
N TYR H 56 -43.02 61.66 -2.61
CA TYR H 56 -43.59 60.39 -2.15
C TYR H 56 -43.06 60.00 -0.78
N ASN H 57 -43.65 58.93 -0.24
CA ASN H 57 -43.14 58.27 0.94
C ASN H 57 -42.84 56.81 0.62
N ASN H 58 -43.12 56.44 -0.63
CA ASN H 58 -42.88 55.10 -1.13
C ASN H 58 -42.50 55.13 -2.61
N TRP H 59 -41.26 54.75 -2.91
CA TRP H 59 -40.76 54.74 -4.28
C TRP H 59 -41.33 53.57 -5.10
N TRP H 60 -41.69 52.48 -4.42
CA TRP H 60 -42.20 51.26 -5.07
C TRP H 60 -43.47 51.51 -5.89
N GLU H 61 -44.47 52.15 -5.26
CA GLU H 61 -45.70 52.57 -5.95
C GLU H 61 -45.43 53.70 -6.95
N MSE H 62 -44.42 54.52 -6.65
CA MSE H 62 -44.03 55.66 -7.48
C MSE H 62 -43.52 55.22 -8.84
O MSE H 62 -43.74 55.91 -9.85
CB MSE H 62 -42.97 56.50 -6.77
CG MSE H 62 -42.44 57.65 -7.58
SE MSE H 62 -40.67 58.21 -7.02
CE MSE H 62 -39.65 56.67 -7.65
N LEU H 63 -42.83 54.08 -8.88
CA LEU H 63 -42.25 53.55 -10.12
C LEU H 63 -43.30 53.05 -11.14
N GLU H 64 -44.41 52.53 -10.63
CA GLU H 64 -45.51 52.06 -11.49
C GLU H 64 -46.69 53.07 -11.55
N LYS H 65 -46.53 54.19 -10.85
CA LYS H 65 -47.45 55.33 -10.94
C LYS H 65 -46.89 56.41 -11.86
N GLU H 66 -45.64 56.80 -11.63
CA GLU H 66 -44.95 57.76 -12.50
C GLU H 66 -44.42 57.12 -13.77
N LYS H 67 -43.95 55.87 -13.64
CA LYS H 67 -43.32 55.10 -14.74
C LYS H 67 -42.31 55.94 -15.55
N PRO H 68 -41.16 56.28 -14.93
CA PRO H 68 -40.27 57.32 -15.45
C PRO H 68 -39.35 56.86 -16.58
N ASP H 69 -38.68 57.84 -17.20
CA ASP H 69 -37.67 57.58 -18.24
C ASP H 69 -36.28 57.36 -17.62
N ILE H 70 -35.79 58.37 -16.89
CA ILE H 70 -34.53 58.28 -16.14
C ILE H 70 -34.80 58.21 -14.63
N LEU H 71 -34.15 57.27 -13.96
CA LEU H 71 -34.21 57.20 -12.51
C LEU H 71 -32.84 57.49 -11.90
N VAL H 72 -32.74 58.62 -11.19
CA VAL H 72 -31.52 59.02 -10.49
C VAL H 72 -31.53 58.49 -9.05
N ILE H 73 -30.66 57.52 -8.78
CA ILE H 73 -30.59 56.88 -7.46
C ILE H 73 -29.37 57.36 -6.67
N ASN H 74 -29.59 57.77 -5.43
CA ASN H 74 -28.53 58.17 -4.52
C ASN H 74 -29.01 58.23 -3.08
N THR H 75 -29.42 57.09 -2.56
CA THR H 75 -29.86 56.96 -1.17
C THR H 75 -28.79 56.25 -0.31
N VAL H 76 -29.19 55.79 0.88
CA VAL H 76 -28.34 54.93 1.71
C VAL H 76 -27.55 53.99 0.79
N PHE H 77 -26.23 54.08 0.85
CA PHE H 77 -25.35 53.47 -0.15
C PHE H 77 -25.58 51.97 -0.33
N SER H 78 -25.84 51.28 0.76
CA SER H 78 -26.15 49.84 0.71
C SER H 78 -27.40 49.53 -0.12
N LEU H 79 -28.18 50.55 -0.43
CA LEU H 79 -29.47 50.38 -1.06
C LEU H 79 -29.48 50.72 -2.56
N ASN H 80 -28.60 51.61 -2.99
CA ASN H 80 -28.56 52.07 -4.38
C ASN H 80 -28.55 50.93 -5.39
N GLY H 81 -27.74 49.90 -5.11
CA GLY H 81 -27.65 48.72 -5.96
C GLY H 81 -28.88 47.83 -5.90
N LYS H 82 -29.50 47.76 -4.73
CA LYS H 82 -30.78 47.08 -4.54
C LYS H 82 -31.87 47.76 -5.38
N ILE H 83 -31.84 49.09 -5.42
CA ILE H 83 -32.78 49.89 -6.20
C ILE H 83 -32.52 49.79 -7.70
N LEU H 84 -31.24 49.93 -8.08
CA LEU H 84 -30.82 49.81 -9.48
C LEU H 84 -31.24 48.46 -10.07
N LEU H 85 -31.23 47.42 -9.24
CA LEU H 85 -31.67 46.08 -9.61
C LEU H 85 -33.14 46.07 -10.08
N GLU H 86 -34.01 46.79 -9.36
CA GLU H 86 -35.40 46.98 -9.76
C GLU H 86 -35.51 47.76 -11.06
N ALA H 87 -34.86 48.91 -11.11
CA ALA H 87 -34.88 49.79 -12.28
C ALA H 87 -34.59 49.06 -13.59
N LEU H 88 -33.72 48.05 -13.52
CA LEU H 88 -33.31 47.30 -14.70
C LEU H 88 -34.32 46.25 -15.15
N GLU H 89 -34.88 45.51 -14.19
CA GLU H 89 -35.93 44.51 -14.44
C GLU H 89 -37.22 45.18 -14.94
N ARG H 90 -37.44 46.43 -14.50
CA ARG H 90 -38.56 47.25 -14.94
C ARG H 90 -38.13 48.20 -16.06
N LYS H 91 -37.09 47.81 -16.80
CA LYS H 91 -36.58 48.54 -17.99
C LYS H 91 -36.32 50.05 -17.89
N ILE H 92 -36.36 50.59 -16.67
CA ILE H 92 -36.15 52.02 -16.42
C ILE H 92 -34.67 52.37 -16.44
N HIS H 93 -34.30 53.44 -17.14
CA HIS H 93 -32.93 53.97 -17.15
C HIS H 93 -32.49 54.40 -15.76
N ALA H 94 -31.17 54.47 -15.57
CA ALA H 94 -30.61 54.75 -14.25
C ALA H 94 -29.29 55.51 -14.26
N PHE H 95 -29.16 56.41 -13.30
CA PHE H 95 -27.95 57.20 -13.10
C PHE H 95 -27.64 57.14 -11.62
N VAL H 96 -26.81 56.16 -11.23
CA VAL H 96 -26.63 55.81 -9.82
C VAL H 96 -25.32 56.32 -9.21
N GLU H 97 -25.30 56.44 -7.89
CA GLU H 97 -24.13 56.92 -7.14
C GLU H 97 -23.11 55.78 -6.96
N LYS H 98 -21.83 56.15 -6.94
CA LYS H 98 -20.74 55.21 -6.71
C LYS H 98 -20.52 54.95 -5.21
N PRO H 99 -20.38 53.67 -4.81
CA PRO H 99 -20.35 52.45 -5.64
C PRO H 99 -21.73 51.92 -6.03
N ILE H 100 -21.81 51.20 -7.15
CA ILE H 100 -23.09 50.68 -7.64
C ILE H 100 -23.59 49.47 -6.84
N ALA H 101 -22.76 49.00 -5.91
CA ALA H 101 -23.14 47.93 -4.97
C ALA H 101 -22.25 48.05 -3.74
N THR H 102 -22.62 47.34 -2.68
CA THR H 102 -21.79 47.35 -1.46
C THR H 102 -21.52 45.94 -0.96
N THR H 103 -22.10 44.94 -1.63
CA THR H 103 -21.75 43.55 -1.42
C THR H 103 -21.54 42.92 -2.77
N PHE H 104 -20.75 41.84 -2.80
CA PHE H 104 -20.55 41.07 -4.02
C PHE H 104 -21.86 40.41 -4.45
N GLU H 105 -22.66 40.02 -3.45
CA GLU H 105 -24.02 39.52 -3.68
C GLU H 105 -24.78 40.51 -4.53
N ASP H 106 -24.75 41.79 -4.14
CA ASP H 106 -25.42 42.86 -4.86
C ASP H 106 -24.91 43.07 -6.29
N LEU H 107 -23.59 43.18 -6.45
CA LEU H 107 -22.98 43.44 -7.76
C LEU H 107 -23.23 42.32 -8.76
N GLU H 108 -23.24 41.08 -8.28
CA GLU H 108 -23.43 39.91 -9.14
C GLU H 108 -24.87 39.76 -9.65
N LYS H 109 -25.82 40.31 -8.91
CA LYS H 109 -27.21 40.46 -9.37
C LYS H 109 -27.22 41.43 -10.55
N ILE H 110 -26.48 42.53 -10.42
CA ILE H 110 -26.48 43.61 -11.40
C ILE H 110 -25.77 43.23 -12.69
N ARG H 111 -24.74 42.39 -12.61
CA ARG H 111 -24.02 41.98 -13.81
C ARG H 111 -24.82 40.93 -14.59
N SER H 112 -25.46 40.01 -13.85
CA SER H 112 -26.33 39.01 -14.43
C SER H 112 -27.52 39.65 -15.14
N VAL H 113 -28.20 40.56 -14.44
CA VAL H 113 -29.36 41.26 -14.97
C VAL H 113 -29.02 42.19 -16.14
N TYR H 114 -27.97 43.00 -15.99
CA TYR H 114 -27.69 44.02 -17.01
C TYR H 114 -27.47 43.43 -18.39
N GLN H 115 -26.62 42.41 -18.49
CA GLN H 115 -26.33 41.83 -19.80
C GLN H 115 -27.58 41.18 -20.41
N LYS H 116 -28.47 40.73 -19.52
CA LYS H 116 -29.77 40.15 -19.90
C LYS H 116 -30.75 41.19 -20.46
N VAL H 117 -30.55 42.47 -20.13
CA VAL H 117 -31.42 43.56 -20.61
C VAL H 117 -30.69 44.76 -21.25
N ARG H 118 -29.40 44.59 -21.57
CA ARG H 118 -28.53 45.71 -21.98
C ARG H 118 -29.00 46.48 -23.21
N ASN H 119 -29.67 45.77 -24.13
CA ASN H 119 -29.98 46.33 -25.45
C ASN H 119 -31.14 47.33 -25.46
N GLU H 120 -31.93 47.34 -24.40
CA GLU H 120 -33.01 48.32 -24.23
C GLU H 120 -32.60 49.39 -23.22
N VAL H 121 -32.08 48.95 -22.07
CA VAL H 121 -31.83 49.83 -20.94
C VAL H 121 -30.36 50.28 -20.84
N PHE H 122 -30.15 51.51 -20.37
CA PHE H 122 -28.83 52.02 -20.02
C PHE H 122 -28.72 52.42 -18.55
N PHE H 123 -27.55 52.21 -17.96
CA PHE H 123 -27.20 52.77 -16.64
C PHE H 123 -25.70 53.07 -16.53
N THR H 124 -25.36 53.96 -15.60
CA THR H 124 -23.98 54.35 -15.33
C THR H 124 -23.86 54.91 -13.91
N ALA H 125 -22.62 55.12 -13.46
CA ALA H 125 -22.36 55.64 -12.12
C ALA H 125 -21.91 57.10 -12.15
N MSE H 126 -22.09 57.78 -11.01
CA MSE H 126 -21.82 59.22 -10.89
C MSE H 126 -20.33 59.56 -10.78
O MSE H 126 -19.90 60.11 -9.77
CB MSE H 126 -22.57 59.81 -9.67
CG MSE H 126 -24.10 59.92 -9.80
SE MSE H 126 -24.93 60.42 -8.27
CE MSE H 126 -26.63 60.00 -8.62
N PHE H 127 -19.57 59.25 -11.83
CA PHE H 127 -18.12 59.53 -11.86
C PHE H 127 -17.79 60.88 -12.50
N GLY H 128 -18.31 61.95 -11.90
CA GLY H 128 -18.26 63.30 -12.49
C GLY H 128 -16.89 63.94 -12.60
N ILE H 129 -16.08 63.78 -11.56
CA ILE H 129 -14.73 64.36 -11.51
C ILE H 129 -13.95 64.15 -12.81
N ARG H 130 -14.28 63.09 -13.54
CA ARG H 130 -13.71 62.79 -14.86
C ARG H 130 -13.85 63.93 -15.86
N TYR H 131 -15.01 64.58 -15.84
CA TYR H 131 -15.35 65.61 -16.81
C TYR H 131 -14.84 67.00 -16.42
N ARG H 132 -14.17 67.11 -15.27
CA ARG H 132 -13.52 68.37 -14.89
C ARG H 132 -12.34 68.65 -15.84
N PRO H 133 -11.95 69.93 -15.97
CA PRO H 133 -10.96 70.29 -17.00
C PRO H 133 -9.56 69.70 -16.81
N HIS H 134 -9.10 69.60 -15.56
CA HIS H 134 -7.75 69.05 -15.28
C HIS H 134 -7.64 67.54 -15.57
N PHE H 135 -8.65 66.77 -15.18
CA PHE H 135 -8.69 65.35 -15.51
C PHE H 135 -8.85 65.05 -17.00
N LEU H 136 -9.69 65.83 -17.68
CA LEU H 136 -9.82 65.71 -19.14
C LEU H 136 -8.50 66.08 -19.84
N THR H 137 -7.73 66.99 -19.23
CA THR H 137 -6.43 67.38 -19.81
C THR H 137 -5.37 66.29 -19.66
N ALA H 138 -5.31 65.68 -18.47
CA ALA H 138 -4.38 64.57 -18.20
C ALA H 138 -4.64 63.44 -19.17
N LYS H 139 -5.90 62.98 -19.20
CA LYS H 139 -6.37 61.96 -20.15
C LYS H 139 -5.88 62.27 -21.54
N LYS H 140 -6.16 63.50 -21.99
CA LYS H 140 -5.79 63.95 -23.32
C LYS H 140 -4.29 63.77 -23.57
N LEU H 141 -3.47 64.24 -22.63
CA LEU H 141 -2.00 64.15 -22.76
C LEU H 141 -1.48 62.71 -22.81
N VAL H 142 -1.92 61.89 -21.86
CA VAL H 142 -1.54 60.49 -21.77
C VAL H 142 -1.95 59.79 -23.06
N SER H 143 -3.18 60.05 -23.47
CA SER H 143 -3.75 59.48 -24.68
C SER H 143 -3.01 59.89 -25.96
N GLU H 144 -2.37 61.06 -25.95
CA GLU H 144 -1.59 61.54 -27.12
C GLU H 144 -0.14 61.04 -27.19
N GLY H 145 0.34 60.37 -26.15
CA GLY H 145 1.72 59.87 -26.12
C GLY H 145 2.66 60.74 -25.31
N ALA H 146 2.10 61.64 -24.51
CA ALA H 146 2.91 62.60 -23.75
C ALA H 146 3.91 61.96 -22.78
N VAL H 147 3.44 61.00 -21.97
CA VAL H 147 4.32 60.30 -21.04
C VAL H 147 5.00 59.08 -21.65
N GLY H 148 4.65 58.77 -22.89
CA GLY H 148 5.12 57.54 -23.53
C GLY H 148 4.37 56.39 -22.88
N GLU H 149 5.07 55.31 -22.55
CA GLU H 149 4.43 54.14 -21.96
C GLU H 149 4.31 54.27 -20.43
N ILE H 150 3.12 54.10 -19.88
CA ILE H 150 2.92 54.30 -18.44
C ILE H 150 3.60 53.24 -17.57
N ARG H 151 4.31 53.67 -16.53
CA ARG H 151 4.95 52.74 -15.60
C ARG H 151 4.40 52.82 -14.18
N LEU H 152 4.09 54.02 -13.71
CA LEU H 152 3.77 54.22 -12.31
C LEU H 152 2.70 55.28 -12.15
N VAL H 153 1.77 55.04 -11.25
CA VAL H 153 0.69 55.98 -10.99
C VAL H 153 0.51 56.18 -9.48
N ASN H 154 0.48 57.44 -9.05
CA ASN H 154 0.18 57.80 -7.64
C ASN H 154 -1.10 58.60 -7.61
N THR H 155 -2.02 58.21 -6.74
CA THR H 155 -3.28 58.94 -6.64
C THR H 155 -3.58 59.26 -5.18
N GLN H 156 -4.13 60.45 -4.97
CA GLN H 156 -4.47 60.94 -3.63
C GLN H 156 -5.93 61.37 -3.52
N LYS H 157 -6.57 60.92 -2.45
CA LYS H 157 -7.91 61.36 -2.07
C LYS H 157 -7.89 61.85 -0.63
N SER H 158 -8.21 63.14 -0.46
CA SER H 158 -8.25 63.77 0.87
C SER H 158 -9.46 64.69 1.02
N TYR H 159 -10.46 64.22 1.77
CA TYR H 159 -11.68 64.99 2.03
C TYR H 159 -11.81 65.43 3.48
N LYS H 160 -12.43 66.60 3.68
CA LYS H 160 -12.91 67.05 5.00
C LYS H 160 -14.04 66.13 5.46
N LEU H 161 -13.92 65.56 6.66
CA LEU H 161 -14.96 64.67 7.18
C LEU H 161 -16.18 65.45 7.70
N GLY H 162 -15.95 66.36 8.65
CA GLY H 162 -17.01 67.14 9.28
C GLY H 162 -18.10 66.26 9.85
N GLN H 163 -19.35 66.73 9.79
CA GLN H 163 -20.51 65.96 10.26
C GLN H 163 -21.32 65.37 9.10
N ARG H 164 -21.74 64.11 9.27
CA ARG H 164 -22.46 63.35 8.24
C ARG H 164 -23.61 62.56 8.87
N PRO H 165 -24.58 62.09 8.06
CA PRO H 165 -25.71 61.22 8.49
C PRO H 165 -25.35 59.97 9.32
N ASP H 166 -26.38 59.26 9.81
CA ASP H 166 -26.21 58.10 10.70
C ASP H 166 -25.82 56.78 10.00
N PHE H 167 -26.24 56.61 8.75
CA PHE H 167 -25.94 55.40 7.97
C PHE H 167 -24.45 55.31 7.58
N TYR H 168 -23.77 56.46 7.63
CA TYR H 168 -22.32 56.55 7.55
C TYR H 168 -21.60 55.79 8.67
N LYS H 169 -22.20 55.79 9.86
CA LYS H 169 -21.57 55.25 11.06
C LYS H 169 -21.63 53.72 11.19
N LYS H 170 -22.26 53.08 10.20
CA LYS H 170 -22.34 51.61 10.16
C LYS H 170 -21.74 51.07 8.85
N ARG H 171 -20.93 50.03 8.96
CA ARG H 171 -20.44 49.29 7.78
C ARG H 171 -21.63 48.67 7.02
N GLU H 172 -22.56 48.07 7.77
CA GLU H 172 -23.80 47.48 7.24
C GLU H 172 -24.47 48.33 6.14
N THR H 173 -24.53 49.65 6.37
CA THR H 173 -25.25 50.57 5.48
C THR H 173 -24.33 51.51 4.66
N TYR H 174 -23.14 51.81 5.19
CA TYR H 174 -22.20 52.75 4.56
C TYR H 174 -21.31 52.13 3.48
N GLY H 175 -20.93 50.86 3.65
CA GLY H 175 -20.10 50.16 2.66
C GLY H 175 -18.59 50.23 2.88
N GLY H 176 -18.09 51.42 3.23
CA GLY H 176 -16.67 51.63 3.51
C GLY H 176 -16.08 52.85 2.84
N THR H 177 -14.97 53.33 3.40
CA THR H 177 -14.30 54.53 2.88
C THR H 177 -13.57 54.30 1.55
N ILE H 178 -12.99 53.12 1.35
CA ILE H 178 -12.39 52.79 0.04
C ILE H 178 -13.47 52.80 -1.06
N PRO H 179 -14.57 52.01 -0.88
CA PRO H 179 -15.71 52.05 -1.81
C PRO H 179 -16.37 53.43 -1.98
N TRP H 180 -16.46 54.21 -0.90
CA TRP H 180 -17.09 55.54 -0.99
C TRP H 180 -16.15 56.60 -1.58
N VAL H 181 -14.99 56.79 -0.97
CA VAL H 181 -14.04 57.84 -1.36
C VAL H 181 -12.99 57.39 -2.38
N GLY H 182 -12.42 56.20 -2.19
CA GLY H 182 -11.32 55.72 -3.02
C GLY H 182 -11.70 55.49 -4.46
N ILE H 183 -12.95 55.09 -4.67
CA ILE H 183 -13.44 54.63 -5.98
C ILE H 183 -13.26 55.64 -7.11
N HIS H 184 -13.27 56.94 -6.79
CA HIS H 184 -13.00 57.99 -7.77
C HIS H 184 -11.63 57.81 -8.41
N ALA H 185 -10.62 57.55 -7.58
CA ALA H 185 -9.25 57.39 -8.05
C ALA H 185 -9.05 56.06 -8.78
N ILE H 186 -9.74 55.01 -8.32
CA ILE H 186 -9.74 53.72 -9.01
C ILE H 186 -10.16 53.93 -10.44
N ASP H 187 -11.32 54.57 -10.59
CA ASP H 187 -11.81 55.04 -11.89
C ASP H 187 -10.80 55.87 -12.67
N TRP H 188 -10.09 56.80 -12.03
CA TRP H 188 -9.04 57.57 -12.77
C TRP H 188 -7.96 56.64 -13.33
N ILE H 189 -7.45 55.75 -12.47
CA ILE H 189 -6.41 54.80 -12.87
C ILE H 189 -6.92 53.96 -14.02
N HIS H 190 -8.09 53.35 -13.85
CA HIS H 190 -8.66 52.51 -14.90
C HIS H 190 -8.80 53.29 -16.21
N TRP H 191 -9.34 54.51 -16.11
CA TRP H 191 -9.60 55.39 -17.23
C TRP H 191 -8.33 55.92 -17.90
N ILE H 192 -7.39 56.44 -17.11
CA ILE H 192 -6.14 56.99 -17.67
C ILE H 192 -5.21 55.93 -18.28
N THR H 193 -5.16 54.75 -17.67
CA THR H 193 -4.26 53.70 -18.17
C THR H 193 -4.88 52.79 -19.22
N GLY H 194 -6.17 52.50 -19.12
CA GLY H 194 -6.80 51.49 -19.98
C GLY H 194 -6.22 50.09 -19.71
N LYS H 195 -5.66 49.91 -18.51
CA LYS H 195 -5.01 48.67 -18.18
C LYS H 195 -5.85 47.92 -17.17
N LYS H 196 -5.80 46.59 -17.25
CA LYS H 196 -6.56 45.75 -16.33
C LYS H 196 -5.85 45.68 -14.98
N PHE H 197 -6.64 45.55 -13.92
CA PHE H 197 -6.15 45.38 -12.56
C PHE H 197 -5.96 43.89 -12.24
N LEU H 198 -4.78 43.53 -11.78
CA LEU H 198 -4.48 42.13 -11.47
C LEU H 198 -4.74 41.81 -10.00
N SER H 199 -4.35 42.74 -9.12
CA SER H 199 -4.38 42.48 -7.69
C SER H 199 -4.28 43.74 -6.85
N VAL H 200 -4.76 43.61 -5.62
CA VAL H 200 -4.77 44.72 -4.71
C VAL H 200 -4.22 44.33 -3.36
N TYR H 201 -3.36 45.19 -2.83
CA TYR H 201 -3.11 45.09 -1.42
C TYR H 201 -3.49 46.42 -0.78
N ALA H 202 -4.31 46.35 0.26
CA ALA H 202 -4.89 47.56 0.86
C ALA H 202 -5.01 47.42 2.35
N THR H 203 -4.91 48.54 3.05
CA THR H 203 -5.17 48.60 4.49
C THR H 203 -6.05 49.81 4.80
N HIS H 204 -6.77 49.76 5.91
CA HIS H 204 -7.57 50.91 6.37
C HIS H 204 -7.67 51.02 7.88
N SER H 205 -8.04 52.20 8.36
CA SER H 205 -8.10 52.46 9.79
C SER H 205 -9.34 53.26 10.16
N ARG H 206 -10.00 52.83 11.24
CA ARG H 206 -11.11 53.58 11.86
C ARG H 206 -10.68 54.13 13.23
N LEU H 207 -9.36 54.16 13.47
CA LEU H 207 -8.78 54.55 14.76
C LEU H 207 -8.84 56.07 14.96
N HIS H 208 -9.64 56.49 15.95
CA HIS H 208 -9.92 57.91 16.27
C HIS H 208 -10.61 58.67 15.13
N ASN H 209 -11.80 58.20 14.75
CA ASN H 209 -12.55 58.78 13.62
C ASN H 209 -13.58 59.86 14.00
N SER H 210 -13.53 60.32 15.27
CA SER H 210 -14.49 61.29 15.83
C SER H 210 -15.87 60.69 16.02
N GLY H 211 -15.92 59.57 16.73
CA GLY H 211 -17.17 58.83 16.99
C GLY H 211 -17.96 58.40 15.76
N HIS H 212 -17.32 58.38 14.60
CA HIS H 212 -17.99 58.08 13.33
C HIS H 212 -18.26 56.58 13.12
N GLY H 213 -18.19 55.82 14.21
CA GLY H 213 -18.51 54.38 14.20
C GLY H 213 -17.45 53.52 13.53
N GLU H 214 -17.88 52.77 12.51
CA GLU H 214 -16.99 51.85 11.80
C GLU H 214 -16.34 52.48 10.55
N LEU H 215 -16.76 53.71 10.23
CA LEU H 215 -16.19 54.47 9.12
C LEU H 215 -14.69 54.65 9.27
N GLU H 216 -13.96 54.42 8.17
CA GLU H 216 -12.51 54.51 8.13
C GLU H 216 -12.01 55.92 7.78
N THR H 217 -11.03 56.41 8.51
CA THR H 217 -10.47 57.74 8.22
C THR H 217 -9.25 57.71 7.29
N THR H 218 -8.48 56.61 7.35
CA THR H 218 -7.36 56.42 6.42
C THR H 218 -7.41 55.09 5.69
N ALA H 219 -6.86 55.09 4.48
CA ALA H 219 -6.74 53.90 3.66
C ALA H 219 -5.57 54.05 2.69
N LEU H 220 -4.85 52.97 2.48
CA LEU H 220 -3.81 52.95 1.46
C LEU H 220 -3.97 51.70 0.60
N CYS H 221 -3.93 51.89 -0.70
CA CYS H 221 -4.13 50.81 -1.67
C CYS H 221 -2.92 50.71 -2.58
N HIS H 222 -2.54 49.47 -2.86
CA HIS H 222 -1.44 49.18 -3.77
C HIS H 222 -2.01 48.26 -4.87
N PHE H 223 -1.98 48.71 -6.11
CA PHE H 223 -2.57 47.95 -7.22
C PHE H 223 -1.49 47.54 -8.19
N THR H 224 -1.50 46.26 -8.58
CA THR H 224 -0.68 45.81 -9.70
C THR H 224 -1.57 45.69 -10.93
N LEU H 225 -1.15 46.34 -12.01
CA LEU H 225 -1.89 46.36 -13.25
C LEU H 225 -1.11 45.58 -14.31
N GLU H 226 -1.72 45.35 -15.46
CA GLU H 226 -1.00 44.83 -16.63
C GLU H 226 0.38 45.47 -16.87
N ASN H 227 1.30 44.68 -17.42
CA ASN H 227 2.63 45.15 -17.79
C ASN H 227 3.46 45.72 -16.61
N GLU H 228 3.25 45.14 -15.43
CA GLU H 228 3.94 45.54 -14.20
C GLU H 228 3.83 47.04 -13.96
N VAL H 229 2.65 47.60 -14.24
CA VAL H 229 2.36 48.98 -13.91
C VAL H 229 1.82 48.98 -12.50
N PHE H 230 2.44 49.74 -11.60
CA PHE H 230 1.94 49.84 -10.22
C PHE H 230 1.20 51.16 -9.94
N ALA H 231 0.14 51.07 -9.16
CA ALA H 231 -0.66 52.25 -8.86
C ALA H 231 -0.89 52.34 -7.38
N SER H 232 -0.51 53.46 -6.76
CA SER H 232 -0.82 53.71 -5.33
C SER H 232 -2.03 54.63 -5.14
N LEU H 233 -2.78 54.40 -4.08
CA LEU H 233 -3.94 55.22 -3.77
C LEU H 233 -3.90 55.57 -2.30
N SER H 234 -3.59 56.82 -2.00
CA SER H 234 -3.69 57.29 -0.61
C SER H 234 -5.00 58.01 -0.31
N ILE H 235 -5.70 57.52 0.70
CA ILE H 235 -7.01 58.03 1.07
C ILE H 235 -7.00 58.50 2.52
N ASP H 236 -7.54 59.70 2.74
CA ASP H 236 -7.74 60.21 4.11
C ASP H 236 -8.98 61.11 4.26
N TYR H 237 -9.76 60.84 5.32
CA TYR H 237 -10.85 61.72 5.74
C TYR H 237 -10.36 62.66 6.84
N LEU H 238 -9.17 63.23 6.63
CA LEU H 238 -8.51 64.06 7.61
C LEU H 238 -7.98 65.37 7.02
N ARG H 239 -8.52 65.81 5.88
CA ARG H 239 -8.26 67.18 5.42
C ARG H 239 -8.83 68.09 6.52
N PRO H 240 -7.97 68.92 7.16
CA PRO H 240 -8.37 69.67 8.37
C PRO H 240 -9.56 70.61 8.14
N GLN H 241 -10.37 70.78 9.18
CA GLN H 241 -11.60 71.60 9.13
C GLN H 241 -11.46 72.97 8.45
N GLY H 242 -10.28 73.59 8.60
CA GLY H 242 -10.01 74.91 8.02
C GLY H 242 -9.01 74.97 6.88
N ALA H 243 -9.28 74.22 5.81
CA ALA H 243 -8.45 74.26 4.61
C ALA H 243 -9.24 74.91 3.47
N PRO H 244 -8.54 75.67 2.58
CA PRO H 244 -9.20 76.38 1.46
C PRO H 244 -10.40 75.64 0.81
N THR H 245 -10.19 74.39 0.35
CA THR H 245 -11.27 73.58 -0.25
C THR H 245 -11.66 72.37 0.60
N HIS H 246 -12.74 71.70 0.18
CA HIS H 246 -13.18 70.45 0.82
C HIS H 246 -12.32 69.25 0.43
N ASP H 247 -11.57 69.39 -0.66
CA ASP H 247 -10.94 68.25 -1.31
C ASP H 247 -9.49 68.54 -1.65
N ASP H 248 -8.64 67.52 -1.54
CA ASP H 248 -7.31 67.59 -2.12
C ASP H 248 -7.06 66.36 -2.98
N ASP H 249 -7.23 66.53 -4.29
CA ASP H 249 -7.11 65.46 -5.26
C ASP H 249 -5.84 65.61 -6.08
N ARG H 250 -5.06 64.54 -6.17
CA ARG H 250 -3.82 64.50 -6.96
C ARG H 250 -3.66 63.22 -7.77
N MSE H 251 -2.97 63.35 -8.89
CA MSE H 251 -2.60 62.19 -9.67
C MSE H 251 -1.24 62.44 -10.29
O MSE H 251 -1.02 63.47 -10.91
CB MSE H 251 -3.62 61.88 -10.75
CG MSE H 251 -3.28 60.67 -11.59
SE MSE H 251 -4.76 60.16 -12.73
CE MSE H 251 -4.56 58.21 -12.69
N ARG H 252 -0.35 61.47 -10.14
CA ARG H 252 0.94 61.54 -10.76
C ARG H 252 1.11 60.31 -11.66
N ILE H 253 1.50 60.55 -12.91
CA ILE H 253 1.56 59.51 -13.92
C ILE H 253 2.96 59.51 -14.52
N VAL H 254 3.75 58.48 -14.18
CA VAL H 254 5.12 58.37 -14.64
C VAL H 254 5.20 57.38 -15.79
N GLY H 255 5.73 57.81 -16.92
CA GLY H 255 5.87 56.98 -18.10
C GLY H 255 7.31 56.95 -18.58
N THR H 256 7.54 56.26 -19.70
CA THR H 256 8.89 56.08 -20.21
C THR H 256 9.54 57.33 -20.79
N ARG H 257 8.73 58.31 -21.20
CA ARG H 257 9.28 59.52 -21.80
C ARG H 257 8.94 60.78 -21.02
N GLY H 258 7.95 60.70 -20.14
CA GLY H 258 7.53 61.89 -19.40
C GLY H 258 6.77 61.60 -18.13
N ILE H 259 6.45 62.68 -17.42
CA ILE H 259 5.60 62.63 -16.24
C ILE H 259 4.52 63.71 -16.31
N VAL H 260 3.26 63.30 -16.20
CA VAL H 260 2.13 64.21 -16.09
C VAL H 260 1.64 64.23 -14.65
N GLU H 261 1.46 65.43 -14.11
CA GLU H 261 0.91 65.57 -12.77
C GLU H 261 -0.34 66.43 -12.70
N VAL H 262 -1.29 65.97 -11.89
CA VAL H 262 -2.52 66.68 -11.64
C VAL H 262 -2.52 66.95 -10.16
N ILE H 263 -2.72 68.23 -9.81
CA ILE H 263 -2.56 68.75 -8.45
C ILE H 263 -3.07 70.21 -8.34
N ASN H 264 -3.86 70.50 -7.32
CA ASN H 264 -4.50 71.82 -7.19
C ASN H 264 -5.16 72.23 -8.50
N GLU H 265 -6.03 71.35 -8.99
CA GLU H 265 -6.80 71.55 -10.23
C GLU H 265 -6.00 71.99 -11.44
N ARG H 266 -4.68 71.81 -11.40
CA ARG H 266 -3.82 72.15 -12.54
C ARG H 266 -3.01 70.93 -13.07
N VAL H 267 -2.37 71.11 -14.22
CA VAL H 267 -1.73 70.01 -14.95
C VAL H 267 -0.33 70.41 -15.40
N PHE H 268 0.66 69.53 -15.16
CA PHE H 268 2.06 69.78 -15.55
C PHE H 268 2.69 68.61 -16.31
N LEU H 269 3.62 68.92 -17.21
CA LEU H 269 4.35 67.91 -17.99
C LEU H 269 5.85 68.17 -17.90
N THR H 270 6.59 67.13 -17.53
CA THR H 270 8.04 67.16 -17.52
C THR H 270 8.54 66.12 -18.51
N ASP H 271 9.40 66.52 -19.43
CA ASP H 271 9.90 65.60 -20.48
C ASP H 271 11.26 66.02 -21.04
N GLU H 272 11.52 65.70 -22.30
CA GLU H 272 12.78 66.06 -22.98
C GLU H 272 12.91 67.57 -23.14
N LYS H 273 11.77 68.24 -23.24
CA LYS H 273 11.73 69.68 -23.40
C LYS H 273 11.62 70.42 -22.07
N GLY H 274 11.47 69.68 -20.97
CA GLY H 274 11.52 70.28 -19.64
C GLY H 274 10.22 70.26 -18.87
N HIS H 275 10.23 70.96 -17.74
CA HIS H 275 9.06 71.10 -16.87
C HIS H 275 8.25 72.31 -17.32
N ARG H 276 6.93 72.15 -17.39
CA ARG H 276 6.04 73.24 -17.82
C ARG H 276 4.59 72.95 -17.46
N GLU H 277 3.82 74.01 -17.19
CA GLU H 277 2.39 73.88 -16.97
C GLU H 277 1.68 73.63 -18.29
N VAL H 278 0.49 73.06 -18.23
CA VAL H 278 -0.28 72.76 -19.43
C VAL H 278 -1.64 73.48 -19.40
N PRO H 279 -2.02 74.14 -20.53
CA PRO H 279 -3.34 74.78 -20.67
C PRO H 279 -4.50 73.79 -20.60
N LEU H 280 -5.40 74.01 -19.65
CA LEU H 280 -6.58 73.15 -19.51
C LEU H 280 -7.55 73.29 -20.68
N VAL H 281 -8.29 72.22 -20.96
CA VAL H 281 -9.31 72.23 -22.00
C VAL H 281 -10.71 72.42 -21.39
N GLU H 282 -11.70 72.57 -22.26
CA GLU H 282 -13.08 72.82 -21.88
C GLU H 282 -13.61 71.69 -20.99
N LYS H 283 -14.46 72.04 -20.03
CA LYS H 283 -15.10 71.01 -19.19
C LYS H 283 -16.12 70.18 -19.96
N GLY H 284 -16.76 69.25 -19.26
CA GLY H 284 -17.88 68.46 -19.76
C GLY H 284 -18.83 68.28 -18.60
N GLN H 285 -19.91 67.54 -18.80
CA GLN H 285 -20.86 67.32 -17.71
C GLN H 285 -21.44 65.91 -17.80
N ILE H 286 -21.30 65.17 -16.70
CA ILE H 286 -21.71 63.77 -16.65
C ILE H 286 -23.14 63.53 -17.15
N PHE H 287 -24.09 64.33 -16.65
CA PHE H 287 -25.49 64.10 -17.00
C PHE H 287 -25.85 64.53 -18.42
N GLU H 288 -25.20 65.59 -18.91
CA GLU H 288 -25.32 65.98 -20.31
C GLU H 288 -24.93 64.78 -21.16
N ASP H 289 -23.72 64.29 -20.95
CA ASP H 289 -23.21 63.12 -21.65
C ASP H 289 -24.16 61.92 -21.50
N PHE H 290 -24.74 61.76 -20.31
CA PHE H 290 -25.72 60.70 -20.03
C PHE H 290 -26.95 60.79 -20.93
N LEU H 291 -27.29 62.02 -21.31
CA LEU H 291 -28.47 62.30 -22.14
C LEU H 291 -28.23 61.95 -23.60
N ARG H 292 -27.07 62.33 -24.12
CA ARG H 292 -26.65 61.91 -25.46
C ARG H 292 -26.65 60.37 -25.59
N GLU H 293 -26.48 59.68 -24.46
CA GLU H 293 -26.54 58.22 -24.45
C GLU H 293 -27.99 57.71 -24.51
N ILE H 294 -28.87 58.36 -23.75
CA ILE H 294 -30.31 58.05 -23.79
C ILE H 294 -30.89 58.38 -25.17
N ARG H 295 -30.43 59.49 -25.74
CA ARG H 295 -31.00 60.03 -26.97
C ARG H 295 -30.32 59.53 -28.25
N GLY H 296 -29.00 59.69 -28.35
CA GLY H 296 -28.25 59.17 -29.49
C GLY H 296 -27.41 60.16 -30.26
N GLN H 297 -27.09 61.30 -29.65
CA GLN H 297 -26.16 62.26 -30.27
C GLN H 297 -24.71 61.84 -30.00
N GLY H 298 -24.53 60.98 -28.99
CA GLY H 298 -23.20 60.50 -28.61
C GLY H 298 -23.17 59.33 -27.65
N LYS H 299 -21.97 59.01 -27.19
CA LYS H 299 -21.71 57.88 -26.30
C LYS H 299 -21.14 58.39 -24.97
N CYS H 300 -21.81 58.06 -23.88
CA CYS H 300 -21.34 58.42 -22.55
C CYS H 300 -19.98 57.77 -22.24
N MSE H 301 -19.06 58.59 -21.74
CA MSE H 301 -17.68 58.19 -21.45
C MSE H 301 -17.61 57.20 -20.27
O MSE H 301 -16.84 56.23 -20.32
CB MSE H 301 -16.86 59.43 -21.18
CG MSE H 301 -15.40 59.19 -20.89
SE MSE H 301 -14.52 60.88 -20.51
CE MSE H 301 -15.36 61.34 -18.84
N VAL H 302 -18.39 57.44 -19.24
CA VAL H 302 -18.50 56.54 -18.10
C VAL H 302 -19.49 55.41 -18.46
N THR H 303 -18.94 54.24 -18.81
CA THR H 303 -19.77 53.16 -19.31
C THR H 303 -20.33 52.32 -18.16
N PRO H 304 -21.36 51.51 -18.44
CA PRO H 304 -21.85 50.60 -17.42
C PRO H 304 -20.78 49.61 -17.02
N GLU H 305 -20.00 49.15 -18.00
CA GLU H 305 -18.86 48.25 -17.75
C GLU H 305 -17.86 48.87 -16.77
N ASP H 306 -17.50 50.14 -17.01
CA ASP H 306 -16.65 50.92 -16.09
C ASP H 306 -17.22 50.93 -14.69
N SER H 307 -18.54 51.13 -14.60
CA SER H 307 -19.23 51.27 -13.34
C SER H 307 -19.29 49.97 -12.60
N ILE H 308 -19.37 48.86 -13.33
CA ILE H 308 -19.37 47.54 -12.70
C ILE H 308 -17.97 47.19 -12.22
N LEU H 309 -16.98 47.49 -13.04
CA LEU H 309 -15.61 47.06 -12.79
C LEU H 309 -14.97 47.86 -11.63
N THR H 310 -15.12 49.19 -11.66
CA THR H 310 -14.53 50.01 -10.61
C THR H 310 -15.20 49.75 -9.27
N THR H 311 -16.50 49.48 -9.27
CA THR H 311 -17.14 49.00 -8.06
C THR H 311 -16.55 47.65 -7.65
N GLU H 312 -16.36 46.75 -8.60
CA GLU H 312 -15.73 45.45 -8.27
C GLU H 312 -14.33 45.65 -7.67
N ILE H 313 -13.55 46.56 -8.25
CA ILE H 313 -12.20 46.80 -7.74
C ILE H 313 -12.28 47.35 -6.31
N ALA H 314 -13.19 48.28 -6.09
CA ALA H 314 -13.40 48.88 -4.78
C ALA H 314 -13.78 47.82 -3.77
N LEU H 315 -14.69 46.93 -4.15
CA LEU H 315 -15.07 45.87 -3.23
C LEU H 315 -13.91 44.92 -2.96
N LYS H 316 -13.11 44.65 -4.00
CA LYS H 316 -11.89 43.85 -3.84
C LYS H 316 -10.90 44.47 -2.86
N ALA H 317 -10.65 45.77 -2.99
CA ALA H 317 -9.71 46.47 -2.12
C ALA H 317 -10.13 46.37 -0.65
N ARG H 318 -11.44 46.50 -0.41
CA ARG H 318 -12.00 46.50 0.94
C ARG H 318 -11.82 45.13 1.58
N LEU H 319 -12.05 44.08 0.80
CA LEU H 319 -11.81 42.71 1.26
C LEU H 319 -10.35 42.57 1.69
N SER H 320 -9.44 43.13 0.89
CA SER H 320 -8.02 43.13 1.24
C SER H 320 -7.77 43.79 2.59
N ALA H 321 -8.25 45.02 2.73
CA ALA H 321 -8.13 45.78 3.98
C ALA H 321 -8.78 45.06 5.16
N ASP H 322 -9.92 44.43 4.93
CA ASP H 322 -10.61 43.70 6.02
C ASP H 322 -9.91 42.41 6.42
N THR H 323 -9.37 41.68 5.44
CA THR H 323 -8.77 40.38 5.72
C THR H 323 -7.24 40.40 5.89
N GLY H 324 -6.61 41.52 5.54
CA GLY H 324 -5.15 41.60 5.64
C GLY H 324 -4.42 40.81 4.54
N GLN H 325 -5.15 40.41 3.50
CA GLN H 325 -4.65 39.57 2.39
C GLN H 325 -4.53 40.35 1.09
N ILE H 326 -3.57 39.94 0.28
CA ILE H 326 -3.51 40.33 -1.12
C ILE H 326 -4.72 39.71 -1.74
N VAL H 327 -5.43 40.48 -2.56
CA VAL H 327 -6.61 39.97 -3.21
C VAL H 327 -6.42 40.05 -4.71
N LEU H 328 -6.78 38.96 -5.38
CA LEU H 328 -6.75 38.93 -6.83
C LEU H 328 -8.05 39.46 -7.39
N ILE H 329 -7.91 40.27 -8.42
CA ILE H 329 -9.02 40.87 -9.11
C ILE H 329 -9.27 40.06 -10.38
N GLU H 330 -8.27 40.00 -11.25
CA GLU H 330 -8.32 39.23 -12.52
C GLU H 330 -8.74 37.76 -12.34
N GLY H 331 -9.34 37.18 -13.38
CA GLY H 331 -9.82 35.79 -13.32
C GLY H 331 -11.12 35.63 -12.53
S SO4 I . 14.73 5.64 -18.27
O1 SO4 I . 13.56 5.35 -19.10
O2 SO4 I . 14.49 6.84 -17.45
O3 SO4 I . 15.00 4.51 -17.38
O4 SO4 I . 15.89 5.88 -19.13
S SO4 J . 19.03 12.79 -22.49
O1 SO4 J . 17.67 12.67 -23.02
O2 SO4 J . 19.07 12.16 -21.16
O3 SO4 J . 19.96 12.08 -23.36
O4 SO4 J . 19.43 14.19 -22.39
S SO4 K . 38.04 21.51 14.08
O1 SO4 K . 36.93 21.70 15.02
O2 SO4 K . 37.51 20.98 12.82
O3 SO4 K . 38.72 22.77 13.82
O4 SO4 K . 38.99 20.55 14.64
S SO4 L . -35.79 -38.52 -5.53
O1 SO4 L . -36.61 -37.88 -6.57
O2 SO4 L . -36.41 -39.78 -5.14
O3 SO4 L . -34.44 -38.76 -6.05
O4 SO4 L . -35.71 -37.63 -4.37
S SO4 M . -21.52 0.43 -0.70
O1 SO4 M . -22.22 0.83 -1.93
O2 SO4 M . -21.86 -0.95 -0.38
O3 SO4 M . -20.07 0.53 -0.89
O4 SO4 M . -21.93 1.32 0.39
#